data_6Y4H
#
_entry.id   6Y4H
#
_entity_poly.entity_id   1
_entity_poly.type   'polypeptide(L)'
_entity_poly.pdbx_seq_one_letter_code
;GAGSDAGQVYRGFIAVMKENFGFIETLSHDEEVFFHFSNYMGNPNWLELGQEVEYTLARNGNTSVSGNCLPAENVRMLPK
NSIPQPAVLETTHNGVVARPLRCINPDQQEYAGLIEILDELRTTVISQHEFGITSLVNKRDLLQKGDLVSFRIDESGRAA
CVNAVRQK
;
_entity_poly.pdbx_strand_id   A
#
# COMPACT_ATOMS: atom_id res chain seq x y z
N GLY A 1 7.53 -27.30 -9.85
CA GLY A 1 6.67 -26.30 -10.45
C GLY A 1 5.23 -26.51 -10.03
N ALA A 2 4.84 -25.90 -8.93
CA ALA A 2 3.49 -26.05 -8.42
C ALA A 2 2.85 -24.70 -8.15
N GLY A 3 3.68 -23.72 -7.77
CA GLY A 3 3.18 -22.41 -7.43
C GLY A 3 3.33 -22.14 -5.95
N SER A 4 3.58 -23.21 -5.20
CA SER A 4 3.82 -23.12 -3.78
C SER A 4 5.31 -23.29 -3.52
N ASP A 5 6.09 -23.15 -4.58
CA ASP A 5 7.53 -23.32 -4.54
C ASP A 5 8.22 -21.96 -4.61
N ALA A 6 9.54 -21.99 -4.82
CA ALA A 6 10.32 -20.77 -4.84
C ALA A 6 10.66 -20.38 -6.28
N GLY A 7 11.03 -19.12 -6.48
CA GLY A 7 11.29 -18.64 -7.82
C GLY A 7 10.26 -17.62 -8.27
N GLN A 8 9.62 -16.97 -7.31
CA GLN A 8 8.63 -15.95 -7.63
C GLN A 8 9.12 -14.57 -7.20
N VAL A 9 9.17 -13.66 -8.17
CA VAL A 9 9.53 -12.27 -7.89
C VAL A 9 8.27 -11.50 -7.56
N TYR A 10 8.26 -10.85 -6.40
CA TYR A 10 7.05 -10.22 -5.91
C TYR A 10 7.03 -8.76 -6.28
N ARG A 11 5.86 -8.30 -6.68
CA ARG A 11 5.70 -6.93 -7.10
C ARG A 11 5.00 -6.13 -6.02
N GLY A 12 5.44 -4.90 -5.83
CA GLY A 12 4.83 -4.04 -4.83
C GLY A 12 5.21 -2.59 -5.07
N PHE A 13 4.85 -1.73 -4.13
CA PHE A 13 5.10 -0.31 -4.28
C PHE A 13 5.56 0.30 -2.96
N ILE A 14 6.48 1.24 -3.08
CA ILE A 14 7.05 1.91 -1.92
C ILE A 14 6.01 2.74 -1.18
N ALA A 15 5.85 2.50 0.12
CA ALA A 15 4.90 3.24 0.92
C ALA A 15 5.59 4.05 2.01
N VAL A 16 6.67 3.50 2.57
CA VAL A 16 7.43 4.17 3.61
C VAL A 16 8.89 4.34 3.18
N MET A 17 9.36 5.58 3.18
CA MET A 17 10.75 5.88 2.82
C MET A 17 11.49 6.45 4.01
N LYS A 18 12.39 5.66 4.58
CA LYS A 18 13.36 6.17 5.54
C LYS A 18 14.69 6.30 4.83
N GLU A 19 15.72 6.76 5.51
CA GLU A 19 17.01 6.90 4.88
C GLU A 19 17.81 5.60 4.99
N ASN A 20 17.41 4.74 5.92
CA ASN A 20 18.08 3.46 6.11
C ASN A 20 17.29 2.31 5.49
N PHE A 21 16.01 2.26 5.77
CA PHE A 21 15.15 1.19 5.29
C PHE A 21 13.77 1.73 4.93
N GLY A 22 12.87 0.86 4.53
CA GLY A 22 11.53 1.28 4.21
C GLY A 22 10.56 0.12 4.23
N PHE A 23 9.31 0.39 3.92
CA PHE A 23 8.29 -0.64 3.88
C PHE A 23 7.60 -0.65 2.52
N ILE A 24 7.50 -1.83 1.94
CA ILE A 24 6.84 -1.99 0.65
C ILE A 24 5.45 -2.55 0.86
N GLU A 25 4.45 -1.90 0.27
CA GLU A 25 3.10 -2.40 0.38
C GLU A 25 2.90 -3.52 -0.64
N THR A 26 2.33 -4.61 -0.17
CA THR A 26 2.12 -5.78 -1.00
C THR A 26 1.15 -5.49 -2.14
N LEU A 27 1.31 -6.21 -3.24
CA LEU A 27 0.46 -6.05 -4.39
C LEU A 27 -0.99 -6.40 -4.05
N SER A 28 -1.16 -7.45 -3.27
CA SER A 28 -2.48 -7.99 -2.98
C SER A 28 -2.97 -7.53 -1.61
N HIS A 29 -2.45 -6.39 -1.14
CA HIS A 29 -2.79 -5.82 0.17
C HIS A 29 -2.80 -6.89 1.27
N ASP A 30 -1.72 -7.66 1.33
CA ASP A 30 -1.55 -8.68 2.34
C ASP A 30 -1.05 -8.05 3.63
N GLU A 31 0.02 -7.27 3.49
CA GLU A 31 0.69 -6.63 4.62
C GLU A 31 1.81 -5.73 4.11
N GLU A 32 2.56 -5.15 5.02
CA GLU A 32 3.71 -4.33 4.64
C GLU A 32 5.00 -5.10 4.86
N VAL A 33 5.89 -5.02 3.89
CA VAL A 33 7.11 -5.80 3.92
C VAL A 33 8.30 -4.94 4.32
N PHE A 34 9.03 -5.39 5.33
CA PHE A 34 10.25 -4.71 5.73
C PHE A 34 11.32 -4.89 4.65
N PHE A 35 11.78 -3.78 4.12
CA PHE A 35 12.80 -3.77 3.09
C PHE A 35 13.91 -2.79 3.46
N HIS A 36 15.15 -3.21 3.28
CA HIS A 36 16.30 -2.36 3.62
C HIS A 36 16.91 -1.83 2.33
N PHE A 37 17.30 -0.57 2.31
CA PHE A 37 17.90 0.03 1.11
C PHE A 37 19.28 -0.55 0.84
N SER A 38 19.84 -1.19 1.84
CA SER A 38 21.15 -1.84 1.74
C SER A 38 21.14 -2.97 0.71
N ASN A 39 19.97 -3.53 0.44
CA ASN A 39 19.84 -4.62 -0.52
C ASN A 39 19.08 -4.16 -1.77
N TYR A 40 19.12 -2.86 -2.01
CA TYR A 40 18.42 -2.27 -3.14
C TYR A 40 19.32 -2.18 -4.37
N MET A 41 18.73 -2.34 -5.55
CA MET A 41 19.46 -2.24 -6.79
C MET A 41 18.97 -1.01 -7.58
N GLY A 42 19.87 -0.07 -7.80
CA GLY A 42 19.51 1.14 -8.50
C GLY A 42 19.91 2.39 -7.73
N ASN A 43 19.26 3.50 -8.02
CA ASN A 43 19.54 4.75 -7.33
C ASN A 43 18.37 5.13 -6.43
N PRO A 44 18.54 5.00 -5.11
CA PRO A 44 17.46 5.24 -4.14
C PRO A 44 17.06 6.71 -4.02
N ASN A 45 17.94 7.58 -4.51
CA ASN A 45 17.69 9.03 -4.46
C ASN A 45 16.49 9.40 -5.33
N TRP A 46 16.17 8.53 -6.28
CA TRP A 46 15.13 8.81 -7.25
C TRP A 46 13.85 8.05 -6.94
N LEU A 47 13.79 7.48 -5.74
CA LEU A 47 12.62 6.75 -5.30
C LEU A 47 11.61 7.67 -4.64
N GLU A 48 10.34 7.33 -4.80
CA GLU A 48 9.24 8.08 -4.22
C GLU A 48 8.13 7.13 -3.79
N LEU A 49 7.17 7.67 -3.05
CA LEU A 49 6.08 6.87 -2.53
C LEU A 49 5.05 6.58 -3.63
N GLY A 50 4.89 5.30 -3.94
CA GLY A 50 3.96 4.92 -5.00
C GLY A 50 4.68 4.36 -6.22
N GLN A 51 5.99 4.25 -6.13
CA GLN A 51 6.79 3.72 -7.22
C GLN A 51 6.72 2.19 -7.24
N GLU A 52 6.38 1.64 -8.40
CA GLU A 52 6.32 0.21 -8.61
C GLU A 52 7.72 -0.39 -8.63
N VAL A 53 7.92 -1.44 -7.86
CA VAL A 53 9.22 -2.12 -7.79
C VAL A 53 9.03 -3.65 -7.73
N GLU A 54 10.05 -4.38 -8.18
CA GLU A 54 10.03 -5.84 -8.11
C GLU A 54 11.12 -6.28 -7.16
N TYR A 55 10.85 -7.32 -6.38
CA TYR A 55 11.84 -7.80 -5.42
C TYR A 55 11.52 -9.21 -4.94
N THR A 56 12.53 -9.86 -4.39
CA THR A 56 12.37 -11.17 -3.80
C THR A 56 12.49 -11.09 -2.28
N LEU A 57 12.05 -12.13 -1.58
CA LEU A 57 12.13 -12.14 -0.13
C LEU A 57 13.29 -13.00 0.33
N ALA A 58 13.95 -12.55 1.38
CA ALA A 58 15.11 -13.26 1.90
C ALA A 58 14.70 -14.38 2.86
N ARG A 59 14.30 -15.50 2.30
CA ARG A 59 13.88 -16.67 3.07
C ARG A 59 15.04 -17.65 3.23
N ASN A 60 16.21 -17.22 2.79
CA ASN A 60 17.39 -18.09 2.76
C ASN A 60 18.20 -17.94 4.05
N GLY A 61 18.25 -19.01 4.83
CA GLY A 61 19.01 -19.00 6.06
C GLY A 61 18.19 -19.47 7.24
N ASN A 62 17.33 -18.59 7.74
CA ASN A 62 16.51 -18.90 8.90
C ASN A 62 15.18 -18.16 8.81
N THR A 63 14.09 -18.89 8.96
CA THR A 63 12.75 -18.32 8.82
C THR A 63 12.39 -17.42 10.00
N SER A 64 13.05 -17.61 11.13
CA SER A 64 12.82 -16.81 12.30
C SER A 64 14.13 -16.14 12.72
N VAL A 65 14.59 -15.23 11.88
CA VAL A 65 15.84 -14.49 12.13
C VAL A 65 15.80 -13.82 13.50
N SER A 66 14.99 -12.79 13.63
CA SER A 66 14.85 -12.09 14.90
C SER A 66 13.40 -12.12 15.37
N GLY A 67 12.46 -12.18 14.43
CA GLY A 67 11.06 -12.18 14.76
C GLY A 67 10.18 -12.56 13.59
N ASN A 68 10.62 -13.58 12.86
CA ASN A 68 9.93 -14.12 11.68
C ASN A 68 9.96 -13.16 10.50
N CYS A 69 9.67 -11.89 10.75
CA CYS A 69 9.71 -10.88 9.69
C CYS A 69 11.14 -10.63 9.24
N LEU A 70 11.41 -11.03 8.02
CA LEU A 70 12.75 -10.95 7.46
C LEU A 70 12.80 -9.92 6.33
N PRO A 71 14.01 -9.49 5.92
CA PRO A 71 14.18 -8.42 4.95
C PRO A 71 13.92 -8.86 3.51
N ALA A 72 13.91 -7.88 2.61
CA ALA A 72 13.76 -8.14 1.19
C ALA A 72 15.14 -8.24 0.53
N GLU A 73 15.17 -8.63 -0.73
CA GLU A 73 16.41 -8.69 -1.48
C GLU A 73 16.16 -8.41 -2.96
N ASN A 74 17.20 -7.94 -3.64
CA ASN A 74 17.16 -7.68 -5.09
C ASN A 74 15.97 -6.82 -5.48
N VAL A 75 15.86 -5.65 -4.87
CA VAL A 75 14.76 -4.74 -5.15
C VAL A 75 15.11 -3.85 -6.34
N ARG A 76 14.35 -3.99 -7.41
CA ARG A 76 14.58 -3.22 -8.63
C ARG A 76 13.33 -2.41 -8.98
N MET A 77 13.48 -1.36 -9.78
CA MET A 77 12.34 -0.54 -10.17
C MET A 77 11.55 -1.20 -11.30
N LEU A 78 10.26 -0.89 -11.34
CA LEU A 78 9.38 -1.40 -12.39
C LEU A 78 8.80 -0.26 -13.20
N PRO A 79 8.27 -0.54 -14.40
CA PRO A 79 7.57 0.45 -15.23
C PRO A 79 6.27 0.91 -14.58
N LYS A 80 6.06 2.21 -14.58
CA LYS A 80 4.90 2.81 -13.97
C LYS A 80 3.64 2.49 -14.77
N ASN A 81 2.48 2.53 -14.08
CA ASN A 81 1.18 2.25 -14.70
C ASN A 81 0.99 0.76 -14.95
N SER A 82 1.81 -0.07 -14.34
CA SER A 82 1.72 -1.51 -14.52
C SER A 82 0.81 -2.14 -13.48
N ILE A 83 0.58 -1.45 -12.36
CA ILE A 83 -0.40 -1.89 -11.38
C ILE A 83 -1.80 -1.70 -11.95
N PRO A 84 -2.61 -2.77 -11.96
CA PRO A 84 -3.97 -2.72 -12.52
C PRO A 84 -4.93 -1.90 -11.66
N GLN A 85 -5.97 -1.37 -12.28
CA GLN A 85 -6.96 -0.60 -11.57
C GLN A 85 -8.30 -1.34 -11.57
N PRO A 86 -9.15 -1.10 -10.56
CA PRO A 86 -10.46 -1.73 -10.46
C PRO A 86 -11.37 -1.39 -11.64
N ALA A 87 -12.17 -2.35 -12.08
CA ALA A 87 -13.05 -2.11 -13.20
C ALA A 87 -14.38 -1.56 -12.72
N VAL A 88 -14.45 -0.24 -12.67
CA VAL A 88 -15.67 0.46 -12.27
C VAL A 88 -15.81 1.71 -13.14
N LEU A 89 -16.98 1.89 -13.75
CA LEU A 89 -17.15 2.97 -14.73
C LEU A 89 -17.14 4.34 -14.07
N GLU A 90 -18.10 4.63 -13.21
CA GLU A 90 -18.18 5.93 -12.58
C GLU A 90 -17.53 5.94 -11.20
N THR A 91 -17.97 5.01 -10.36
CA THR A 91 -17.52 4.95 -8.97
C THR A 91 -18.29 3.86 -8.24
N THR A 92 -17.76 3.36 -7.12
CA THR A 92 -18.44 2.33 -6.36
C THR A 92 -19.05 2.90 -5.08
N HIS A 93 -18.19 3.48 -4.23
CA HIS A 93 -18.63 4.00 -2.94
C HIS A 93 -17.92 5.31 -2.63
N ASN A 94 -18.53 6.09 -1.75
CA ASN A 94 -17.93 7.32 -1.26
C ASN A 94 -17.85 7.24 0.27
N GLY A 95 -17.24 8.24 0.89
CA GLY A 95 -17.20 8.28 2.34
C GLY A 95 -16.34 9.41 2.85
N VAL A 96 -15.97 9.33 4.11
CA VAL A 96 -15.11 10.32 4.71
C VAL A 96 -13.93 9.61 5.38
N VAL A 97 -12.78 10.27 5.41
CA VAL A 97 -11.61 9.70 6.05
C VAL A 97 -11.86 9.54 7.54
N ALA A 98 -11.86 8.30 8.01
CA ALA A 98 -12.22 8.00 9.39
C ALA A 98 -11.06 8.21 10.33
N ARG A 99 -10.04 7.36 10.23
CA ARG A 99 -8.91 7.40 11.16
C ARG A 99 -7.71 6.65 10.60
N PRO A 100 -6.50 7.19 10.78
CA PRO A 100 -5.26 6.47 10.46
C PRO A 100 -5.02 5.34 11.45
N LEU A 101 -4.74 4.14 10.95
CA LEU A 101 -4.55 2.99 11.83
C LEU A 101 -3.20 3.04 12.54
N ARG A 102 -3.20 3.67 13.71
CA ARG A 102 -1.98 3.91 14.47
C ARG A 102 -1.78 2.80 15.50
N CYS A 103 -2.74 2.62 16.40
CA CYS A 103 -2.63 1.65 17.47
C CYS A 103 -3.07 0.26 17.03
N ILE A 104 -3.59 0.19 15.81
CA ILE A 104 -4.03 -1.08 15.24
C ILE A 104 -2.83 -1.95 14.89
N ASN A 105 -1.71 -1.30 14.59
CA ASN A 105 -0.47 -2.00 14.31
C ASN A 105 0.57 -1.66 15.36
N PRO A 106 1.17 -2.66 16.02
CA PRO A 106 2.24 -2.43 17.00
C PRO A 106 3.43 -1.72 16.37
N ASP A 107 3.61 -1.88 15.07
CA ASP A 107 4.73 -1.29 14.36
C ASP A 107 4.32 -0.03 13.59
N GLN A 108 3.08 0.42 13.83
CA GLN A 108 2.58 1.70 13.30
C GLN A 108 2.49 1.74 11.76
N GLN A 109 1.42 1.17 11.24
CA GLN A 109 1.14 1.18 9.80
C GLN A 109 0.32 2.40 9.37
N GLU A 110 0.14 3.37 10.30
CA GLU A 110 -0.83 4.47 10.16
C GLU A 110 -0.90 5.13 8.77
N TYR A 111 0.15 4.96 7.98
CA TYR A 111 0.16 5.40 6.59
C TYR A 111 -1.12 4.96 5.85
N ALA A 112 -1.59 3.75 6.13
CA ALA A 112 -2.66 3.14 5.35
C ALA A 112 -4.02 3.72 5.68
N GLY A 113 -4.27 3.91 6.96
CA GLY A 113 -5.52 4.48 7.42
C GLY A 113 -6.75 3.68 7.00
N LEU A 114 -7.92 4.17 7.39
CA LEU A 114 -9.17 3.52 7.05
C LEU A 114 -10.27 4.54 6.80
N ILE A 115 -11.06 4.29 5.77
CA ILE A 115 -12.18 5.15 5.40
C ILE A 115 -13.48 4.49 5.84
N GLU A 116 -14.41 5.28 6.36
CA GLU A 116 -15.70 4.76 6.75
C GLU A 116 -16.67 4.81 5.58
N ILE A 117 -17.09 3.64 5.15
CA ILE A 117 -17.93 3.50 3.97
C ILE A 117 -19.40 3.53 4.37
N LEU A 118 -20.22 4.19 3.58
CA LEU A 118 -21.62 4.33 3.90
C LEU A 118 -22.39 3.10 3.43
N ASP A 119 -23.39 2.69 4.20
CA ASP A 119 -24.22 1.55 3.86
C ASP A 119 -25.16 1.87 2.70
N GLU A 120 -25.98 0.91 2.30
CA GLU A 120 -26.88 1.10 1.16
C GLU A 120 -27.95 2.14 1.46
N LEU A 121 -28.25 2.33 2.74
CA LEU A 121 -29.23 3.33 3.15
C LEU A 121 -28.53 4.66 3.40
N ARG A 122 -27.19 4.63 3.24
CA ARG A 122 -26.36 5.84 3.29
C ARG A 122 -26.47 6.53 4.65
N THR A 123 -26.43 5.75 5.71
CA THR A 123 -26.62 6.30 7.04
C THR A 123 -25.36 6.16 7.90
N THR A 124 -24.80 4.96 7.95
CA THR A 124 -23.68 4.68 8.84
C THR A 124 -22.53 4.00 8.11
N VAL A 125 -21.48 3.71 8.85
CA VAL A 125 -20.32 3.00 8.32
C VAL A 125 -20.59 1.51 8.28
N ILE A 126 -20.21 0.86 7.19
CA ILE A 126 -20.38 -0.58 7.07
C ILE A 126 -19.34 -1.32 7.91
N SER A 127 -18.08 -1.26 7.49
CA SER A 127 -16.99 -1.79 8.29
C SER A 127 -15.79 -0.86 8.30
N GLN A 128 -14.95 -0.98 7.26
CA GLN A 128 -13.72 -0.22 7.14
C GLN A 128 -13.07 -0.51 5.78
N HIS A 129 -12.62 0.53 5.09
CA HIS A 129 -11.86 0.32 3.86
C HIS A 129 -10.48 0.94 3.96
N GLU A 130 -9.49 0.15 3.62
CA GLU A 130 -8.10 0.57 3.70
C GLU A 130 -7.68 1.19 2.37
N PHE A 131 -6.84 2.21 2.42
CA PHE A 131 -6.40 2.85 1.19
C PHE A 131 -4.90 2.70 1.00
N GLY A 132 -4.50 2.47 -0.24
CA GLY A 132 -3.11 2.18 -0.57
C GLY A 132 -2.41 3.39 -1.17
N ILE A 133 -1.10 3.46 -0.98
CA ILE A 133 -0.29 4.54 -1.55
C ILE A 133 -0.55 4.73 -3.05
N THR A 134 -0.84 3.65 -3.75
CA THR A 134 -1.15 3.70 -5.17
C THR A 134 -2.53 4.30 -5.40
N SER A 135 -3.43 4.03 -4.48
CA SER A 135 -4.79 4.52 -4.53
C SER A 135 -4.83 6.00 -4.19
N LEU A 136 -3.86 6.44 -3.41
CA LEU A 136 -3.74 7.81 -2.99
C LEU A 136 -3.22 8.72 -4.10
N VAL A 137 -3.96 8.79 -5.21
CA VAL A 137 -3.65 9.72 -6.29
C VAL A 137 -3.32 11.11 -5.74
N ASN A 138 -4.13 11.53 -4.75
CA ASN A 138 -3.98 12.83 -4.10
C ASN A 138 -3.09 12.74 -2.86
N LYS A 139 -2.08 11.87 -2.92
CA LYS A 139 -1.17 11.65 -1.79
C LYS A 139 -0.45 12.94 -1.36
N ARG A 140 -0.45 13.95 -2.23
CA ARG A 140 0.17 15.24 -1.91
C ARG A 140 -0.66 15.98 -0.86
N ASP A 141 -1.94 15.63 -0.77
CA ASP A 141 -2.89 16.37 0.05
C ASP A 141 -2.74 16.05 1.52
N LEU A 142 -3.28 16.93 2.35
CA LEU A 142 -3.32 16.74 3.79
C LEU A 142 -4.59 16.00 4.18
N LEU A 143 -5.04 15.16 3.24
CA LEU A 143 -6.27 14.38 3.37
C LEU A 143 -6.37 13.76 4.77
N GLN A 144 -7.28 14.30 5.58
CA GLN A 144 -7.34 13.96 6.99
C GLN A 144 -8.75 13.57 7.40
N LYS A 145 -8.92 13.32 8.71
CA LYS A 145 -10.22 12.98 9.27
C LYS A 145 -11.20 14.11 9.01
N GLY A 146 -12.25 13.81 8.27
CA GLY A 146 -13.26 14.81 7.98
C GLY A 146 -13.27 15.22 6.52
N ASP A 147 -12.31 14.72 5.76
CA ASP A 147 -12.28 14.97 4.32
C ASP A 147 -13.08 13.93 3.56
N LEU A 148 -13.86 14.41 2.61
CA LEU A 148 -14.74 13.55 1.83
C LEU A 148 -13.99 12.96 0.64
N VAL A 149 -14.19 11.69 0.40
CA VAL A 149 -13.48 10.99 -0.66
C VAL A 149 -14.43 10.18 -1.55
N SER A 150 -14.05 10.03 -2.81
CA SER A 150 -14.72 9.13 -3.72
C SER A 150 -13.69 8.18 -4.31
N PHE A 151 -14.02 6.90 -4.35
CA PHE A 151 -13.10 5.88 -4.82
C PHE A 151 -13.87 4.78 -5.52
N ARG A 152 -13.17 3.73 -5.94
CA ARG A 152 -13.84 2.58 -6.50
C ARG A 152 -13.20 1.29 -6.01
N ILE A 153 -14.03 0.45 -5.39
CA ILE A 153 -13.61 -0.87 -4.95
C ILE A 153 -14.10 -1.93 -5.94
N ASP A 154 -13.20 -2.81 -6.37
CA ASP A 154 -13.56 -3.89 -7.27
C ASP A 154 -12.53 -5.02 -7.19
N GLU A 155 -11.53 -5.00 -8.06
CA GLU A 155 -10.48 -6.01 -8.05
C GLU A 155 -9.42 -5.70 -7.01
N SER A 156 -9.36 -4.45 -6.60
CA SER A 156 -8.39 -4.02 -5.58
C SER A 156 -8.89 -4.43 -4.20
N GLY A 157 -10.18 -4.75 -4.11
CA GLY A 157 -10.78 -5.20 -2.85
C GLY A 157 -10.54 -4.25 -1.69
N ARG A 158 -10.44 -2.95 -1.99
CA ARG A 158 -10.14 -1.94 -0.99
C ARG A 158 -10.53 -0.58 -1.57
N ALA A 159 -10.13 0.49 -0.92
CA ALA A 159 -10.39 1.81 -1.46
C ALA A 159 -9.30 2.18 -2.45
N ALA A 160 -9.66 2.17 -3.73
CA ALA A 160 -8.72 2.43 -4.81
C ALA A 160 -9.18 3.61 -5.64
N CYS A 161 -8.23 4.29 -6.27
CA CYS A 161 -8.53 5.49 -7.06
C CYS A 161 -9.16 6.55 -6.15
N VAL A 162 -8.56 6.73 -4.97
CA VAL A 162 -9.07 7.65 -3.98
C VAL A 162 -8.83 9.10 -4.41
N ASN A 163 -9.91 9.78 -4.76
CA ASN A 163 -9.85 11.16 -5.16
C ASN A 163 -10.51 12.05 -4.12
N ALA A 164 -9.76 12.99 -3.56
CA ALA A 164 -10.30 13.96 -2.62
C ALA A 164 -11.23 14.92 -3.35
N VAL A 165 -12.51 14.72 -3.16
CA VAL A 165 -13.51 15.53 -3.84
C VAL A 165 -14.45 16.18 -2.83
N ARG A 166 -14.74 17.46 -3.05
CA ARG A 166 -15.62 18.19 -2.16
C ARG A 166 -16.94 18.46 -2.85
N GLN A 167 -18.03 17.96 -2.27
CA GLN A 167 -19.35 18.09 -2.84
C GLN A 167 -20.00 19.39 -2.38
N LYS A 168 -20.72 20.02 -3.29
CA LYS A 168 -21.47 21.24 -2.99
C LYS A 168 -22.53 20.98 -1.92
N GLY A 1 8.30 -26.78 -9.90
CA GLY A 1 7.31 -25.76 -9.61
C GLY A 1 5.92 -26.36 -9.47
N ALA A 2 5.16 -25.85 -8.50
CA ALA A 2 3.83 -26.35 -8.23
C ALA A 2 2.93 -25.29 -7.61
N GLY A 3 3.54 -24.36 -6.88
CA GLY A 3 2.77 -23.33 -6.20
C GLY A 3 3.28 -23.10 -4.79
N SER A 4 3.87 -24.12 -4.21
CA SER A 4 4.46 -24.02 -2.88
C SER A 4 5.99 -23.95 -2.99
N ASP A 5 6.44 -23.42 -4.11
CA ASP A 5 7.86 -23.34 -4.41
C ASP A 5 8.29 -21.89 -4.57
N ALA A 6 9.57 -21.63 -4.36
CA ALA A 6 10.10 -20.27 -4.47
C ALA A 6 10.53 -19.98 -5.90
N GLY A 7 10.93 -18.74 -6.15
CA GLY A 7 11.31 -18.33 -7.49
C GLY A 7 10.32 -17.33 -8.07
N GLN A 8 9.29 -17.04 -7.29
CA GLN A 8 8.29 -16.05 -7.70
C GLN A 8 8.74 -14.66 -7.32
N VAL A 9 8.84 -13.79 -8.33
CA VAL A 9 9.22 -12.41 -8.12
C VAL A 9 8.00 -11.60 -7.75
N TYR A 10 8.04 -10.98 -6.59
CA TYR A 10 6.89 -10.27 -6.08
C TYR A 10 6.96 -8.80 -6.48
N ARG A 11 5.83 -8.27 -6.88
CA ARG A 11 5.75 -6.89 -7.29
C ARG A 11 5.01 -6.08 -6.25
N GLY A 12 5.53 -4.89 -5.97
CA GLY A 12 4.92 -4.03 -4.99
C GLY A 12 5.29 -2.59 -5.22
N PHE A 13 4.80 -1.72 -4.36
CA PHE A 13 5.04 -0.29 -4.52
C PHE A 13 5.51 0.33 -3.20
N ILE A 14 6.42 1.29 -3.31
CA ILE A 14 7.01 1.92 -2.14
C ILE A 14 5.98 2.71 -1.36
N ALA A 15 5.91 2.47 -0.04
CA ALA A 15 4.98 3.18 0.81
C ALA A 15 5.71 4.01 1.86
N VAL A 16 6.73 3.42 2.50
CA VAL A 16 7.50 4.12 3.52
C VAL A 16 8.95 4.32 3.07
N MET A 17 9.38 5.58 3.05
CA MET A 17 10.74 5.92 2.66
C MET A 17 11.52 6.45 3.86
N LYS A 18 12.41 5.64 4.40
CA LYS A 18 13.34 6.09 5.41
C LYS A 18 14.75 6.06 4.84
N GLU A 19 15.72 6.67 5.51
CA GLU A 19 17.05 6.82 4.93
C GLU A 19 17.84 5.51 4.96
N ASN A 20 17.42 4.58 5.80
CA ASN A 20 18.08 3.28 5.89
C ASN A 20 17.21 2.17 5.30
N PHE A 21 15.93 2.15 5.68
CA PHE A 21 15.05 1.06 5.28
C PHE A 21 13.67 1.61 4.95
N GLY A 22 12.81 0.75 4.42
CA GLY A 22 11.47 1.16 4.07
C GLY A 22 10.50 0.01 4.08
N PHE A 23 9.23 0.30 3.89
CA PHE A 23 8.21 -0.72 3.86
C PHE A 23 7.49 -0.69 2.53
N ILE A 24 7.28 -1.85 1.95
CA ILE A 24 6.66 -1.96 0.64
C ILE A 24 5.20 -2.40 0.77
N GLU A 25 4.33 -1.73 0.06
CA GLU A 25 2.92 -2.08 0.04
C GLU A 25 2.74 -3.26 -0.90
N THR A 26 2.22 -4.36 -0.36
CA THR A 26 2.08 -5.58 -1.13
C THR A 26 1.02 -5.43 -2.20
N LEU A 27 1.27 -6.06 -3.35
CA LEU A 27 0.38 -5.94 -4.50
C LEU A 27 -1.07 -6.23 -4.11
N SER A 28 -1.25 -7.29 -3.31
CA SER A 28 -2.58 -7.72 -2.90
C SER A 28 -2.82 -7.37 -1.43
N HIS A 29 -2.13 -6.33 -0.95
CA HIS A 29 -2.19 -5.89 0.46
C HIS A 29 -2.07 -7.07 1.42
N ASP A 30 -1.24 -8.03 1.03
CA ASP A 30 -1.02 -9.25 1.78
C ASP A 30 -0.52 -8.95 3.19
N GLU A 31 0.51 -8.12 3.27
CA GLU A 31 1.16 -7.83 4.54
C GLU A 31 2.15 -6.66 4.40
N GLU A 32 2.88 -6.39 5.47
CA GLU A 32 3.86 -5.32 5.47
C GLU A 32 5.26 -5.92 5.34
N VAL A 33 5.97 -5.53 4.30
CA VAL A 33 7.27 -6.13 4.00
C VAL A 33 8.41 -5.20 4.39
N PHE A 34 9.31 -5.70 5.21
CA PHE A 34 10.52 -4.98 5.57
C PHE A 34 11.55 -5.05 4.45
N PHE A 35 11.91 -3.90 3.92
CA PHE A 35 12.90 -3.80 2.87
C PHE A 35 13.97 -2.79 3.28
N HIS A 36 15.22 -3.04 2.92
CA HIS A 36 16.32 -2.17 3.33
C HIS A 36 17.00 -1.58 2.10
N PHE A 37 17.29 -0.29 2.14
CA PHE A 37 17.83 0.41 0.97
C PHE A 37 19.30 0.08 0.72
N SER A 38 19.98 -0.44 1.72
CA SER A 38 21.39 -0.76 1.58
C SER A 38 21.58 -1.95 0.63
N ASN A 39 20.63 -2.88 0.63
CA ASN A 39 20.70 -4.06 -0.23
C ASN A 39 19.75 -3.88 -1.41
N TYR A 40 19.60 -2.64 -1.83
CA TYR A 40 18.72 -2.27 -2.93
C TYR A 40 19.53 -2.03 -4.19
N MET A 41 19.02 -2.50 -5.32
CA MET A 41 19.69 -2.32 -6.60
C MET A 41 19.05 -1.17 -7.38
N GLY A 42 19.74 -0.05 -7.42
CA GLY A 42 19.23 1.10 -8.13
C GLY A 42 19.66 2.40 -7.46
N ASN A 43 18.89 3.45 -7.67
CA ASN A 43 19.18 4.75 -7.06
C ASN A 43 18.13 5.07 -6.00
N PRO A 44 18.45 4.82 -4.71
CA PRO A 44 17.50 4.99 -3.61
C PRO A 44 17.04 6.44 -3.42
N ASN A 45 17.83 7.39 -3.90
CA ASN A 45 17.50 8.79 -3.74
C ASN A 45 16.61 9.28 -4.87
N TRP A 46 16.32 8.39 -5.81
CA TRP A 46 15.46 8.70 -6.94
C TRP A 46 14.16 7.91 -6.85
N LEU A 47 13.90 7.37 -5.67
CA LEU A 47 12.68 6.63 -5.41
C LEU A 47 11.59 7.53 -4.89
N GLU A 48 10.35 7.22 -5.27
CA GLU A 48 9.18 7.99 -4.86
C GLU A 48 8.13 7.07 -4.26
N LEU A 49 7.08 7.66 -3.71
CA LEU A 49 6.02 6.91 -3.07
C LEU A 49 5.01 6.42 -4.13
N GLY A 50 4.81 5.11 -4.17
CA GLY A 50 3.93 4.54 -5.16
C GLY A 50 4.70 4.03 -6.37
N GLN A 51 6.04 4.09 -6.28
CA GLN A 51 6.89 3.60 -7.35
C GLN A 51 6.84 2.08 -7.44
N GLU A 52 6.61 1.58 -8.64
CA GLU A 52 6.56 0.16 -8.90
C GLU A 52 7.97 -0.44 -8.86
N VAL A 53 8.14 -1.49 -8.06
CA VAL A 53 9.41 -2.18 -7.97
C VAL A 53 9.17 -3.69 -7.88
N GLU A 54 10.15 -4.47 -8.32
CA GLU A 54 10.07 -5.92 -8.22
C GLU A 54 11.14 -6.41 -7.26
N TYR A 55 10.85 -7.49 -6.54
CA TYR A 55 11.83 -8.04 -5.60
C TYR A 55 11.45 -9.43 -5.12
N THR A 56 12.40 -10.09 -4.51
CA THR A 56 12.19 -11.39 -3.91
C THR A 56 12.49 -11.34 -2.42
N LEU A 57 12.08 -12.38 -1.70
CA LEU A 57 12.27 -12.44 -0.26
C LEU A 57 13.43 -13.34 0.09
N ALA A 58 14.18 -12.96 1.11
CA ALA A 58 15.31 -13.75 1.58
C ALA A 58 14.84 -14.90 2.45
N ARG A 59 14.47 -16.00 1.81
CA ARG A 59 14.00 -17.18 2.50
C ARG A 59 15.15 -18.16 2.74
N ASN A 60 16.35 -17.73 2.41
CA ASN A 60 17.53 -18.57 2.55
C ASN A 60 18.09 -18.47 3.97
N GLY A 61 18.30 -19.62 4.59
CA GLY A 61 18.89 -19.64 5.92
C GLY A 61 17.87 -19.94 7.01
N ASN A 62 17.27 -18.88 7.54
CA ASN A 62 16.34 -19.01 8.66
C ASN A 62 15.31 -17.89 8.64
N THR A 63 14.06 -18.24 8.89
CA THR A 63 12.98 -17.26 8.90
C THR A 63 12.82 -16.62 10.28
N SER A 64 13.21 -17.35 11.32
CA SER A 64 13.01 -16.90 12.68
C SER A 64 14.23 -16.13 13.18
N VAL A 65 14.65 -15.14 12.40
CA VAL A 65 15.75 -14.28 12.79
C VAL A 65 15.23 -12.98 13.39
N SER A 66 14.56 -12.18 12.57
CA SER A 66 13.99 -10.91 13.02
C SER A 66 12.57 -11.12 13.57
N GLY A 67 12.07 -12.34 13.40
CA GLY A 67 10.73 -12.67 13.86
C GLY A 67 9.79 -12.98 12.72
N ASN A 68 10.16 -14.00 11.93
CA ASN A 68 9.38 -14.45 10.77
C ASN A 68 9.42 -13.45 9.62
N CYS A 69 9.55 -12.17 9.93
CA CYS A 69 9.72 -11.16 8.91
C CYS A 69 11.19 -11.10 8.49
N LEU A 70 11.43 -11.18 7.20
CA LEU A 70 12.79 -11.20 6.67
C LEU A 70 12.99 -10.11 5.61
N PRO A 71 14.22 -9.61 5.45
CA PRO A 71 14.54 -8.53 4.51
C PRO A 71 14.26 -8.89 3.06
N ALA A 72 13.93 -7.88 2.28
CA ALA A 72 13.72 -8.04 0.85
C ALA A 72 15.03 -7.90 0.09
N GLU A 73 15.23 -8.72 -0.93
CA GLU A 73 16.47 -8.70 -1.70
C GLU A 73 16.19 -8.73 -3.20
N ASN A 74 17.22 -8.41 -4.00
CA ASN A 74 17.10 -8.35 -5.46
C ASN A 74 16.10 -7.29 -5.90
N VAL A 75 15.92 -6.28 -5.07
CA VAL A 75 14.94 -5.23 -5.33
C VAL A 75 15.38 -4.33 -6.48
N ARG A 76 14.56 -4.27 -7.53
CA ARG A 76 14.86 -3.43 -8.69
C ARG A 76 13.66 -2.57 -9.04
N MET A 77 13.90 -1.51 -9.82
CA MET A 77 12.81 -0.62 -10.24
C MET A 77 12.05 -1.19 -11.42
N LEU A 78 10.75 -0.95 -11.43
CA LEU A 78 9.89 -1.33 -12.55
C LEU A 78 9.36 -0.08 -13.25
N PRO A 79 8.87 -0.21 -14.50
CA PRO A 79 8.22 0.88 -15.21
C PRO A 79 6.90 1.28 -14.56
N LYS A 80 6.55 2.55 -14.69
CA LYS A 80 5.37 3.07 -14.03
C LYS A 80 4.10 2.72 -14.82
N ASN A 81 2.98 2.62 -14.11
CA ASN A 81 1.68 2.35 -14.73
C ASN A 81 1.58 0.92 -15.24
N SER A 82 2.21 -0.01 -14.53
CA SER A 82 2.13 -1.41 -14.92
C SER A 82 1.24 -2.19 -13.93
N ILE A 83 0.87 -1.54 -12.83
CA ILE A 83 -0.04 -2.15 -11.84
C ILE A 83 -1.47 -2.11 -12.36
N PRO A 84 -2.23 -3.22 -12.19
CA PRO A 84 -3.65 -3.28 -12.56
C PRO A 84 -4.52 -2.41 -11.66
N GLN A 85 -5.68 -2.03 -12.15
CA GLN A 85 -6.59 -1.20 -11.39
C GLN A 85 -8.00 -1.77 -11.42
N PRO A 86 -8.85 -1.42 -10.43
CA PRO A 86 -10.21 -1.95 -10.34
C PRO A 86 -11.06 -1.54 -11.53
N ALA A 87 -11.87 -2.46 -12.03
CA ALA A 87 -12.71 -2.18 -13.17
C ALA A 87 -14.04 -1.59 -12.72
N VAL A 88 -14.10 -0.26 -12.68
CA VAL A 88 -15.30 0.46 -12.31
C VAL A 88 -15.40 1.69 -13.19
N LEU A 89 -16.58 1.93 -13.75
CA LEU A 89 -16.74 3.01 -14.73
C LEU A 89 -16.84 4.38 -14.08
N GLU A 90 -17.89 4.59 -13.28
CA GLU A 90 -18.13 5.90 -12.70
C GLU A 90 -17.52 6.02 -11.30
N THR A 91 -17.89 5.07 -10.43
CA THR A 91 -17.43 5.04 -9.05
C THR A 91 -18.17 3.91 -8.32
N THR A 92 -17.66 3.49 -7.19
CA THR A 92 -18.29 2.41 -6.45
C THR A 92 -18.99 2.95 -5.20
N HIS A 93 -18.21 3.60 -4.33
CA HIS A 93 -18.72 4.10 -3.06
C HIS A 93 -18.04 5.40 -2.70
N ASN A 94 -18.70 6.21 -1.90
CA ASN A 94 -18.10 7.43 -1.37
C ASN A 94 -17.99 7.31 0.14
N GLY A 95 -17.35 8.26 0.78
CA GLY A 95 -17.28 8.26 2.21
C GLY A 95 -16.49 9.43 2.74
N VAL A 96 -16.13 9.37 4.01
CA VAL A 96 -15.32 10.40 4.62
C VAL A 96 -14.14 9.76 5.33
N VAL A 97 -13.02 10.46 5.38
CA VAL A 97 -11.85 9.96 6.09
C VAL A 97 -12.18 9.75 7.56
N ALA A 98 -12.19 8.49 7.99
CA ALA A 98 -12.66 8.13 9.31
C ALA A 98 -11.57 8.28 10.36
N ARG A 99 -10.52 7.47 10.24
CA ARG A 99 -9.48 7.43 11.26
C ARG A 99 -8.27 6.64 10.78
N PRO A 100 -7.06 7.03 11.21
CA PRO A 100 -5.85 6.26 10.94
C PRO A 100 -5.78 5.03 11.83
N LEU A 101 -5.53 3.87 11.25
CA LEU A 101 -5.44 2.64 12.02
C LEU A 101 -4.13 2.59 12.82
N ARG A 102 -4.17 3.17 14.01
CA ARG A 102 -2.98 3.32 14.84
C ARG A 102 -2.89 2.19 15.86
N CYS A 103 -3.88 2.13 16.74
CA CYS A 103 -3.88 1.18 17.86
C CYS A 103 -4.23 -0.23 17.40
N ILE A 104 -4.79 -0.35 16.19
CA ILE A 104 -5.16 -1.64 15.64
C ILE A 104 -3.92 -2.49 15.34
N ASN A 105 -2.79 -1.83 15.16
CA ASN A 105 -1.52 -2.52 14.95
C ASN A 105 -0.56 -2.17 16.07
N PRO A 106 -0.08 -3.17 16.83
CA PRO A 106 0.87 -2.95 17.92
C PRO A 106 2.22 -2.43 17.40
N ASP A 107 2.38 -2.46 16.08
CA ASP A 107 3.58 -1.92 15.44
C ASP A 107 3.25 -0.61 14.72
N GLN A 108 2.01 -0.15 14.87
CA GLN A 108 1.57 1.16 14.36
C GLN A 108 1.55 1.20 12.83
N GLN A 109 0.46 0.69 12.25
CA GLN A 109 0.29 0.63 10.79
C GLN A 109 -0.35 1.91 10.25
N GLU A 110 -0.54 2.90 11.13
CA GLU A 110 -1.43 4.06 10.90
C GLU A 110 -1.33 4.68 9.50
N TYR A 111 -0.20 4.52 8.83
CA TYR A 111 0.00 5.00 7.46
C TYR A 111 -1.18 4.66 6.55
N ALA A 112 -1.75 3.48 6.74
CA ALA A 112 -2.71 2.94 5.77
C ALA A 112 -4.09 3.57 5.94
N GLY A 113 -4.40 3.99 7.16
CA GLY A 113 -5.67 4.64 7.44
C GLY A 113 -6.90 3.82 7.10
N LEU A 114 -8.07 4.34 7.47
CA LEU A 114 -9.33 3.69 7.16
C LEU A 114 -10.42 4.71 6.85
N ILE A 115 -11.17 4.42 5.80
CA ILE A 115 -12.28 5.26 5.39
C ILE A 115 -13.60 4.62 5.81
N GLU A 116 -14.53 5.42 6.30
CA GLU A 116 -15.82 4.87 6.70
C GLU A 116 -16.75 4.83 5.49
N ILE A 117 -17.27 3.65 5.22
CA ILE A 117 -18.10 3.42 4.06
C ILE A 117 -19.56 3.40 4.49
N LEU A 118 -20.39 4.21 3.86
CA LEU A 118 -21.79 4.29 4.22
C LEU A 118 -22.60 3.24 3.48
N ASP A 119 -23.70 2.80 4.08
CA ASP A 119 -24.61 1.84 3.45
C ASP A 119 -25.40 2.51 2.34
N GLU A 120 -26.18 1.72 1.61
CA GLU A 120 -26.93 2.23 0.47
C GLU A 120 -28.02 3.19 0.92
N LEU A 121 -28.45 3.06 2.17
CA LEU A 121 -29.48 3.92 2.72
C LEU A 121 -28.87 5.19 3.27
N ARG A 122 -27.54 5.24 3.23
CA ARG A 122 -26.76 6.40 3.66
C ARG A 122 -26.90 6.61 5.17
N THR A 123 -26.96 5.51 5.90
CA THR A 123 -27.16 5.55 7.34
C THR A 123 -25.85 5.83 8.07
N THR A 124 -24.94 4.87 8.05
CA THR A 124 -23.72 4.95 8.84
C THR A 124 -22.58 4.12 8.23
N VAL A 125 -21.46 4.05 8.96
CA VAL A 125 -20.31 3.25 8.56
C VAL A 125 -20.63 1.76 8.61
N ILE A 126 -20.27 1.04 7.55
CA ILE A 126 -20.48 -0.40 7.51
C ILE A 126 -19.41 -1.14 8.32
N SER A 127 -18.18 -1.13 7.82
CA SER A 127 -17.06 -1.68 8.58
C SER A 127 -15.83 -0.78 8.52
N GLN A 128 -15.04 -0.94 7.44
CA GLN A 128 -13.80 -0.20 7.25
C GLN A 128 -13.21 -0.52 5.88
N HIS A 129 -12.70 0.49 5.19
CA HIS A 129 -11.93 0.25 3.96
C HIS A 129 -10.55 0.86 4.07
N GLU A 130 -9.54 0.01 3.89
CA GLU A 130 -8.15 0.43 3.97
C GLU A 130 -7.73 0.99 2.63
N PHE A 131 -6.86 1.99 2.64
CA PHE A 131 -6.41 2.59 1.39
C PHE A 131 -4.90 2.41 1.19
N GLY A 132 -4.54 2.14 -0.05
CA GLY A 132 -3.15 1.87 -0.41
C GLY A 132 -2.44 3.10 -0.94
N ILE A 133 -1.12 3.14 -0.80
CA ILE A 133 -0.32 4.26 -1.32
C ILE A 133 -0.64 4.55 -2.79
N THR A 134 -0.98 3.51 -3.53
CA THR A 134 -1.34 3.64 -4.94
C THR A 134 -2.75 4.24 -5.07
N SER A 135 -3.61 3.85 -4.14
CA SER A 135 -4.96 4.38 -4.05
C SER A 135 -4.93 5.88 -3.77
N LEU A 136 -3.91 6.29 -3.02
CA LEU A 136 -3.74 7.69 -2.64
C LEU A 136 -3.23 8.54 -3.79
N VAL A 137 -3.99 8.57 -4.88
CA VAL A 137 -3.73 9.45 -6.01
C VAL A 137 -3.42 10.86 -5.52
N ASN A 138 -4.22 11.32 -4.56
CA ASN A 138 -4.07 12.65 -3.98
C ASN A 138 -3.23 12.60 -2.68
N LYS A 139 -2.24 11.71 -2.65
CA LYS A 139 -1.33 11.57 -1.49
C LYS A 139 -0.64 12.89 -1.16
N ARG A 140 -0.59 13.78 -2.15
CA ARG A 140 0.06 15.08 -2.00
C ARG A 140 -0.75 16.00 -1.10
N ASP A 141 -2.03 15.73 -0.98
CA ASP A 141 -2.97 16.67 -0.40
C ASP A 141 -3.11 16.49 1.11
N LEU A 142 -3.68 17.51 1.75
CA LEU A 142 -3.84 17.56 3.20
C LEU A 142 -5.05 16.73 3.65
N LEU A 143 -5.28 15.63 2.95
CA LEU A 143 -6.44 14.79 3.19
C LEU A 143 -6.48 14.31 4.64
N GLN A 144 -7.39 14.90 5.41
CA GLN A 144 -7.49 14.60 6.83
C GLN A 144 -8.89 14.08 7.18
N LYS A 145 -9.10 13.82 8.46
CA LYS A 145 -10.38 13.34 8.94
C LYS A 145 -11.47 14.40 8.69
N GLY A 146 -12.62 13.95 8.22
CA GLY A 146 -13.73 14.85 8.02
C GLY A 146 -13.81 15.39 6.61
N ASP A 147 -12.82 15.09 5.78
CA ASP A 147 -12.87 15.48 4.38
C ASP A 147 -13.49 14.37 3.56
N LEU A 148 -14.29 14.74 2.56
CA LEU A 148 -15.06 13.79 1.80
C LEU A 148 -14.22 13.19 0.67
N VAL A 149 -14.36 11.88 0.48
CA VAL A 149 -13.59 11.16 -0.53
C VAL A 149 -14.48 10.32 -1.43
N SER A 150 -14.01 10.10 -2.64
CA SER A 150 -14.64 9.17 -3.56
C SER A 150 -13.58 8.21 -4.10
N PHE A 151 -13.93 6.95 -4.19
CA PHE A 151 -13.00 5.91 -4.60
C PHE A 151 -13.75 4.80 -5.33
N ARG A 152 -13.03 3.84 -5.86
CA ARG A 152 -13.67 2.69 -6.46
C ARG A 152 -13.05 1.39 -5.92
N ILE A 153 -13.87 0.57 -5.30
CA ILE A 153 -13.45 -0.75 -4.84
C ILE A 153 -13.96 -1.83 -5.79
N ASP A 154 -13.09 -2.73 -6.21
CA ASP A 154 -13.51 -3.87 -7.01
C ASP A 154 -12.52 -5.03 -6.87
N GLU A 155 -11.64 -5.21 -7.85
CA GLU A 155 -10.73 -6.35 -7.85
C GLU A 155 -9.49 -6.09 -7.00
N SER A 156 -9.34 -4.85 -6.55
CA SER A 156 -8.27 -4.53 -5.62
C SER A 156 -8.73 -4.79 -4.19
N GLY A 157 -10.04 -5.01 -4.04
CA GLY A 157 -10.63 -5.37 -2.76
C GLY A 157 -10.37 -4.37 -1.65
N ARG A 158 -10.10 -3.12 -2.02
CA ARG A 158 -9.92 -2.07 -1.04
C ARG A 158 -10.18 -0.72 -1.72
N ALA A 159 -10.02 0.36 -0.99
CA ALA A 159 -10.39 1.66 -1.53
C ALA A 159 -9.27 2.21 -2.40
N ALA A 160 -9.52 2.23 -3.71
CA ALA A 160 -8.53 2.69 -4.67
C ALA A 160 -9.06 3.89 -5.44
N CYS A 161 -8.15 4.66 -6.04
CA CYS A 161 -8.50 5.87 -6.78
C CYS A 161 -9.15 6.90 -5.84
N VAL A 162 -8.62 6.96 -4.63
CA VAL A 162 -9.15 7.86 -3.60
C VAL A 162 -8.89 9.32 -3.99
N ASN A 163 -9.97 10.03 -4.29
CA ASN A 163 -9.86 11.44 -4.67
C ASN A 163 -10.65 12.30 -3.71
N ALA A 164 -10.02 13.32 -3.18
CA ALA A 164 -10.66 14.26 -2.28
C ALA A 164 -11.68 15.09 -3.03
N VAL A 165 -12.94 14.95 -2.64
CA VAL A 165 -14.03 15.61 -3.36
C VAL A 165 -14.89 16.44 -2.41
N ARG A 166 -15.14 17.70 -2.79
CA ARG A 166 -16.01 18.57 -2.02
C ARG A 166 -17.33 18.75 -2.74
N GLN A 167 -18.42 18.63 -2.00
CA GLN A 167 -19.76 18.69 -2.56
C GLN A 167 -20.42 20.01 -2.22
N LYS A 168 -20.98 20.66 -3.21
CA LYS A 168 -21.75 21.89 -3.01
C LYS A 168 -23.05 21.58 -2.28
N GLY A 1 22.58 -12.92 -2.48
CA GLY A 1 21.49 -12.43 -3.31
C GLY A 1 21.36 -13.23 -4.59
N ALA A 2 22.51 -13.56 -5.19
CA ALA A 2 22.54 -14.33 -6.44
C ALA A 2 21.98 -15.74 -6.25
N GLY A 3 22.09 -16.24 -5.03
CA GLY A 3 21.55 -17.54 -4.70
C GLY A 3 20.41 -17.44 -3.71
N SER A 4 19.74 -16.29 -3.69
CA SER A 4 18.64 -16.06 -2.76
C SER A 4 17.31 -16.04 -3.50
N ASP A 5 17.31 -16.54 -4.73
CA ASP A 5 16.09 -16.59 -5.53
C ASP A 5 15.22 -17.74 -5.08
N ALA A 6 13.96 -17.45 -4.81
CA ALA A 6 13.02 -18.45 -4.35
C ALA A 6 12.03 -18.84 -5.44
N GLY A 7 12.28 -18.35 -6.65
CA GLY A 7 11.38 -18.64 -7.76
C GLY A 7 10.21 -17.67 -7.82
N GLN A 8 9.81 -17.15 -6.67
CA GLN A 8 8.72 -16.19 -6.62
C GLN A 8 9.24 -14.79 -6.38
N VAL A 9 9.07 -13.95 -7.38
CA VAL A 9 9.44 -12.56 -7.28
C VAL A 9 8.24 -11.75 -6.82
N TYR A 10 8.36 -11.16 -5.67
CA TYR A 10 7.24 -10.49 -5.03
C TYR A 10 7.16 -9.05 -5.51
N ARG A 11 5.94 -8.61 -5.77
CA ARG A 11 5.72 -7.29 -6.34
C ARG A 11 5.00 -6.41 -5.32
N GLY A 12 5.39 -5.15 -5.28
CA GLY A 12 4.78 -4.21 -4.36
C GLY A 12 5.23 -2.81 -4.64
N PHE A 13 4.89 -1.89 -3.76
CA PHE A 13 5.20 -0.49 -3.97
C PHE A 13 5.61 0.19 -2.67
N ILE A 14 6.60 1.07 -2.77
CA ILE A 14 7.16 1.74 -1.62
C ILE A 14 6.12 2.61 -0.92
N ALA A 15 5.84 2.32 0.35
CA ALA A 15 4.87 3.11 1.11
C ALA A 15 5.56 4.11 2.02
N VAL A 16 6.63 3.67 2.68
CA VAL A 16 7.41 4.57 3.52
C VAL A 16 8.85 4.62 3.05
N MET A 17 9.51 5.75 3.27
CA MET A 17 10.90 5.91 2.87
C MET A 17 11.68 6.60 3.98
N LYS A 18 12.52 5.83 4.66
CA LYS A 18 13.39 6.39 5.68
C LYS A 18 14.79 6.55 5.10
N GLU A 19 15.67 7.19 5.84
CA GLU A 19 17.02 7.46 5.34
C GLU A 19 17.86 6.20 5.27
N ASN A 20 17.48 5.18 6.04
CA ASN A 20 18.26 3.95 6.09
C ASN A 20 17.52 2.78 5.44
N PHE A 21 16.21 2.68 5.70
CA PHE A 21 15.42 1.56 5.23
C PHE A 21 14.02 2.02 4.88
N GLY A 22 13.20 1.11 4.37
CA GLY A 22 11.84 1.44 4.04
C GLY A 22 10.92 0.26 4.18
N PHE A 23 9.64 0.47 3.90
CA PHE A 23 8.65 -0.59 3.96
C PHE A 23 7.89 -0.64 2.64
N ILE A 24 7.40 -1.82 2.31
CA ILE A 24 6.80 -2.05 1.00
C ILE A 24 5.40 -2.61 1.13
N GLU A 25 4.42 -1.85 0.68
CA GLU A 25 3.06 -2.35 0.62
C GLU A 25 2.98 -3.40 -0.47
N THR A 26 2.49 -4.56 -0.13
CA THR A 26 2.50 -5.69 -1.04
C THR A 26 1.42 -5.56 -2.10
N LEU A 27 1.55 -6.35 -3.16
CA LEU A 27 0.69 -6.22 -4.33
C LEU A 27 -0.78 -6.44 -3.97
N SER A 28 -1.07 -7.50 -3.24
CA SER A 28 -2.43 -7.82 -2.87
C SER A 28 -2.71 -7.34 -1.45
N HIS A 29 -1.81 -6.50 -0.93
CA HIS A 29 -1.79 -6.16 0.50
C HIS A 29 -1.69 -7.45 1.31
N ASP A 30 -0.73 -8.26 0.91
CA ASP A 30 -0.49 -9.56 1.51
C ASP A 30 0.08 -9.40 2.91
N GLU A 31 1.10 -8.56 3.03
CA GLU A 31 1.77 -8.31 4.30
C GLU A 31 2.78 -7.17 4.16
N GLU A 32 3.45 -6.83 5.26
CA GLU A 32 4.44 -5.77 5.25
C GLU A 32 5.85 -6.37 5.26
N VAL A 33 6.75 -5.77 4.48
CA VAL A 33 8.08 -6.33 4.32
C VAL A 33 9.16 -5.27 4.53
N PHE A 34 10.16 -5.62 5.33
CA PHE A 34 11.27 -4.73 5.59
C PHE A 34 12.35 -4.91 4.53
N PHE A 35 12.63 -3.85 3.78
CA PHE A 35 13.72 -3.90 2.83
C PHE A 35 14.74 -2.81 3.19
N HIS A 36 15.99 -3.04 2.86
CA HIS A 36 17.03 -2.08 3.19
C HIS A 36 17.63 -1.51 1.90
N PHE A 37 17.77 -0.19 1.85
CA PHE A 37 18.19 0.50 0.63
C PHE A 37 19.59 0.10 0.16
N SER A 38 20.41 -0.40 1.07
CA SER A 38 21.75 -0.87 0.72
C SER A 38 21.68 -2.01 -0.30
N ASN A 39 20.67 -2.86 -0.15
CA ASN A 39 20.52 -4.05 -1.00
C ASN A 39 19.58 -3.77 -2.18
N TYR A 40 19.44 -2.49 -2.50
CA TYR A 40 18.54 -2.08 -3.57
C TYR A 40 19.27 -2.03 -4.90
N MET A 41 18.64 -2.53 -5.95
CA MET A 41 19.24 -2.55 -7.27
C MET A 41 18.56 -1.52 -8.16
N GLY A 42 19.19 -0.36 -8.29
CA GLY A 42 18.65 0.70 -9.10
C GLY A 42 19.05 2.05 -8.56
N ASN A 43 18.11 2.99 -8.58
CA ASN A 43 18.37 4.33 -8.04
C ASN A 43 17.34 4.70 -6.99
N PRO A 44 17.65 4.41 -5.71
CA PRO A 44 16.72 4.60 -4.60
C PRO A 44 16.45 6.07 -4.26
N ASN A 45 17.36 6.95 -4.66
CA ASN A 45 17.20 8.38 -4.38
C ASN A 45 16.24 9.01 -5.40
N TRP A 46 15.95 8.27 -6.44
CA TRP A 46 15.04 8.74 -7.47
C TRP A 46 13.70 8.01 -7.36
N LEU A 47 13.44 7.44 -6.19
CA LEU A 47 12.22 6.71 -5.94
C LEU A 47 11.10 7.65 -5.51
N GLU A 48 9.93 7.06 -5.26
CA GLU A 48 8.76 7.80 -4.84
C GLU A 48 7.87 6.93 -3.98
N LEU A 49 6.99 7.56 -3.22
CA LEU A 49 6.03 6.80 -2.43
C LEU A 49 4.89 6.35 -3.33
N GLY A 50 4.78 5.05 -3.51
CA GLY A 50 3.84 4.51 -4.46
C GLY A 50 4.52 3.96 -5.70
N GLN A 51 5.86 3.96 -5.69
CA GLN A 51 6.63 3.45 -6.81
C GLN A 51 6.62 1.92 -6.85
N GLU A 52 6.32 1.39 -8.03
CA GLU A 52 6.24 -0.05 -8.24
C GLU A 52 7.63 -0.68 -8.37
N VAL A 53 7.88 -1.73 -7.59
CA VAL A 53 9.17 -2.43 -7.59
C VAL A 53 8.96 -3.93 -7.41
N GLU A 54 9.96 -4.72 -7.77
CA GLU A 54 9.92 -6.16 -7.57
C GLU A 54 11.14 -6.62 -6.78
N TYR A 55 10.98 -7.66 -5.98
CA TYR A 55 12.07 -8.12 -5.13
C TYR A 55 11.84 -9.52 -4.60
N THR A 56 12.83 -10.04 -3.90
CA THR A 56 12.76 -11.37 -3.33
C THR A 56 13.16 -11.33 -1.84
N LEU A 57 12.96 -12.43 -1.14
CA LEU A 57 13.24 -12.48 0.29
C LEU A 57 14.47 -13.34 0.59
N ALA A 58 15.29 -12.87 1.49
CA ALA A 58 16.46 -13.63 1.93
C ALA A 58 16.09 -14.53 3.10
N ARG A 59 15.57 -15.71 2.79
CA ARG A 59 15.16 -16.65 3.82
C ARG A 59 15.83 -18.01 3.56
N ASN A 60 16.73 -18.03 2.59
CA ASN A 60 17.42 -19.26 2.21
C ASN A 60 18.51 -19.58 3.21
N GLY A 61 18.34 -20.68 3.92
CA GLY A 61 19.31 -21.09 4.91
C GLY A 61 18.69 -21.24 6.28
N ASN A 62 19.43 -21.81 7.22
CA ASN A 62 18.93 -22.00 8.57
C ASN A 62 19.46 -20.90 9.48
N THR A 63 19.74 -19.76 8.89
CA THR A 63 20.23 -18.60 9.63
C THR A 63 19.07 -17.87 10.30
N SER A 64 17.86 -18.18 9.89
CA SER A 64 16.67 -17.50 10.35
C SER A 64 16.20 -18.03 11.72
N VAL A 65 17.17 -18.26 12.61
CA VAL A 65 16.86 -18.75 13.95
C VAL A 65 16.09 -17.69 14.74
N SER A 66 16.74 -16.57 14.99
CA SER A 66 16.10 -15.45 15.65
C SER A 66 15.70 -14.41 14.60
N GLY A 67 15.97 -14.74 13.34
CA GLY A 67 15.63 -13.85 12.26
C GLY A 67 14.19 -13.99 11.83
N ASN A 68 13.28 -13.49 12.66
CA ASN A 68 11.86 -13.51 12.36
C ASN A 68 11.61 -12.73 11.07
N CYS A 69 12.16 -11.52 11.02
CA CYS A 69 12.08 -10.70 9.83
C CYS A 69 13.48 -10.45 9.31
N LEU A 70 13.67 -10.65 8.02
CA LEU A 70 14.96 -10.46 7.39
C LEU A 70 14.83 -9.43 6.28
N PRO A 71 15.91 -8.72 5.94
CA PRO A 71 15.91 -7.74 4.86
C PRO A 71 15.66 -8.39 3.50
N ALA A 72 15.04 -7.63 2.60
CA ALA A 72 14.75 -8.11 1.27
C ALA A 72 15.93 -7.83 0.33
N GLU A 73 16.25 -8.82 -0.50
CA GLU A 73 17.36 -8.70 -1.45
C GLU A 73 16.82 -8.68 -2.88
N ASN A 74 17.69 -8.29 -3.81
CA ASN A 74 17.37 -8.30 -5.25
C ASN A 74 16.23 -7.33 -5.57
N VAL A 75 16.11 -6.27 -4.78
CA VAL A 75 15.04 -5.31 -4.97
C VAL A 75 15.29 -4.46 -6.19
N ARG A 76 14.52 -4.69 -7.24
CA ARG A 76 14.71 -3.97 -8.50
C ARG A 76 13.52 -3.05 -8.77
N MET A 77 13.69 -2.17 -9.73
CA MET A 77 12.67 -1.18 -10.04
C MET A 77 11.81 -1.62 -11.22
N LEU A 78 10.52 -1.44 -11.10
CA LEU A 78 9.59 -1.79 -12.16
C LEU A 78 9.04 -0.53 -12.82
N PRO A 79 8.61 -0.64 -14.09
CA PRO A 79 7.86 0.42 -14.74
C PRO A 79 6.45 0.50 -14.18
N LYS A 80 5.94 1.71 -14.01
CA LYS A 80 4.63 1.90 -13.43
C LYS A 80 3.54 1.33 -14.33
N ASN A 81 2.35 1.17 -13.74
CA ASN A 81 1.18 0.65 -14.45
C ASN A 81 1.29 -0.86 -14.62
N SER A 82 2.05 -1.48 -13.73
CA SER A 82 2.13 -2.92 -13.68
C SER A 82 1.14 -3.44 -12.64
N ILE A 83 0.66 -2.53 -11.81
CA ILE A 83 -0.34 -2.86 -10.80
C ILE A 83 -1.75 -2.62 -11.36
N PRO A 84 -2.64 -3.62 -11.25
CA PRO A 84 -4.02 -3.49 -11.71
C PRO A 84 -4.85 -2.61 -10.77
N GLN A 85 -5.90 -2.00 -11.31
CA GLN A 85 -6.78 -1.17 -10.51
C GLN A 85 -8.24 -1.46 -10.86
N PRO A 86 -9.16 -1.25 -9.89
CA PRO A 86 -10.60 -1.46 -10.09
C PRO A 86 -11.16 -0.58 -11.19
N ALA A 87 -11.82 -1.17 -12.16
CA ALA A 87 -12.30 -0.43 -13.31
C ALA A 87 -13.75 -0.03 -13.12
N VAL A 88 -13.94 1.18 -12.61
CA VAL A 88 -15.27 1.75 -12.43
C VAL A 88 -15.24 3.25 -12.72
N LEU A 89 -15.79 3.67 -13.86
CA LEU A 89 -15.75 5.08 -14.22
C LEU A 89 -16.90 5.86 -13.59
N GLU A 90 -17.99 5.18 -13.28
CA GLU A 90 -19.17 5.81 -12.68
C GLU A 90 -18.90 6.17 -11.22
N THR A 91 -17.88 5.52 -10.64
CA THR A 91 -17.52 5.67 -9.23
C THR A 91 -18.42 4.81 -8.36
N THR A 92 -17.80 3.93 -7.58
CA THR A 92 -18.53 2.92 -6.83
C THR A 92 -19.14 3.46 -5.54
N HIS A 93 -18.29 4.01 -4.66
CA HIS A 93 -18.76 4.45 -3.34
C HIS A 93 -18.09 5.76 -2.93
N ASN A 94 -18.54 6.27 -1.78
CA ASN A 94 -17.95 7.45 -1.19
C ASN A 94 -17.92 7.28 0.33
N GLY A 95 -17.35 8.25 1.03
CA GLY A 95 -17.32 8.21 2.48
C GLY A 95 -16.33 9.23 3.00
N VAL A 96 -16.20 9.34 4.31
CA VAL A 96 -15.22 10.24 4.87
C VAL A 96 -14.01 9.47 5.37
N VAL A 97 -12.89 10.16 5.51
CA VAL A 97 -11.70 9.56 6.10
C VAL A 97 -11.93 9.31 7.58
N ALA A 98 -11.82 8.05 7.99
CA ALA A 98 -12.12 7.68 9.37
C ALA A 98 -11.10 8.30 10.33
N ARG A 99 -9.83 8.07 10.05
CA ARG A 99 -8.76 8.65 10.86
C ARG A 99 -7.39 8.31 10.26
N PRO A 100 -6.42 9.21 10.38
CA PRO A 100 -5.04 8.88 10.09
C PRO A 100 -4.44 8.06 11.22
N LEU A 101 -3.98 6.87 10.90
CA LEU A 101 -3.44 5.98 11.91
C LEU A 101 -1.99 6.32 12.22
N ARG A 102 -1.79 7.07 13.29
CA ARG A 102 -0.45 7.44 13.72
C ARG A 102 0.03 6.51 14.83
N CYS A 103 -0.60 6.60 15.98
CA CYS A 103 -0.17 5.83 17.15
C CYS A 103 -0.94 4.52 17.30
N ILE A 104 -2.00 4.34 16.52
CA ILE A 104 -2.95 3.26 16.79
C ILE A 104 -2.43 1.89 16.34
N ASN A 105 -1.87 1.81 15.14
CA ASN A 105 -1.36 0.54 14.61
C ASN A 105 -0.43 0.74 13.42
N PRO A 106 0.88 0.87 13.66
CA PRO A 106 1.87 1.07 12.61
C PRO A 106 2.33 -0.22 11.93
N ASP A 107 2.53 -1.27 12.72
CA ASP A 107 3.13 -2.50 12.22
C ASP A 107 2.07 -3.54 11.83
N GLN A 108 0.91 -3.05 11.43
CA GLN A 108 -0.17 -3.91 10.98
C GLN A 108 -0.58 -3.53 9.57
N GLN A 109 -1.08 -4.50 8.80
CA GLN A 109 -1.50 -4.28 7.41
C GLN A 109 -2.46 -3.10 7.27
N GLU A 110 -3.25 -2.85 8.32
CA GLU A 110 -4.19 -1.74 8.32
C GLU A 110 -3.46 -0.40 8.49
N TYR A 111 -2.15 -0.41 8.30
CA TYR A 111 -1.33 0.79 8.36
C TYR A 111 -1.67 1.73 7.22
N ALA A 112 -2.18 1.18 6.15
CA ALA A 112 -2.49 1.97 4.96
C ALA A 112 -3.61 2.98 5.25
N GLY A 113 -4.40 2.72 6.29
CA GLY A 113 -5.47 3.62 6.65
C GLY A 113 -6.82 3.08 6.22
N LEU A 114 -7.91 3.66 6.71
CA LEU A 114 -9.22 3.13 6.43
C LEU A 114 -10.26 4.23 6.26
N ILE A 115 -11.10 4.04 5.27
CA ILE A 115 -12.17 4.96 4.96
C ILE A 115 -13.48 4.35 5.41
N GLU A 116 -14.35 5.16 6.01
CA GLU A 116 -15.66 4.67 6.42
C GLU A 116 -16.60 4.76 5.24
N ILE A 117 -17.19 3.62 4.91
CA ILE A 117 -18.07 3.55 3.77
C ILE A 117 -19.49 3.58 4.26
N LEU A 118 -20.26 4.56 3.84
CA LEU A 118 -21.60 4.72 4.35
C LEU A 118 -22.56 3.80 3.61
N ASP A 119 -23.53 3.28 4.34
CA ASP A 119 -24.60 2.50 3.76
C ASP A 119 -25.30 3.34 2.68
N GLU A 120 -25.88 2.66 1.69
CA GLU A 120 -26.45 3.35 0.54
C GLU A 120 -27.60 4.28 0.95
N LEU A 121 -28.19 4.02 2.10
CA LEU A 121 -29.27 4.87 2.60
C LEU A 121 -28.73 5.92 3.56
N ARG A 122 -27.39 6.02 3.60
CA ARG A 122 -26.68 7.00 4.42
C ARG A 122 -26.85 6.72 5.91
N THR A 123 -27.00 5.44 6.25
CA THR A 123 -27.15 5.04 7.63
C THR A 123 -25.85 5.23 8.41
N THR A 124 -24.93 4.27 8.28
CA THR A 124 -23.65 4.33 8.97
C THR A 124 -22.57 3.64 8.16
N VAL A 125 -21.37 3.56 8.72
CA VAL A 125 -20.27 2.86 8.09
C VAL A 125 -20.59 1.36 8.00
N ILE A 126 -20.33 0.77 6.85
CA ILE A 126 -20.59 -0.65 6.65
C ILE A 126 -19.56 -1.48 7.40
N SER A 127 -18.31 -1.42 6.96
CA SER A 127 -17.22 -2.03 7.70
C SER A 127 -16.00 -1.11 7.73
N GLN A 128 -15.20 -1.19 6.66
CA GLN A 128 -14.04 -0.34 6.46
C GLN A 128 -13.42 -0.66 5.11
N HIS A 129 -12.97 0.35 4.37
CA HIS A 129 -12.24 0.10 3.15
C HIS A 129 -10.84 0.65 3.26
N GLU A 130 -9.88 -0.19 2.90
CA GLU A 130 -8.48 0.13 3.01
C GLU A 130 -8.01 0.81 1.74
N PHE A 131 -7.17 1.82 1.87
CA PHE A 131 -6.67 2.54 0.72
C PHE A 131 -5.14 2.44 0.64
N GLY A 132 -4.67 2.16 -0.57
CA GLY A 132 -3.25 1.98 -0.80
C GLY A 132 -2.54 3.28 -1.13
N ILE A 133 -1.25 3.34 -0.84
CA ILE A 133 -0.42 4.50 -1.23
C ILE A 133 -0.57 4.79 -2.73
N THR A 134 -0.89 3.76 -3.50
CA THR A 134 -1.14 3.89 -4.93
C THR A 134 -2.52 4.52 -5.16
N SER A 135 -3.47 4.16 -4.31
CA SER A 135 -4.82 4.69 -4.36
C SER A 135 -4.81 6.18 -4.04
N LEU A 136 -3.87 6.59 -3.21
CA LEU A 136 -3.75 7.97 -2.76
C LEU A 136 -3.29 8.93 -3.86
N VAL A 137 -4.04 8.98 -4.95
CA VAL A 137 -3.79 9.94 -6.03
C VAL A 137 -3.51 11.34 -5.47
N ASN A 138 -4.31 11.72 -4.49
CA ASN A 138 -4.20 13.04 -3.88
C ASN A 138 -3.40 12.98 -2.57
N LYS A 139 -2.41 12.09 -2.52
CA LYS A 139 -1.59 11.87 -1.32
C LYS A 139 -0.95 13.15 -0.80
N ARG A 140 -0.84 14.14 -1.68
CA ARG A 140 -0.18 15.39 -1.35
C ARG A 140 -1.13 16.39 -0.70
N ASP A 141 -2.42 16.10 -0.74
CA ASP A 141 -3.43 17.04 -0.21
C ASP A 141 -3.45 17.00 1.31
N LEU A 142 -4.11 17.98 1.92
CA LEU A 142 -4.18 18.08 3.37
C LEU A 142 -5.36 17.26 3.90
N LEU A 143 -5.75 16.26 3.11
CA LEU A 143 -6.88 15.37 3.42
C LEU A 143 -6.84 14.91 4.87
N GLN A 144 -7.86 15.28 5.63
CA GLN A 144 -7.91 15.00 7.06
C GLN A 144 -9.10 14.11 7.41
N LYS A 145 -9.32 13.91 8.70
CA LYS A 145 -10.45 13.15 9.18
C LYS A 145 -11.75 13.89 8.88
N GLY A 146 -12.77 13.15 8.48
CA GLY A 146 -14.06 13.76 8.24
C GLY A 146 -14.19 14.29 6.83
N ASP A 147 -13.13 14.16 6.06
CA ASP A 147 -13.13 14.63 4.68
C ASP A 147 -13.77 13.60 3.76
N LEU A 148 -14.67 14.07 2.91
CA LEU A 148 -15.33 13.20 1.94
C LEU A 148 -14.38 12.84 0.81
N VAL A 149 -14.37 11.57 0.44
CA VAL A 149 -13.54 11.11 -0.66
C VAL A 149 -14.36 10.31 -1.66
N SER A 150 -13.93 10.34 -2.91
CA SER A 150 -14.52 9.50 -3.95
C SER A 150 -13.51 8.42 -4.32
N PHE A 151 -13.99 7.21 -4.45
CA PHE A 151 -13.11 6.08 -4.77
C PHE A 151 -13.89 4.99 -5.47
N ARG A 152 -13.18 4.02 -6.01
CA ARG A 152 -13.83 2.91 -6.67
C ARG A 152 -13.27 1.59 -6.19
N ILE A 153 -14.14 0.74 -5.68
CA ILE A 153 -13.79 -0.64 -5.44
C ILE A 153 -14.35 -1.49 -6.57
N ASP A 154 -13.66 -2.55 -6.94
CA ASP A 154 -14.12 -3.43 -8.02
C ASP A 154 -13.21 -4.65 -8.17
N GLU A 155 -12.15 -4.53 -8.96
CA GLU A 155 -11.20 -5.63 -9.15
C GLU A 155 -10.38 -5.86 -7.89
N SER A 156 -9.94 -4.78 -7.26
CA SER A 156 -9.09 -4.87 -6.09
C SER A 156 -9.91 -5.07 -4.82
N GLY A 157 -11.20 -4.76 -4.88
CA GLY A 157 -12.06 -4.86 -3.70
C GLY A 157 -11.82 -3.73 -2.70
N ARG A 158 -10.63 -3.17 -2.74
CA ARG A 158 -10.25 -2.08 -1.85
C ARG A 158 -10.52 -0.74 -2.51
N ALA A 159 -10.30 0.34 -1.77
CA ALA A 159 -10.57 1.67 -2.27
C ALA A 159 -9.37 2.19 -3.03
N ALA A 160 -9.53 2.31 -4.34
CA ALA A 160 -8.47 2.81 -5.21
C ALA A 160 -8.92 4.01 -6.00
N CYS A 161 -7.95 4.78 -6.49
CA CYS A 161 -8.22 6.00 -7.27
C CYS A 161 -9.02 7.00 -6.43
N VAL A 162 -8.64 7.15 -5.17
CA VAL A 162 -9.35 8.06 -4.27
C VAL A 162 -9.07 9.52 -4.65
N ASN A 163 -10.13 10.31 -4.60
CA ASN A 163 -10.03 11.74 -4.86
C ASN A 163 -10.85 12.50 -3.82
N ALA A 164 -10.18 13.42 -3.12
CA ALA A 164 -10.83 14.23 -2.09
C ALA A 164 -11.98 15.04 -2.67
N VAL A 165 -13.15 14.89 -2.08
CA VAL A 165 -14.36 15.55 -2.55
C VAL A 165 -14.75 16.67 -1.60
N ARG A 166 -14.84 17.88 -2.13
CA ARG A 166 -15.29 19.03 -1.36
C ARG A 166 -16.66 19.46 -1.86
N GLN A 167 -17.65 19.41 -0.99
CA GLN A 167 -19.04 19.62 -1.36
C GLN A 167 -19.49 21.02 -0.97
N LYS A 168 -20.56 21.45 -1.61
CA LYS A 168 -21.16 22.74 -1.33
C LYS A 168 -22.54 22.57 -0.72
N GLY A 1 27.84 -23.63 -5.55
CA GLY A 1 26.67 -24.16 -4.89
C GLY A 1 25.71 -23.07 -4.46
N ALA A 2 25.66 -22.01 -5.24
CA ALA A 2 24.75 -20.90 -4.96
C ALA A 2 23.47 -21.04 -5.76
N GLY A 3 22.37 -21.38 -5.08
CA GLY A 3 21.13 -21.62 -5.77
C GLY A 3 19.94 -21.05 -5.02
N SER A 4 20.06 -19.82 -4.57
CA SER A 4 18.98 -19.15 -3.88
C SER A 4 17.95 -18.61 -4.88
N ASP A 5 16.90 -19.40 -5.10
CA ASP A 5 15.84 -18.99 -6.01
C ASP A 5 14.50 -18.98 -5.29
N ALA A 6 13.84 -17.85 -5.33
CA ALA A 6 12.55 -17.70 -4.66
C ALA A 6 11.43 -18.33 -5.48
N GLY A 7 11.60 -18.34 -6.79
CA GLY A 7 10.60 -18.88 -7.69
C GLY A 7 9.50 -17.89 -7.99
N GLN A 8 9.22 -17.01 -7.05
CA GLN A 8 8.21 -15.98 -7.24
C GLN A 8 8.79 -14.60 -7.00
N VAL A 9 8.69 -13.74 -8.00
CA VAL A 9 9.06 -12.35 -7.85
C VAL A 9 7.85 -11.55 -7.38
N TYR A 10 7.96 -10.94 -6.23
CA TYR A 10 6.84 -10.26 -5.61
C TYR A 10 6.85 -8.79 -6.01
N ARG A 11 5.68 -8.28 -6.31
CA ARG A 11 5.56 -6.94 -6.83
C ARG A 11 4.87 -6.05 -5.82
N GLY A 12 5.37 -4.83 -5.69
CA GLY A 12 4.79 -3.89 -4.76
C GLY A 12 5.20 -2.49 -5.11
N PHE A 13 5.04 -1.58 -4.19
CA PHE A 13 5.39 -0.19 -4.41
C PHE A 13 5.77 0.49 -3.12
N ILE A 14 6.55 1.56 -3.23
CA ILE A 14 7.06 2.27 -2.07
C ILE A 14 5.96 3.10 -1.40
N ALA A 15 5.68 2.79 -0.14
CA ALA A 15 4.66 3.52 0.61
C ALA A 15 5.30 4.43 1.68
N VAL A 16 6.35 3.93 2.31
CA VAL A 16 7.03 4.68 3.37
C VAL A 16 8.54 4.63 3.18
N MET A 17 9.19 5.79 3.26
CA MET A 17 10.63 5.87 3.12
C MET A 17 11.24 6.52 4.35
N LYS A 18 12.25 5.87 4.90
CA LYS A 18 13.07 6.45 5.96
C LYS A 18 14.46 6.72 5.39
N GLU A 19 15.40 7.12 6.24
CA GLU A 19 16.75 7.37 5.77
C GLU A 19 17.58 6.09 5.80
N ASN A 20 17.09 5.10 6.53
CA ASN A 20 17.76 3.81 6.64
C ASN A 20 17.00 2.68 5.95
N PHE A 21 15.70 2.59 6.18
CA PHE A 21 14.89 1.50 5.62
C PHE A 21 13.51 1.99 5.19
N GLY A 22 12.68 1.06 4.76
CA GLY A 22 11.31 1.38 4.41
C GLY A 22 10.45 0.13 4.37
N PHE A 23 9.18 0.31 4.09
CA PHE A 23 8.26 -0.82 3.99
C PHE A 23 7.58 -0.81 2.64
N ILE A 24 7.44 -1.98 2.05
CA ILE A 24 6.87 -2.10 0.73
C ILE A 24 5.41 -2.51 0.81
N GLU A 25 4.55 -1.70 0.22
CA GLU A 25 3.14 -2.06 0.12
C GLU A 25 2.99 -3.09 -0.98
N THR A 26 2.52 -4.27 -0.61
CA THR A 26 2.39 -5.37 -1.55
C THR A 26 1.32 -5.10 -2.59
N LEU A 27 1.40 -5.81 -3.70
CA LEU A 27 0.52 -5.58 -4.83
C LEU A 27 -0.95 -5.69 -4.44
N SER A 28 -1.28 -6.76 -3.73
CA SER A 28 -2.64 -6.99 -3.32
C SER A 28 -2.72 -7.02 -1.79
N HIS A 29 -1.98 -6.09 -1.16
CA HIS A 29 -1.90 -5.97 0.30
C HIS A 29 -1.69 -7.34 0.96
N ASP A 30 -0.96 -8.20 0.25
CA ASP A 30 -0.67 -9.55 0.66
C ASP A 30 -0.10 -9.58 2.07
N GLU A 31 0.88 -8.71 2.31
CA GLU A 31 1.51 -8.57 3.61
C GLU A 31 2.39 -7.33 3.64
N GLU A 32 2.93 -7.01 4.80
CA GLU A 32 3.78 -5.85 4.94
C GLU A 32 5.23 -6.29 5.05
N VAL A 33 6.06 -5.82 4.12
CA VAL A 33 7.42 -6.30 4.00
C VAL A 33 8.43 -5.23 4.35
N PHE A 34 9.37 -5.58 5.22
CA PHE A 34 10.47 -4.70 5.57
C PHE A 34 11.63 -4.92 4.61
N PHE A 35 12.02 -3.87 3.92
CA PHE A 35 13.19 -3.92 3.06
C PHE A 35 14.19 -2.87 3.52
N HIS A 36 15.46 -3.17 3.38
CA HIS A 36 16.50 -2.21 3.75
C HIS A 36 17.15 -1.69 2.47
N PHE A 37 17.31 -0.37 2.38
CA PHE A 37 17.83 0.26 1.17
C PHE A 37 19.20 -0.28 0.77
N SER A 38 19.94 -0.83 1.73
CA SER A 38 21.25 -1.43 1.46
C SER A 38 21.13 -2.72 0.64
N ASN A 39 19.92 -3.27 0.57
CA ASN A 39 19.66 -4.48 -0.20
C ASN A 39 18.93 -4.11 -1.48
N TYR A 40 18.83 -2.82 -1.74
CA TYR A 40 18.18 -2.31 -2.92
C TYR A 40 19.20 -2.09 -4.04
N MET A 41 18.94 -2.66 -5.20
CA MET A 41 19.86 -2.54 -6.32
C MET A 41 19.42 -1.42 -7.24
N GLY A 42 20.08 -0.28 -7.14
CA GLY A 42 19.75 0.86 -7.96
C GLY A 42 20.00 2.17 -7.25
N ASN A 43 19.24 3.19 -7.60
CA ASN A 43 19.36 4.49 -6.95
C ASN A 43 18.18 4.71 -6.01
N PRO A 44 18.40 4.60 -4.70
CA PRO A 44 17.33 4.71 -3.69
C PRO A 44 16.97 6.15 -3.33
N ASN A 45 17.91 7.06 -3.50
CA ASN A 45 17.70 8.45 -3.15
C ASN A 45 16.70 9.08 -4.11
N TRP A 46 16.63 8.51 -5.30
CA TRP A 46 15.75 9.01 -6.34
C TRP A 46 14.45 8.22 -6.40
N LEU A 47 14.14 7.54 -5.31
CA LEU A 47 12.87 6.85 -5.18
C LEU A 47 11.79 7.79 -4.67
N GLU A 48 10.55 7.54 -5.07
CA GLU A 48 9.41 8.34 -4.67
C GLU A 48 8.28 7.44 -4.20
N LEU A 49 7.38 8.00 -3.40
CA LEU A 49 6.26 7.24 -2.86
C LEU A 49 5.26 6.93 -3.95
N GLY A 50 5.03 5.64 -4.18
CA GLY A 50 4.12 5.22 -5.22
C GLY A 50 4.83 4.53 -6.37
N GLN A 51 6.16 4.62 -6.38
CA GLN A 51 6.97 4.01 -7.42
C GLN A 51 6.87 2.48 -7.39
N GLU A 52 6.41 1.92 -8.50
CA GLU A 52 6.30 0.48 -8.65
C GLU A 52 7.67 -0.19 -8.61
N VAL A 53 7.80 -1.21 -7.78
CA VAL A 53 9.06 -1.95 -7.66
C VAL A 53 8.78 -3.45 -7.49
N GLU A 54 9.70 -4.28 -7.98
CA GLU A 54 9.58 -5.71 -7.81
C GLU A 54 10.83 -6.26 -7.13
N TYR A 55 10.66 -7.35 -6.39
CA TYR A 55 11.75 -7.87 -5.59
C TYR A 55 11.46 -9.30 -5.14
N THR A 56 12.41 -9.87 -4.41
CA THR A 56 12.26 -11.23 -3.90
C THR A 56 12.51 -11.28 -2.40
N LEU A 57 12.15 -12.40 -1.77
CA LEU A 57 12.31 -12.55 -0.33
C LEU A 57 13.45 -13.49 -0.01
N ALA A 58 14.12 -13.23 1.12
CA ALA A 58 15.23 -14.05 1.56
C ALA A 58 14.74 -15.21 2.44
N ARG A 59 13.54 -15.67 2.15
CA ARG A 59 12.88 -16.71 2.93
C ARG A 59 13.21 -18.11 2.39
N ASN A 60 14.43 -18.28 1.91
CA ASN A 60 14.83 -19.52 1.25
C ASN A 60 15.43 -20.52 2.23
N GLY A 61 14.61 -21.48 2.66
CA GLY A 61 15.08 -22.59 3.48
C GLY A 61 15.70 -22.14 4.79
N ASN A 62 15.13 -21.11 5.39
CA ASN A 62 15.64 -20.58 6.63
C ASN A 62 14.66 -20.88 7.76
N THR A 63 15.16 -20.96 8.98
CA THR A 63 14.33 -21.24 10.15
C THR A 63 13.36 -20.09 10.43
N SER A 64 13.71 -18.91 9.95
CA SER A 64 12.85 -17.74 10.08
C SER A 64 11.78 -17.77 8.99
N VAL A 65 11.11 -18.90 8.86
CA VAL A 65 10.04 -19.05 7.89
C VAL A 65 8.67 -18.82 8.53
N SER A 66 8.52 -19.23 9.80
CA SER A 66 7.27 -19.07 10.51
C SER A 66 7.06 -17.60 10.88
N GLY A 67 8.15 -16.89 11.09
CA GLY A 67 8.08 -15.50 11.45
C GLY A 67 9.45 -14.86 11.42
N ASN A 68 9.72 -14.05 12.43
CA ASN A 68 10.99 -13.30 12.52
C ASN A 68 11.30 -12.60 11.21
N CYS A 69 10.65 -11.47 10.99
CA CYS A 69 10.82 -10.67 9.79
C CYS A 69 12.29 -10.49 9.41
N LEU A 70 12.59 -10.72 8.16
CA LEU A 70 13.93 -10.53 7.63
C LEU A 70 13.88 -9.55 6.46
N PRO A 71 14.99 -8.84 6.19
CA PRO A 71 15.04 -7.88 5.09
C PRO A 71 14.89 -8.55 3.73
N ALA A 72 14.26 -7.85 2.81
CA ALA A 72 14.09 -8.34 1.45
C ALA A 72 15.28 -7.94 0.59
N GLU A 73 15.66 -8.80 -0.34
CA GLU A 73 16.83 -8.56 -1.16
C GLU A 73 16.46 -8.56 -2.64
N ASN A 74 17.36 -8.01 -3.46
CA ASN A 74 17.17 -7.96 -4.91
C ASN A 74 15.93 -7.13 -5.26
N VAL A 75 15.92 -5.89 -4.81
CA VAL A 75 14.82 -4.98 -5.11
C VAL A 75 15.15 -4.16 -6.36
N ARG A 76 14.29 -4.26 -7.37
CA ARG A 76 14.49 -3.57 -8.64
C ARG A 76 13.30 -2.68 -8.96
N MET A 77 13.54 -1.56 -9.62
CA MET A 77 12.47 -0.66 -10.02
C MET A 77 11.64 -1.29 -11.13
N LEU A 78 10.38 -0.88 -11.22
CA LEU A 78 9.47 -1.45 -12.19
C LEU A 78 8.86 -0.34 -13.03
N PRO A 79 8.62 -0.60 -14.33
CA PRO A 79 7.92 0.36 -15.20
C PRO A 79 6.50 0.64 -14.72
N LYS A 80 6.08 1.89 -14.87
CA LYS A 80 4.79 2.35 -14.38
C LYS A 80 3.64 1.62 -15.08
N ASN A 81 2.48 1.60 -14.40
CA ASN A 81 1.23 1.07 -14.95
C ASN A 81 1.25 -0.44 -15.03
N SER A 82 2.07 -1.06 -14.19
CA SER A 82 2.12 -2.51 -14.10
C SER A 82 1.24 -2.99 -12.94
N ILE A 83 0.49 -2.07 -12.35
CA ILE A 83 -0.38 -2.39 -11.22
C ILE A 83 -1.85 -2.35 -11.67
N PRO A 84 -2.64 -3.36 -11.32
CA PRO A 84 -4.07 -3.41 -11.68
C PRO A 84 -4.90 -2.38 -10.93
N GLN A 85 -5.97 -1.91 -11.56
CA GLN A 85 -6.87 -0.95 -10.95
C GLN A 85 -8.33 -1.36 -11.21
N PRO A 86 -9.23 -1.09 -10.24
CA PRO A 86 -10.64 -1.49 -10.32
C PRO A 86 -11.33 -1.05 -11.60
N ALA A 87 -12.05 -1.97 -12.23
CA ALA A 87 -12.76 -1.68 -13.46
C ALA A 87 -14.20 -1.28 -13.16
N VAL A 88 -14.44 0.02 -13.07
CA VAL A 88 -15.78 0.54 -12.82
C VAL A 88 -16.01 1.74 -13.74
N LEU A 89 -17.26 1.99 -14.13
CA LEU A 89 -17.53 3.09 -15.06
C LEU A 89 -17.47 4.44 -14.34
N GLU A 90 -18.37 4.68 -13.40
CA GLU A 90 -18.35 5.94 -12.67
C GLU A 90 -17.59 5.79 -11.36
N THR A 91 -18.05 4.87 -10.52
CA THR A 91 -17.53 4.64 -9.17
C THR A 91 -18.38 3.59 -8.47
N THR A 92 -17.97 3.18 -7.28
CA THR A 92 -18.74 2.19 -6.53
C THR A 92 -19.48 2.86 -5.37
N HIS A 93 -18.72 3.51 -4.48
CA HIS A 93 -19.29 4.27 -3.37
C HIS A 93 -18.26 5.18 -2.74
N ASN A 94 -18.67 5.93 -1.75
CA ASN A 94 -17.83 6.97 -1.16
C ASN A 94 -17.81 6.86 0.35
N GLY A 95 -17.11 7.77 0.99
CA GLY A 95 -17.04 7.77 2.44
C GLY A 95 -16.24 8.95 2.96
N VAL A 96 -15.82 8.86 4.21
CA VAL A 96 -15.02 9.91 4.82
C VAL A 96 -13.79 9.31 5.49
N VAL A 97 -12.67 10.02 5.49
CA VAL A 97 -11.44 9.53 6.10
C VAL A 97 -11.66 9.28 7.60
N ALA A 98 -11.45 8.03 8.03
CA ALA A 98 -11.78 7.62 9.38
C ALA A 98 -10.81 8.17 10.42
N ARG A 99 -9.53 7.85 10.30
CA ARG A 99 -8.56 8.28 11.31
C ARG A 99 -7.13 8.14 10.80
N PRO A 100 -6.19 8.89 11.40
CA PRO A 100 -4.77 8.76 11.12
C PRO A 100 -4.12 7.64 11.93
N LEU A 101 -2.88 7.31 11.61
CA LEU A 101 -2.17 6.22 12.27
C LEU A 101 -1.40 6.73 13.48
N ARG A 102 -2.04 6.75 14.65
CA ARG A 102 -1.37 7.15 15.88
C ARG A 102 -0.91 5.94 16.68
N CYS A 103 -1.88 5.16 17.17
CA CYS A 103 -1.61 3.99 17.98
C CYS A 103 -1.52 2.73 17.13
N ILE A 104 -1.63 2.92 15.82
CA ILE A 104 -1.66 1.81 14.88
C ILE A 104 -0.33 1.07 14.82
N ASN A 105 0.77 1.82 14.99
CA ASN A 105 2.13 1.28 14.91
C ASN A 105 2.50 0.95 13.46
N PRO A 106 3.51 1.65 12.91
CA PRO A 106 3.89 1.56 11.49
C PRO A 106 4.54 0.21 11.11
N ASP A 107 4.63 -0.69 12.08
CA ASP A 107 5.21 -2.01 11.86
C ASP A 107 4.11 -3.06 11.80
N GLN A 108 2.93 -2.61 11.38
CA GLN A 108 1.75 -3.47 11.28
C GLN A 108 0.92 -3.08 10.06
N GLN A 109 0.35 -4.09 9.39
CA GLN A 109 -0.35 -3.93 8.10
C GLN A 109 -1.43 -2.84 8.14
N GLU A 110 -1.98 -2.55 9.31
CA GLU A 110 -3.06 -1.56 9.43
C GLU A 110 -2.50 -0.14 9.30
N TYR A 111 -1.20 -0.06 9.05
CA TYR A 111 -0.50 1.21 8.84
C TYR A 111 -1.05 1.97 7.64
N ALA A 112 -1.65 1.26 6.69
CA ALA A 112 -2.08 1.84 5.43
C ALA A 112 -3.16 2.91 5.62
N GLY A 113 -3.94 2.77 6.69
CA GLY A 113 -5.01 3.71 6.95
C GLY A 113 -6.34 3.20 6.47
N LEU A 114 -7.42 3.80 6.95
CA LEU A 114 -8.75 3.28 6.67
C LEU A 114 -9.78 4.38 6.49
N ILE A 115 -10.74 4.10 5.63
CA ILE A 115 -11.85 5.00 5.35
C ILE A 115 -13.15 4.36 5.86
N GLU A 116 -14.01 5.16 6.48
CA GLU A 116 -15.28 4.64 6.96
C GLU A 116 -16.34 4.79 5.87
N ILE A 117 -16.91 3.67 5.47
CA ILE A 117 -17.87 3.63 4.39
C ILE A 117 -19.29 3.62 4.96
N LEU A 118 -20.13 4.51 4.46
CA LEU A 118 -21.50 4.61 4.95
C LEU A 118 -22.40 3.65 4.18
N ASP A 119 -23.52 3.29 4.80
CA ASP A 119 -24.53 2.46 4.13
C ASP A 119 -25.14 3.26 2.98
N GLU A 120 -25.88 2.58 2.11
CA GLU A 120 -26.51 3.26 0.97
C GLU A 120 -27.64 4.17 1.45
N LEU A 121 -28.08 3.96 2.68
CA LEU A 121 -29.11 4.80 3.28
C LEU A 121 -28.47 5.82 4.21
N ARG A 122 -27.14 5.73 4.33
CA ARG A 122 -26.37 6.53 5.29
C ARG A 122 -26.92 6.37 6.69
N THR A 123 -26.56 5.29 7.35
CA THR A 123 -27.00 5.04 8.71
C THR A 123 -25.82 4.83 9.65
N THR A 124 -24.89 3.99 9.23
CA THR A 124 -23.72 3.68 10.02
C THR A 124 -22.49 3.48 9.14
N VAL A 125 -21.37 3.14 9.76
CA VAL A 125 -20.20 2.70 9.03
C VAL A 125 -20.27 1.19 8.85
N ILE A 126 -20.07 0.71 7.64
CA ILE A 126 -20.20 -0.71 7.36
C ILE A 126 -19.07 -1.50 8.04
N SER A 127 -17.86 -1.34 7.55
CA SER A 127 -16.70 -1.85 8.26
C SER A 127 -15.54 -0.86 8.22
N GLN A 128 -14.78 -0.94 7.13
CA GLN A 128 -13.63 -0.08 6.89
C GLN A 128 -13.06 -0.38 5.51
N HIS A 129 -12.68 0.62 4.74
CA HIS A 129 -12.00 0.38 3.47
C HIS A 129 -10.57 0.88 3.54
N GLU A 130 -9.68 0.03 3.09
CA GLU A 130 -8.26 0.28 3.15
C GLU A 130 -7.81 0.93 1.85
N PHE A 131 -6.91 1.90 1.95
CA PHE A 131 -6.44 2.60 0.77
C PHE A 131 -4.93 2.41 0.59
N GLY A 132 -4.52 2.25 -0.67
CA GLY A 132 -3.13 2.04 -1.00
C GLY A 132 -2.43 3.32 -1.40
N ILE A 133 -1.12 3.40 -1.19
CA ILE A 133 -0.33 4.56 -1.59
C ILE A 133 -0.51 4.86 -3.08
N THR A 134 -0.75 3.82 -3.87
CA THR A 134 -0.97 3.95 -5.29
C THR A 134 -2.39 4.44 -5.56
N SER A 135 -3.27 4.18 -4.60
CA SER A 135 -4.67 4.57 -4.69
C SER A 135 -4.81 6.06 -4.38
N LEU A 136 -3.90 6.56 -3.57
CA LEU A 136 -3.91 7.94 -3.12
C LEU A 136 -3.45 8.89 -4.21
N VAL A 137 -4.17 8.91 -5.33
CA VAL A 137 -3.87 9.81 -6.44
C VAL A 137 -3.59 11.23 -5.94
N ASN A 138 -4.42 11.72 -5.03
CA ASN A 138 -4.24 13.06 -4.45
C ASN A 138 -3.41 13.00 -3.16
N LYS A 139 -2.46 12.07 -3.12
CA LYS A 139 -1.57 11.87 -1.96
C LYS A 139 -0.88 13.15 -1.52
N ARG A 140 -0.76 14.10 -2.43
CA ARG A 140 -0.07 15.36 -2.17
C ARG A 140 -0.95 16.33 -1.39
N ASP A 141 -2.26 16.08 -1.42
CA ASP A 141 -3.23 17.00 -0.84
C ASP A 141 -3.18 17.01 0.68
N LEU A 142 -3.78 18.05 1.25
CA LEU A 142 -3.84 18.24 2.70
C LEU A 142 -4.99 17.42 3.29
N LEU A 143 -5.21 16.25 2.70
CA LEU A 143 -6.32 15.38 3.09
C LEU A 143 -6.15 14.90 4.53
N GLN A 144 -7.19 15.10 5.34
CA GLN A 144 -7.16 14.70 6.75
C GLN A 144 -8.44 13.96 7.12
N LYS A 145 -8.60 13.66 8.42
CA LYS A 145 -9.80 13.04 8.92
C LYS A 145 -10.98 13.97 8.77
N GLY A 146 -12.11 13.44 8.37
CA GLY A 146 -13.31 14.23 8.24
C GLY A 146 -13.51 14.75 6.83
N ASP A 147 -12.57 14.48 5.94
CA ASP A 147 -12.71 14.85 4.55
C ASP A 147 -13.36 13.74 3.75
N LEU A 148 -14.25 14.12 2.84
CA LEU A 148 -14.99 13.16 2.03
C LEU A 148 -14.16 12.67 0.86
N VAL A 149 -14.28 11.39 0.56
CA VAL A 149 -13.50 10.79 -0.51
C VAL A 149 -14.39 10.04 -1.51
N SER A 150 -14.01 10.11 -2.78
CA SER A 150 -14.68 9.36 -3.82
C SER A 150 -13.71 8.35 -4.42
N PHE A 151 -14.11 7.09 -4.46
CA PHE A 151 -13.23 6.03 -4.91
C PHE A 151 -14.03 4.96 -5.65
N ARG A 152 -13.34 4.05 -6.32
CA ARG A 152 -14.03 2.91 -6.90
C ARG A 152 -13.38 1.62 -6.46
N ILE A 153 -14.18 0.79 -5.82
CA ILE A 153 -13.81 -0.55 -5.41
C ILE A 153 -14.41 -1.59 -6.35
N ASP A 154 -13.60 -2.51 -6.84
CA ASP A 154 -14.12 -3.55 -7.74
C ASP A 154 -13.36 -4.86 -7.60
N GLU A 155 -12.29 -5.04 -8.36
CA GLU A 155 -11.59 -6.32 -8.39
C GLU A 155 -10.66 -6.49 -7.19
N SER A 156 -10.08 -5.40 -6.72
CA SER A 156 -9.16 -5.44 -5.60
C SER A 156 -9.90 -5.40 -4.26
N GLY A 157 -11.16 -5.00 -4.28
CA GLY A 157 -11.95 -4.94 -3.06
C GLY A 157 -11.44 -3.89 -2.08
N ARG A 158 -10.72 -2.91 -2.58
CA ARG A 158 -10.17 -1.84 -1.76
C ARG A 158 -10.61 -0.50 -2.34
N ALA A 159 -10.30 0.59 -1.63
CA ALA A 159 -10.58 1.91 -2.14
C ALA A 159 -9.42 2.37 -3.01
N ALA A 160 -9.64 2.41 -4.31
CA ALA A 160 -8.58 2.74 -5.25
C ALA A 160 -9.03 3.86 -6.17
N CYS A 161 -8.05 4.56 -6.76
CA CYS A 161 -8.33 5.76 -7.56
C CYS A 161 -9.10 6.77 -6.70
N VAL A 162 -8.85 6.72 -5.40
CA VAL A 162 -9.60 7.50 -4.44
C VAL A 162 -9.20 8.97 -4.50
N ASN A 163 -10.20 9.82 -4.66
CA ASN A 163 -9.97 11.25 -4.82
C ASN A 163 -10.78 12.02 -3.80
N ALA A 164 -10.13 12.96 -3.13
CA ALA A 164 -10.79 13.84 -2.18
C ALA A 164 -11.90 14.63 -2.87
N VAL A 165 -13.10 14.57 -2.32
CA VAL A 165 -14.25 15.24 -2.92
C VAL A 165 -14.22 16.74 -2.66
N ARG A 166 -14.17 17.52 -3.73
CA ARG A 166 -14.19 18.97 -3.64
C ARG A 166 -15.62 19.50 -3.70
N GLN A 167 -15.82 20.69 -3.15
CA GLN A 167 -17.12 21.32 -3.14
C GLN A 167 -17.41 21.98 -4.48
N LYS A 168 -18.60 21.75 -4.99
CA LYS A 168 -19.02 22.30 -6.27
C LYS A 168 -19.77 23.62 -6.07
N GLY A 1 22.19 -23.76 -12.31
CA GLY A 1 21.69 -25.11 -12.16
C GLY A 1 20.31 -25.28 -12.74
N ALA A 2 19.78 -26.49 -12.68
CA ALA A 2 18.44 -26.78 -13.19
C ALA A 2 17.54 -27.30 -12.08
N GLY A 3 16.35 -26.73 -11.98
CA GLY A 3 15.44 -27.12 -10.93
C GLY A 3 15.27 -26.03 -9.90
N SER A 4 14.29 -25.16 -10.11
CA SER A 4 14.07 -24.04 -9.21
C SER A 4 12.59 -23.67 -9.14
N ASP A 5 12.01 -23.79 -7.94
CA ASP A 5 10.65 -23.35 -7.71
C ASP A 5 10.67 -22.19 -6.71
N ALA A 6 11.85 -21.60 -6.60
CA ALA A 6 12.07 -20.50 -5.69
C ALA A 6 12.72 -19.35 -6.43
N GLY A 7 13.03 -18.27 -5.72
CA GLY A 7 13.57 -17.10 -6.36
C GLY A 7 12.46 -16.23 -6.93
N GLN A 8 11.28 -16.40 -6.34
CA GLN A 8 10.09 -15.67 -6.77
C GLN A 8 10.28 -14.17 -6.62
N VAL A 9 10.18 -13.47 -7.72
CA VAL A 9 10.22 -12.01 -7.71
C VAL A 9 8.81 -11.48 -7.43
N TYR A 10 8.69 -10.83 -6.30
CA TYR A 10 7.40 -10.33 -5.84
C TYR A 10 7.28 -8.86 -6.18
N ARG A 11 6.06 -8.43 -6.39
CA ARG A 11 5.80 -7.07 -6.79
C ARG A 11 5.18 -6.30 -5.64
N GLY A 12 5.45 -5.01 -5.59
CA GLY A 12 4.90 -4.18 -4.54
C GLY A 12 5.36 -2.75 -4.70
N PHE A 13 4.79 -1.86 -3.92
CA PHE A 13 5.06 -0.44 -4.08
C PHE A 13 5.59 0.16 -2.78
N ILE A 14 6.53 1.09 -2.92
CA ILE A 14 7.15 1.74 -1.77
C ILE A 14 6.11 2.51 -0.96
N ALA A 15 5.93 2.12 0.29
CA ALA A 15 4.96 2.79 1.15
C ALA A 15 5.67 3.50 2.31
N VAL A 16 6.65 2.82 2.90
CA VAL A 16 7.38 3.37 4.02
C VAL A 16 8.85 3.60 3.67
N MET A 17 9.30 4.84 3.83
CA MET A 17 10.70 5.17 3.64
C MET A 17 11.28 5.72 4.93
N LYS A 18 12.15 4.93 5.56
CA LYS A 18 12.82 5.36 6.77
C LYS A 18 14.20 5.91 6.43
N GLU A 19 15.03 6.10 7.45
CA GLU A 19 16.36 6.65 7.25
C GLU A 19 17.34 5.57 6.83
N ASN A 20 17.08 4.34 7.23
CA ASN A 20 17.97 3.22 6.90
C ASN A 20 17.30 2.26 5.92
N PHE A 21 16.04 1.94 6.18
CA PHE A 21 15.32 0.94 5.40
C PHE A 21 13.91 1.40 5.09
N GLY A 22 13.09 0.50 4.56
CA GLY A 22 11.70 0.83 4.32
C GLY A 22 10.83 -0.40 4.26
N PHE A 23 9.52 -0.19 4.15
CA PHE A 23 8.58 -1.29 4.02
C PHE A 23 7.76 -1.13 2.75
N ILE A 24 7.53 -2.25 2.08
CA ILE A 24 6.84 -2.24 0.80
C ILE A 24 5.45 -2.85 0.95
N GLU A 25 4.44 -2.16 0.42
CA GLU A 25 3.10 -2.69 0.38
C GLU A 25 3.03 -3.72 -0.74
N THR A 26 2.98 -5.00 -0.37
CA THR A 26 2.96 -6.06 -1.36
C THR A 26 1.72 -5.97 -2.24
N LEU A 27 1.86 -6.41 -3.48
CA LEU A 27 0.77 -6.36 -4.44
C LEU A 27 -0.50 -6.98 -3.86
N SER A 28 -0.36 -8.17 -3.29
CA SER A 28 -1.49 -8.88 -2.70
C SER A 28 -1.77 -8.42 -1.26
N HIS A 29 -1.01 -7.41 -0.81
CA HIS A 29 -1.09 -6.86 0.56
C HIS A 29 -1.27 -7.96 1.61
N ASP A 30 -0.57 -9.06 1.39
CA ASP A 30 -0.69 -10.23 2.26
C ASP A 30 0.28 -10.12 3.43
N GLU A 31 1.47 -9.62 3.13
CA GLU A 31 2.53 -9.51 4.11
C GLU A 31 3.32 -8.22 3.89
N GLU A 32 4.06 -7.81 4.89
CA GLU A 32 4.92 -6.64 4.77
C GLU A 32 6.36 -7.06 4.62
N VAL A 33 7.02 -6.55 3.61
CA VAL A 33 8.39 -6.95 3.36
C VAL A 33 9.35 -5.86 3.78
N PHE A 34 10.33 -6.26 4.57
CA PHE A 34 11.41 -5.38 4.96
C PHE A 34 12.45 -5.33 3.85
N PHE A 35 12.61 -4.17 3.24
CA PHE A 35 13.64 -4.02 2.22
C PHE A 35 14.65 -2.98 2.69
N HIS A 36 15.90 -3.18 2.33
CA HIS A 36 16.95 -2.28 2.76
C HIS A 36 17.45 -1.48 1.55
N PHE A 37 17.55 -0.16 1.71
CA PHE A 37 18.03 0.70 0.62
C PHE A 37 19.45 0.33 0.20
N SER A 38 20.16 -0.37 1.07
CA SER A 38 21.50 -0.86 0.76
C SER A 38 21.46 -1.96 -0.31
N ASN A 39 20.30 -2.63 -0.44
CA ASN A 39 20.15 -3.69 -1.43
C ASN A 39 19.29 -3.23 -2.59
N TYR A 40 19.07 -1.93 -2.67
CA TYR A 40 18.25 -1.36 -3.73
C TYR A 40 19.10 -1.05 -4.95
N MET A 41 18.60 -1.45 -6.12
CA MET A 41 19.29 -1.21 -7.37
C MET A 41 18.75 0.06 -8.03
N GLY A 42 19.56 1.11 -8.04
CA GLY A 42 19.14 2.35 -8.65
C GLY A 42 19.53 3.55 -7.80
N ASN A 43 18.66 4.54 -7.76
CA ASN A 43 18.91 5.75 -6.98
C ASN A 43 17.87 5.87 -5.87
N PRO A 44 18.25 5.55 -4.63
CA PRO A 44 17.32 5.53 -3.49
C PRO A 44 16.81 6.91 -3.11
N ASN A 45 17.58 7.94 -3.47
CA ASN A 45 17.21 9.31 -3.12
C ASN A 45 16.28 9.89 -4.18
N TRP A 46 16.05 9.13 -5.24
CA TRP A 46 15.16 9.53 -6.30
C TRP A 46 13.92 8.65 -6.32
N LEU A 47 13.66 7.99 -5.19
CA LEU A 47 12.49 7.13 -5.05
C LEU A 47 11.29 7.94 -4.56
N GLU A 48 10.10 7.41 -4.83
CA GLU A 48 8.86 8.08 -4.48
C GLU A 48 7.90 7.14 -3.77
N LEU A 49 6.98 7.71 -3.01
CA LEU A 49 5.97 6.93 -2.32
C LEU A 49 4.93 6.42 -3.30
N GLY A 50 4.77 5.11 -3.37
CA GLY A 50 3.86 4.52 -4.32
C GLY A 50 4.56 4.00 -5.54
N GLN A 51 5.89 4.07 -5.53
CA GLN A 51 6.70 3.62 -6.66
C GLN A 51 6.71 2.10 -6.77
N GLU A 52 6.24 1.61 -7.90
CA GLU A 52 6.27 0.19 -8.22
C GLU A 52 7.71 -0.34 -8.29
N VAL A 53 7.96 -1.43 -7.58
CA VAL A 53 9.26 -2.09 -7.61
C VAL A 53 9.08 -3.61 -7.60
N GLU A 54 9.93 -4.30 -8.33
CA GLU A 54 9.92 -5.74 -8.32
C GLU A 54 11.22 -6.24 -7.71
N TYR A 55 11.13 -7.22 -6.84
CA TYR A 55 12.25 -7.64 -6.03
C TYR A 55 12.09 -9.08 -5.55
N THR A 56 13.19 -9.71 -5.17
CA THR A 56 13.15 -11.08 -4.71
C THR A 56 13.49 -11.19 -3.23
N LEU A 57 12.87 -12.14 -2.54
CA LEU A 57 13.14 -12.34 -1.11
C LEU A 57 14.39 -13.19 -0.91
N ALA A 58 15.18 -12.81 0.08
CA ALA A 58 16.39 -13.54 0.42
C ALA A 58 16.07 -14.69 1.37
N ARG A 59 15.92 -14.35 2.65
CA ARG A 59 15.68 -15.30 3.74
C ARG A 59 16.35 -16.65 3.49
N ASN A 60 17.69 -16.62 3.44
CA ASN A 60 18.47 -17.80 3.10
C ASN A 60 19.28 -18.28 4.30
N GLY A 61 20.28 -17.52 4.69
CA GLY A 61 21.15 -17.93 5.77
C GLY A 61 21.39 -16.85 6.80
N ASN A 62 21.14 -17.18 8.06
CA ASN A 62 21.42 -16.30 9.21
C ASN A 62 20.74 -14.94 9.07
N THR A 63 19.66 -14.89 8.33
CA THR A 63 18.99 -13.63 8.05
C THR A 63 17.84 -13.37 9.02
N SER A 64 17.89 -14.03 10.17
CA SER A 64 16.86 -13.88 11.20
C SER A 64 17.20 -12.76 12.18
N VAL A 65 18.00 -11.81 11.73
CA VAL A 65 18.45 -10.71 12.58
C VAL A 65 17.29 -9.81 13.01
N SER A 66 16.22 -9.78 12.20
CA SER A 66 15.06 -8.95 12.51
C SER A 66 13.88 -9.84 12.91
N GLY A 67 14.18 -11.10 13.20
CA GLY A 67 13.18 -12.02 13.68
C GLY A 67 12.28 -12.54 12.57
N ASN A 68 11.26 -11.77 12.26
CA ASN A 68 10.28 -12.17 11.25
C ASN A 68 10.45 -11.33 9.99
N CYS A 69 10.98 -10.13 10.14
CA CYS A 69 11.23 -9.26 9.01
C CYS A 69 12.41 -9.79 8.24
N LEU A 70 12.15 -10.22 7.02
CA LEU A 70 13.16 -10.87 6.20
C LEU A 70 13.58 -9.94 5.08
N PRO A 71 14.89 -9.68 4.97
CA PRO A 71 15.44 -8.74 3.99
C PRO A 71 15.18 -9.15 2.55
N ALA A 72 15.02 -8.15 1.70
CA ALA A 72 14.81 -8.37 0.28
C ALA A 72 16.06 -7.96 -0.50
N GLU A 73 16.42 -8.77 -1.48
CA GLU A 73 17.60 -8.51 -2.29
C GLU A 73 17.21 -8.32 -3.74
N ASN A 74 18.02 -7.55 -4.47
CA ASN A 74 17.75 -7.24 -5.88
C ASN A 74 16.41 -6.53 -6.02
N VAL A 75 16.38 -5.28 -5.60
CA VAL A 75 15.18 -4.47 -5.69
C VAL A 75 15.30 -3.46 -6.82
N ARG A 76 14.51 -3.66 -7.87
CA ARG A 76 14.58 -2.80 -9.05
C ARG A 76 13.23 -2.14 -9.33
N MET A 77 13.27 -0.89 -9.76
CA MET A 77 12.06 -0.17 -10.15
C MET A 77 11.57 -0.65 -11.52
N LEU A 78 10.27 -0.68 -11.70
CA LEU A 78 9.68 -0.98 -12.99
C LEU A 78 8.66 0.10 -13.34
N PRO A 79 8.26 0.21 -14.63
CA PRO A 79 7.27 1.21 -15.05
C PRO A 79 5.91 1.01 -14.40
N LYS A 80 5.08 2.04 -14.47
CA LYS A 80 3.77 2.04 -13.85
C LYS A 80 2.77 1.28 -14.73
N ASN A 81 1.51 1.21 -14.27
CA ASN A 81 0.41 0.57 -15.00
C ASN A 81 0.47 -0.95 -14.87
N SER A 82 1.35 -1.41 -14.00
CA SER A 82 1.41 -2.82 -13.67
C SER A 82 0.31 -3.19 -12.68
N ILE A 83 0.01 -2.24 -11.80
CA ILE A 83 -1.01 -2.43 -10.77
C ILE A 83 -2.39 -2.17 -11.36
N PRO A 84 -3.33 -3.12 -11.21
CA PRO A 84 -4.68 -2.98 -11.74
C PRO A 84 -5.55 -2.05 -10.92
N GLN A 85 -6.42 -1.30 -11.60
CA GLN A 85 -7.40 -0.49 -10.91
C GLN A 85 -8.76 -1.18 -11.01
N PRO A 86 -9.47 -1.31 -9.87
CA PRO A 86 -10.76 -2.02 -9.81
C PRO A 86 -11.68 -1.68 -10.97
N ALA A 87 -12.11 -2.72 -11.67
CA ALA A 87 -12.98 -2.56 -12.82
C ALA A 87 -14.37 -2.06 -12.41
N VAL A 88 -14.52 -0.74 -12.41
CA VAL A 88 -15.80 -0.09 -12.19
C VAL A 88 -15.87 1.10 -13.13
N LEU A 89 -16.97 1.23 -13.87
CA LEU A 89 -17.04 2.20 -14.95
C LEU A 89 -16.93 3.65 -14.46
N GLU A 90 -17.88 4.11 -13.65
CA GLU A 90 -17.83 5.47 -13.14
C GLU A 90 -17.18 5.52 -11.77
N THR A 91 -17.74 4.73 -10.85
CA THR A 91 -17.30 4.71 -9.46
C THR A 91 -18.28 3.91 -8.61
N THR A 92 -17.85 3.46 -7.44
CA THR A 92 -18.69 2.59 -6.60
C THR A 92 -19.29 3.34 -5.41
N HIS A 93 -18.43 3.90 -4.56
CA HIS A 93 -18.88 4.48 -3.30
C HIS A 93 -18.19 5.79 -2.99
N ASN A 94 -18.67 6.44 -1.94
CA ASN A 94 -18.07 7.67 -1.42
C ASN A 94 -18.05 7.61 0.10
N GLY A 95 -17.24 8.46 0.71
CA GLY A 95 -17.17 8.52 2.15
C GLY A 95 -16.12 9.50 2.60
N VAL A 96 -16.01 9.68 3.91
CA VAL A 96 -15.01 10.57 4.46
C VAL A 96 -13.90 9.76 5.12
N VAL A 97 -12.78 10.40 5.32
CA VAL A 97 -11.66 9.78 6.03
C VAL A 97 -12.03 9.54 7.49
N ALA A 98 -11.87 8.30 7.95
CA ALA A 98 -12.28 7.92 9.28
C ALA A 98 -11.32 8.49 10.34
N ARG A 99 -10.02 8.38 10.09
CA ARG A 99 -9.02 8.95 11.00
C ARG A 99 -7.62 8.89 10.42
N PRO A 100 -6.80 9.92 10.70
CA PRO A 100 -5.38 9.89 10.38
C PRO A 100 -4.62 8.99 11.36
N LEU A 101 -3.43 8.54 10.97
CA LEU A 101 -2.72 7.56 11.78
C LEU A 101 -1.44 8.13 12.37
N ARG A 102 -1.54 8.68 13.57
CA ARG A 102 -0.38 9.19 14.30
C ARG A 102 0.12 8.13 15.27
N CYS A 103 -0.73 7.72 16.20
CA CYS A 103 -0.35 6.75 17.22
C CYS A 103 -0.66 5.32 16.80
N ILE A 104 -1.04 5.13 15.55
CA ILE A 104 -1.48 3.81 15.09
C ILE A 104 -0.41 3.16 14.19
N ASN A 105 0.87 3.46 14.49
CA ASN A 105 2.01 2.84 13.81
C ASN A 105 2.06 3.13 12.32
N PRO A 106 2.87 4.12 11.91
CA PRO A 106 3.03 4.47 10.51
C PRO A 106 4.00 3.55 9.77
N ASP A 107 4.65 2.66 10.52
CA ASP A 107 5.60 1.72 9.95
C ASP A 107 5.09 0.28 10.05
N GLN A 108 3.78 0.13 10.06
CA GLN A 108 3.15 -1.18 10.16
C GLN A 108 2.00 -1.26 9.16
N GLN A 109 1.55 -2.46 8.81
CA GLN A 109 0.47 -2.63 7.83
C GLN A 109 -0.79 -1.85 8.23
N GLU A 110 -0.94 -1.58 9.52
CA GLU A 110 -2.09 -0.84 10.03
C GLU A 110 -2.07 0.60 9.52
N TYR A 111 -0.90 1.04 9.06
CA TYR A 111 -0.72 2.39 8.51
C TYR A 111 -1.64 2.68 7.34
N ALA A 112 -2.14 1.62 6.70
CA ALA A 112 -2.97 1.76 5.50
C ALA A 112 -4.28 2.50 5.81
N GLY A 113 -4.61 2.65 7.09
CA GLY A 113 -5.73 3.47 7.49
C GLY A 113 -7.06 2.91 7.02
N LEU A 114 -8.14 3.65 7.29
CA LEU A 114 -9.47 3.19 6.93
C LEU A 114 -10.40 4.35 6.66
N ILE A 115 -11.23 4.20 5.65
CA ILE A 115 -12.22 5.18 5.27
C ILE A 115 -13.59 4.71 5.75
N GLU A 116 -14.36 5.61 6.34
CA GLU A 116 -15.70 5.26 6.76
C GLU A 116 -16.66 5.45 5.60
N ILE A 117 -17.18 4.33 5.12
CA ILE A 117 -17.95 4.31 3.89
C ILE A 117 -19.39 4.67 4.16
N LEU A 118 -19.98 5.42 3.26
CA LEU A 118 -21.32 5.90 3.45
C LEU A 118 -22.32 4.86 2.98
N ASP A 119 -23.36 4.67 3.78
CA ASP A 119 -24.46 3.80 3.45
C ASP A 119 -25.09 4.20 2.11
N GLU A 120 -25.70 3.25 1.40
CA GLU A 120 -26.26 3.51 0.08
C GLU A 120 -27.31 4.61 0.11
N LEU A 121 -27.96 4.79 1.25
CA LEU A 121 -28.96 5.84 1.39
C LEU A 121 -28.36 7.08 2.04
N ARG A 122 -27.01 7.13 2.07
CA ARG A 122 -26.28 8.27 2.62
C ARG A 122 -26.57 8.39 4.12
N THR A 123 -26.79 7.25 4.75
CA THR A 123 -27.14 7.20 6.16
C THR A 123 -25.90 7.43 7.04
N THR A 124 -25.15 6.35 7.30
CA THR A 124 -23.99 6.43 8.18
C THR A 124 -22.84 5.59 7.64
N VAL A 125 -21.81 5.39 8.44
CA VAL A 125 -20.71 4.50 8.08
C VAL A 125 -21.20 3.06 8.06
N ILE A 126 -20.77 2.30 7.06
CA ILE A 126 -21.17 0.90 6.98
C ILE A 126 -20.26 0.03 7.83
N SER A 127 -19.03 -0.12 7.40
CA SER A 127 -18.04 -0.87 8.17
C SER A 127 -16.69 -0.15 8.20
N GLN A 128 -15.88 -0.41 7.16
CA GLN A 128 -14.56 0.17 7.02
C GLN A 128 -13.96 -0.26 5.68
N HIS A 129 -13.31 0.65 4.96
CA HIS A 129 -12.56 0.26 3.77
C HIS A 129 -11.12 0.75 3.89
N GLU A 130 -10.20 -0.15 3.58
CA GLU A 130 -8.78 0.15 3.68
C GLU A 130 -8.28 0.80 2.40
N PHE A 131 -7.25 1.64 2.50
CA PHE A 131 -6.70 2.28 1.31
C PHE A 131 -5.20 2.00 1.16
N GLY A 132 -4.79 1.79 -0.08
CA GLY A 132 -3.39 1.52 -0.39
C GLY A 132 -2.64 2.77 -0.81
N ILE A 133 -1.33 2.78 -0.62
CA ILE A 133 -0.51 3.92 -1.03
C ILE A 133 -0.66 4.23 -2.52
N THR A 134 -1.06 3.22 -3.29
CA THR A 134 -1.32 3.38 -4.71
C THR A 134 -2.72 3.94 -4.93
N SER A 135 -3.60 3.69 -3.97
CA SER A 135 -4.96 4.18 -4.01
C SER A 135 -4.97 5.68 -3.71
N LEU A 136 -4.01 6.11 -2.91
CA LEU A 136 -3.86 7.51 -2.53
C LEU A 136 -3.26 8.34 -3.67
N VAL A 137 -3.95 8.38 -4.79
CA VAL A 137 -3.51 9.16 -5.96
C VAL A 137 -2.99 10.54 -5.55
N ASN A 138 -3.74 11.24 -4.71
CA ASN A 138 -3.36 12.57 -4.24
C ASN A 138 -2.74 12.51 -2.85
N LYS A 139 -1.99 11.45 -2.59
CA LYS A 139 -1.41 11.16 -1.26
C LYS A 139 -0.69 12.35 -0.61
N ARG A 140 -0.22 13.30 -1.42
CA ARG A 140 0.54 14.43 -0.89
C ARG A 140 -0.39 15.51 -0.36
N ASP A 141 -1.67 15.37 -0.67
CA ASP A 141 -2.69 16.32 -0.22
C ASP A 141 -2.91 16.17 1.27
N LEU A 142 -3.23 17.27 1.93
CA LEU A 142 -3.50 17.23 3.36
C LEU A 142 -4.92 16.76 3.61
N LEU A 143 -5.06 15.45 3.68
CA LEU A 143 -6.37 14.82 3.79
C LEU A 143 -6.61 14.36 5.22
N GLN A 144 -7.52 15.05 5.90
CA GLN A 144 -7.80 14.79 7.31
C GLN A 144 -9.10 14.04 7.47
N LYS A 145 -9.49 13.79 8.72
CA LYS A 145 -10.75 13.14 9.01
C LYS A 145 -11.91 14.04 8.61
N GLY A 146 -12.95 13.43 8.06
CA GLY A 146 -14.15 14.19 7.75
C GLY A 146 -14.14 14.74 6.34
N ASP A 147 -13.04 14.56 5.62
CA ASP A 147 -13.00 15.07 4.25
C ASP A 147 -13.47 13.99 3.28
N LEU A 148 -14.22 14.41 2.26
CA LEU A 148 -14.89 13.47 1.38
C LEU A 148 -14.00 13.02 0.24
N VAL A 149 -13.98 11.71 0.02
CA VAL A 149 -13.17 11.12 -1.04
C VAL A 149 -14.04 10.28 -1.97
N SER A 150 -13.59 10.17 -3.21
CA SER A 150 -14.25 9.31 -4.19
C SER A 150 -13.34 8.14 -4.53
N PHE A 151 -13.92 6.96 -4.68
CA PHE A 151 -13.15 5.73 -4.92
C PHE A 151 -14.07 4.64 -5.43
N ARG A 152 -13.50 3.56 -5.93
CA ARG A 152 -14.32 2.42 -6.30
C ARG A 152 -13.73 1.12 -5.79
N ILE A 153 -14.54 0.40 -5.04
CA ILE A 153 -14.19 -0.92 -4.56
C ILE A 153 -14.84 -1.99 -5.43
N ASP A 154 -14.11 -3.07 -5.69
CA ASP A 154 -14.69 -4.24 -6.35
C ASP A 154 -13.75 -5.44 -6.25
N GLU A 155 -12.82 -5.55 -7.19
CA GLU A 155 -11.91 -6.70 -7.23
C GLU A 155 -10.85 -6.63 -6.13
N SER A 156 -10.38 -5.41 -5.85
CA SER A 156 -9.34 -5.22 -4.84
C SER A 156 -9.91 -5.37 -3.44
N GLY A 157 -11.23 -5.29 -3.32
CA GLY A 157 -11.86 -5.37 -2.01
C GLY A 157 -11.41 -4.26 -1.07
N ARG A 158 -10.87 -3.19 -1.64
CA ARG A 158 -10.38 -2.05 -0.88
C ARG A 158 -10.77 -0.77 -1.59
N ALA A 159 -10.43 0.37 -1.00
CA ALA A 159 -10.74 1.64 -1.61
C ALA A 159 -9.59 2.09 -2.51
N ALA A 160 -9.81 2.04 -3.81
CA ALA A 160 -8.78 2.43 -4.77
C ALA A 160 -9.27 3.57 -5.66
N CYS A 161 -8.32 4.24 -6.31
CA CYS A 161 -8.61 5.41 -7.13
C CYS A 161 -9.17 6.55 -6.27
N VAL A 162 -8.63 6.65 -5.05
CA VAL A 162 -9.10 7.61 -4.07
C VAL A 162 -8.76 9.04 -4.48
N ASN A 163 -9.80 9.82 -4.75
CA ASN A 163 -9.63 11.23 -5.08
C ASN A 163 -10.46 12.09 -4.14
N ALA A 164 -9.79 12.97 -3.39
CA ALA A 164 -10.47 13.89 -2.50
C ALA A 164 -11.41 14.80 -3.28
N VAL A 165 -12.70 14.69 -3.00
CA VAL A 165 -13.71 15.39 -3.77
C VAL A 165 -14.66 16.18 -2.87
N ARG A 166 -14.68 17.49 -3.04
CA ARG A 166 -15.59 18.35 -2.31
C ARG A 166 -16.79 18.71 -3.20
N GLN A 167 -17.97 18.71 -2.61
CA GLN A 167 -19.20 18.93 -3.35
C GLN A 167 -19.68 20.36 -3.20
N LYS A 168 -20.35 20.82 -4.23
CA LYS A 168 -20.98 22.14 -4.22
C LYS A 168 -22.49 22.00 -4.10
N GLY A 1 9.64 -32.63 -1.24
CA GLY A 1 8.60 -31.94 -0.49
C GLY A 1 9.14 -30.68 0.17
N ALA A 2 10.42 -30.72 0.50
CA ALA A 2 11.08 -29.58 1.12
C ALA A 2 11.96 -28.85 0.12
N GLY A 3 11.56 -27.65 -0.26
CA GLY A 3 12.31 -26.89 -1.24
C GLY A 3 13.19 -25.85 -0.60
N SER A 4 13.83 -25.04 -1.43
CA SER A 4 14.74 -24.00 -0.95
C SER A 4 13.98 -22.73 -0.60
N ASP A 5 13.05 -22.36 -1.48
CA ASP A 5 12.32 -21.11 -1.32
C ASP A 5 10.95 -21.22 -1.98
N ALA A 6 10.20 -20.12 -1.94
CA ALA A 6 8.82 -20.11 -2.44
C ALA A 6 8.77 -19.96 -3.96
N GLY A 7 9.84 -19.42 -4.54
CA GLY A 7 9.87 -19.18 -5.97
C GLY A 7 8.89 -18.11 -6.39
N GLN A 8 8.52 -17.25 -5.46
CA GLN A 8 7.54 -16.21 -5.72
C GLN A 8 8.15 -14.82 -5.57
N VAL A 9 8.08 -14.05 -6.64
CA VAL A 9 8.55 -12.68 -6.62
C VAL A 9 7.38 -11.76 -6.29
N TYR A 10 7.53 -10.99 -5.23
CA TYR A 10 6.45 -10.18 -4.73
C TYR A 10 6.52 -8.79 -5.33
N ARG A 11 5.37 -8.27 -5.73
CA ARG A 11 5.30 -6.96 -6.34
C ARG A 11 4.71 -5.96 -5.36
N GLY A 12 5.23 -4.76 -5.38
CA GLY A 12 4.75 -3.72 -4.51
C GLY A 12 5.24 -2.37 -4.94
N PHE A 13 4.96 -1.36 -4.14
CA PHE A 13 5.33 -0.01 -4.49
C PHE A 13 5.80 0.74 -3.25
N ILE A 14 6.79 1.61 -3.45
CA ILE A 14 7.41 2.36 -2.37
C ILE A 14 6.40 3.28 -1.70
N ALA A 15 6.10 3.02 -0.44
CA ALA A 15 5.19 3.85 0.34
C ALA A 15 5.96 4.72 1.32
N VAL A 16 6.92 4.12 2.01
CA VAL A 16 7.74 4.84 2.97
C VAL A 16 9.20 4.84 2.55
N MET A 17 9.77 6.03 2.42
CA MET A 17 11.17 6.19 2.08
C MET A 17 11.87 7.03 3.14
N LYS A 18 12.75 6.40 3.91
CA LYS A 18 13.54 7.12 4.90
C LYS A 18 14.94 7.37 4.36
N GLU A 19 15.80 7.91 5.20
CA GLU A 19 17.17 8.18 4.83
C GLU A 19 18.02 6.91 4.96
N ASN A 20 17.54 5.95 5.74
CA ASN A 20 18.29 4.72 5.98
C ASN A 20 17.60 3.51 5.34
N PHE A 21 16.31 3.38 5.58
CA PHE A 21 15.55 2.23 5.10
C PHE A 21 14.17 2.68 4.63
N GLY A 22 13.32 1.74 4.27
CA GLY A 22 11.97 2.08 3.86
C GLY A 22 11.01 0.93 4.03
N PHE A 23 9.76 1.18 3.73
CA PHE A 23 8.72 0.17 3.81
C PHE A 23 7.94 0.12 2.49
N ILE A 24 7.63 -1.08 2.06
CA ILE A 24 6.96 -1.28 0.78
C ILE A 24 5.55 -1.81 1.00
N GLU A 25 4.57 -1.11 0.42
CA GLU A 25 3.21 -1.61 0.40
C GLU A 25 3.13 -2.77 -0.59
N THR A 26 2.51 -3.85 -0.17
CA THR A 26 2.42 -5.03 -0.99
C THR A 26 1.22 -4.91 -1.94
N LEU A 27 1.35 -5.53 -3.10
CA LEU A 27 0.35 -5.43 -4.15
C LEU A 27 -1.07 -5.67 -3.62
N SER A 28 -1.22 -6.73 -2.84
CA SER A 28 -2.51 -7.12 -2.32
C SER A 28 -2.62 -6.84 -0.83
N HIS A 29 -1.90 -5.82 -0.37
CA HIS A 29 -1.82 -5.42 1.04
C HIS A 29 -1.77 -6.65 1.96
N ASP A 30 -0.76 -7.46 1.70
CA ASP A 30 -0.54 -8.71 2.42
C ASP A 30 0.22 -8.44 3.71
N GLU A 31 1.12 -7.48 3.64
CA GLU A 31 1.91 -7.05 4.80
C GLU A 31 2.76 -5.84 4.43
N GLU A 32 3.44 -5.28 5.42
CA GLU A 32 4.43 -4.25 5.18
C GLU A 32 5.80 -4.88 5.29
N VAL A 33 6.63 -4.68 4.30
CA VAL A 33 7.93 -5.33 4.26
C VAL A 33 9.03 -4.36 4.64
N PHE A 34 9.81 -4.73 5.65
CA PHE A 34 11.00 -3.97 5.99
C PHE A 34 12.04 -4.12 4.87
N PHE A 35 12.29 -3.03 4.19
CA PHE A 35 13.24 -3.04 3.11
C PHE A 35 14.37 -2.05 3.35
N HIS A 36 15.57 -2.58 3.37
CA HIS A 36 16.75 -1.75 3.58
C HIS A 36 17.38 -1.45 2.21
N PHE A 37 17.62 -0.18 1.94
CA PHE A 37 18.13 0.26 0.63
C PHE A 37 19.49 -0.34 0.32
N SER A 38 20.18 -0.81 1.35
CA SER A 38 21.47 -1.45 1.19
C SER A 38 21.37 -2.68 0.28
N ASN A 39 20.24 -3.39 0.37
CA ASN A 39 20.04 -4.60 -0.44
C ASN A 39 19.27 -4.31 -1.71
N TYR A 40 19.30 -3.05 -2.14
CA TYR A 40 18.58 -2.63 -3.33
C TYR A 40 19.49 -2.65 -4.54
N MET A 41 18.95 -3.11 -5.66
CA MET A 41 19.70 -3.17 -6.91
C MET A 41 19.36 -1.97 -7.79
N GLY A 42 20.28 -1.03 -7.89
CA GLY A 42 20.07 0.14 -8.71
C GLY A 42 20.27 1.43 -7.94
N ASN A 43 19.56 2.48 -8.33
CA ASN A 43 19.67 3.77 -7.67
C ASN A 43 18.42 4.07 -6.85
N PRO A 44 18.48 3.93 -5.52
CA PRO A 44 17.33 4.15 -4.64
C PRO A 44 16.94 5.62 -4.54
N ASN A 45 17.87 6.51 -4.87
CA ASN A 45 17.61 7.94 -4.82
C ASN A 45 16.65 8.33 -5.94
N TRP A 46 16.60 7.50 -6.97
CA TRP A 46 15.81 7.78 -8.15
C TRP A 46 14.46 7.07 -8.05
N LEU A 47 14.09 6.72 -6.83
CA LEU A 47 12.81 6.12 -6.55
C LEU A 47 11.82 7.17 -6.09
N GLU A 48 10.55 6.91 -6.32
CA GLU A 48 9.49 7.82 -5.93
C GLU A 48 8.47 7.09 -5.07
N LEU A 49 7.65 7.84 -4.34
CA LEU A 49 6.57 7.26 -3.60
C LEU A 49 5.47 6.81 -4.56
N GLY A 50 5.26 5.50 -4.63
CA GLY A 50 4.36 4.97 -5.63
C GLY A 50 5.09 4.28 -6.76
N GLN A 51 6.42 4.18 -6.65
CA GLN A 51 7.22 3.49 -7.64
C GLN A 51 7.03 1.99 -7.52
N GLU A 52 6.82 1.36 -8.66
CA GLU A 52 6.56 -0.07 -8.73
C GLU A 52 7.87 -0.85 -8.79
N VAL A 53 8.01 -1.83 -7.90
CA VAL A 53 9.22 -2.64 -7.81
C VAL A 53 8.88 -4.12 -7.57
N GLU A 54 9.82 -4.99 -7.88
CA GLU A 54 9.68 -6.43 -7.62
C GLU A 54 10.81 -6.89 -6.70
N TYR A 55 10.50 -7.76 -5.75
CA TYR A 55 11.48 -8.18 -4.77
C TYR A 55 11.09 -9.48 -4.07
N THR A 56 12.00 -10.01 -3.27
CA THR A 56 11.78 -11.24 -2.55
C THR A 56 12.17 -11.10 -1.08
N LEU A 57 11.62 -11.95 -0.23
CA LEU A 57 11.87 -11.89 1.20
C LEU A 57 13.07 -12.74 1.59
N ALA A 58 13.78 -12.32 2.62
CA ALA A 58 14.94 -13.04 3.10
C ALA A 58 14.73 -13.56 4.51
N ARG A 59 14.40 -14.82 4.62
CA ARG A 59 14.26 -15.48 5.91
C ARG A 59 15.04 -16.79 5.89
N ASN A 60 16.35 -16.65 6.01
CA ASN A 60 17.25 -17.80 5.98
C ASN A 60 17.29 -18.50 7.33
N GLY A 61 16.80 -17.82 8.35
CA GLY A 61 16.81 -18.38 9.69
C GLY A 61 15.64 -17.88 10.50
N ASN A 62 15.46 -18.46 11.68
CA ASN A 62 14.37 -18.05 12.57
C ASN A 62 14.78 -16.85 13.41
N THR A 63 15.29 -15.82 12.74
CA THR A 63 15.75 -14.60 13.40
C THR A 63 14.56 -13.71 13.79
N SER A 64 13.53 -14.34 14.34
CA SER A 64 12.29 -13.65 14.68
C SER A 64 12.41 -12.91 16.02
N VAL A 65 13.62 -12.90 16.57
CA VAL A 65 13.87 -12.29 17.86
C VAL A 65 14.22 -10.82 17.72
N SER A 66 14.98 -10.48 16.69
CA SER A 66 15.50 -9.13 16.52
C SER A 66 14.75 -8.38 15.42
N GLY A 67 13.55 -8.84 15.08
CA GLY A 67 12.77 -8.22 14.05
C GLY A 67 11.50 -8.98 13.76
N ASN A 68 10.40 -8.25 13.65
CA ASN A 68 9.10 -8.86 13.32
C ASN A 68 9.04 -9.21 11.85
N CYS A 69 9.44 -8.28 10.99
CA CYS A 69 9.46 -8.50 9.56
C CYS A 69 10.90 -8.59 9.05
N LEU A 70 11.19 -9.67 8.33
CA LEU A 70 12.51 -9.92 7.81
C LEU A 70 12.89 -8.91 6.73
N PRO A 71 14.20 -8.70 6.52
CA PRO A 71 14.72 -7.83 5.46
C PRO A 71 14.37 -8.35 4.06
N ALA A 72 14.32 -7.44 3.10
CA ALA A 72 14.06 -7.80 1.71
C ALA A 72 15.35 -7.75 0.90
N GLU A 73 15.47 -8.66 -0.06
CA GLU A 73 16.60 -8.70 -0.96
C GLU A 73 16.12 -8.87 -2.40
N ASN A 74 17.02 -8.69 -3.36
CA ASN A 74 16.69 -8.85 -4.78
C ASN A 74 15.60 -7.85 -5.18
N VAL A 75 15.77 -6.61 -4.74
CA VAL A 75 14.79 -5.57 -5.00
C VAL A 75 15.15 -4.81 -6.26
N ARG A 76 14.32 -4.92 -7.28
CA ARG A 76 14.55 -4.24 -8.55
C ARG A 76 13.31 -3.44 -8.95
N MET A 77 13.49 -2.51 -9.88
CA MET A 77 12.39 -1.68 -10.35
C MET A 77 11.53 -2.43 -11.37
N LEU A 78 10.28 -2.03 -11.44
CA LEU A 78 9.36 -2.51 -12.45
C LEU A 78 8.85 -1.34 -13.29
N PRO A 79 8.36 -1.61 -14.50
CA PRO A 79 7.76 -0.58 -15.35
C PRO A 79 6.50 0.01 -14.72
N LYS A 80 6.20 1.24 -15.07
CA LYS A 80 5.12 1.96 -14.45
C LYS A 80 3.77 1.52 -15.01
N ASN A 81 2.75 1.58 -14.17
CA ASN A 81 1.37 1.24 -14.55
C ASN A 81 1.23 -0.27 -14.75
N SER A 82 2.01 -1.04 -14.01
CA SER A 82 1.94 -2.48 -14.07
C SER A 82 0.91 -2.99 -13.08
N ILE A 83 0.47 -2.09 -12.21
CA ILE A 83 -0.54 -2.42 -11.19
C ILE A 83 -1.93 -2.28 -11.80
N PRO A 84 -2.80 -3.29 -11.60
CA PRO A 84 -4.16 -3.28 -12.15
C PRO A 84 -5.06 -2.26 -11.46
N GLN A 85 -6.03 -1.74 -12.20
CA GLN A 85 -6.96 -0.76 -11.66
C GLN A 85 -8.39 -1.21 -11.90
N PRO A 86 -9.31 -0.85 -10.98
CA PRO A 86 -10.71 -1.30 -11.03
C PRO A 86 -11.52 -0.68 -12.17
N ALA A 87 -12.16 -1.52 -12.95
CA ALA A 87 -13.02 -1.07 -14.02
C ALA A 87 -14.37 -0.61 -13.48
N VAL A 88 -14.49 0.68 -13.23
CA VAL A 88 -15.74 1.28 -12.77
C VAL A 88 -15.99 2.57 -13.55
N LEU A 89 -17.11 2.64 -14.25
CA LEU A 89 -17.37 3.74 -15.17
C LEU A 89 -17.55 5.07 -14.42
N GLU A 90 -18.59 5.16 -13.58
CA GLU A 90 -18.89 6.41 -12.91
C GLU A 90 -18.24 6.50 -11.54
N THR A 91 -18.50 5.50 -10.71
CA THR A 91 -18.02 5.45 -9.34
C THR A 91 -18.74 4.32 -8.60
N THR A 92 -18.18 3.83 -7.51
CA THR A 92 -18.81 2.76 -6.77
C THR A 92 -19.41 3.27 -5.46
N HIS A 93 -18.57 3.85 -4.61
CA HIS A 93 -19.01 4.31 -3.30
C HIS A 93 -18.26 5.57 -2.90
N ASN A 94 -18.80 6.27 -1.91
CA ASN A 94 -18.11 7.40 -1.31
C ASN A 94 -17.92 7.12 0.17
N GLY A 95 -17.20 7.98 0.86
CA GLY A 95 -17.06 7.81 2.29
C GLY A 95 -16.16 8.87 2.88
N VAL A 96 -15.87 8.73 4.15
CA VAL A 96 -14.96 9.63 4.81
C VAL A 96 -13.77 8.86 5.36
N VAL A 97 -12.70 9.57 5.65
CA VAL A 97 -11.52 8.97 6.24
C VAL A 97 -11.85 8.46 7.64
N ALA A 98 -11.64 7.16 7.86
CA ALA A 98 -12.02 6.53 9.11
C ALA A 98 -11.02 6.81 10.22
N ARG A 99 -9.73 6.70 9.92
CA ARG A 99 -8.71 6.97 10.92
C ARG A 99 -7.32 6.93 10.30
N PRO A 100 -6.55 8.01 10.46
CA PRO A 100 -5.15 8.06 10.02
C PRO A 100 -4.22 7.39 11.03
N LEU A 101 -3.16 6.77 10.54
CA LEU A 101 -2.24 6.04 11.40
C LEU A 101 -1.28 6.99 12.12
N ARG A 102 -1.67 7.43 13.30
CA ARG A 102 -0.78 8.20 14.15
C ARG A 102 -0.12 7.31 15.20
N CYS A 103 -0.92 6.76 16.10
CA CYS A 103 -0.43 5.89 17.16
C CYS A 103 -0.52 4.43 16.74
N ILE A 104 -0.98 4.20 15.51
CA ILE A 104 -1.19 2.85 15.01
C ILE A 104 0.15 2.15 14.74
N ASN A 105 1.09 2.90 14.14
CA ASN A 105 2.40 2.38 13.76
C ASN A 105 2.31 1.45 12.55
N PRO A 106 3.35 1.45 11.70
CA PRO A 106 3.41 0.59 10.51
C PRO A 106 3.55 -0.89 10.89
N ASP A 107 4.00 -1.12 12.11
CA ASP A 107 4.20 -2.47 12.63
C ASP A 107 2.86 -3.14 12.90
N GLN A 108 1.80 -2.34 12.92
CA GLN A 108 0.45 -2.84 13.15
C GLN A 108 -0.26 -3.06 11.81
N GLN A 109 -1.25 -3.95 11.81
CA GLN A 109 -1.96 -4.34 10.59
C GLN A 109 -2.72 -3.17 9.95
N GLU A 110 -3.03 -2.15 10.74
CA GLU A 110 -3.83 -1.01 10.26
C GLU A 110 -2.95 0.04 9.58
N TYR A 111 -1.73 -0.36 9.24
CA TYR A 111 -0.73 0.53 8.65
C TYR A 111 -1.27 1.32 7.45
N ALA A 112 -2.02 0.67 6.58
CA ALA A 112 -2.37 1.28 5.30
C ALA A 112 -3.49 2.32 5.45
N GLY A 113 -4.12 2.37 6.62
CA GLY A 113 -5.14 3.35 6.87
C GLY A 113 -6.50 2.95 6.31
N LEU A 114 -7.57 3.40 6.94
CA LEU A 114 -8.90 2.92 6.56
C LEU A 114 -9.88 4.06 6.26
N ILE A 115 -10.78 3.80 5.33
CA ILE A 115 -11.85 4.71 4.97
C ILE A 115 -13.19 4.13 5.42
N GLU A 116 -14.06 4.99 5.89
CA GLU A 116 -15.36 4.59 6.43
C GLU A 116 -16.42 4.63 5.34
N ILE A 117 -16.86 3.44 4.91
CA ILE A 117 -17.80 3.31 3.81
C ILE A 117 -19.23 3.31 4.33
N LEU A 118 -20.09 4.09 3.71
CA LEU A 118 -21.47 4.19 4.17
C LEU A 118 -22.35 3.18 3.44
N ASP A 119 -23.44 2.80 4.09
CA ASP A 119 -24.51 2.02 3.46
C ASP A 119 -25.00 2.76 2.22
N GLU A 120 -25.42 2.04 1.19
CA GLU A 120 -25.72 2.65 -0.11
C GLU A 120 -26.88 3.65 -0.03
N LEU A 121 -27.69 3.55 1.00
CA LEU A 121 -28.79 4.48 1.19
C LEU A 121 -28.42 5.50 2.26
N ARG A 122 -27.13 5.55 2.60
CA ARG A 122 -26.61 6.38 3.69
C ARG A 122 -27.30 6.03 5.00
N THR A 123 -26.83 4.97 5.62
CA THR A 123 -27.35 4.57 6.90
C THR A 123 -26.24 4.66 7.95
N THR A 124 -25.29 3.74 7.87
CA THR A 124 -24.15 3.70 8.78
C THR A 124 -22.91 3.20 8.06
N VAL A 125 -21.82 3.04 8.79
CA VAL A 125 -20.60 2.47 8.24
C VAL A 125 -20.77 0.98 8.01
N ILE A 126 -20.28 0.47 6.89
CA ILE A 126 -20.39 -0.95 6.61
C ILE A 126 -19.31 -1.71 7.36
N SER A 127 -18.07 -1.53 6.95
CA SER A 127 -16.97 -2.12 7.67
C SER A 127 -15.78 -1.15 7.77
N GLN A 128 -14.94 -1.21 6.75
CA GLN A 128 -13.80 -0.33 6.58
C GLN A 128 -13.10 -0.68 5.27
N HIS A 129 -12.67 0.31 4.50
CA HIS A 129 -11.88 0.04 3.31
C HIS A 129 -10.50 0.63 3.43
N GLU A 130 -9.51 -0.22 3.34
CA GLU A 130 -8.12 0.21 3.45
C GLU A 130 -7.68 0.82 2.12
N PHE A 131 -6.75 1.78 2.18
CA PHE A 131 -6.28 2.45 0.98
C PHE A 131 -4.79 2.21 0.76
N GLY A 132 -4.28 2.70 -0.37
CA GLY A 132 -2.90 2.47 -0.72
C GLY A 132 -2.25 3.73 -1.25
N ILE A 133 -0.93 3.84 -1.11
CA ILE A 133 -0.17 5.00 -1.61
C ILE A 133 -0.50 5.28 -3.08
N THR A 134 -0.83 4.23 -3.83
CA THR A 134 -1.19 4.35 -5.23
C THR A 134 -2.59 4.94 -5.38
N SER A 135 -3.49 4.55 -4.48
CA SER A 135 -4.83 5.08 -4.45
C SER A 135 -4.81 6.54 -4.00
N LEU A 136 -3.75 6.90 -3.29
CA LEU A 136 -3.57 8.25 -2.78
C LEU A 136 -3.15 9.22 -3.89
N VAL A 137 -3.98 9.35 -4.90
CA VAL A 137 -3.78 10.35 -5.96
C VAL A 137 -3.47 11.72 -5.35
N ASN A 138 -4.20 12.05 -4.29
CA ASN A 138 -4.04 13.33 -3.59
C ASN A 138 -3.12 13.16 -2.37
N LYS A 139 -2.13 12.28 -2.50
CA LYS A 139 -1.23 11.89 -1.40
C LYS A 139 -0.58 13.07 -0.68
N ARG A 140 -0.43 14.20 -1.37
CA ARG A 140 0.25 15.33 -0.77
C ARG A 140 -0.69 16.17 0.09
N ASP A 141 -1.99 15.97 -0.09
CA ASP A 141 -2.98 16.78 0.64
C ASP A 141 -3.08 16.31 2.09
N LEU A 142 -3.42 17.24 2.97
CA LEU A 142 -3.60 16.93 4.38
C LEU A 142 -5.02 16.44 4.62
N LEU A 143 -5.30 15.23 4.15
CA LEU A 143 -6.62 14.64 4.28
C LEU A 143 -6.85 14.16 5.71
N GLN A 144 -7.90 14.66 6.35
CA GLN A 144 -8.14 14.39 7.76
C GLN A 144 -9.32 13.44 7.96
N LYS A 145 -9.51 13.01 9.20
CA LYS A 145 -10.54 12.04 9.53
C LYS A 145 -11.92 12.68 9.42
N GLY A 146 -12.82 11.99 8.76
CA GLY A 146 -14.18 12.47 8.64
C GLY A 146 -14.38 13.39 7.46
N ASP A 147 -13.34 13.57 6.64
CA ASP A 147 -13.48 14.41 5.46
C ASP A 147 -13.98 13.58 4.28
N LEU A 148 -14.67 14.24 3.38
CA LEU A 148 -15.35 13.56 2.28
C LEU A 148 -14.37 13.15 1.20
N VAL A 149 -14.37 11.85 0.91
CA VAL A 149 -13.49 11.31 -0.10
C VAL A 149 -14.28 10.39 -1.03
N SER A 150 -13.85 10.33 -2.29
CA SER A 150 -14.48 9.47 -3.27
C SER A 150 -13.46 8.49 -3.85
N PHE A 151 -13.95 7.34 -4.29
CA PHE A 151 -13.09 6.25 -4.75
C PHE A 151 -13.93 5.23 -5.52
N ARG A 152 -13.27 4.30 -6.20
CA ARG A 152 -13.99 3.22 -6.85
C ARG A 152 -13.39 1.87 -6.49
N ILE A 153 -14.22 1.02 -5.93
CA ILE A 153 -13.85 -0.36 -5.62
C ILE A 153 -14.40 -1.31 -6.69
N ASP A 154 -13.58 -2.27 -7.09
CA ASP A 154 -14.02 -3.34 -8.00
C ASP A 154 -12.96 -4.43 -8.09
N GLU A 155 -12.03 -4.29 -9.03
CA GLU A 155 -10.93 -5.23 -9.18
C GLU A 155 -9.89 -5.00 -8.11
N SER A 156 -9.93 -3.82 -7.52
CA SER A 156 -9.01 -3.46 -6.46
C SER A 156 -9.46 -4.07 -5.13
N GLY A 157 -10.73 -4.45 -5.07
CA GLY A 157 -11.31 -5.04 -3.86
C GLY A 157 -11.27 -4.12 -2.64
N ARG A 158 -10.79 -2.91 -2.83
CA ARG A 158 -10.75 -1.92 -1.77
C ARG A 158 -10.75 -0.52 -2.37
N ALA A 159 -10.33 0.47 -1.61
CA ALA A 159 -10.45 1.85 -2.06
C ALA A 159 -9.27 2.23 -2.94
N ALA A 160 -9.56 2.52 -4.19
CA ALA A 160 -8.54 2.87 -5.16
C ALA A 160 -8.91 4.16 -5.86
N CYS A 161 -7.90 4.93 -6.24
CA CYS A 161 -8.10 6.24 -6.88
C CYS A 161 -8.98 7.13 -6.00
N VAL A 162 -8.56 7.33 -4.75
CA VAL A 162 -9.31 8.17 -3.84
C VAL A 162 -9.06 9.65 -4.15
N ASN A 163 -10.11 10.43 -4.03
CA ASN A 163 -10.02 11.87 -4.30
C ASN A 163 -10.81 12.64 -3.26
N ALA A 164 -10.13 13.51 -2.53
CA ALA A 164 -10.78 14.40 -1.57
C ALA A 164 -11.71 15.37 -2.29
N VAL A 165 -13.00 15.11 -2.21
CA VAL A 165 -13.99 15.96 -2.82
C VAL A 165 -15.18 16.18 -1.88
N ARG A 166 -15.40 17.43 -1.51
CA ARG A 166 -16.49 17.76 -0.60
C ARG A 166 -17.70 18.26 -1.39
N GLN A 167 -18.81 17.55 -1.25
CA GLN A 167 -20.05 17.92 -1.89
C GLN A 167 -21.10 18.20 -0.83
N LYS A 168 -22.17 18.85 -1.23
CA LYS A 168 -23.23 19.23 -0.31
C LYS A 168 -24.31 18.16 -0.26
N GLY A 1 19.62 -24.03 4.67
CA GLY A 1 20.44 -23.92 3.48
C GLY A 1 19.76 -24.52 2.27
N ALA A 2 18.75 -23.83 1.75
CA ALA A 2 18.00 -24.29 0.59
C ALA A 2 18.61 -23.75 -0.71
N GLY A 3 18.37 -22.47 -0.98
CA GLY A 3 18.88 -21.87 -2.20
C GLY A 3 17.83 -21.81 -3.29
N SER A 4 16.79 -22.62 -3.14
CA SER A 4 15.69 -22.65 -4.09
C SER A 4 14.54 -21.77 -3.61
N ASP A 5 14.89 -20.61 -3.04
CA ASP A 5 13.92 -19.70 -2.45
C ASP A 5 12.96 -19.13 -3.48
N ALA A 6 11.78 -19.75 -3.56
CA ALA A 6 10.69 -19.33 -4.44
C ALA A 6 11.09 -19.33 -5.92
N GLY A 7 11.73 -18.25 -6.35
CA GLY A 7 12.00 -18.07 -7.76
C GLY A 7 11.00 -17.15 -8.42
N GLN A 8 10.00 -16.75 -7.63
CA GLN A 8 8.95 -15.86 -8.11
C GLN A 8 9.29 -14.42 -7.84
N VAL A 9 9.10 -13.58 -8.85
CA VAL A 9 9.35 -12.16 -8.72
C VAL A 9 8.04 -11.41 -8.60
N TYR A 10 7.96 -10.56 -7.59
CA TYR A 10 6.73 -9.87 -7.27
C TYR A 10 6.90 -8.38 -7.53
N ARG A 11 5.81 -7.73 -7.90
CA ARG A 11 5.85 -6.32 -8.25
C ARG A 11 5.11 -5.51 -7.17
N GLY A 12 5.69 -4.40 -6.79
CA GLY A 12 5.08 -3.55 -5.79
C GLY A 12 5.53 -2.12 -5.93
N PHE A 13 5.23 -1.30 -4.93
CA PHE A 13 5.58 0.11 -4.96
C PHE A 13 5.94 0.62 -3.57
N ILE A 14 6.84 1.59 -3.54
CA ILE A 14 7.29 2.19 -2.28
C ILE A 14 6.18 2.99 -1.63
N ALA A 15 5.78 2.60 -0.43
CA ALA A 15 4.74 3.32 0.29
C ALA A 15 5.32 4.06 1.48
N VAL A 16 6.11 3.35 2.28
CA VAL A 16 6.73 3.95 3.45
C VAL A 16 8.25 3.76 3.38
N MET A 17 8.98 4.79 3.78
CA MET A 17 10.42 4.77 3.68
C MET A 17 11.06 5.22 5.00
N LYS A 18 11.89 4.36 5.57
CA LYS A 18 12.72 4.75 6.71
C LYS A 18 14.16 4.88 6.25
N GLU A 19 15.04 5.03 7.20
CA GLU A 19 16.47 5.16 6.91
C GLU A 19 17.14 3.79 6.85
N ASN A 20 16.50 2.79 7.44
CA ASN A 20 17.06 1.44 7.45
C ASN A 20 16.22 0.50 6.58
N PHE A 21 14.91 0.52 6.77
CA PHE A 21 14.03 -0.41 6.08
C PHE A 21 12.72 0.27 5.72
N GLY A 22 11.87 -0.46 5.01
CA GLY A 22 10.57 0.05 4.64
C GLY A 22 9.59 -1.06 4.39
N PHE A 23 8.35 -0.70 4.19
CA PHE A 23 7.32 -1.68 3.88
C PHE A 23 6.82 -1.45 2.47
N ILE A 24 6.86 -2.50 1.67
CA ILE A 24 6.47 -2.38 0.27
C ILE A 24 5.00 -2.73 0.10
N GLU A 25 4.25 -1.82 -0.50
CA GLU A 25 2.88 -2.09 -0.86
C GLU A 25 2.84 -3.08 -2.01
N THR A 26 2.21 -4.20 -1.76
CA THR A 26 2.10 -5.24 -2.74
C THR A 26 1.23 -4.78 -3.91
N LEU A 27 1.35 -5.45 -5.04
CA LEU A 27 0.71 -5.02 -6.27
C LEU A 27 -0.80 -4.86 -6.10
N SER A 28 -1.43 -5.84 -5.50
CA SER A 28 -2.86 -5.81 -5.29
C SER A 28 -3.17 -5.36 -3.87
N HIS A 29 -2.14 -4.83 -3.20
CA HIS A 29 -2.22 -4.43 -1.79
C HIS A 29 -2.56 -5.65 -0.93
N ASP A 30 -2.01 -6.79 -1.35
CA ASP A 30 -2.21 -8.08 -0.71
C ASP A 30 -1.85 -8.03 0.77
N GLU A 31 -0.60 -7.66 1.05
CA GLU A 31 -0.05 -7.70 2.39
C GLU A 31 1.15 -6.78 2.49
N GLU A 32 1.76 -6.68 3.66
CA GLU A 32 2.92 -5.83 3.84
C GLU A 32 4.20 -6.66 3.89
N VAL A 33 5.19 -6.24 3.11
CA VAL A 33 6.46 -6.93 3.06
C VAL A 33 7.55 -6.11 3.72
N PHE A 34 8.29 -6.73 4.61
CA PHE A 34 9.43 -6.09 5.24
C PHE A 34 10.65 -6.16 4.31
N PHE A 35 11.07 -5.00 3.84
CA PHE A 35 12.27 -4.90 3.03
C PHE A 35 13.28 -3.95 3.69
N HIS A 36 14.52 -4.39 3.77
CA HIS A 36 15.57 -3.59 4.37
C HIS A 36 16.41 -2.97 3.27
N PHE A 37 16.54 -1.64 3.29
CA PHE A 37 17.19 -0.89 2.21
C PHE A 37 18.67 -1.27 2.05
N SER A 38 19.23 -1.84 3.10
CA SER A 38 20.62 -2.33 3.04
C SER A 38 20.77 -3.38 1.92
N ASN A 39 19.67 -4.02 1.54
CA ASN A 39 19.69 -5.04 0.50
C ASN A 39 19.08 -4.50 -0.79
N TYR A 40 19.04 -3.19 -0.91
CA TYR A 40 18.49 -2.54 -2.09
C TYR A 40 19.55 -2.41 -3.17
N MET A 41 19.15 -2.62 -4.42
CA MET A 41 20.07 -2.51 -5.53
C MET A 41 19.72 -1.30 -6.39
N GLY A 42 20.29 -0.16 -6.05
CA GLY A 42 20.03 1.06 -6.79
C GLY A 42 20.26 2.30 -5.95
N ASN A 43 19.83 3.44 -6.45
CA ASN A 43 20.00 4.71 -5.76
C ASN A 43 18.72 5.10 -5.03
N PRO A 44 18.68 4.90 -3.70
CA PRO A 44 17.47 5.11 -2.90
C PRO A 44 17.17 6.58 -2.60
N ASN A 45 18.17 7.43 -2.77
CA ASN A 45 18.00 8.86 -2.49
C ASN A 45 17.00 9.47 -3.45
N TRP A 46 16.85 8.85 -4.61
CA TRP A 46 15.98 9.38 -5.65
C TRP A 46 14.71 8.55 -5.77
N LEU A 47 14.37 7.86 -4.70
CA LEU A 47 13.10 7.13 -4.63
C LEU A 47 12.03 8.03 -4.06
N GLU A 48 10.79 7.78 -4.44
CA GLU A 48 9.66 8.52 -3.91
C GLU A 48 8.49 7.57 -3.68
N LEU A 49 7.58 7.96 -2.82
CA LEU A 49 6.44 7.12 -2.47
C LEU A 49 5.50 7.00 -3.68
N GLY A 50 5.33 5.78 -4.16
CA GLY A 50 4.51 5.55 -5.33
C GLY A 50 5.31 4.97 -6.48
N GLN A 51 6.62 4.85 -6.30
CA GLN A 51 7.51 4.32 -7.33
C GLN A 51 7.40 2.79 -7.40
N GLU A 52 7.06 2.30 -8.59
CA GLU A 52 7.01 0.86 -8.84
C GLU A 52 8.40 0.24 -8.71
N VAL A 53 8.46 -0.91 -8.08
CA VAL A 53 9.69 -1.69 -7.97
C VAL A 53 9.36 -3.18 -8.06
N GLU A 54 10.29 -3.97 -8.61
CA GLU A 54 10.10 -5.41 -8.69
C GLU A 54 11.15 -6.08 -7.82
N TYR A 55 10.79 -7.18 -7.18
CA TYR A 55 11.69 -7.82 -6.25
C TYR A 55 11.28 -9.26 -5.95
N THR A 56 12.20 -10.02 -5.38
CA THR A 56 11.95 -11.40 -5.04
C THR A 56 12.15 -11.62 -3.55
N LEU A 57 11.48 -12.61 -2.99
CA LEU A 57 11.59 -12.89 -1.57
C LEU A 57 12.73 -13.87 -1.29
N ALA A 58 13.24 -13.83 -0.07
CA ALA A 58 14.27 -14.74 0.36
C ALA A 58 13.85 -15.36 1.68
N ARG A 59 14.75 -16.13 2.26
CA ARG A 59 14.53 -16.77 3.55
C ARG A 59 13.33 -17.73 3.48
N ASN A 60 13.24 -18.45 2.37
CA ASN A 60 12.12 -19.36 2.12
C ASN A 60 12.49 -20.78 2.50
N GLY A 61 11.51 -21.67 2.42
CA GLY A 61 11.75 -23.07 2.71
C GLY A 61 10.98 -23.55 3.90
N ASN A 62 11.51 -24.56 4.59
CA ASN A 62 10.83 -25.15 5.75
C ASN A 62 11.21 -24.40 7.02
N THR A 63 11.67 -23.18 6.84
CA THR A 63 12.12 -22.35 7.95
C THR A 63 11.03 -21.34 8.34
N SER A 64 9.83 -21.55 7.82
CA SER A 64 8.71 -20.63 8.03
C SER A 64 8.16 -20.71 9.46
N VAL A 65 8.84 -21.47 10.31
CA VAL A 65 8.48 -21.55 11.71
C VAL A 65 9.28 -20.53 12.51
N SER A 66 10.46 -20.19 12.01
CA SER A 66 11.30 -19.18 12.64
C SER A 66 11.30 -17.89 11.83
N GLY A 67 11.09 -18.03 10.53
CA GLY A 67 11.01 -16.87 9.66
C GLY A 67 9.57 -16.45 9.46
N ASN A 68 9.02 -15.77 10.46
CA ASN A 68 7.63 -15.32 10.39
C ASN A 68 7.50 -14.15 9.41
N CYS A 69 8.48 -13.25 9.44
CA CYS A 69 8.56 -12.16 8.48
C CYS A 69 9.91 -12.24 7.78
N LEU A 70 9.90 -12.23 6.45
CA LEU A 70 11.11 -12.45 5.69
C LEU A 70 11.56 -11.17 5.00
N PRO A 71 12.88 -10.88 5.01
CA PRO A 71 13.44 -9.76 4.26
C PRO A 71 13.39 -10.02 2.75
N ALA A 72 13.34 -8.95 1.99
CA ALA A 72 13.24 -9.08 0.53
C ALA A 72 14.57 -8.74 -0.14
N GLU A 73 14.84 -9.40 -1.26
CA GLU A 73 16.09 -9.18 -1.98
C GLU A 73 15.81 -8.85 -3.45
N ASN A 74 16.88 -8.52 -4.18
CA ASN A 74 16.81 -8.32 -5.63
C ASN A 74 15.81 -7.24 -6.02
N VAL A 75 15.70 -6.21 -5.20
CA VAL A 75 14.76 -5.13 -5.45
C VAL A 75 15.32 -4.17 -6.50
N ARG A 76 14.58 -4.05 -7.60
CA ARG A 76 14.96 -3.16 -8.70
C ARG A 76 13.83 -2.18 -9.00
N MET A 77 14.19 -0.98 -9.44
CA MET A 77 13.19 0.00 -9.85
C MET A 77 12.50 -0.46 -11.12
N LEU A 78 11.19 -0.23 -11.19
CA LEU A 78 10.44 -0.68 -12.33
C LEU A 78 9.57 0.44 -12.90
N PRO A 79 10.13 1.32 -13.74
CA PRO A 79 9.34 2.29 -14.47
C PRO A 79 8.65 1.64 -15.65
N LYS A 80 7.33 1.61 -15.64
CA LYS A 80 6.58 0.98 -16.70
C LYS A 80 5.11 1.38 -16.64
N ASN A 81 4.69 1.82 -15.46
CA ASN A 81 3.29 2.14 -15.19
C ASN A 81 2.45 0.91 -15.44
N SER A 82 2.97 -0.23 -15.00
CA SER A 82 2.38 -1.52 -15.25
C SER A 82 1.37 -1.89 -14.18
N ILE A 83 1.28 -1.05 -13.14
CA ILE A 83 0.31 -1.27 -12.08
C ILE A 83 -1.09 -1.17 -12.66
N PRO A 84 -1.88 -2.26 -12.56
CA PRO A 84 -3.19 -2.33 -13.21
C PRO A 84 -4.18 -1.36 -12.61
N GLN A 85 -5.21 -1.05 -13.37
CA GLN A 85 -6.24 -0.16 -12.89
C GLN A 85 -7.43 -0.97 -12.38
N PRO A 86 -8.02 -0.52 -11.26
CA PRO A 86 -9.18 -1.19 -10.64
C PRO A 86 -10.30 -1.43 -11.64
N ALA A 87 -10.87 -2.62 -11.63
CA ALA A 87 -11.93 -2.95 -12.57
C ALA A 87 -13.29 -2.68 -11.96
N VAL A 88 -13.79 -1.47 -12.19
CA VAL A 88 -15.09 -1.05 -11.68
C VAL A 88 -15.79 -0.19 -12.71
N LEU A 89 -17.07 -0.44 -12.94
CA LEU A 89 -17.82 0.31 -13.94
C LEU A 89 -18.35 1.63 -13.40
N GLU A 90 -19.18 1.56 -12.36
CA GLU A 90 -19.80 2.77 -11.81
C GLU A 90 -18.95 3.37 -10.71
N THR A 91 -18.67 2.54 -9.72
CA THR A 91 -17.98 2.90 -8.49
C THR A 91 -18.49 1.96 -7.41
N THR A 92 -17.83 1.88 -6.28
CA THR A 92 -18.29 0.98 -5.25
C THR A 92 -18.92 1.73 -4.09
N HIS A 93 -18.16 2.64 -3.46
CA HIS A 93 -18.66 3.34 -2.29
C HIS A 93 -18.21 4.81 -2.32
N ASN A 94 -18.93 5.64 -1.59
CA ASN A 94 -18.58 7.05 -1.45
C ASN A 94 -18.82 7.49 -0.02
N GLY A 95 -17.80 8.06 0.61
CA GLY A 95 -17.92 8.44 1.99
C GLY A 95 -17.06 9.63 2.34
N VAL A 96 -16.46 9.60 3.51
CA VAL A 96 -15.65 10.70 4.00
C VAL A 96 -14.38 10.20 4.67
N VAL A 97 -13.34 11.01 4.63
CA VAL A 97 -12.08 10.70 5.29
C VAL A 97 -12.28 10.56 6.79
N ALA A 98 -11.75 9.48 7.37
CA ALA A 98 -11.99 9.18 8.77
C ALA A 98 -11.00 9.87 9.69
N ARG A 99 -9.71 9.75 9.40
CA ARG A 99 -8.70 10.25 10.32
C ARG A 99 -7.38 10.54 9.61
N PRO A 100 -6.86 11.77 9.77
CA PRO A 100 -5.53 12.13 9.26
C PRO A 100 -4.42 11.58 10.15
N LEU A 101 -3.30 11.21 9.54
CA LEU A 101 -2.20 10.60 10.27
C LEU A 101 -1.17 11.63 10.72
N ARG A 102 -1.37 12.18 11.91
CA ARG A 102 -0.36 13.02 12.53
C ARG A 102 0.45 12.20 13.54
N CYS A 103 -0.23 11.73 14.57
CA CYS A 103 0.41 11.05 15.68
C CYS A 103 0.59 9.56 15.40
N ILE A 104 0.28 9.17 14.17
CA ILE A 104 0.36 7.77 13.77
C ILE A 104 1.81 7.35 13.54
N ASN A 105 2.57 8.24 12.87
CA ASN A 105 3.96 7.96 12.47
C ASN A 105 4.00 6.97 11.32
N PRO A 106 5.00 7.11 10.42
CA PRO A 106 5.17 6.19 9.29
C PRO A 106 5.67 4.82 9.72
N ASP A 107 5.86 4.64 11.02
CA ASP A 107 6.36 3.38 11.55
C ASP A 107 5.21 2.50 12.01
N GLN A 108 4.03 3.09 12.13
CA GLN A 108 2.85 2.37 12.55
C GLN A 108 2.12 1.78 11.34
N GLN A 109 1.47 0.63 11.53
CA GLN A 109 0.86 -0.11 10.42
C GLN A 109 -0.28 0.67 9.75
N GLU A 110 -0.95 1.53 10.50
CA GLU A 110 -2.09 2.27 9.98
C GLU A 110 -1.65 3.57 9.32
N TYR A 111 -0.35 3.66 9.03
CA TYR A 111 0.25 4.79 8.31
C TYR A 111 -0.54 5.11 7.04
N ALA A 112 -1.08 4.07 6.41
CA ALA A 112 -1.79 4.22 5.14
C ALA A 112 -3.05 5.06 5.29
N GLY A 113 -3.52 5.23 6.52
CA GLY A 113 -4.71 6.01 6.75
C GLY A 113 -5.97 5.20 6.59
N LEU A 114 -7.12 5.75 6.97
CA LEU A 114 -8.35 5.00 6.92
C LEU A 114 -9.53 5.88 6.57
N ILE A 115 -10.46 5.31 5.81
CA ILE A 115 -11.68 5.98 5.43
C ILE A 115 -12.87 5.29 6.09
N GLU A 116 -13.82 6.06 6.58
CA GLU A 116 -15.00 5.48 7.21
C GLU A 116 -16.09 5.25 6.18
N ILE A 117 -16.40 3.97 5.98
CA ILE A 117 -17.34 3.57 4.95
C ILE A 117 -18.74 3.50 5.52
N LEU A 118 -19.70 4.09 4.82
CA LEU A 118 -21.06 4.11 5.29
C LEU A 118 -21.80 2.84 4.88
N ASP A 119 -22.79 2.46 5.65
CA ASP A 119 -23.69 1.38 5.25
C ASP A 119 -24.33 1.70 3.91
N GLU A 120 -24.69 0.69 3.15
CA GLU A 120 -25.26 0.90 1.83
C GLU A 120 -26.59 1.64 1.93
N LEU A 121 -27.24 1.52 3.07
CA LEU A 121 -28.50 2.21 3.32
C LEU A 121 -28.24 3.57 3.94
N ARG A 122 -26.96 3.93 4.03
CA ARG A 122 -26.50 5.17 4.64
C ARG A 122 -26.91 5.23 6.11
N THR A 123 -26.16 4.54 6.94
CA THR A 123 -26.44 4.52 8.36
C THR A 123 -25.25 5.03 9.15
N THR A 124 -24.21 4.22 9.25
CA THR A 124 -23.01 4.57 10.00
C THR A 124 -21.77 4.02 9.32
N VAL A 125 -20.62 4.18 9.96
CA VAL A 125 -19.39 3.56 9.51
C VAL A 125 -19.46 2.05 9.73
N ILE A 126 -19.06 1.28 8.73
CA ILE A 126 -19.09 -0.17 8.84
C ILE A 126 -17.92 -0.68 9.68
N SER A 127 -16.72 -0.57 9.13
CA SER A 127 -15.52 -0.87 9.90
C SER A 127 -14.43 0.17 9.66
N GLN A 128 -13.68 -0.04 8.58
CA GLN A 128 -12.60 0.85 8.18
C GLN A 128 -12.04 0.37 6.85
N HIS A 129 -11.66 1.29 5.97
CA HIS A 129 -10.96 0.91 4.75
C HIS A 129 -9.65 1.65 4.63
N GLU A 130 -8.59 0.86 4.48
CA GLU A 130 -7.24 1.40 4.32
C GLU A 130 -7.02 1.72 2.86
N PHE A 131 -6.29 2.79 2.58
CA PHE A 131 -6.04 3.17 1.20
C PHE A 131 -4.55 3.11 0.87
N GLY A 132 -4.27 2.51 -0.29
CA GLY A 132 -2.90 2.31 -0.72
C GLY A 132 -2.26 3.56 -1.28
N ILE A 133 -0.94 3.63 -1.20
CA ILE A 133 -0.17 4.78 -1.73
C ILE A 133 -0.56 5.10 -3.18
N THR A 134 -0.82 4.07 -3.97
CA THR A 134 -1.22 4.23 -5.36
C THR A 134 -2.70 4.58 -5.45
N SER A 135 -3.47 4.04 -4.52
CA SER A 135 -4.89 4.34 -4.40
C SER A 135 -5.07 5.81 -4.04
N LEU A 136 -4.12 6.33 -3.27
CA LEU A 136 -4.16 7.72 -2.83
C LEU A 136 -3.71 8.66 -3.94
N VAL A 137 -4.41 8.61 -5.07
CA VAL A 137 -4.16 9.51 -6.20
C VAL A 137 -3.99 10.95 -5.72
N ASN A 138 -4.81 11.32 -4.75
CA ASN A 138 -4.78 12.66 -4.19
C ASN A 138 -3.79 12.77 -3.04
N LYS A 139 -2.69 12.02 -3.14
CA LYS A 139 -1.62 12.06 -2.14
C LYS A 139 -1.01 13.46 -2.06
N ARG A 140 -1.26 14.28 -3.07
CA ARG A 140 -0.72 15.62 -3.15
C ARG A 140 -1.68 16.64 -2.53
N ASP A 141 -2.88 16.19 -2.22
CA ASP A 141 -3.91 17.05 -1.63
C ASP A 141 -3.74 17.10 -0.10
N LEU A 142 -4.41 18.05 0.53
CA LEU A 142 -4.38 18.19 1.98
C LEU A 142 -5.61 17.53 2.59
N LEU A 143 -5.83 16.29 2.21
CA LEU A 143 -7.02 15.53 2.59
C LEU A 143 -7.16 15.39 4.11
N GLN A 144 -8.31 15.81 4.63
CA GLN A 144 -8.57 15.84 6.07
C GLN A 144 -9.90 15.16 6.40
N LYS A 145 -10.19 14.95 7.69
CA LYS A 145 -11.47 14.37 8.07
C LYS A 145 -12.58 15.39 7.81
N GLY A 146 -13.67 14.92 7.23
CA GLY A 146 -14.77 15.81 6.92
C GLY A 146 -14.78 16.18 5.46
N ASP A 147 -13.72 15.81 4.76
CA ASP A 147 -13.65 16.01 3.33
C ASP A 147 -14.18 14.76 2.65
N LEU A 148 -15.18 14.92 1.81
CA LEU A 148 -15.83 13.79 1.18
C LEU A 148 -14.93 13.18 0.13
N VAL A 149 -15.01 11.88 -0.04
CA VAL A 149 -14.07 11.19 -0.89
C VAL A 149 -14.74 10.07 -1.66
N SER A 150 -14.26 9.84 -2.87
CA SER A 150 -14.74 8.77 -3.71
C SER A 150 -13.66 7.72 -3.87
N PHE A 151 -14.07 6.46 -3.96
CA PHE A 151 -13.14 5.35 -4.05
C PHE A 151 -13.87 4.09 -4.50
N ARG A 152 -13.12 3.15 -5.05
CA ARG A 152 -13.71 1.90 -5.50
C ARG A 152 -12.96 0.73 -4.85
N ILE A 153 -13.70 -0.13 -4.18
CA ILE A 153 -13.13 -1.35 -3.66
C ILE A 153 -13.47 -2.52 -4.59
N ASP A 154 -12.46 -3.18 -5.10
CA ASP A 154 -12.66 -4.27 -6.05
C ASP A 154 -11.62 -5.38 -5.87
N GLU A 155 -10.60 -5.40 -6.71
CA GLU A 155 -9.60 -6.46 -6.69
C GLU A 155 -8.59 -6.21 -5.58
N SER A 156 -8.40 -4.94 -5.24
CA SER A 156 -7.45 -4.56 -4.21
C SER A 156 -8.00 -4.90 -2.83
N GLY A 157 -9.31 -5.11 -2.73
CA GLY A 157 -9.94 -5.36 -1.44
C GLY A 157 -9.76 -4.20 -0.49
N ARG A 158 -9.50 -3.03 -1.03
CA ARG A 158 -9.28 -1.82 -0.25
C ARG A 158 -9.95 -0.65 -0.95
N ALA A 159 -9.70 0.55 -0.47
CA ALA A 159 -10.19 1.74 -1.14
C ALA A 159 -9.20 2.18 -2.21
N ALA A 160 -9.56 1.97 -3.48
CA ALA A 160 -8.72 2.35 -4.60
C ALA A 160 -9.33 3.51 -5.35
N CYS A 161 -8.53 4.21 -6.14
CA CYS A 161 -9.00 5.37 -6.89
C CYS A 161 -9.52 6.46 -5.95
N VAL A 162 -8.85 6.60 -4.80
CA VAL A 162 -9.25 7.55 -3.79
C VAL A 162 -9.16 8.98 -4.30
N ASN A 163 -10.32 9.61 -4.45
CA ASN A 163 -10.40 10.94 -5.03
C ASN A 163 -11.26 11.84 -4.15
N ALA A 164 -10.63 12.85 -3.58
CA ALA A 164 -11.33 13.82 -2.76
C ALA A 164 -12.40 14.55 -3.56
N VAL A 165 -13.60 14.63 -3.01
CA VAL A 165 -14.72 15.26 -3.67
C VAL A 165 -15.28 16.39 -2.81
N ARG A 166 -15.02 17.61 -3.23
CA ARG A 166 -15.59 18.76 -2.54
C ARG A 166 -16.97 19.06 -3.10
N GLN A 167 -17.98 18.91 -2.27
CA GLN A 167 -19.35 18.95 -2.71
C GLN A 167 -19.85 20.39 -2.84
N LYS A 168 -20.44 20.68 -3.99
CA LYS A 168 -21.08 21.96 -4.24
C LYS A 168 -22.32 22.14 -3.36
N GLY A 1 16.00 -32.67 -4.95
CA GLY A 1 15.88 -32.46 -3.52
C GLY A 1 16.45 -31.13 -3.08
N ALA A 2 17.31 -30.56 -3.92
CA ALA A 2 17.91 -29.26 -3.63
C ALA A 2 16.99 -28.14 -4.11
N GLY A 3 15.99 -27.83 -3.31
CA GLY A 3 15.05 -26.80 -3.67
C GLY A 3 14.59 -26.02 -2.46
N SER A 4 14.98 -24.76 -2.39
CA SER A 4 14.61 -23.92 -1.26
C SER A 4 14.04 -22.59 -1.73
N ASP A 5 13.84 -22.46 -3.04
CA ASP A 5 13.36 -21.21 -3.62
C ASP A 5 11.99 -21.40 -4.24
N ALA A 6 11.30 -20.29 -4.47
CA ALA A 6 9.99 -20.31 -5.11
C ALA A 6 10.08 -19.81 -6.54
N GLY A 7 11.18 -19.10 -6.84
CA GLY A 7 11.38 -18.56 -8.16
C GLY A 7 10.37 -17.47 -8.51
N GLN A 8 9.79 -16.87 -7.47
CA GLN A 8 8.75 -15.87 -7.66
C GLN A 8 9.26 -14.48 -7.37
N VAL A 9 9.13 -13.59 -8.35
CA VAL A 9 9.48 -12.20 -8.17
C VAL A 9 8.26 -11.45 -7.68
N TYR A 10 8.34 -10.94 -6.47
CA TYR A 10 7.20 -10.36 -5.82
C TYR A 10 7.06 -8.90 -6.16
N ARG A 11 5.83 -8.49 -6.39
CA ARG A 11 5.54 -7.15 -6.82
C ARG A 11 5.06 -6.31 -5.64
N GLY A 12 5.66 -5.15 -5.47
CA GLY A 12 5.29 -4.26 -4.40
C GLY A 12 5.60 -2.83 -4.74
N PHE A 13 5.35 -1.94 -3.81
CA PHE A 13 5.54 -0.51 -4.04
C PHE A 13 5.94 0.21 -2.76
N ILE A 14 6.69 1.29 -2.90
CA ILE A 14 7.24 2.03 -1.76
C ILE A 14 6.13 2.70 -0.95
N ALA A 15 6.07 2.39 0.34
CA ALA A 15 5.07 2.98 1.22
C ALA A 15 5.67 4.03 2.14
N VAL A 16 6.89 3.78 2.59
CA VAL A 16 7.57 4.68 3.50
C VAL A 16 9.06 4.69 3.20
N MET A 17 9.70 5.82 3.46
CA MET A 17 11.14 5.94 3.27
C MET A 17 11.78 6.54 4.50
N LYS A 18 12.50 5.71 5.26
CA LYS A 18 13.17 6.15 6.46
C LYS A 18 14.63 6.49 6.14
N GLU A 19 15.43 6.68 7.17
CA GLU A 19 16.82 7.08 6.99
C GLU A 19 17.67 5.89 6.55
N ASN A 20 17.45 4.75 7.18
CA ASN A 20 18.28 3.57 6.94
C ASN A 20 17.56 2.56 6.05
N PHE A 21 16.24 2.55 6.11
CA PHE A 21 15.48 1.51 5.43
C PHE A 21 14.11 2.00 5.00
N GLY A 22 13.33 1.12 4.41
CA GLY A 22 11.98 1.45 4.01
C GLY A 22 11.06 0.25 4.08
N PHE A 23 9.76 0.51 4.12
CA PHE A 23 8.77 -0.55 4.13
C PHE A 23 8.06 -0.60 2.79
N ILE A 24 7.89 -1.79 2.27
CA ILE A 24 7.22 -1.97 0.99
C ILE A 24 5.79 -2.45 1.21
N GLU A 25 4.85 -1.72 0.64
CA GLU A 25 3.47 -2.14 0.65
C GLU A 25 3.32 -3.30 -0.31
N THR A 26 2.93 -4.45 0.21
CA THR A 26 2.81 -5.65 -0.60
C THR A 26 1.71 -5.47 -1.64
N LEU A 27 1.78 -6.25 -2.72
CA LEU A 27 0.85 -6.11 -3.82
C LEU A 27 -0.59 -6.17 -3.36
N SER A 28 -0.85 -7.01 -2.37
CA SER A 28 -2.20 -7.17 -1.85
C SER A 28 -2.29 -6.59 -0.43
N HIS A 29 -1.25 -5.83 -0.06
CA HIS A 29 -1.10 -5.20 1.27
C HIS A 29 -1.55 -6.12 2.42
N ASP A 30 -1.21 -7.40 2.29
CA ASP A 30 -1.51 -8.38 3.33
C ASP A 30 -0.32 -8.58 4.25
N GLU A 31 0.75 -7.87 3.97
CA GLU A 31 2.01 -8.11 4.66
C GLU A 31 2.92 -6.88 4.61
N GLU A 32 3.72 -6.70 5.66
CA GLU A 32 4.64 -5.58 5.73
C GLU A 32 6.07 -6.10 5.54
N VAL A 33 6.77 -5.58 4.54
CA VAL A 33 8.09 -6.07 4.21
C VAL A 33 9.17 -5.04 4.56
N PHE A 34 10.20 -5.50 5.27
CA PHE A 34 11.36 -4.68 5.56
C PHE A 34 12.35 -4.72 4.39
N PHE A 35 12.63 -3.56 3.84
CA PHE A 35 13.58 -3.45 2.75
C PHE A 35 14.67 -2.43 3.11
N HIS A 36 15.88 -2.72 2.66
CA HIS A 36 17.05 -1.93 3.04
C HIS A 36 17.64 -1.26 1.81
N PHE A 37 17.83 0.06 1.88
CA PHE A 37 18.29 0.85 0.74
C PHE A 37 19.70 0.46 0.30
N SER A 38 20.44 -0.16 1.20
CA SER A 38 21.82 -0.53 0.91
C SER A 38 21.89 -1.61 -0.18
N ASN A 39 20.84 -2.44 -0.30
CA ASN A 39 20.84 -3.52 -1.28
C ASN A 39 20.03 -3.17 -2.52
N TYR A 40 19.57 -1.92 -2.57
CA TYR A 40 18.69 -1.48 -3.63
C TYR A 40 19.47 -1.32 -4.94
N MET A 41 18.94 -1.92 -6.00
CA MET A 41 19.58 -1.86 -7.30
C MET A 41 18.93 -0.79 -8.17
N GLY A 42 19.50 0.42 -8.13
CA GLY A 42 18.98 1.52 -8.90
C GLY A 42 19.37 2.85 -8.30
N ASN A 43 18.41 3.76 -8.20
CA ASN A 43 18.66 5.08 -7.63
C ASN A 43 17.56 5.43 -6.63
N PRO A 44 17.88 5.37 -5.33
CA PRO A 44 16.90 5.63 -4.28
C PRO A 44 16.57 7.11 -4.11
N ASN A 45 17.44 7.97 -4.63
CA ASN A 45 17.27 9.41 -4.52
C ASN A 45 16.17 9.88 -5.47
N TRP A 46 15.84 9.02 -6.44
CA TRP A 46 14.81 9.34 -7.42
C TRP A 46 13.51 8.63 -7.07
N LEU A 47 13.53 7.85 -5.99
CA LEU A 47 12.35 7.11 -5.56
C LEU A 47 11.36 8.00 -4.85
N GLU A 48 10.09 7.68 -5.02
CA GLU A 48 9.00 8.36 -4.33
C GLU A 48 8.00 7.34 -3.79
N LEU A 49 7.04 7.82 -3.03
CA LEU A 49 6.07 6.93 -2.41
C LEU A 49 5.04 6.47 -3.44
N GLY A 50 4.80 5.18 -3.50
CA GLY A 50 3.82 4.64 -4.44
C GLY A 50 4.45 4.13 -5.71
N GLN A 51 5.78 4.14 -5.79
CA GLN A 51 6.48 3.65 -6.97
C GLN A 51 6.47 2.13 -7.00
N GLU A 52 6.02 1.58 -8.13
CA GLU A 52 5.96 0.15 -8.35
C GLU A 52 7.37 -0.41 -8.56
N VAL A 53 7.69 -1.48 -7.82
CA VAL A 53 9.01 -2.11 -7.92
C VAL A 53 8.89 -3.63 -7.91
N GLU A 54 9.88 -4.31 -8.46
CA GLU A 54 9.93 -5.76 -8.46
C GLU A 54 11.11 -6.23 -7.60
N TYR A 55 10.91 -7.26 -6.81
CA TYR A 55 11.97 -7.76 -5.93
C TYR A 55 11.66 -9.14 -5.40
N THR A 56 12.60 -9.69 -4.65
CA THR A 56 12.42 -11.02 -4.09
C THR A 56 12.62 -11.01 -2.57
N LEU A 57 11.87 -11.83 -1.86
CA LEU A 57 12.05 -11.94 -0.43
C LEU A 57 13.32 -12.68 -0.11
N ALA A 58 14.07 -12.15 0.84
CA ALA A 58 15.29 -12.78 1.27
C ALA A 58 14.98 -13.90 2.24
N ARG A 59 14.95 -15.12 1.70
CA ARG A 59 14.85 -16.36 2.47
C ARG A 59 13.92 -16.27 3.70
N ASN A 60 12.78 -15.61 3.55
CA ASN A 60 11.85 -15.46 4.66
C ASN A 60 11.05 -16.75 4.89
N GLY A 61 11.58 -17.61 5.74
CA GLY A 61 10.91 -18.85 6.07
C GLY A 61 10.76 -19.02 7.56
N ASN A 62 10.65 -17.92 8.27
CA ASN A 62 10.51 -17.95 9.73
C ASN A 62 9.34 -17.06 10.16
N THR A 63 9.14 -16.91 11.46
CA THR A 63 8.01 -16.15 11.96
C THR A 63 8.28 -14.65 11.91
N SER A 64 9.54 -14.27 12.16
CA SER A 64 9.96 -12.87 12.15
C SER A 64 9.30 -12.04 13.25
N VAL A 65 8.59 -12.72 14.15
CA VAL A 65 7.87 -12.05 15.23
C VAL A 65 8.83 -11.40 16.22
N SER A 66 10.05 -11.90 16.27
CA SER A 66 11.07 -11.35 17.16
C SER A 66 11.91 -10.32 16.43
N GLY A 67 11.56 -10.05 15.17
CA GLY A 67 12.33 -9.13 14.36
C GLY A 67 13.35 -9.84 13.49
N ASN A 68 13.26 -11.16 13.44
CA ASN A 68 14.21 -11.99 12.69
C ASN A 68 13.85 -12.02 11.22
N CYS A 69 13.74 -10.85 10.64
CA CYS A 69 13.35 -10.72 9.25
C CYS A 69 14.57 -10.40 8.40
N LEU A 70 14.60 -10.94 7.20
CA LEU A 70 15.68 -10.69 6.27
C LEU A 70 15.29 -9.54 5.35
N PRO A 71 16.22 -8.61 5.10
CA PRO A 71 15.94 -7.47 4.23
C PRO A 71 15.70 -7.90 2.81
N ALA A 72 14.74 -7.25 2.18
CA ALA A 72 14.40 -7.54 0.79
C ALA A 72 15.60 -7.37 -0.11
N GLU A 73 15.97 -8.43 -0.81
CA GLU A 73 17.16 -8.42 -1.64
C GLU A 73 16.79 -8.39 -3.12
N ASN A 74 17.66 -7.74 -3.90
CA ASN A 74 17.45 -7.56 -5.35
C ASN A 74 16.15 -6.81 -5.61
N VAL A 75 16.21 -5.49 -5.51
CA VAL A 75 15.03 -4.66 -5.70
C VAL A 75 15.22 -3.76 -6.92
N ARG A 76 14.32 -3.89 -7.89
CA ARG A 76 14.41 -3.11 -9.13
C ARG A 76 13.10 -2.36 -9.35
N MET A 77 13.15 -1.28 -10.12
CA MET A 77 11.94 -0.53 -10.46
C MET A 77 11.13 -1.25 -11.53
N LEU A 78 9.83 -1.26 -11.35
CA LEU A 78 8.93 -1.93 -12.28
C LEU A 78 8.06 -0.90 -13.00
N PRO A 79 7.70 -1.14 -14.27
CA PRO A 79 6.81 -0.25 -15.02
C PRO A 79 5.48 0.01 -14.31
N LYS A 80 4.87 1.13 -14.65
CA LYS A 80 3.61 1.55 -14.03
C LYS A 80 2.44 0.71 -14.54
N ASN A 81 1.40 0.63 -13.70
CA ASN A 81 0.14 -0.06 -14.04
C ASN A 81 0.30 -1.57 -13.94
N SER A 82 1.27 -1.99 -13.15
CA SER A 82 1.48 -3.41 -12.92
C SER A 82 0.60 -3.87 -11.76
N ILE A 83 0.03 -2.90 -11.05
CA ILE A 83 -0.92 -3.19 -9.98
C ILE A 83 -2.33 -3.12 -10.55
N PRO A 84 -3.18 -4.13 -10.29
CA PRO A 84 -4.54 -4.21 -10.86
C PRO A 84 -5.45 -3.10 -10.34
N GLN A 85 -6.35 -2.63 -11.20
CA GLN A 85 -7.26 -1.56 -10.83
C GLN A 85 -8.72 -1.99 -11.02
N PRO A 86 -9.60 -1.65 -10.06
CA PRO A 86 -11.04 -1.93 -10.15
C PRO A 86 -11.68 -1.48 -11.46
N ALA A 87 -12.59 -2.27 -11.99
CA ALA A 87 -13.22 -1.97 -13.26
C ALA A 87 -14.68 -1.59 -13.09
N VAL A 88 -14.95 -0.29 -13.02
CA VAL A 88 -16.29 0.21 -12.96
C VAL A 88 -16.53 1.16 -14.12
N LEU A 89 -17.77 1.58 -14.32
CA LEU A 89 -18.07 2.47 -15.43
C LEU A 89 -18.02 3.93 -14.99
N GLU A 90 -18.91 4.30 -14.08
CA GLU A 90 -18.98 5.67 -13.60
C GLU A 90 -18.18 5.86 -12.32
N THR A 91 -18.50 5.03 -11.34
CA THR A 91 -17.93 5.12 -10.01
C THR A 91 -18.65 4.13 -9.10
N THR A 92 -18.08 3.82 -7.95
CA THR A 92 -18.73 2.90 -7.03
C THR A 92 -19.30 3.62 -5.80
N HIS A 93 -18.43 4.30 -5.05
CA HIS A 93 -18.84 4.91 -3.79
C HIS A 93 -18.06 6.18 -3.49
N ASN A 94 -18.41 6.80 -2.38
CA ASN A 94 -17.65 7.92 -1.84
C ASN A 94 -17.57 7.73 -0.32
N GLY A 95 -16.71 8.47 0.35
CA GLY A 95 -16.60 8.31 1.79
C GLY A 95 -15.70 9.35 2.42
N VAL A 96 -15.31 9.10 3.65
CA VAL A 96 -14.48 10.02 4.41
C VAL A 96 -13.37 9.26 5.13
N VAL A 97 -12.18 9.84 5.18
CA VAL A 97 -11.07 9.25 5.91
C VAL A 97 -11.43 9.07 7.38
N ALA A 98 -11.43 7.84 7.86
CA ALA A 98 -11.87 7.53 9.21
C ALA A 98 -10.70 7.45 10.18
N ARG A 99 -9.81 6.47 9.99
CA ARG A 99 -8.73 6.24 10.93
C ARG A 99 -7.60 5.44 10.30
N PRO A 100 -6.39 5.53 10.89
CA PRO A 100 -5.27 4.65 10.55
C PRO A 100 -5.36 3.33 11.31
N LEU A 101 -4.44 2.42 11.05
CA LEU A 101 -4.47 1.12 11.73
C LEU A 101 -3.14 0.80 12.40
N ARG A 102 -3.02 1.19 13.66
CA ARG A 102 -1.84 0.90 14.46
C ARG A 102 -1.90 -0.53 14.98
N CYS A 103 -3.12 -1.07 15.01
CA CYS A 103 -3.34 -2.42 15.49
C CYS A 103 -2.83 -3.46 14.50
N ILE A 104 -2.67 -3.06 13.23
CA ILE A 104 -2.19 -3.95 12.20
C ILE A 104 -0.73 -3.63 11.88
N ASN A 105 -0.42 -2.35 11.75
CA ASN A 105 0.94 -1.91 11.43
C ASN A 105 1.49 -1.03 12.54
N PRO A 106 2.54 -1.51 13.23
CA PRO A 106 3.07 -0.84 14.41
C PRO A 106 3.89 0.42 14.10
N ASP A 107 4.72 0.38 13.06
CA ASP A 107 5.63 1.50 12.76
C ASP A 107 4.97 2.52 11.86
N GLN A 108 4.18 2.03 10.90
CA GLN A 108 3.44 2.92 10.02
C GLN A 108 1.96 2.59 10.05
N GLN A 109 1.26 3.21 11.00
CA GLN A 109 -0.17 3.00 11.15
C GLN A 109 -0.95 3.52 9.94
N GLU A 110 -0.25 4.28 9.11
CA GLU A 110 -0.83 4.89 7.92
C GLU A 110 -0.62 4.02 6.70
N TYR A 111 -0.08 2.84 6.92
CA TYR A 111 0.27 1.91 5.85
C TYR A 111 -0.96 1.62 4.99
N ALA A 112 -2.03 1.23 5.63
CA ALA A 112 -3.24 0.84 4.93
C ALA A 112 -4.39 1.80 5.20
N GLY A 113 -4.59 2.14 6.46
CA GLY A 113 -5.65 3.05 6.84
C GLY A 113 -7.05 2.48 6.56
N LEU A 114 -8.08 3.21 6.98
CA LEU A 114 -9.45 2.79 6.71
C LEU A 114 -10.37 3.99 6.48
N ILE A 115 -11.23 3.84 5.49
CA ILE A 115 -12.20 4.87 5.13
C ILE A 115 -13.60 4.43 5.54
N GLU A 116 -14.38 5.36 6.09
CA GLU A 116 -15.76 5.07 6.44
C GLU A 116 -16.65 5.30 5.23
N ILE A 117 -17.36 4.26 4.83
CA ILE A 117 -18.18 4.29 3.64
C ILE A 117 -19.63 4.42 4.04
N LEU A 118 -20.27 5.48 3.59
CA LEU A 118 -21.67 5.70 3.95
C LEU A 118 -22.58 4.94 3.01
N ASP A 119 -23.62 4.37 3.58
CA ASP A 119 -24.66 3.68 2.81
C ASP A 119 -25.28 4.64 1.79
N GLU A 120 -25.95 4.10 0.77
CA GLU A 120 -26.46 4.94 -0.31
C GLU A 120 -27.52 5.92 0.19
N LEU A 121 -28.21 5.54 1.26
CA LEU A 121 -29.20 6.44 1.86
C LEU A 121 -28.53 7.29 2.94
N ARG A 122 -27.20 7.27 2.94
CA ARG A 122 -26.34 7.96 3.91
C ARG A 122 -26.79 7.70 5.35
N THR A 123 -27.26 6.48 5.59
CA THR A 123 -27.75 6.10 6.89
C THR A 123 -26.60 5.87 7.87
N THR A 124 -25.83 4.83 7.62
CA THR A 124 -24.70 4.48 8.47
C THR A 124 -23.49 4.05 7.64
N VAL A 125 -22.36 3.86 8.32
CA VAL A 125 -21.17 3.33 7.66
C VAL A 125 -21.36 1.85 7.38
N ILE A 126 -20.97 1.41 6.19
CA ILE A 126 -21.20 0.02 5.80
C ILE A 126 -20.29 -0.92 6.59
N SER A 127 -18.99 -0.89 6.31
CA SER A 127 -18.05 -1.63 7.13
C SER A 127 -16.77 -0.83 7.36
N GLN A 128 -15.86 -0.94 6.40
CA GLN A 128 -14.55 -0.30 6.45
C GLN A 128 -13.83 -0.59 5.13
N HIS A 129 -13.40 0.44 4.41
CA HIS A 129 -12.64 0.19 3.19
C HIS A 129 -11.20 0.64 3.34
N GLU A 130 -10.32 -0.28 3.04
CA GLU A 130 -8.89 -0.09 3.23
C GLU A 130 -8.28 0.54 1.99
N PHE A 131 -7.24 1.33 2.15
CA PHE A 131 -6.60 1.98 1.01
C PHE A 131 -5.12 1.63 0.95
N GLY A 132 -4.46 2.09 -0.10
CA GLY A 132 -3.07 1.77 -0.33
C GLY A 132 -2.30 2.99 -0.79
N ILE A 133 -1.00 3.02 -0.53
CA ILE A 133 -0.13 4.12 -0.97
C ILE A 133 -0.24 4.34 -2.49
N THR A 134 -0.67 3.31 -3.20
CA THR A 134 -0.89 3.39 -4.63
C THR A 134 -2.25 4.03 -4.93
N SER A 135 -3.21 3.74 -4.07
CA SER A 135 -4.55 4.26 -4.19
C SER A 135 -4.60 5.73 -3.76
N LEU A 136 -3.66 6.10 -2.90
CA LEU A 136 -3.56 7.47 -2.39
C LEU A 136 -2.97 8.42 -3.43
N VAL A 137 -3.63 8.56 -4.57
CA VAL A 137 -3.20 9.47 -5.63
C VAL A 137 -2.71 10.81 -5.07
N ASN A 138 -3.50 11.41 -4.20
CA ASN A 138 -3.14 12.70 -3.59
C ASN A 138 -2.50 12.51 -2.20
N LYS A 139 -1.72 11.45 -2.06
CA LYS A 139 -1.07 11.07 -0.79
C LYS A 139 -0.30 12.23 -0.14
N ARG A 140 0.09 13.20 -0.94
CA ARG A 140 0.89 14.32 -0.44
C ARG A 140 0.01 15.37 0.22
N ASP A 141 -1.27 15.35 -0.11
CA ASP A 141 -2.21 16.36 0.34
C ASP A 141 -2.78 16.03 1.71
N LEU A 142 -3.36 17.03 2.36
CA LEU A 142 -3.94 16.85 3.68
C LEU A 142 -5.20 16.01 3.60
N LEU A 143 -5.07 14.75 3.93
CA LEU A 143 -6.18 13.83 3.91
C LEU A 143 -6.27 13.12 5.24
N GLN A 144 -7.09 13.64 6.13
CA GLN A 144 -7.17 13.14 7.49
C GLN A 144 -8.61 12.88 7.90
N LYS A 145 -8.83 12.57 9.17
CA LYS A 145 -10.16 12.24 9.65
C LYS A 145 -11.12 13.39 9.43
N GLY A 146 -12.09 13.18 8.55
CA GLY A 146 -13.07 14.20 8.28
C GLY A 146 -13.00 14.72 6.86
N ASP A 147 -12.04 14.23 6.09
CA ASP A 147 -11.89 14.66 4.70
C ASP A 147 -12.67 13.74 3.76
N LEU A 148 -13.36 14.35 2.83
CA LEU A 148 -14.20 13.63 1.87
C LEU A 148 -13.34 13.09 0.73
N VAL A 149 -13.59 11.84 0.34
CA VAL A 149 -12.87 11.21 -0.76
C VAL A 149 -13.83 10.43 -1.66
N SER A 150 -13.45 10.33 -2.93
CA SER A 150 -14.17 9.49 -3.87
C SER A 150 -13.25 8.39 -4.37
N PHE A 151 -13.81 7.21 -4.58
CA PHE A 151 -13.04 6.03 -4.93
C PHE A 151 -13.94 5.00 -5.61
N ARG A 152 -13.36 3.93 -6.10
CA ARG A 152 -14.18 2.85 -6.65
C ARG A 152 -13.65 1.49 -6.20
N ILE A 153 -14.54 0.71 -5.60
CA ILE A 153 -14.24 -0.67 -5.27
C ILE A 153 -14.79 -1.59 -6.36
N ASP A 154 -14.17 -2.74 -6.54
CA ASP A 154 -14.64 -3.72 -7.51
C ASP A 154 -13.83 -5.02 -7.40
N GLU A 155 -12.74 -5.10 -8.13
CA GLU A 155 -11.90 -6.30 -8.14
C GLU A 155 -11.11 -6.43 -6.85
N SER A 156 -10.66 -5.29 -6.31
CA SER A 156 -9.86 -5.29 -5.11
C SER A 156 -10.72 -5.39 -3.86
N GLY A 157 -12.02 -5.13 -4.00
CA GLY A 157 -12.93 -5.16 -2.86
C GLY A 157 -12.63 -4.06 -1.84
N ARG A 158 -11.64 -3.24 -2.15
CA ARG A 158 -11.21 -2.17 -1.27
C ARG A 158 -11.14 -0.86 -2.03
N ALA A 159 -10.74 0.20 -1.35
CA ALA A 159 -10.84 1.54 -1.92
C ALA A 159 -9.63 1.88 -2.77
N ALA A 160 -9.84 1.93 -4.08
CA ALA A 160 -8.79 2.31 -5.01
C ALA A 160 -9.18 3.58 -5.74
N CYS A 161 -8.18 4.30 -6.24
CA CYS A 161 -8.39 5.57 -6.93
C CYS A 161 -8.98 6.60 -5.99
N VAL A 162 -8.46 6.63 -4.76
CA VAL A 162 -8.90 7.58 -3.75
C VAL A 162 -8.50 9.00 -4.13
N ASN A 163 -9.49 9.84 -4.40
CA ASN A 163 -9.24 11.22 -4.75
C ASN A 163 -9.96 12.16 -3.79
N ALA A 164 -9.21 13.07 -3.19
CA ALA A 164 -9.77 14.09 -2.31
C ALA A 164 -10.74 14.97 -3.06
N VAL A 165 -11.99 15.00 -2.61
CA VAL A 165 -13.04 15.71 -3.31
C VAL A 165 -13.92 16.50 -2.33
N ARG A 166 -14.30 17.69 -2.72
CA ARG A 166 -15.24 18.48 -1.94
C ARG A 166 -16.50 18.74 -2.75
N GLN A 167 -17.65 18.66 -2.11
CA GLN A 167 -18.93 18.86 -2.76
C GLN A 167 -19.82 19.73 -1.89
N LYS A 168 -20.91 20.20 -2.47
CA LYS A 168 -21.87 21.02 -1.73
C LYS A 168 -23.16 20.25 -1.52
N GLY A 1 23.47 -28.72 -5.15
CA GLY A 1 22.72 -29.83 -5.70
C GLY A 1 21.30 -29.88 -5.17
N ALA A 2 21.14 -30.44 -3.99
CA ALA A 2 19.83 -30.54 -3.35
C ALA A 2 19.37 -29.19 -2.85
N GLY A 3 18.30 -28.68 -3.43
CA GLY A 3 17.76 -27.40 -3.01
C GLY A 3 16.97 -26.73 -4.10
N SER A 4 15.69 -26.48 -3.85
CA SER A 4 14.82 -25.88 -4.84
C SER A 4 14.46 -24.46 -4.43
N ASP A 5 14.95 -23.50 -5.19
CA ASP A 5 14.70 -22.09 -4.93
C ASP A 5 13.24 -21.75 -5.18
N ALA A 6 12.80 -20.66 -4.58
CA ALA A 6 11.45 -20.17 -4.80
C ALA A 6 11.26 -19.79 -6.27
N GLY A 7 12.24 -19.09 -6.82
CA GLY A 7 12.24 -18.77 -8.22
C GLY A 7 11.13 -17.82 -8.62
N GLN A 8 10.63 -17.06 -7.67
CA GLN A 8 9.50 -16.16 -7.94
C GLN A 8 9.83 -14.74 -7.54
N VAL A 9 9.72 -13.85 -8.51
CA VAL A 9 9.93 -12.43 -8.27
C VAL A 9 8.62 -11.79 -7.85
N TYR A 10 8.63 -11.16 -6.70
CA TYR A 10 7.43 -10.56 -6.15
C TYR A 10 7.49 -9.06 -6.37
N ARG A 11 6.36 -8.41 -6.50
CA ARG A 11 6.38 -6.98 -6.65
C ARG A 11 5.38 -6.32 -5.72
N GLY A 12 5.67 -5.10 -5.38
CA GLY A 12 4.82 -4.33 -4.50
C GLY A 12 5.06 -2.87 -4.74
N PHE A 13 4.79 -2.05 -3.75
CA PHE A 13 4.95 -0.63 -3.90
C PHE A 13 5.47 0.00 -2.62
N ILE A 14 6.37 0.97 -2.77
CA ILE A 14 7.00 1.65 -1.65
C ILE A 14 5.96 2.42 -0.85
N ALA A 15 5.65 1.93 0.34
CA ALA A 15 4.67 2.59 1.19
C ALA A 15 5.36 3.40 2.27
N VAL A 16 6.47 2.88 2.79
CA VAL A 16 7.24 3.60 3.80
C VAL A 16 8.62 3.92 3.27
N MET A 17 8.95 5.20 3.27
CA MET A 17 10.28 5.62 2.85
C MET A 17 10.95 6.39 3.99
N LYS A 18 11.92 5.75 4.63
CA LYS A 18 12.66 6.37 5.71
C LYS A 18 14.01 6.85 5.21
N GLU A 19 14.89 7.19 6.14
CA GLU A 19 16.21 7.70 5.80
C GLU A 19 17.18 6.56 5.51
N ASN A 20 17.02 5.45 6.24
CA ASN A 20 17.88 4.29 6.04
C ASN A 20 17.15 3.12 5.40
N PHE A 21 15.88 2.94 5.77
CA PHE A 21 15.13 1.78 5.33
C PHE A 21 13.70 2.16 4.95
N GLY A 22 12.87 1.15 4.73
CA GLY A 22 11.47 1.39 4.45
C GLY A 22 10.68 0.09 4.52
N PHE A 23 9.44 0.15 4.07
CA PHE A 23 8.58 -1.03 4.05
C PHE A 23 7.82 -1.09 2.74
N ILE A 24 7.66 -2.30 2.22
CA ILE A 24 6.96 -2.49 0.97
C ILE A 24 5.66 -3.24 1.20
N GLU A 25 4.55 -2.62 0.83
CA GLU A 25 3.28 -3.30 0.83
C GLU A 25 3.26 -4.32 -0.29
N THR A 26 3.09 -5.58 0.06
CA THR A 26 3.03 -6.63 -0.92
C THR A 26 1.84 -6.42 -1.85
N LEU A 27 1.94 -6.97 -3.05
CA LEU A 27 0.91 -6.80 -4.07
C LEU A 27 -0.47 -7.22 -3.55
N SER A 28 -0.49 -8.23 -2.69
CA SER A 28 -1.74 -8.74 -2.16
C SER A 28 -2.00 -8.20 -0.75
N HIS A 29 -1.15 -7.26 -0.31
CA HIS A 29 -1.21 -6.65 1.04
C HIS A 29 -1.54 -7.68 2.12
N ASP A 30 -0.91 -8.84 2.01
CA ASP A 30 -1.16 -9.94 2.93
C ASP A 30 0.12 -10.27 3.71
N GLU A 31 1.24 -9.78 3.21
CA GLU A 31 2.53 -10.10 3.79
C GLU A 31 3.36 -8.83 3.98
N GLU A 32 4.19 -8.81 5.00
CA GLU A 32 5.01 -7.64 5.31
C GLU A 32 6.46 -7.92 4.99
N VAL A 33 7.09 -7.03 4.23
CA VAL A 33 8.49 -7.20 3.86
C VAL A 33 9.32 -5.99 4.29
N PHE A 34 10.26 -6.25 5.18
CA PHE A 34 11.23 -5.24 5.57
C PHE A 34 12.25 -5.03 4.45
N PHE A 35 12.35 -3.80 3.99
CA PHE A 35 13.28 -3.45 2.93
C PHE A 35 14.17 -2.29 3.36
N HIS A 36 15.47 -2.52 3.31
CA HIS A 36 16.44 -1.48 3.65
C HIS A 36 17.00 -0.89 2.36
N PHE A 37 17.23 0.42 2.34
CA PHE A 37 17.69 1.07 1.10
C PHE A 37 19.12 0.68 0.73
N SER A 38 19.87 0.22 1.72
CA SER A 38 21.25 -0.21 1.48
C SER A 38 21.31 -1.37 0.48
N ASN A 39 20.26 -2.19 0.45
CA ASN A 39 20.23 -3.34 -0.46
C ASN A 39 19.38 -3.00 -1.69
N TYR A 40 19.14 -1.72 -1.90
CA TYR A 40 18.41 -1.26 -3.07
C TYR A 40 19.36 -0.93 -4.21
N MET A 41 19.07 -1.48 -5.39
CA MET A 41 19.92 -1.25 -6.55
C MET A 41 19.21 -0.34 -7.55
N GLY A 42 19.45 0.95 -7.41
CA GLY A 42 18.83 1.92 -8.27
C GLY A 42 19.13 3.33 -7.81
N ASN A 43 18.09 4.15 -7.68
CA ASN A 43 18.25 5.52 -7.20
C ASN A 43 16.99 5.98 -6.47
N PRO A 44 17.08 6.16 -5.14
CA PRO A 44 15.92 6.51 -4.31
C PRO A 44 15.44 7.95 -4.49
N ASN A 45 16.28 8.78 -5.09
CA ASN A 45 15.93 10.18 -5.31
C ASN A 45 14.82 10.32 -6.35
N TRP A 46 14.58 9.25 -7.11
CA TRP A 46 13.54 9.27 -8.12
C TRP A 46 12.44 8.27 -7.79
N LEU A 47 12.40 7.85 -6.53
CA LEU A 47 11.34 7.01 -6.04
C LEU A 47 10.28 7.85 -5.36
N GLU A 48 9.13 7.24 -5.13
CA GLU A 48 8.05 7.91 -4.45
C GLU A 48 7.15 6.87 -3.80
N LEU A 49 6.27 7.33 -2.92
CA LEU A 49 5.34 6.44 -2.28
C LEU A 49 4.32 5.94 -3.30
N GLY A 50 4.18 4.63 -3.38
CA GLY A 50 3.27 4.05 -4.34
C GLY A 50 3.98 3.63 -5.62
N GLN A 51 5.29 3.86 -5.68
CA GLN A 51 6.07 3.49 -6.85
C GLN A 51 6.15 1.98 -6.99
N GLU A 52 5.67 1.49 -8.13
CA GLU A 52 5.70 0.07 -8.46
C GLU A 52 7.13 -0.42 -8.60
N VAL A 53 7.50 -1.43 -7.80
CA VAL A 53 8.83 -2.02 -7.84
C VAL A 53 8.73 -3.53 -7.66
N GLU A 54 9.60 -4.29 -8.33
CA GLU A 54 9.62 -5.73 -8.17
C GLU A 54 10.94 -6.18 -7.57
N TYR A 55 10.89 -7.25 -6.79
CA TYR A 55 12.04 -7.66 -6.00
C TYR A 55 11.93 -9.10 -5.52
N THR A 56 12.96 -9.58 -4.84
CA THR A 56 12.96 -10.94 -4.31
C THR A 56 13.25 -10.94 -2.81
N LEU A 57 13.01 -12.08 -2.16
CA LEU A 57 13.22 -12.19 -0.73
C LEU A 57 14.57 -12.82 -0.42
N ALA A 58 15.25 -12.26 0.57
CA ALA A 58 16.56 -12.77 0.98
C ALA A 58 16.42 -13.91 1.99
N ARG A 59 15.38 -14.72 1.81
CA ARG A 59 15.11 -15.81 2.73
C ARG A 59 15.83 -17.07 2.27
N ASN A 60 17.14 -16.96 2.23
CA ASN A 60 18.02 -18.08 1.88
C ASN A 60 19.26 -18.02 2.76
N GLY A 61 20.06 -19.07 2.76
CA GLY A 61 21.27 -19.08 3.55
C GLY A 61 21.03 -19.47 5.00
N ASN A 62 20.34 -18.61 5.73
CA ASN A 62 20.05 -18.88 7.13
C ASN A 62 18.88 -19.85 7.27
N THR A 63 18.66 -20.35 8.48
CA THR A 63 17.57 -21.28 8.74
C THR A 63 16.22 -20.58 8.61
N SER A 64 16.20 -19.29 8.91
CA SER A 64 15.01 -18.44 8.80
C SER A 64 13.94 -18.84 9.82
N VAL A 65 14.29 -19.73 10.74
CA VAL A 65 13.35 -20.15 11.77
C VAL A 65 13.25 -19.09 12.85
N SER A 66 14.36 -18.42 13.10
CA SER A 66 14.42 -17.36 14.10
C SER A 66 14.23 -16.00 13.43
N GLY A 67 13.95 -16.01 12.13
CA GLY A 67 13.78 -14.78 11.39
C GLY A 67 12.34 -14.59 10.95
N ASN A 68 11.57 -13.92 11.78
CA ASN A 68 10.16 -13.64 11.48
C ASN A 68 10.05 -12.79 10.22
N CYS A 69 10.85 -11.74 10.15
CA CYS A 69 10.90 -10.89 8.98
C CYS A 69 12.34 -10.73 8.53
N LEU A 70 12.55 -10.76 7.22
CA LEU A 70 13.90 -10.71 6.66
C LEU A 70 14.04 -9.56 5.67
N PRO A 71 15.26 -9.04 5.51
CA PRO A 71 15.56 -7.99 4.53
C PRO A 71 15.28 -8.45 3.10
N ALA A 72 15.02 -7.50 2.22
CA ALA A 72 14.81 -7.78 0.82
C ALA A 72 16.09 -7.55 0.03
N GLU A 73 16.10 -7.98 -1.22
CA GLU A 73 17.22 -7.70 -2.11
C GLU A 73 16.79 -7.81 -3.57
N ASN A 74 17.69 -7.43 -4.48
CA ASN A 74 17.43 -7.43 -5.93
C ASN A 74 16.25 -6.51 -6.26
N VAL A 75 16.04 -5.51 -5.42
CA VAL A 75 14.94 -4.58 -5.59
C VAL A 75 15.15 -3.69 -6.80
N ARG A 76 14.26 -3.80 -7.77
CA ARG A 76 14.35 -3.02 -8.99
C ARG A 76 13.05 -2.27 -9.25
N MET A 77 13.13 -1.20 -10.02
CA MET A 77 11.94 -0.43 -10.37
C MET A 77 11.10 -1.19 -11.38
N LEU A 78 9.81 -1.01 -11.28
CA LEU A 78 8.88 -1.66 -12.17
C LEU A 78 8.09 -0.59 -12.92
N PRO A 79 7.98 -0.71 -14.26
CA PRO A 79 7.20 0.24 -15.06
C PRO A 79 5.77 0.36 -14.57
N LYS A 80 5.22 1.56 -14.69
CA LYS A 80 3.85 1.81 -14.28
C LYS A 80 2.88 0.92 -15.06
N ASN A 81 1.66 0.79 -14.54
CA ASN A 81 0.59 0.02 -15.20
C ASN A 81 0.80 -1.49 -14.98
N SER A 82 1.82 -1.84 -14.22
CA SER A 82 2.08 -3.24 -13.90
C SER A 82 1.17 -3.68 -12.76
N ILE A 83 0.80 -2.71 -11.92
CA ILE A 83 -0.20 -2.93 -10.90
C ILE A 83 -1.58 -2.58 -11.47
N PRO A 84 -2.48 -3.57 -11.56
CA PRO A 84 -3.80 -3.37 -12.17
C PRO A 84 -4.75 -2.62 -11.25
N GLN A 85 -5.74 -1.96 -11.84
CA GLN A 85 -6.72 -1.25 -11.07
C GLN A 85 -8.09 -1.91 -11.23
N PRO A 86 -9.00 -1.74 -10.27
CA PRO A 86 -10.36 -2.29 -10.35
C PRO A 86 -11.15 -1.63 -11.48
N ALA A 87 -11.98 -2.42 -12.17
CA ALA A 87 -12.69 -1.91 -13.34
C ALA A 87 -13.92 -1.12 -12.93
N VAL A 88 -13.74 0.20 -12.84
CA VAL A 88 -14.83 1.10 -12.46
C VAL A 88 -14.74 2.37 -13.29
N LEU A 89 -15.85 2.78 -13.88
CA LEU A 89 -15.84 3.93 -14.78
C LEU A 89 -16.15 5.24 -14.05
N GLU A 90 -17.33 5.32 -13.43
CA GLU A 90 -17.75 6.58 -12.81
C GLU A 90 -17.32 6.66 -11.34
N THR A 91 -17.65 5.62 -10.58
CA THR A 91 -17.30 5.52 -9.17
C THR A 91 -18.12 4.40 -8.54
N THR A 92 -17.67 3.88 -7.41
CA THR A 92 -18.43 2.86 -6.71
C THR A 92 -19.09 3.46 -5.48
N HIS A 93 -18.28 4.12 -4.65
CA HIS A 93 -18.77 4.70 -3.42
C HIS A 93 -18.08 6.02 -3.15
N ASN A 94 -18.60 6.75 -2.19
CA ASN A 94 -17.96 7.94 -1.68
C ASN A 94 -17.83 7.78 -0.18
N GLY A 95 -16.84 8.39 0.41
CA GLY A 95 -16.64 8.24 1.83
C GLY A 95 -15.86 9.36 2.43
N VAL A 96 -15.53 9.21 3.71
CA VAL A 96 -14.78 10.21 4.42
C VAL A 96 -13.70 9.54 5.26
N VAL A 97 -12.53 10.16 5.35
CA VAL A 97 -11.42 9.59 6.11
C VAL A 97 -11.81 9.43 7.58
N ALA A 98 -11.70 8.20 8.09
CA ALA A 98 -12.16 7.88 9.43
C ALA A 98 -11.10 8.16 10.47
N ARG A 99 -9.84 7.88 10.16
CA ARG A 99 -8.76 8.05 11.13
C ARG A 99 -7.41 8.31 10.45
N PRO A 100 -6.61 9.22 11.02
CA PRO A 100 -5.21 9.41 10.61
C PRO A 100 -4.30 8.36 11.25
N LEU A 101 -3.07 8.26 10.77
CA LEU A 101 -2.16 7.24 11.26
C LEU A 101 -0.92 7.86 11.91
N ARG A 102 -1.01 8.17 13.20
CA ARG A 102 0.16 8.61 13.95
C ARG A 102 0.72 7.51 14.84
N CYS A 103 -0.08 7.08 15.81
CA CYS A 103 0.39 6.26 16.92
C CYS A 103 0.74 4.83 16.51
N ILE A 104 0.10 4.35 15.46
CA ILE A 104 0.25 2.96 15.05
C ILE A 104 1.65 2.68 14.53
N ASN A 105 2.26 3.68 13.89
CA ASN A 105 3.59 3.57 13.28
C ASN A 105 3.54 2.66 12.04
N PRO A 106 4.17 3.11 10.94
CA PRO A 106 4.09 2.45 9.62
C PRO A 106 4.67 1.04 9.54
N ASP A 107 5.19 0.52 10.63
CA ASP A 107 5.79 -0.82 10.61
C ASP A 107 4.75 -1.90 10.90
N GLN A 108 3.52 -1.46 11.16
CA GLN A 108 2.41 -2.39 11.37
C GLN A 108 1.47 -2.33 10.17
N GLN A 109 0.92 -3.48 9.79
CA GLN A 109 0.03 -3.61 8.62
C GLN A 109 -1.19 -2.69 8.75
N GLU A 110 -1.51 -2.35 10.00
CA GLU A 110 -2.61 -1.46 10.33
C GLU A 110 -2.40 -0.07 9.70
N TYR A 111 -1.18 0.16 9.21
CA TYR A 111 -0.81 1.40 8.53
C TYR A 111 -1.70 1.70 7.33
N ALA A 112 -2.37 0.68 6.82
CA ALA A 112 -3.20 0.84 5.62
C ALA A 112 -4.41 1.75 5.87
N GLY A 113 -4.71 2.03 7.15
CA GLY A 113 -5.77 2.96 7.49
C GLY A 113 -7.15 2.49 7.07
N LEU A 114 -8.17 3.30 7.32
CA LEU A 114 -9.54 2.90 7.02
C LEU A 114 -10.42 4.10 6.73
N ILE A 115 -11.30 3.93 5.76
CA ILE A 115 -12.28 4.93 5.40
C ILE A 115 -13.67 4.44 5.81
N GLU A 116 -14.45 5.31 6.43
CA GLU A 116 -15.80 4.94 6.85
C GLU A 116 -16.76 5.19 5.68
N ILE A 117 -17.27 4.10 5.13
CA ILE A 117 -18.12 4.16 3.95
C ILE A 117 -19.55 4.26 4.40
N LEU A 118 -20.23 5.31 3.99
CA LEU A 118 -21.61 5.52 4.41
C LEU A 118 -22.56 4.86 3.44
N ASP A 119 -23.71 4.43 3.94
CA ASP A 119 -24.73 3.79 3.10
C ASP A 119 -25.17 4.74 1.99
N GLU A 120 -25.85 4.21 0.99
CA GLU A 120 -26.32 5.03 -0.11
C GLU A 120 -27.36 6.03 0.38
N LEU A 121 -27.96 5.74 1.54
CA LEU A 121 -28.95 6.63 2.13
C LEU A 121 -28.29 7.53 3.17
N ARG A 122 -26.96 7.58 3.14
CA ARG A 122 -26.13 8.39 4.05
C ARG A 122 -26.50 8.17 5.53
N THR A 123 -26.98 6.98 5.84
CA THR A 123 -27.42 6.67 7.19
C THR A 123 -26.24 6.45 8.14
N THR A 124 -25.51 5.38 7.91
CA THR A 124 -24.42 4.98 8.81
C THR A 124 -23.20 4.52 8.04
N VAL A 125 -22.22 3.99 8.75
CA VAL A 125 -21.05 3.40 8.12
C VAL A 125 -21.28 1.91 7.91
N ILE A 126 -21.04 1.42 6.70
CA ILE A 126 -21.32 0.03 6.38
C ILE A 126 -20.39 -0.89 7.17
N SER A 127 -19.11 -0.88 6.84
CA SER A 127 -18.12 -1.57 7.64
C SER A 127 -16.86 -0.74 7.77
N GLN A 128 -15.97 -0.88 6.78
CA GLN A 128 -14.76 -0.07 6.64
C GLN A 128 -14.06 -0.47 5.33
N HIS A 129 -13.47 0.47 4.63
CA HIS A 129 -12.68 0.12 3.46
C HIS A 129 -11.23 0.51 3.68
N GLU A 130 -10.36 -0.48 3.53
CA GLU A 130 -8.93 -0.30 3.71
C GLU A 130 -8.32 0.28 2.44
N PHE A 131 -7.38 1.20 2.59
CA PHE A 131 -6.82 1.87 1.42
C PHE A 131 -5.34 1.55 1.25
N GLY A 132 -4.83 1.77 0.05
CA GLY A 132 -3.45 1.46 -0.24
C GLY A 132 -2.67 2.69 -0.65
N ILE A 133 -1.36 2.69 -0.42
CA ILE A 133 -0.50 3.81 -0.80
C ILE A 133 -0.63 4.13 -2.29
N THR A 134 -0.94 3.10 -3.08
CA THR A 134 -1.15 3.26 -4.52
C THR A 134 -2.47 3.98 -4.78
N SER A 135 -3.44 3.72 -3.92
CA SER A 135 -4.74 4.35 -4.00
C SER A 135 -4.61 5.84 -3.72
N LEU A 136 -3.68 6.19 -2.84
CA LEU A 136 -3.45 7.58 -2.45
C LEU A 136 -2.73 8.37 -3.53
N VAL A 137 -3.31 8.42 -4.72
CA VAL A 137 -2.76 9.20 -5.83
C VAL A 137 -2.37 10.61 -5.37
N ASN A 138 -3.29 11.24 -4.64
CA ASN A 138 -3.09 12.60 -4.15
C ASN A 138 -2.52 12.60 -2.73
N LYS A 139 -1.65 11.63 -2.47
CA LYS A 139 -1.06 11.41 -1.14
C LYS A 139 -0.38 12.66 -0.55
N ARG A 140 0.04 13.59 -1.41
CA ARG A 140 0.74 14.78 -0.94
C ARG A 140 -0.22 15.84 -0.43
N ASP A 141 -1.51 15.58 -0.62
CA ASP A 141 -2.55 16.51 -0.19
C ASP A 141 -2.64 16.57 1.35
N LEU A 142 -3.48 17.45 1.85
CA LEU A 142 -3.64 17.65 3.30
C LEU A 142 -4.71 16.72 3.84
N LEU A 143 -5.02 15.70 3.06
CA LEU A 143 -6.12 14.76 3.33
C LEU A 143 -6.11 14.30 4.78
N GLN A 144 -7.18 14.61 5.49
CA GLN A 144 -7.27 14.34 6.92
C GLN A 144 -8.63 13.75 7.27
N LYS A 145 -8.84 13.46 8.56
CA LYS A 145 -10.12 12.94 9.02
C LYS A 145 -11.21 13.98 8.83
N GLY A 146 -12.30 13.57 8.21
CA GLY A 146 -13.40 14.48 7.98
C GLY A 146 -13.36 15.09 6.60
N ASP A 147 -12.32 14.80 5.83
CA ASP A 147 -12.24 15.27 4.46
C ASP A 147 -12.85 14.23 3.52
N LEU A 148 -13.48 14.70 2.46
CA LEU A 148 -14.27 13.84 1.59
C LEU A 148 -13.44 13.24 0.47
N VAL A 149 -13.60 11.94 0.25
CA VAL A 149 -12.85 11.24 -0.77
C VAL A 149 -13.75 10.43 -1.68
N SER A 150 -13.34 10.31 -2.94
CA SER A 150 -13.99 9.41 -3.88
C SER A 150 -13.01 8.30 -4.24
N PHE A 151 -13.53 7.10 -4.36
CA PHE A 151 -12.70 5.93 -4.60
C PHE A 151 -13.50 4.89 -5.36
N ARG A 152 -12.81 3.90 -5.90
CA ARG A 152 -13.49 2.87 -6.65
C ARG A 152 -13.11 1.49 -6.13
N ILE A 153 -14.12 0.75 -5.66
CA ILE A 153 -13.96 -0.64 -5.35
C ILE A 153 -14.58 -1.47 -6.46
N ASP A 154 -14.04 -2.67 -6.72
CA ASP A 154 -14.62 -3.54 -7.73
C ASP A 154 -14.16 -4.98 -7.51
N GLU A 155 -13.08 -5.39 -8.16
CA GLU A 155 -12.61 -6.76 -8.03
C GLU A 155 -11.76 -6.93 -6.77
N SER A 156 -11.00 -5.89 -6.41
CA SER A 156 -10.13 -5.97 -5.26
C SER A 156 -10.94 -5.80 -3.97
N GLY A 157 -12.14 -5.27 -4.09
CA GLY A 157 -13.02 -5.12 -2.94
C GLY A 157 -12.61 -4.00 -2.00
N ARG A 158 -11.39 -3.50 -2.12
CA ARG A 158 -10.89 -2.47 -1.22
C ARG A 158 -10.92 -1.12 -1.92
N ALA A 159 -10.57 -0.05 -1.19
CA ALA A 159 -10.66 1.29 -1.74
C ALA A 159 -9.40 1.63 -2.51
N ALA A 160 -9.53 1.72 -3.81
CA ALA A 160 -8.42 2.03 -4.68
C ALA A 160 -8.69 3.31 -5.45
N CYS A 161 -7.61 3.97 -5.86
CA CYS A 161 -7.68 5.20 -6.63
C CYS A 161 -8.48 6.27 -5.89
N VAL A 162 -8.16 6.46 -4.61
CA VAL A 162 -8.82 7.48 -3.82
C VAL A 162 -8.39 8.87 -4.25
N ASN A 163 -9.35 9.71 -4.51
CA ASN A 163 -9.09 11.08 -4.88
C ASN A 163 -9.90 12.03 -4.00
N ALA A 164 -9.21 12.95 -3.36
CA ALA A 164 -9.85 13.91 -2.47
C ALA A 164 -10.77 14.83 -3.25
N VAL A 165 -12.01 14.94 -2.79
CA VAL A 165 -13.00 15.76 -3.48
C VAL A 165 -13.55 16.85 -2.58
N ARG A 166 -13.19 18.09 -2.89
CA ARG A 166 -13.73 19.23 -2.19
C ARG A 166 -14.94 19.75 -2.95
N GLN A 167 -16.05 19.87 -2.24
CA GLN A 167 -17.32 20.17 -2.87
C GLN A 167 -18.06 21.26 -2.10
N LYS A 168 -19.10 21.78 -2.73
CA LYS A 168 -19.90 22.89 -2.18
C LYS A 168 -20.52 22.54 -0.82
N GLY A 1 29.50 -20.18 -1.24
CA GLY A 1 29.59 -20.69 -2.60
C GLY A 1 28.28 -21.27 -3.09
N ALA A 2 27.19 -20.84 -2.46
CA ALA A 2 25.87 -21.34 -2.83
C ALA A 2 24.83 -20.23 -2.79
N GLY A 3 24.27 -19.91 -3.94
CA GLY A 3 23.22 -18.91 -4.02
C GLY A 3 21.90 -19.53 -4.44
N SER A 4 20.99 -19.69 -3.50
CA SER A 4 19.70 -20.29 -3.76
C SER A 4 18.58 -19.26 -3.61
N ASP A 5 17.94 -18.92 -4.73
CA ASP A 5 16.86 -17.95 -4.74
C ASP A 5 15.54 -18.64 -4.45
N ALA A 6 14.51 -17.85 -4.23
CA ALA A 6 13.17 -18.37 -4.01
C ALA A 6 12.53 -18.71 -5.35
N GLY A 7 13.03 -18.10 -6.41
CA GLY A 7 12.51 -18.33 -7.74
C GLY A 7 11.33 -17.45 -8.06
N GLN A 8 10.58 -17.08 -7.04
CA GLN A 8 9.44 -16.20 -7.22
C GLN A 8 9.79 -14.78 -6.82
N VAL A 9 9.68 -13.89 -7.80
CA VAL A 9 9.93 -12.49 -7.58
C VAL A 9 8.61 -11.79 -7.24
N TYR A 10 8.60 -11.09 -6.13
CA TYR A 10 7.38 -10.46 -5.67
C TYR A 10 7.38 -9.00 -6.08
N ARG A 11 6.23 -8.52 -6.54
CA ARG A 11 6.14 -7.17 -7.02
C ARG A 11 5.25 -6.35 -6.09
N GLY A 12 5.62 -5.10 -5.89
CA GLY A 12 4.87 -4.24 -5.00
C GLY A 12 5.09 -2.79 -5.31
N PHE A 13 4.62 -1.93 -4.43
CA PHE A 13 4.74 -0.49 -4.62
C PHE A 13 5.15 0.20 -3.32
N ILE A 14 6.04 1.18 -3.44
CA ILE A 14 6.60 1.87 -2.27
C ILE A 14 5.51 2.59 -1.48
N ALA A 15 5.31 2.20 -0.22
CA ALA A 15 4.30 2.82 0.61
C ALA A 15 4.90 3.96 1.43
N VAL A 16 5.94 3.67 2.21
CA VAL A 16 6.58 4.70 3.03
C VAL A 16 8.05 4.82 2.66
N MET A 17 8.66 5.93 3.01
CA MET A 17 10.06 6.18 2.70
C MET A 17 10.76 6.90 3.85
N LYS A 18 11.68 6.20 4.50
CA LYS A 18 12.52 6.83 5.50
C LYS A 18 13.95 6.89 4.99
N GLU A 19 14.81 7.50 5.77
CA GLU A 19 16.21 7.70 5.39
C GLU A 19 16.93 6.36 5.20
N ASN A 20 16.57 5.37 6.01
CA ASN A 20 17.26 4.08 5.97
C ASN A 20 16.38 2.97 5.41
N PHE A 21 15.15 2.88 5.90
CA PHE A 21 14.28 1.77 5.53
C PHE A 21 12.91 2.26 5.07
N GLY A 22 12.13 1.35 4.51
CA GLY A 22 10.79 1.67 4.07
C GLY A 22 9.90 0.45 4.07
N PHE A 23 8.69 0.61 3.57
CA PHE A 23 7.74 -0.49 3.50
C PHE A 23 7.16 -0.60 2.09
N ILE A 24 6.72 -1.79 1.73
CA ILE A 24 6.22 -2.07 0.40
C ILE A 24 4.91 -2.85 0.47
N GLU A 25 3.85 -2.31 -0.12
CA GLU A 25 2.60 -3.03 -0.21
C GLU A 25 2.75 -4.20 -1.16
N THR A 26 2.53 -5.40 -0.62
CA THR A 26 2.51 -6.59 -1.43
C THR A 26 1.45 -6.47 -2.53
N LEU A 27 1.77 -6.97 -3.72
CA LEU A 27 0.86 -6.90 -4.87
C LEU A 27 -0.54 -7.41 -4.48
N SER A 28 -0.58 -8.53 -3.79
CA SER A 28 -1.83 -9.16 -3.39
C SER A 28 -2.36 -8.59 -2.07
N HIS A 29 -1.85 -7.41 -1.69
CA HIS A 29 -2.20 -6.72 -0.44
C HIS A 29 -2.26 -7.69 0.76
N ASP A 30 -1.36 -8.66 0.74
CA ASP A 30 -1.31 -9.70 1.76
C ASP A 30 -0.83 -9.12 3.09
N GLU A 31 0.29 -8.40 3.03
CA GLU A 31 0.88 -7.80 4.21
C GLU A 31 1.91 -6.75 3.82
N GLU A 32 2.61 -6.21 4.81
CA GLU A 32 3.64 -5.21 4.58
C GLU A 32 5.01 -5.84 4.69
N VAL A 33 5.95 -5.36 3.89
CA VAL A 33 7.27 -5.94 3.85
C VAL A 33 8.33 -4.91 4.17
N PHE A 34 9.09 -5.18 5.22
CA PHE A 34 10.20 -4.34 5.60
C PHE A 34 11.38 -4.54 4.65
N PHE A 35 11.75 -3.50 3.94
CA PHE A 35 12.93 -3.55 3.10
C PHE A 35 13.89 -2.45 3.53
N HIS A 36 15.17 -2.68 3.32
CA HIS A 36 16.19 -1.74 3.74
C HIS A 36 16.83 -1.11 2.51
N PHE A 37 16.90 0.22 2.47
CA PHE A 37 17.46 0.93 1.32
C PHE A 37 18.94 0.61 1.15
N SER A 38 19.55 0.13 2.23
CA SER A 38 20.95 -0.29 2.21
C SER A 38 21.19 -1.42 1.20
N ASN A 39 20.21 -2.31 1.05
CA ASN A 39 20.35 -3.41 0.11
C ASN A 39 19.55 -3.14 -1.17
N TYR A 40 18.88 -1.99 -1.20
CA TYR A 40 18.11 -1.58 -2.36
C TYR A 40 19.05 -1.17 -3.50
N MET A 41 18.82 -1.74 -4.66
CA MET A 41 19.65 -1.44 -5.82
C MET A 41 18.94 -0.47 -6.75
N GLY A 42 19.46 0.75 -6.82
CA GLY A 42 18.88 1.77 -7.66
C GLY A 42 19.04 3.15 -7.06
N ASN A 43 18.41 4.14 -7.66
CA ASN A 43 18.46 5.50 -7.15
C ASN A 43 17.25 5.77 -6.27
N PRO A 44 17.42 5.80 -4.94
CA PRO A 44 16.31 5.97 -4.01
C PRO A 44 15.68 7.35 -4.11
N ASN A 45 16.48 8.34 -4.47
CA ASN A 45 15.99 9.71 -4.61
C ASN A 45 15.08 9.85 -5.82
N TRP A 46 15.07 8.84 -6.68
CA TRP A 46 14.19 8.84 -7.84
C TRP A 46 12.96 7.99 -7.58
N LEU A 47 12.80 7.55 -6.34
CA LEU A 47 11.63 6.77 -5.96
C LEU A 47 10.49 7.67 -5.51
N GLU A 48 9.29 7.28 -5.89
CA GLU A 48 8.09 7.98 -5.47
C GLU A 48 7.19 7.02 -4.71
N LEU A 49 6.31 7.55 -3.90
CA LEU A 49 5.37 6.73 -3.17
C LEU A 49 4.31 6.20 -4.13
N GLY A 50 4.30 4.89 -4.32
CA GLY A 50 3.41 4.29 -5.29
C GLY A 50 4.16 3.77 -6.49
N GLN A 51 5.47 3.99 -6.52
CA GLN A 51 6.31 3.49 -7.61
C GLN A 51 6.34 1.96 -7.61
N GLU A 52 6.24 1.39 -8.80
CA GLU A 52 6.23 -0.04 -8.97
C GLU A 52 7.66 -0.59 -8.88
N VAL A 53 7.86 -1.56 -8.00
CA VAL A 53 9.16 -2.21 -7.84
C VAL A 53 8.97 -3.71 -7.57
N GLU A 54 9.97 -4.51 -7.91
CA GLU A 54 9.92 -5.93 -7.62
C GLU A 54 11.13 -6.35 -6.80
N TYR A 55 10.94 -7.34 -5.95
CA TYR A 55 11.95 -7.74 -4.99
C TYR A 55 11.72 -9.16 -4.51
N THR A 56 12.65 -9.68 -3.72
CA THR A 56 12.54 -11.04 -3.21
C THR A 56 12.72 -11.06 -1.70
N LEU A 57 11.96 -11.92 -1.03
CA LEU A 57 12.09 -12.08 0.41
C LEU A 57 13.38 -12.81 0.74
N ALA A 58 14.21 -12.17 1.54
CA ALA A 58 15.53 -12.69 1.86
C ALA A 58 15.45 -13.81 2.89
N ARG A 59 14.44 -13.70 3.76
CA ARG A 59 14.27 -14.63 4.87
C ARG A 59 15.51 -14.62 5.75
N ASN A 60 16.12 -13.44 5.87
CA ASN A 60 17.32 -13.26 6.67
C ASN A 60 16.95 -13.23 8.15
N GLY A 61 17.09 -14.37 8.80
CA GLY A 61 16.70 -14.48 10.20
C GLY A 61 17.72 -13.86 11.14
N ASN A 62 17.54 -14.13 12.43
CA ASN A 62 18.41 -13.60 13.49
C ASN A 62 18.32 -12.08 13.58
N THR A 63 17.23 -11.55 13.04
CA THR A 63 16.99 -10.12 13.05
C THR A 63 15.79 -9.80 13.94
N SER A 64 15.21 -10.85 14.52
CA SER A 64 13.97 -10.73 15.29
C SER A 64 14.21 -10.02 16.63
N VAL A 65 15.44 -9.61 16.87
CA VAL A 65 15.78 -8.86 18.07
C VAL A 65 15.62 -7.36 17.85
N SER A 66 15.70 -6.94 16.59
CA SER A 66 15.62 -5.53 16.24
C SER A 66 14.45 -5.27 15.30
N GLY A 67 13.61 -6.27 15.13
CA GLY A 67 12.49 -6.17 14.23
C GLY A 67 11.74 -7.47 14.11
N ASN A 68 10.42 -7.39 14.20
CA ASN A 68 9.57 -8.57 14.08
C ASN A 68 9.72 -9.20 12.71
N CYS A 69 9.72 -8.38 11.68
CA CYS A 69 9.83 -8.86 10.30
C CYS A 69 11.27 -8.75 9.82
N LEU A 70 11.68 -9.72 9.02
CA LEU A 70 13.03 -9.74 8.49
C LEU A 70 13.12 -8.97 7.17
N PRO A 71 14.31 -8.41 6.87
CA PRO A 71 14.49 -7.57 5.69
C PRO A 71 14.37 -8.32 4.37
N ALA A 72 13.92 -7.61 3.35
CA ALA A 72 13.89 -8.12 1.99
C ALA A 72 15.10 -7.58 1.22
N GLU A 73 15.63 -8.36 0.29
CA GLU A 73 16.78 -7.94 -0.49
C GLU A 73 16.48 -8.03 -1.98
N ASN A 74 17.45 -7.59 -2.79
CA ASN A 74 17.34 -7.66 -4.26
C ASN A 74 16.18 -6.78 -4.71
N VAL A 75 15.89 -5.75 -3.92
CA VAL A 75 14.84 -4.80 -4.25
C VAL A 75 15.23 -4.00 -5.50
N ARG A 76 14.42 -4.12 -6.54
CA ARG A 76 14.79 -3.61 -7.84
C ARG A 76 13.64 -2.82 -8.47
N MET A 77 13.99 -1.72 -9.12
CA MET A 77 13.02 -0.94 -9.88
C MET A 77 12.62 -1.67 -11.15
N LEU A 78 11.39 -1.46 -11.59
CA LEU A 78 10.95 -1.94 -12.89
C LEU A 78 9.96 -0.95 -13.51
N PRO A 79 9.72 -1.03 -14.82
CA PRO A 79 8.73 -0.17 -15.49
C PRO A 79 7.32 -0.43 -15.00
N LYS A 80 6.44 0.53 -15.25
CA LYS A 80 5.06 0.45 -14.80
C LYS A 80 4.25 -0.56 -15.62
N ASN A 81 2.92 -0.52 -15.42
CA ASN A 81 1.96 -1.28 -16.22
C ASN A 81 1.89 -2.76 -15.83
N SER A 82 2.35 -3.09 -14.63
CA SER A 82 2.13 -4.43 -14.10
C SER A 82 0.88 -4.43 -13.25
N ILE A 83 0.69 -3.36 -12.50
CA ILE A 83 -0.51 -3.19 -11.69
C ILE A 83 -1.64 -2.60 -12.53
N PRO A 84 -2.75 -3.34 -12.64
CA PRO A 84 -3.92 -2.94 -13.44
C PRO A 84 -4.77 -1.88 -12.74
N GLN A 85 -5.58 -1.19 -13.50
CA GLN A 85 -6.48 -0.22 -12.91
C GLN A 85 -7.84 -0.86 -12.62
N PRO A 86 -8.58 -0.32 -11.64
CA PRO A 86 -9.95 -0.78 -11.33
C PRO A 86 -10.89 -0.52 -12.51
N ALA A 87 -12.05 -1.16 -12.50
CA ALA A 87 -12.98 -1.00 -13.60
C ALA A 87 -14.35 -0.56 -13.12
N VAL A 88 -14.54 0.74 -13.08
CA VAL A 88 -15.83 1.35 -12.79
C VAL A 88 -15.97 2.60 -13.65
N LEU A 89 -17.19 3.01 -13.98
CA LEU A 89 -17.39 4.17 -14.83
C LEU A 89 -17.41 5.46 -14.01
N GLU A 90 -18.36 5.59 -13.09
CA GLU A 90 -18.50 6.82 -12.31
C GLU A 90 -17.72 6.71 -11.00
N THR A 91 -18.03 5.69 -10.21
CA THR A 91 -17.47 5.51 -8.89
C THR A 91 -18.29 4.44 -8.17
N THR A 92 -17.76 3.90 -7.07
CA THR A 92 -18.49 2.89 -6.33
C THR A 92 -19.06 3.46 -5.03
N HIS A 93 -18.19 4.05 -4.21
CA HIS A 93 -18.59 4.59 -2.91
C HIS A 93 -17.77 5.81 -2.57
N ASN A 94 -18.31 6.64 -1.70
CA ASN A 94 -17.55 7.77 -1.16
C ASN A 94 -17.43 7.56 0.35
N GLY A 95 -16.77 8.48 1.03
CA GLY A 95 -16.72 8.40 2.48
C GLY A 95 -15.82 9.44 3.07
N VAL A 96 -15.51 9.28 4.34
CA VAL A 96 -14.63 10.19 5.02
C VAL A 96 -13.47 9.41 5.64
N VAL A 97 -12.27 9.98 5.61
CA VAL A 97 -11.10 9.29 6.12
C VAL A 97 -11.26 8.96 7.60
N ALA A 98 -11.15 7.67 7.91
CA ALA A 98 -11.26 7.22 9.29
C ALA A 98 -10.01 7.62 10.06
N ARG A 99 -8.85 7.22 9.54
CA ARG A 99 -7.56 7.64 10.11
C ARG A 99 -6.38 7.00 9.36
N PRO A 100 -5.40 7.81 8.96
CA PRO A 100 -4.09 7.34 8.50
C PRO A 100 -3.15 7.11 9.69
N LEU A 101 -2.52 5.95 9.75
CA LEU A 101 -1.74 5.58 10.93
C LEU A 101 -0.33 5.13 10.57
N ARG A 102 0.65 6.00 10.78
CA ARG A 102 2.04 5.62 10.57
C ARG A 102 2.71 5.23 11.88
N CYS A 103 2.35 5.92 12.95
CA CYS A 103 3.07 5.81 14.21
C CYS A 103 2.49 4.76 15.16
N ILE A 104 1.17 4.77 15.32
CA ILE A 104 0.54 4.05 16.43
C ILE A 104 0.61 2.52 16.32
N ASN A 105 0.34 1.96 15.16
CA ASN A 105 0.25 0.50 15.03
C ASN A 105 0.91 0.00 13.76
N PRO A 106 2.22 -0.31 13.84
CA PRO A 106 2.95 -0.90 12.71
C PRO A 106 2.89 -2.43 12.71
N ASP A 107 2.35 -3.00 13.79
CA ASP A 107 2.25 -4.45 13.94
C ASP A 107 0.85 -4.94 13.61
N GLN A 108 0.01 -4.04 13.11
CA GLN A 108 -1.39 -4.35 12.89
C GLN A 108 -1.73 -4.33 11.41
N GLN A 109 -2.60 -5.25 11.00
CA GLN A 109 -3.05 -5.40 9.62
C GLN A 109 -3.47 -4.06 8.99
N GLU A 110 -4.13 -3.22 9.79
CA GLU A 110 -4.71 -1.97 9.31
C GLU A 110 -3.72 -0.83 9.28
N TYR A 111 -2.44 -1.18 9.36
CA TYR A 111 -1.34 -0.21 9.40
C TYR A 111 -1.45 0.87 8.33
N ALA A 112 -2.03 0.54 7.20
CA ALA A 112 -2.02 1.47 6.08
C ALA A 112 -2.98 2.64 6.27
N GLY A 113 -4.12 2.37 6.89
CA GLY A 113 -5.12 3.39 7.06
C GLY A 113 -6.45 2.98 6.50
N LEU A 114 -7.52 3.46 7.10
CA LEU A 114 -8.85 3.01 6.72
C LEU A 114 -9.80 4.17 6.49
N ILE A 115 -10.81 3.91 5.68
CA ILE A 115 -11.87 4.86 5.42
C ILE A 115 -13.19 4.28 5.91
N GLU A 116 -13.99 5.09 6.58
CA GLU A 116 -15.29 4.62 7.05
C GLU A 116 -16.33 4.77 5.94
N ILE A 117 -16.77 3.64 5.44
CA ILE A 117 -17.63 3.59 4.27
C ILE A 117 -19.08 3.74 4.69
N LEU A 118 -19.79 4.64 4.04
CA LEU A 118 -21.17 4.92 4.41
C LEU A 118 -22.11 3.94 3.71
N ASP A 119 -23.18 3.59 4.40
CA ASP A 119 -24.21 2.73 3.81
C ASP A 119 -24.88 3.42 2.63
N GLU A 120 -25.60 2.65 1.83
CA GLU A 120 -26.26 3.19 0.64
C GLU A 120 -27.26 4.29 0.98
N LEU A 121 -27.79 4.27 2.20
CA LEU A 121 -28.71 5.31 2.64
C LEU A 121 -27.96 6.38 3.45
N ARG A 122 -26.63 6.33 3.35
CA ARG A 122 -25.72 7.18 4.13
C ARG A 122 -26.19 7.39 5.57
N THR A 123 -25.97 6.36 6.39
CA THR A 123 -26.38 6.39 7.78
C THR A 123 -25.20 6.09 8.70
N THR A 124 -24.72 4.86 8.66
CA THR A 124 -23.61 4.44 9.50
C THR A 124 -22.49 3.86 8.65
N VAL A 125 -21.31 3.69 9.25
CA VAL A 125 -20.18 3.05 8.59
C VAL A 125 -20.42 1.55 8.48
N ILE A 126 -20.19 0.99 7.30
CA ILE A 126 -20.44 -0.43 7.07
C ILE A 126 -19.43 -1.30 7.82
N SER A 127 -18.17 -1.27 7.38
CA SER A 127 -17.12 -1.92 8.13
C SER A 127 -15.86 -1.05 8.16
N GLN A 128 -15.04 -1.20 7.11
CA GLN A 128 -13.82 -0.42 6.94
C GLN A 128 -13.19 -0.77 5.60
N HIS A 129 -12.73 0.22 4.85
CA HIS A 129 -11.98 -0.04 3.63
C HIS A 129 -10.60 0.57 3.73
N GLU A 130 -9.61 -0.19 3.36
CA GLU A 130 -8.23 0.24 3.44
C GLU A 130 -7.81 0.91 2.13
N PHE A 131 -6.85 1.82 2.20
CA PHE A 131 -6.41 2.52 1.01
C PHE A 131 -4.94 2.22 0.73
N GLY A 132 -4.65 1.95 -0.53
CA GLY A 132 -3.29 1.65 -0.93
C GLY A 132 -2.53 2.89 -1.32
N ILE A 133 -1.21 2.86 -1.15
CA ILE A 133 -0.35 3.99 -1.50
C ILE A 133 -0.50 4.34 -2.97
N THR A 134 -0.71 3.32 -3.78
CA THR A 134 -0.90 3.48 -5.20
C THR A 134 -2.30 4.02 -5.49
N SER A 135 -3.24 3.66 -4.62
CA SER A 135 -4.61 4.13 -4.74
C SER A 135 -4.70 5.58 -4.25
N LEU A 136 -3.75 5.96 -3.40
CA LEU A 136 -3.63 7.32 -2.91
C LEU A 136 -3.15 8.28 -3.99
N VAL A 137 -3.90 8.35 -5.08
CA VAL A 137 -3.60 9.28 -6.16
C VAL A 137 -3.32 10.68 -5.60
N ASN A 138 -4.19 11.12 -4.71
CA ASN A 138 -4.09 12.45 -4.14
C ASN A 138 -3.29 12.46 -2.84
N LYS A 139 -2.27 11.60 -2.76
CA LYS A 139 -1.42 11.49 -1.57
C LYS A 139 -0.69 12.81 -1.28
N ARG A 140 -0.56 13.65 -2.30
CA ARG A 140 0.14 14.93 -2.13
C ARG A 140 -0.83 16.03 -1.69
N ASP A 141 -2.09 15.67 -1.59
CA ASP A 141 -3.10 16.55 -0.99
C ASP A 141 -3.12 16.30 0.51
N LEU A 142 -3.42 17.32 1.30
CA LEU A 142 -3.47 17.15 2.74
C LEU A 142 -4.75 16.44 3.15
N LEU A 143 -4.65 15.13 3.24
CA LEU A 143 -5.78 14.28 3.47
C LEU A 143 -5.68 13.62 4.84
N GLN A 144 -6.47 14.08 5.79
CA GLN A 144 -6.40 13.56 7.15
C GLN A 144 -7.77 13.14 7.66
N LYS A 145 -7.84 12.81 8.96
CA LYS A 145 -9.06 12.28 9.56
C LYS A 145 -10.18 13.31 9.52
N GLY A 146 -11.19 13.05 8.70
CA GLY A 146 -12.30 13.97 8.58
C GLY A 146 -12.40 14.57 7.19
N ASP A 147 -11.41 14.29 6.35
CA ASP A 147 -11.46 14.74 4.96
C ASP A 147 -12.35 13.83 4.13
N LEU A 148 -13.09 14.42 3.20
CA LEU A 148 -14.02 13.66 2.36
C LEU A 148 -13.34 13.15 1.10
N VAL A 149 -13.68 11.92 0.71
CA VAL A 149 -13.07 11.28 -0.45
C VAL A 149 -14.10 10.50 -1.26
N SER A 150 -13.81 10.37 -2.56
CA SER A 150 -14.56 9.46 -3.42
C SER A 150 -13.61 8.41 -3.96
N PHE A 151 -14.09 7.19 -4.14
CA PHE A 151 -13.24 6.07 -4.54
C PHE A 151 -14.08 4.96 -5.16
N ARG A 152 -13.42 3.92 -5.64
CA ARG A 152 -14.14 2.79 -6.19
C ARG A 152 -13.57 1.48 -5.69
N ILE A 153 -14.42 0.68 -5.09
CA ILE A 153 -14.12 -0.71 -4.79
C ILE A 153 -14.76 -1.61 -5.84
N ASP A 154 -13.94 -2.41 -6.51
CA ASP A 154 -14.45 -3.28 -7.56
C ASP A 154 -13.56 -4.52 -7.71
N GLU A 155 -12.60 -4.46 -8.63
CA GLU A 155 -11.68 -5.57 -8.84
C GLU A 155 -10.56 -5.48 -7.82
N SER A 156 -10.43 -4.30 -7.22
CA SER A 156 -9.39 -4.03 -6.25
C SER A 156 -9.80 -4.51 -4.86
N GLY A 157 -11.10 -4.70 -4.67
CA GLY A 157 -11.62 -5.17 -3.39
C GLY A 157 -11.36 -4.22 -2.22
N ARG A 158 -10.82 -3.05 -2.52
CA ARG A 158 -10.50 -2.05 -1.50
C ARG A 158 -10.89 -0.68 -2.00
N ALA A 159 -10.45 0.37 -1.33
CA ALA A 159 -10.71 1.72 -1.79
C ALA A 159 -9.64 2.13 -2.79
N ALA A 160 -10.01 2.18 -4.06
CA ALA A 160 -9.06 2.52 -5.11
C ALA A 160 -9.44 3.82 -5.80
N CYS A 161 -8.44 4.47 -6.39
CA CYS A 161 -8.62 5.74 -7.08
C CYS A 161 -9.21 6.80 -6.14
N VAL A 162 -8.76 6.78 -4.88
CA VAL A 162 -9.27 7.70 -3.89
C VAL A 162 -8.90 9.14 -4.26
N ASN A 163 -9.92 9.94 -4.49
CA ASN A 163 -9.71 11.33 -4.84
C ASN A 163 -10.33 12.23 -3.78
N ALA A 164 -9.49 13.10 -3.22
CA ALA A 164 -9.92 14.06 -2.21
C ALA A 164 -10.89 15.07 -2.81
N VAL A 165 -12.15 14.89 -2.52
CA VAL A 165 -13.17 15.76 -3.06
C VAL A 165 -14.08 16.30 -1.95
N ARG A 166 -13.95 17.58 -1.68
CA ARG A 166 -14.80 18.23 -0.70
C ARG A 166 -16.11 18.60 -1.36
N GLN A 167 -17.17 17.97 -0.91
CA GLN A 167 -18.44 18.06 -1.58
C GLN A 167 -19.41 18.92 -0.79
N LYS A 168 -20.50 19.26 -1.43
CA LYS A 168 -21.57 20.04 -0.81
C LYS A 168 -22.62 19.10 -0.22
N GLY A 1 9.61 -32.71 2.72
CA GLY A 1 9.12 -31.40 3.12
C GLY A 1 10.24 -30.49 3.56
N ALA A 2 11.21 -30.29 2.69
CA ALA A 2 12.35 -29.45 3.00
C ALA A 2 12.23 -28.11 2.29
N GLY A 3 13.20 -27.23 2.51
CA GLY A 3 13.19 -25.93 1.88
C GLY A 3 13.49 -26.00 0.39
N SER A 4 12.75 -25.22 -0.39
CA SER A 4 12.91 -25.20 -1.83
C SER A 4 12.80 -23.77 -2.35
N ASP A 5 13.67 -23.40 -3.26
CA ASP A 5 13.66 -22.08 -3.84
C ASP A 5 12.43 -21.89 -4.74
N ALA A 6 11.58 -20.95 -4.38
CA ALA A 6 10.36 -20.70 -5.14
C ALA A 6 10.64 -19.89 -6.40
N GLY A 7 11.67 -19.05 -6.33
CA GLY A 7 12.05 -18.25 -7.47
C GLY A 7 10.98 -17.22 -7.84
N GLN A 8 10.15 -16.86 -6.87
CA GLN A 8 9.06 -15.93 -7.11
C GLN A 8 9.48 -14.51 -6.81
N VAL A 9 9.41 -13.67 -7.82
CA VAL A 9 9.70 -12.25 -7.68
C VAL A 9 8.42 -11.52 -7.26
N TYR A 10 8.48 -10.85 -6.13
CA TYR A 10 7.29 -10.25 -5.56
C TYR A 10 7.18 -8.80 -6.03
N ARG A 11 5.96 -8.42 -6.37
CA ARG A 11 5.69 -7.10 -6.92
C ARG A 11 5.00 -6.24 -5.88
N GLY A 12 5.54 -5.06 -5.68
CA GLY A 12 4.97 -4.15 -4.71
C GLY A 12 5.32 -2.72 -5.00
N PHE A 13 5.00 -1.84 -4.08
CA PHE A 13 5.24 -0.41 -4.28
C PHE A 13 5.65 0.25 -2.97
N ILE A 14 6.48 1.28 -3.10
CA ILE A 14 7.00 2.01 -1.95
C ILE A 14 5.88 2.77 -1.24
N ALA A 15 5.64 2.43 0.01
CA ALA A 15 4.62 3.12 0.81
C ALA A 15 5.25 4.06 1.82
N VAL A 16 6.37 3.63 2.40
CA VAL A 16 7.08 4.45 3.37
C VAL A 16 8.56 4.50 3.04
N MET A 17 9.06 5.71 2.85
CA MET A 17 10.49 5.91 2.69
C MET A 17 11.06 6.37 4.01
N LYS A 18 11.77 5.48 4.67
CA LYS A 18 12.36 5.78 5.96
C LYS A 18 13.83 6.16 5.76
N GLU A 19 14.46 6.65 6.81
CA GLU A 19 15.79 7.24 6.71
C GLU A 19 16.85 6.21 6.33
N ASN A 20 16.73 4.99 6.87
CA ASN A 20 17.69 3.93 6.58
C ASN A 20 17.06 2.81 5.76
N PHE A 21 15.84 2.45 6.12
CA PHE A 21 15.14 1.33 5.49
C PHE A 21 13.74 1.76 5.08
N GLY A 22 12.87 0.79 4.85
CA GLY A 22 11.49 1.10 4.57
C GLY A 22 10.61 -0.13 4.56
N PHE A 23 9.34 0.06 4.27
CA PHE A 23 8.39 -1.03 4.19
C PHE A 23 7.70 -1.00 2.83
N ILE A 24 7.67 -2.15 2.18
CA ILE A 24 7.02 -2.26 0.89
C ILE A 24 5.69 -2.95 1.06
N GLU A 25 4.66 -2.40 0.44
CA GLU A 25 3.38 -3.06 0.43
C GLU A 25 3.38 -4.10 -0.68
N THR A 26 2.75 -5.22 -0.44
CA THR A 26 2.61 -6.25 -1.45
C THR A 26 1.71 -5.77 -2.59
N LEU A 27 1.40 -6.65 -3.52
CA LEU A 27 0.58 -6.27 -4.64
C LEU A 27 -0.90 -6.29 -4.27
N SER A 28 -1.32 -7.36 -3.62
CA SER A 28 -2.73 -7.55 -3.30
C SER A 28 -3.04 -7.24 -1.83
N HIS A 29 -2.18 -6.44 -1.18
CA HIS A 29 -2.35 -6.14 0.25
C HIS A 29 -2.38 -7.43 1.04
N ASP A 30 -1.32 -8.20 0.92
CA ASP A 30 -1.26 -9.53 1.48
C ASP A 30 -0.48 -9.54 2.78
N GLU A 31 0.65 -8.86 2.79
CA GLU A 31 1.52 -8.80 3.96
C GLU A 31 2.52 -7.65 3.82
N GLU A 32 3.19 -7.31 4.90
CA GLU A 32 4.08 -6.17 4.92
C GLU A 32 5.54 -6.64 4.86
N VAL A 33 6.29 -6.10 3.92
CA VAL A 33 7.67 -6.51 3.73
C VAL A 33 8.64 -5.41 4.15
N PHE A 34 9.63 -5.80 4.94
CA PHE A 34 10.69 -4.90 5.34
C PHE A 34 11.84 -4.96 4.34
N PHE A 35 12.19 -3.80 3.78
CA PHE A 35 13.32 -3.73 2.86
C PHE A 35 14.32 -2.70 3.38
N HIS A 36 15.57 -2.86 3.02
CA HIS A 36 16.59 -1.92 3.43
C HIS A 36 17.16 -1.24 2.19
N PHE A 37 17.27 0.09 2.23
CA PHE A 37 17.71 0.87 1.06
C PHE A 37 19.10 0.45 0.58
N SER A 38 19.92 -0.05 1.48
CA SER A 38 21.26 -0.50 1.12
C SER A 38 21.22 -1.72 0.19
N ASN A 39 20.26 -2.61 0.41
CA ASN A 39 20.10 -3.79 -0.43
C ASN A 39 19.31 -3.46 -1.69
N TYR A 40 18.96 -2.20 -1.84
CA TYR A 40 18.25 -1.73 -3.03
C TYR A 40 19.25 -1.45 -4.15
N MET A 41 18.87 -1.80 -5.37
CA MET A 41 19.72 -1.58 -6.52
C MET A 41 19.06 -0.61 -7.49
N GLY A 42 19.70 0.54 -7.68
CA GLY A 42 19.15 1.56 -8.54
C GLY A 42 19.39 2.95 -7.99
N ASN A 43 18.52 3.88 -8.31
CA ASN A 43 18.65 5.26 -7.84
C ASN A 43 17.66 5.56 -6.73
N PRO A 44 18.13 5.61 -5.47
CA PRO A 44 17.25 5.81 -4.32
C PRO A 44 16.66 7.22 -4.24
N ASN A 45 17.37 8.19 -4.79
CA ASN A 45 16.93 9.58 -4.75
C ASN A 45 15.94 9.88 -5.87
N TRP A 46 15.63 8.86 -6.66
CA TRP A 46 14.65 8.98 -7.73
C TRP A 46 13.41 8.17 -7.37
N LEU A 47 13.32 7.79 -6.11
CA LEU A 47 12.19 7.05 -5.59
C LEU A 47 11.21 7.98 -4.91
N GLU A 48 9.95 7.57 -4.90
CA GLU A 48 8.92 8.28 -4.18
C GLU A 48 7.82 7.31 -3.78
N LEU A 49 6.78 7.82 -3.14
CA LEU A 49 5.71 6.98 -2.61
C LEU A 49 4.74 6.54 -3.71
N GLY A 50 4.69 5.24 -3.98
CA GLY A 50 3.79 4.72 -4.98
C GLY A 50 4.53 4.12 -6.18
N GLN A 51 5.86 4.17 -6.15
CA GLN A 51 6.65 3.63 -7.25
C GLN A 51 6.68 2.11 -7.21
N GLU A 52 6.24 1.50 -8.31
CA GLU A 52 6.29 0.04 -8.48
C GLU A 52 7.73 -0.44 -8.44
N VAL A 53 7.97 -1.48 -7.66
CA VAL A 53 9.27 -2.12 -7.60
C VAL A 53 9.13 -3.65 -7.51
N GLU A 54 10.07 -4.36 -8.08
CA GLU A 54 10.08 -5.81 -8.00
C GLU A 54 11.29 -6.27 -7.19
N TYR A 55 11.13 -7.30 -6.39
CA TYR A 55 12.20 -7.75 -5.50
C TYR A 55 11.97 -9.17 -5.02
N THR A 56 12.98 -9.72 -4.36
CA THR A 56 12.92 -11.08 -3.88
C THR A 56 13.21 -11.15 -2.38
N LEU A 57 12.95 -12.30 -1.78
CA LEU A 57 13.26 -12.52 -0.38
C LEU A 57 14.35 -13.57 -0.24
N ALA A 58 15.12 -13.49 0.83
CA ALA A 58 16.17 -14.47 1.08
C ALA A 58 15.66 -15.57 2.02
N ARG A 59 14.80 -15.17 2.93
CA ARG A 59 14.26 -16.09 3.93
C ARG A 59 12.97 -16.72 3.44
N ASN A 60 13.05 -17.37 2.29
CA ASN A 60 11.89 -18.03 1.71
C ASN A 60 11.42 -19.15 2.62
N GLY A 61 10.12 -19.17 2.88
CA GLY A 61 9.54 -20.16 3.75
C GLY A 61 8.35 -19.59 4.48
N ASN A 62 7.44 -20.45 4.90
CA ASN A 62 6.24 -20.00 5.59
C ASN A 62 6.54 -19.71 7.05
N THR A 63 7.19 -18.58 7.27
CA THR A 63 7.50 -18.11 8.62
C THR A 63 6.89 -16.74 8.87
N SER A 64 6.20 -16.22 7.85
CA SER A 64 5.56 -14.91 7.93
C SER A 64 4.21 -15.02 8.66
N VAL A 65 4.17 -15.92 9.64
CA VAL A 65 2.97 -16.17 10.41
C VAL A 65 3.29 -16.23 11.90
N SER A 66 4.53 -16.56 12.21
CA SER A 66 4.98 -16.71 13.58
C SER A 66 5.41 -15.37 14.18
N GLY A 67 5.62 -14.38 13.31
CA GLY A 67 6.13 -13.11 13.77
C GLY A 67 7.62 -13.00 13.60
N ASN A 68 8.09 -13.30 12.39
CA ASN A 68 9.50 -13.24 12.09
C ASN A 68 9.69 -12.47 10.79
N CYS A 69 9.80 -11.16 10.92
CA CYS A 69 10.03 -10.29 9.78
C CYS A 69 11.27 -10.71 8.98
N LEU A 70 11.20 -10.54 7.67
CA LEU A 70 12.27 -10.95 6.77
C LEU A 70 12.78 -9.76 5.97
N PRO A 71 14.11 -9.65 5.81
CA PRO A 71 14.70 -8.61 4.95
C PRO A 71 14.52 -8.91 3.48
N ALA A 72 14.42 -7.88 2.66
CA ALA A 72 14.25 -8.04 1.23
C ALA A 72 15.57 -7.90 0.50
N GLU A 73 15.79 -8.77 -0.47
CA GLU A 73 17.03 -8.79 -1.23
C GLU A 73 16.75 -8.55 -2.71
N ASN A 74 17.66 -7.83 -3.37
CA ASN A 74 17.55 -7.55 -4.81
C ASN A 74 16.26 -6.79 -5.11
N VAL A 75 16.28 -5.48 -4.87
CA VAL A 75 15.13 -4.63 -5.13
C VAL A 75 15.39 -3.73 -6.33
N ARG A 76 14.54 -3.82 -7.33
CA ARG A 76 14.72 -3.05 -8.56
C ARG A 76 13.42 -2.39 -8.99
N MET A 77 13.52 -1.21 -9.60
CA MET A 77 12.35 -0.47 -10.07
C MET A 77 11.66 -1.20 -11.21
N LEU A 78 10.36 -1.00 -11.28
CA LEU A 78 9.54 -1.61 -12.32
C LEU A 78 8.38 -0.69 -12.70
N PRO A 79 8.62 0.38 -13.46
CA PRO A 79 7.57 1.30 -13.84
C PRO A 79 6.90 0.92 -15.16
N LYS A 80 5.60 0.64 -15.10
CA LYS A 80 4.83 0.35 -16.30
C LYS A 80 3.35 0.19 -16.00
N ASN A 81 2.97 0.46 -14.76
CA ASN A 81 1.61 0.25 -14.30
C ASN A 81 1.24 -1.22 -14.51
N SER A 82 2.13 -2.08 -14.02
CA SER A 82 1.92 -3.51 -14.05
C SER A 82 0.88 -3.91 -12.99
N ILE A 83 0.54 -2.95 -12.15
CA ILE A 83 -0.48 -3.15 -11.11
C ILE A 83 -1.86 -3.06 -11.74
N PRO A 84 -2.73 -4.07 -11.51
CA PRO A 84 -4.06 -4.15 -12.12
C PRO A 84 -4.99 -3.04 -11.67
N GLN A 85 -6.03 -2.79 -12.46
CA GLN A 85 -7.00 -1.76 -12.14
C GLN A 85 -8.38 -2.36 -11.94
N PRO A 86 -9.22 -1.76 -11.08
CA PRO A 86 -10.60 -2.20 -10.88
C PRO A 86 -11.49 -1.82 -12.05
N ALA A 87 -12.51 -2.63 -12.32
CA ALA A 87 -13.39 -2.38 -13.44
C ALA A 87 -14.64 -1.62 -12.98
N VAL A 88 -14.58 -0.30 -13.09
CA VAL A 88 -15.69 0.55 -12.71
C VAL A 88 -15.83 1.67 -13.74
N LEU A 89 -17.06 2.08 -14.02
CA LEU A 89 -17.28 3.05 -15.10
C LEU A 89 -17.19 4.49 -14.59
N GLU A 90 -18.09 4.86 -13.71
CA GLU A 90 -18.09 6.22 -13.15
C GLU A 90 -17.34 6.26 -11.83
N THR A 91 -17.76 5.39 -10.92
CA THR A 91 -17.22 5.29 -9.58
C THR A 91 -18.09 4.33 -8.78
N THR A 92 -17.62 3.89 -7.62
CA THR A 92 -18.39 2.93 -6.84
C THR A 92 -19.03 3.59 -5.63
N HIS A 93 -18.22 4.20 -4.76
CA HIS A 93 -18.72 4.79 -3.53
C HIS A 93 -18.01 6.10 -3.22
N ASN A 94 -18.52 6.79 -2.21
CA ASN A 94 -17.87 7.98 -1.67
C ASN A 94 -17.91 7.89 -0.15
N GLY A 95 -17.03 8.59 0.53
CA GLY A 95 -17.01 8.51 1.97
C GLY A 95 -16.15 9.57 2.60
N VAL A 96 -15.85 9.42 3.88
CA VAL A 96 -15.03 10.36 4.59
C VAL A 96 -13.87 9.63 5.26
N VAL A 97 -12.71 10.26 5.32
CA VAL A 97 -11.53 9.66 5.93
C VAL A 97 -11.79 9.34 7.40
N ALA A 98 -11.54 8.08 7.77
CA ALA A 98 -11.76 7.65 9.15
C ALA A 98 -10.63 8.14 10.04
N ARG A 99 -9.39 7.92 9.61
CA ARG A 99 -8.23 8.44 10.33
C ARG A 99 -6.93 8.19 9.58
N PRO A 100 -6.00 9.15 9.67
CA PRO A 100 -4.61 8.96 9.25
C PRO A 100 -3.80 8.26 10.35
N LEU A 101 -2.54 7.96 10.09
CA LEU A 101 -1.75 7.18 11.02
C LEU A 101 -0.53 7.96 11.54
N ARG A 102 -0.72 8.67 12.65
CA ARG A 102 0.42 9.21 13.37
C ARG A 102 0.75 8.30 14.55
N CYS A 103 -0.19 8.18 15.48
CA CYS A 103 0.01 7.42 16.70
C CYS A 103 -0.45 5.98 16.55
N ILE A 104 -0.73 5.58 15.32
CA ILE A 104 -1.22 4.23 15.04
C ILE A 104 -0.05 3.23 15.02
N ASN A 105 1.15 3.75 14.79
CA ASN A 105 2.37 2.94 14.74
C ASN A 105 2.44 2.12 13.44
N PRO A 106 3.55 2.23 12.69
CA PRO A 106 3.71 1.58 11.38
C PRO A 106 3.86 0.07 11.46
N ASP A 107 4.13 -0.43 12.66
CA ASP A 107 4.25 -1.87 12.88
C ASP A 107 2.88 -2.50 13.01
N GLN A 108 1.87 -1.64 13.15
CA GLN A 108 0.48 -2.09 13.18
C GLN A 108 -0.03 -2.27 11.76
N GLN A 109 -0.83 -3.30 11.54
CA GLN A 109 -1.27 -3.64 10.19
C GLN A 109 -2.35 -2.68 9.70
N GLU A 110 -2.70 -1.70 10.51
CA GLU A 110 -3.61 -0.64 10.10
C GLU A 110 -2.84 0.47 9.40
N TYR A 111 -1.59 0.16 9.06
CA TYR A 111 -0.67 1.12 8.44
C TYR A 111 -1.22 1.75 7.17
N ALA A 112 -1.99 0.98 6.40
CA ALA A 112 -2.47 1.45 5.11
C ALA A 112 -3.46 2.61 5.26
N GLY A 113 -4.12 2.68 6.40
CA GLY A 113 -5.12 3.71 6.62
C GLY A 113 -6.51 3.21 6.25
N LEU A 114 -7.55 3.88 6.73
CA LEU A 114 -8.90 3.40 6.54
C LEU A 114 -9.89 4.55 6.31
N ILE A 115 -10.82 4.30 5.41
CA ILE A 115 -11.91 5.21 5.11
C ILE A 115 -13.22 4.58 5.53
N GLU A 116 -14.13 5.36 6.11
CA GLU A 116 -15.41 4.80 6.53
C GLU A 116 -16.42 4.87 5.40
N ILE A 117 -17.16 3.78 5.21
CA ILE A 117 -18.10 3.66 4.11
C ILE A 117 -19.51 3.81 4.62
N LEU A 118 -20.30 4.63 3.96
CA LEU A 118 -21.66 4.90 4.40
C LEU A 118 -22.61 3.85 3.84
N ASP A 119 -23.68 3.58 4.58
CA ASP A 119 -24.71 2.66 4.13
C ASP A 119 -25.35 3.19 2.85
N GLU A 120 -26.10 2.33 2.18
CA GLU A 120 -26.89 2.73 1.01
C GLU A 120 -27.86 3.85 1.39
N LEU A 121 -28.27 3.89 2.65
CA LEU A 121 -29.18 4.90 3.15
C LEU A 121 -28.42 6.12 3.68
N ARG A 122 -27.11 6.16 3.39
CA ARG A 122 -26.20 7.24 3.85
C ARG A 122 -26.38 7.56 5.34
N THR A 123 -26.70 6.55 6.12
CA THR A 123 -26.95 6.74 7.54
C THR A 123 -25.70 6.45 8.38
N THR A 124 -25.36 5.18 8.51
CA THR A 124 -24.24 4.80 9.35
C THR A 124 -23.07 4.27 8.52
N VAL A 125 -22.01 3.87 9.21
CA VAL A 125 -20.84 3.29 8.56
C VAL A 125 -20.99 1.77 8.53
N ILE A 126 -20.61 1.15 7.42
CA ILE A 126 -20.71 -0.30 7.30
C ILE A 126 -19.61 -0.99 8.09
N SER A 127 -18.36 -0.88 7.63
CA SER A 127 -17.24 -1.29 8.45
C SER A 127 -16.10 -0.27 8.32
N GLN A 128 -15.26 -0.49 7.30
CA GLN A 128 -14.16 0.40 6.95
C GLN A 128 -13.46 -0.13 5.71
N HIS A 129 -12.94 0.75 4.87
CA HIS A 129 -12.19 0.31 3.70
C HIS A 129 -10.77 0.81 3.74
N GLU A 130 -9.86 -0.07 3.39
CA GLU A 130 -8.44 0.21 3.40
C GLU A 130 -8.02 0.84 2.08
N PHE A 131 -7.09 1.78 2.12
CA PHE A 131 -6.61 2.41 0.91
C PHE A 131 -5.11 2.20 0.75
N GLY A 132 -4.69 1.96 -0.49
CA GLY A 132 -3.29 1.71 -0.78
C GLY A 132 -2.56 2.98 -1.15
N ILE A 133 -1.25 3.02 -0.94
CA ILE A 133 -0.42 4.16 -1.33
C ILE A 133 -0.58 4.46 -2.84
N THR A 134 -1.02 3.45 -3.57
CA THR A 134 -1.30 3.60 -4.99
C THR A 134 -2.66 4.25 -5.18
N SER A 135 -3.59 3.89 -4.31
CA SER A 135 -4.92 4.48 -4.31
C SER A 135 -4.86 5.94 -3.87
N LEU A 136 -3.93 6.24 -2.98
CA LEU A 136 -3.79 7.58 -2.42
C LEU A 136 -3.16 8.55 -3.43
N VAL A 137 -3.80 8.70 -4.58
CA VAL A 137 -3.35 9.62 -5.62
C VAL A 137 -3.06 11.00 -5.02
N ASN A 138 -3.89 11.41 -4.09
CA ASN A 138 -3.77 12.72 -3.45
C ASN A 138 -2.78 12.67 -2.28
N LYS A 139 -1.77 11.83 -2.40
CA LYS A 139 -0.74 11.65 -1.35
C LYS A 139 0.02 12.95 -1.10
N ARG A 140 -0.05 13.87 -2.05
CA ARG A 140 0.59 15.18 -1.94
C ARG A 140 -0.22 16.10 -1.01
N ASP A 141 -1.50 15.79 -0.86
CA ASP A 141 -2.44 16.68 -0.19
C ASP A 141 -2.68 16.26 1.25
N LEU A 142 -3.08 17.23 2.06
CA LEU A 142 -3.44 16.98 3.44
C LEU A 142 -4.87 16.48 3.50
N LEU A 143 -5.06 15.32 4.12
CA LEU A 143 -6.37 14.70 4.18
C LEU A 143 -6.53 13.97 5.51
N GLN A 144 -7.51 14.36 6.30
CA GLN A 144 -7.67 13.79 7.63
C GLN A 144 -9.12 13.41 7.89
N LYS A 145 -9.40 13.01 9.13
CA LYS A 145 -10.73 12.60 9.53
C LYS A 145 -11.72 13.76 9.37
N GLY A 146 -12.66 13.60 8.46
CA GLY A 146 -13.62 14.65 8.18
C GLY A 146 -13.50 15.16 6.75
N ASP A 147 -12.45 14.74 6.05
CA ASP A 147 -12.30 15.09 4.64
C ASP A 147 -13.00 14.07 3.76
N LEU A 148 -13.77 14.56 2.81
CA LEU A 148 -14.56 13.70 1.94
C LEU A 148 -13.76 13.22 0.74
N VAL A 149 -13.97 11.98 0.34
CA VAL A 149 -13.23 11.38 -0.77
C VAL A 149 -14.13 10.54 -1.66
N SER A 150 -13.68 10.34 -2.89
CA SER A 150 -14.33 9.41 -3.80
C SER A 150 -13.35 8.28 -4.10
N PHE A 151 -13.87 7.08 -4.32
CA PHE A 151 -13.03 5.91 -4.55
C PHE A 151 -13.81 4.81 -5.25
N ARG A 152 -13.10 3.85 -5.84
CA ARG A 152 -13.75 2.74 -6.51
C ARG A 152 -13.28 1.41 -5.93
N ILE A 153 -14.23 0.65 -5.42
CA ILE A 153 -14.00 -0.72 -4.99
C ILE A 153 -14.49 -1.71 -6.05
N ASP A 154 -13.68 -2.70 -6.40
CA ASP A 154 -14.11 -3.75 -7.33
C ASP A 154 -13.12 -4.92 -7.34
N GLU A 155 -12.11 -4.85 -8.20
CA GLU A 155 -11.14 -5.94 -8.34
C GLU A 155 -10.26 -6.07 -7.10
N SER A 156 -10.01 -4.95 -6.46
CA SER A 156 -9.16 -4.91 -5.27
C SER A 156 -9.96 -5.25 -4.02
N GLY A 157 -11.28 -5.19 -4.13
CA GLY A 157 -12.15 -5.46 -3.00
C GLY A 157 -11.99 -4.44 -1.88
N ARG A 158 -11.36 -3.31 -2.20
CA ARG A 158 -11.12 -2.24 -1.23
C ARG A 158 -11.06 -0.90 -1.96
N ALA A 159 -10.55 0.13 -1.30
CA ALA A 159 -10.61 1.48 -1.85
C ALA A 159 -9.41 1.74 -2.75
N ALA A 160 -9.70 1.96 -4.03
CA ALA A 160 -8.67 2.23 -5.01
C ALA A 160 -9.00 3.52 -5.75
N CYS A 161 -7.96 4.23 -6.18
CA CYS A 161 -8.11 5.51 -6.87
C CYS A 161 -8.92 6.49 -6.04
N VAL A 162 -8.47 6.75 -4.81
CA VAL A 162 -9.14 7.71 -3.95
C VAL A 162 -8.72 9.13 -4.31
N ASN A 163 -9.65 10.06 -4.17
CA ASN A 163 -9.34 11.47 -4.40
C ASN A 163 -10.18 12.37 -3.49
N ALA A 164 -9.56 13.43 -2.99
CA ALA A 164 -10.24 14.39 -2.14
C ALA A 164 -11.33 15.13 -2.89
N VAL A 165 -12.55 15.09 -2.37
CA VAL A 165 -13.68 15.76 -2.99
C VAL A 165 -14.33 16.73 -2.01
N ARG A 166 -14.50 17.98 -2.43
CA ARG A 166 -15.24 18.94 -1.64
C ARG A 166 -16.68 18.97 -2.12
N GLN A 167 -17.60 18.56 -1.25
CA GLN A 167 -18.98 18.40 -1.64
C GLN A 167 -19.79 19.61 -1.22
N LYS A 168 -20.30 20.32 -2.22
CA LYS A 168 -21.08 21.53 -2.00
C LYS A 168 -22.55 21.18 -1.77
N GLY A 1 26.75 -17.86 -6.04
CA GLY A 1 25.66 -16.99 -5.64
C GLY A 1 24.46 -17.76 -5.14
N ALA A 2 23.46 -17.05 -4.65
CA ALA A 2 22.26 -17.67 -4.13
C ALA A 2 21.44 -18.27 -5.27
N GLY A 3 21.46 -19.60 -5.37
CA GLY A 3 20.72 -20.27 -6.43
C GLY A 3 19.39 -20.81 -5.96
N SER A 4 18.95 -20.35 -4.79
CA SER A 4 17.68 -20.79 -4.25
C SER A 4 16.57 -19.92 -4.83
N ASP A 5 15.89 -20.46 -5.83
CA ASP A 5 14.86 -19.71 -6.54
C ASP A 5 13.49 -19.98 -5.97
N ALA A 6 12.83 -18.92 -5.54
CA ALA A 6 11.43 -19.01 -5.14
C ALA A 6 10.57 -19.06 -6.39
N GLY A 7 11.12 -18.53 -7.49
CA GLY A 7 10.45 -18.57 -8.77
C GLY A 7 9.64 -17.33 -9.05
N GLN A 8 9.14 -16.68 -8.01
CA GLN A 8 8.29 -15.52 -8.18
C GLN A 8 8.99 -14.24 -7.76
N VAL A 9 9.12 -13.33 -8.72
CA VAL A 9 9.57 -11.99 -8.43
C VAL A 9 8.35 -11.17 -8.03
N TYR A 10 8.37 -10.68 -6.81
CA TYR A 10 7.21 -10.05 -6.22
C TYR A 10 7.18 -8.58 -6.58
N ARG A 11 5.99 -8.10 -6.91
CA ARG A 11 5.82 -6.72 -7.28
C ARG A 11 5.13 -5.97 -6.17
N GLY A 12 5.68 -4.83 -5.80
CA GLY A 12 5.12 -4.03 -4.73
C GLY A 12 5.46 -2.58 -4.90
N PHE A 13 5.18 -1.78 -3.90
CA PHE A 13 5.41 -0.35 -3.99
C PHE A 13 5.81 0.24 -2.65
N ILE A 14 6.64 1.28 -2.72
CA ILE A 14 7.13 1.96 -1.53
C ILE A 14 6.01 2.72 -0.82
N ALA A 15 5.67 2.30 0.40
CA ALA A 15 4.63 2.99 1.15
C ALA A 15 5.25 3.87 2.23
N VAL A 16 6.44 3.51 2.69
CA VAL A 16 7.17 4.31 3.67
C VAL A 16 8.64 4.43 3.25
N MET A 17 9.20 5.61 3.44
CA MET A 17 10.58 5.89 3.05
C MET A 17 11.38 6.41 4.24
N LYS A 18 12.23 5.57 4.79
CA LYS A 18 13.05 5.97 5.92
C LYS A 18 14.52 6.05 5.51
N GLU A 19 15.34 6.55 6.43
CA GLU A 19 16.78 6.79 6.19
C GLU A 19 17.52 5.54 5.73
N ASN A 20 17.28 4.42 6.41
CA ASN A 20 18.04 3.20 6.13
C ASN A 20 17.19 2.12 5.46
N PHE A 21 15.98 1.95 5.93
CA PHE A 21 15.11 0.89 5.43
C PHE A 21 13.72 1.42 5.11
N GLY A 22 12.94 0.60 4.43
CA GLY A 22 11.59 0.97 4.10
C GLY A 22 10.67 -0.23 4.10
N PHE A 23 9.38 0.01 4.22
CA PHE A 23 8.43 -1.09 4.18
C PHE A 23 7.71 -1.08 2.84
N ILE A 24 7.74 -2.22 2.18
CA ILE A 24 7.09 -2.35 0.89
C ILE A 24 5.76 -3.06 1.07
N GLU A 25 4.70 -2.44 0.61
CA GLU A 25 3.41 -3.07 0.65
C GLU A 25 3.26 -4.00 -0.55
N THR A 26 2.80 -5.20 -0.28
CA THR A 26 2.59 -6.19 -1.30
C THR A 26 1.55 -5.72 -2.31
N LEU A 27 1.65 -6.24 -3.53
CA LEU A 27 0.79 -5.82 -4.63
C LEU A 27 -0.69 -5.76 -4.24
N SER A 28 -1.14 -6.77 -3.51
CA SER A 28 -2.55 -6.89 -3.17
C SER A 28 -2.81 -6.66 -1.68
N HIS A 29 -1.84 -6.04 -0.99
CA HIS A 29 -1.97 -5.80 0.45
C HIS A 29 -2.17 -7.11 1.20
N ASP A 30 -1.22 -8.01 1.04
CA ASP A 30 -1.30 -9.36 1.58
C ASP A 30 -0.58 -9.45 2.92
N GLU A 31 0.65 -8.93 2.97
CA GLU A 31 1.45 -9.00 4.18
C GLU A 31 2.53 -7.91 4.18
N GLU A 32 3.39 -7.96 5.18
CA GLU A 32 4.38 -6.90 5.40
C GLU A 32 5.75 -7.33 4.91
N VAL A 33 6.33 -6.55 4.02
CA VAL A 33 7.67 -6.83 3.53
C VAL A 33 8.66 -5.76 4.01
N PHE A 34 9.51 -6.15 4.95
CA PHE A 34 10.59 -5.28 5.40
C PHE A 34 11.75 -5.36 4.42
N PHE A 35 12.14 -4.21 3.89
CA PHE A 35 13.24 -4.15 2.96
C PHE A 35 14.27 -3.11 3.39
N HIS A 36 15.52 -3.50 3.33
CA HIS A 36 16.61 -2.58 3.66
C HIS A 36 17.22 -2.05 2.38
N PHE A 37 17.27 -0.73 2.24
CA PHE A 37 17.71 -0.09 0.99
C PHE A 37 19.13 -0.48 0.61
N SER A 38 19.87 -1.02 1.58
CA SER A 38 21.21 -1.53 1.33
C SER A 38 21.20 -2.67 0.29
N ASN A 39 20.03 -3.22 0.00
CA ASN A 39 19.89 -4.30 -0.98
C ASN A 39 19.17 -3.81 -2.24
N TYR A 40 19.03 -2.51 -2.38
CA TYR A 40 18.37 -1.94 -3.56
C TYR A 40 19.35 -1.85 -4.72
N MET A 41 18.92 -2.29 -5.89
CA MET A 41 19.76 -2.22 -7.08
C MET A 41 19.52 -0.92 -7.83
N GLY A 42 20.41 0.04 -7.64
CA GLY A 42 20.28 1.33 -8.32
C GLY A 42 20.39 2.49 -7.35
N ASN A 43 19.66 3.56 -7.63
CA ASN A 43 19.69 4.75 -6.79
C ASN A 43 18.35 4.95 -6.09
N PRO A 44 18.29 4.63 -4.79
CA PRO A 44 17.07 4.77 -3.99
C PRO A 44 16.77 6.23 -3.64
N ASN A 45 17.69 7.10 -3.99
CA ASN A 45 17.58 8.52 -3.66
C ASN A 45 16.54 9.21 -4.54
N TRP A 46 16.02 8.48 -5.51
CA TRP A 46 15.00 9.00 -6.41
C TRP A 46 13.67 8.26 -6.22
N LEU A 47 13.58 7.52 -5.14
CA LEU A 47 12.37 6.76 -4.83
C LEU A 47 11.40 7.61 -4.02
N GLU A 48 10.12 7.37 -4.20
CA GLU A 48 9.09 8.07 -3.45
C GLU A 48 7.92 7.13 -3.17
N LEU A 49 6.94 7.63 -2.43
CA LEU A 49 5.82 6.82 -2.01
C LEU A 49 4.89 6.52 -3.19
N GLY A 50 4.66 5.23 -3.43
CA GLY A 50 3.79 4.81 -4.51
C GLY A 50 4.56 4.32 -5.72
N GLN A 51 5.88 4.30 -5.62
CA GLN A 51 6.72 3.81 -6.72
C GLN A 51 6.75 2.29 -6.73
N GLU A 52 6.38 1.72 -7.88
CA GLU A 52 6.38 0.27 -8.05
C GLU A 52 7.80 -0.27 -8.21
N VAL A 53 8.07 -1.42 -7.59
CA VAL A 53 9.37 -2.09 -7.71
C VAL A 53 9.18 -3.60 -7.85
N GLU A 54 10.15 -4.25 -8.47
CA GLU A 54 10.16 -5.70 -8.61
C GLU A 54 11.33 -6.25 -7.80
N TYR A 55 11.09 -7.31 -7.04
CA TYR A 55 12.14 -7.84 -6.17
C TYR A 55 11.82 -9.23 -5.65
N THR A 56 12.77 -9.81 -4.92
CA THR A 56 12.62 -11.15 -4.36
C THR A 56 12.86 -11.15 -2.86
N LEU A 57 12.63 -12.28 -2.23
CA LEU A 57 12.82 -12.41 -0.79
C LEU A 57 14.03 -13.27 -0.47
N ALA A 58 14.73 -12.92 0.60
CA ALA A 58 15.95 -13.63 1.01
C ALA A 58 15.62 -14.83 1.90
N ARG A 59 14.52 -15.51 1.60
CA ARG A 59 14.10 -16.66 2.39
C ARG A 59 14.71 -17.93 1.81
N ASN A 60 16.03 -17.97 1.83
CA ASN A 60 16.77 -19.14 1.35
C ASN A 60 16.67 -20.29 2.36
N GLY A 61 17.40 -20.16 3.45
CA GLY A 61 17.42 -21.20 4.46
C GLY A 61 18.17 -20.76 5.70
N ASN A 62 17.72 -21.24 6.85
CA ASN A 62 18.29 -20.86 8.14
C ASN A 62 17.54 -21.60 9.23
N THR A 63 18.00 -21.49 10.47
CA THR A 63 17.25 -22.02 11.59
C THR A 63 15.99 -21.19 11.82
N SER A 64 16.08 -19.91 11.42
CA SER A 64 14.96 -18.98 11.42
C SER A 64 14.53 -18.64 12.85
N VAL A 65 15.32 -19.09 13.82
CA VAL A 65 15.04 -18.81 15.22
C VAL A 65 15.43 -17.37 15.54
N SER A 66 16.35 -16.84 14.75
CA SER A 66 16.80 -15.47 14.91
C SER A 66 16.19 -14.56 13.85
N GLY A 67 15.29 -15.12 13.04
CA GLY A 67 14.69 -14.35 11.98
C GLY A 67 13.41 -14.98 11.47
N ASN A 68 12.28 -14.42 11.89
CA ASN A 68 10.98 -14.89 11.42
C ASN A 68 10.62 -14.15 10.15
N CYS A 69 10.75 -12.83 10.21
CA CYS A 69 10.60 -11.99 9.03
C CYS A 69 11.99 -11.61 8.52
N LEU A 70 12.19 -11.72 7.22
CA LEU A 70 13.50 -11.49 6.64
C LEU A 70 13.49 -10.27 5.73
N PRO A 71 14.64 -9.57 5.62
CA PRO A 71 14.79 -8.45 4.69
C PRO A 71 14.71 -8.90 3.24
N ALA A 72 14.21 -8.02 2.38
CA ALA A 72 14.13 -8.32 0.96
C ALA A 72 15.44 -7.94 0.26
N GLU A 73 15.70 -8.56 -0.88
CA GLU A 73 16.92 -8.26 -1.63
C GLU A 73 16.64 -8.30 -3.13
N ASN A 74 17.59 -7.77 -3.92
CA ASN A 74 17.46 -7.68 -5.37
C ASN A 74 16.19 -6.93 -5.75
N VAL A 75 16.24 -5.62 -5.62
CA VAL A 75 15.08 -4.79 -5.90
C VAL A 75 15.36 -3.86 -7.07
N ARG A 76 14.57 -3.98 -8.13
CA ARG A 76 14.70 -3.11 -9.28
C ARG A 76 13.41 -2.31 -9.46
N MET A 77 13.53 -1.12 -10.03
CA MET A 77 12.35 -0.30 -10.28
C MET A 77 11.72 -0.66 -11.62
N LEU A 78 10.41 -0.62 -11.69
CA LEU A 78 9.71 -0.75 -12.95
C LEU A 78 8.70 0.38 -13.07
N PRO A 79 8.84 1.22 -14.11
CA PRO A 79 8.19 2.53 -14.15
C PRO A 79 6.69 2.53 -14.49
N LYS A 80 5.92 2.99 -13.51
CA LYS A 80 4.54 3.44 -13.66
C LYS A 80 3.56 2.45 -14.31
N ASN A 81 2.44 2.24 -13.62
CA ASN A 81 1.26 1.56 -14.17
C ASN A 81 1.50 0.04 -14.26
N SER A 82 2.30 -0.46 -13.35
CA SER A 82 2.59 -1.89 -13.29
C SER A 82 1.66 -2.60 -12.31
N ILE A 83 0.72 -1.85 -11.75
CA ILE A 83 -0.26 -2.38 -10.81
C ILE A 83 -1.63 -2.46 -11.48
N PRO A 84 -2.36 -3.58 -11.30
CA PRO A 84 -3.70 -3.74 -11.88
C PRO A 84 -4.72 -2.78 -11.26
N GLN A 85 -5.79 -2.49 -11.99
CA GLN A 85 -6.80 -1.58 -11.50
C GLN A 85 -8.17 -2.27 -11.44
N PRO A 86 -9.00 -1.91 -10.45
CA PRO A 86 -10.37 -2.43 -10.33
C PRO A 86 -11.27 -1.94 -11.45
N ALA A 87 -12.25 -2.75 -11.80
CA ALA A 87 -13.14 -2.41 -12.90
C ALA A 87 -14.43 -1.78 -12.39
N VAL A 88 -14.44 -0.46 -12.35
CA VAL A 88 -15.62 0.29 -11.92
C VAL A 88 -15.80 1.48 -12.84
N LEU A 89 -17.02 1.73 -13.29
CA LEU A 89 -17.26 2.75 -14.30
C LEU A 89 -17.15 4.16 -13.74
N GLU A 90 -18.06 4.52 -12.83
CA GLU A 90 -18.03 5.86 -12.23
C GLU A 90 -17.33 5.84 -10.89
N THR A 91 -17.83 4.98 -10.01
CA THR A 91 -17.40 4.87 -8.63
C THR A 91 -18.29 3.84 -7.96
N THR A 92 -17.86 3.28 -6.84
CA THR A 92 -18.69 2.33 -6.13
C THR A 92 -19.36 3.00 -4.93
N HIS A 93 -18.56 3.60 -4.08
CA HIS A 93 -19.07 4.29 -2.90
C HIS A 93 -18.33 5.60 -2.70
N ASN A 94 -18.95 6.51 -1.97
CA ASN A 94 -18.29 7.72 -1.53
C ASN A 94 -18.15 7.66 -0.02
N GLY A 95 -17.19 8.36 0.55
CA GLY A 95 -16.99 8.29 1.96
C GLY A 95 -16.15 9.43 2.48
N VAL A 96 -15.96 9.47 3.78
CA VAL A 96 -15.17 10.52 4.39
C VAL A 96 -14.00 9.90 5.16
N VAL A 97 -12.90 10.63 5.23
CA VAL A 97 -11.72 10.15 5.94
C VAL A 97 -11.98 10.02 7.43
N ALA A 98 -11.75 8.83 7.96
CA ALA A 98 -12.02 8.54 9.37
C ALA A 98 -10.94 9.09 10.29
N ARG A 99 -9.70 8.68 10.04
CA ARG A 99 -8.58 9.08 10.89
C ARG A 99 -7.28 9.12 10.10
N PRO A 100 -6.63 10.30 10.06
CA PRO A 100 -5.29 10.45 9.49
C PRO A 100 -4.23 9.79 10.37
N LEU A 101 -3.14 9.33 9.75
CA LEU A 101 -2.13 8.56 10.46
C LEU A 101 -1.12 9.48 11.14
N ARG A 102 -1.39 9.88 12.39
CA ARG A 102 -0.41 10.62 13.16
C ARG A 102 0.34 9.71 14.12
N CYS A 103 -0.40 9.14 15.06
CA CYS A 103 0.17 8.30 16.11
C CYS A 103 0.15 6.83 15.73
N ILE A 104 -0.15 6.55 14.47
CA ILE A 104 -0.32 5.18 14.02
C ILE A 104 1.01 4.53 13.67
N ASN A 105 1.88 5.28 13.00
CA ASN A 105 3.22 4.80 12.59
C ASN A 105 3.13 3.85 11.40
N PRO A 106 4.12 3.95 10.48
CA PRO A 106 4.18 3.10 9.28
C PRO A 106 4.43 1.63 9.59
N ASP A 107 4.90 1.34 10.80
CA ASP A 107 5.18 -0.04 11.20
C ASP A 107 3.93 -0.70 11.77
N GLN A 108 2.87 0.07 11.91
CA GLN A 108 1.57 -0.47 12.29
C GLN A 108 0.81 -0.91 11.03
N GLN A 109 0.11 -2.04 11.11
CA GLN A 109 -0.53 -2.63 9.93
C GLN A 109 -1.81 -1.90 9.51
N GLU A 110 -2.17 -0.87 10.25
CA GLU A 110 -3.34 -0.06 9.92
C GLU A 110 -2.92 1.35 9.53
N TYR A 111 -1.64 1.48 9.26
CA TYR A 111 -1.04 2.74 8.82
C TYR A 111 -1.55 3.15 7.43
N ALA A 112 -2.06 2.20 6.68
CA ALA A 112 -2.52 2.47 5.33
C ALA A 112 -3.75 3.38 5.33
N GLY A 113 -4.34 3.59 6.49
CA GLY A 113 -5.47 4.49 6.60
C GLY A 113 -6.78 3.79 6.32
N LEU A 114 -7.86 4.36 6.82
CA LEU A 114 -9.16 3.74 6.67
C LEU A 114 -10.25 4.80 6.47
N ILE A 115 -11.12 4.52 5.51
CA ILE A 115 -12.24 5.39 5.19
C ILE A 115 -13.53 4.77 5.70
N GLU A 116 -14.42 5.58 6.26
CA GLU A 116 -15.70 5.08 6.74
C GLU A 116 -16.75 5.15 5.63
N ILE A 117 -17.24 3.98 5.25
CA ILE A 117 -18.15 3.84 4.14
C ILE A 117 -19.58 3.82 4.66
N LEU A 118 -20.46 4.60 4.05
CA LEU A 118 -21.85 4.64 4.48
C LEU A 118 -22.66 3.54 3.81
N ASP A 119 -23.72 3.11 4.48
CA ASP A 119 -24.63 2.10 3.94
C ASP A 119 -25.26 2.58 2.63
N GLU A 120 -25.78 1.62 1.88
CA GLU A 120 -26.44 1.90 0.61
C GLU A 120 -27.65 2.81 0.81
N LEU A 121 -28.21 2.81 2.02
CA LEU A 121 -29.36 3.65 2.33
C LEU A 121 -28.93 4.97 2.98
N ARG A 122 -27.61 5.16 3.08
CA ARG A 122 -27.05 6.30 3.81
C ARG A 122 -27.52 6.25 5.27
N THR A 123 -26.76 5.56 6.09
CA THR A 123 -27.16 5.33 7.47
C THR A 123 -25.97 5.34 8.42
N THR A 124 -25.22 4.25 8.45
CA THR A 124 -24.08 4.14 9.35
C THR A 124 -22.81 3.83 8.56
N VAL A 125 -21.77 3.43 9.27
CA VAL A 125 -20.54 2.97 8.65
C VAL A 125 -20.57 1.44 8.54
N ILE A 126 -20.35 0.94 7.33
CA ILE A 126 -20.46 -0.50 7.10
C ILE A 126 -19.38 -1.25 7.86
N SER A 127 -18.13 -1.10 7.45
CA SER A 127 -17.03 -1.62 8.23
C SER A 127 -15.88 -0.61 8.27
N GLN A 128 -15.03 -0.68 7.24
CA GLN A 128 -13.92 0.23 7.04
C GLN A 128 -13.26 -0.12 5.71
N HIS A 129 -12.84 0.87 4.92
CA HIS A 129 -12.13 0.57 3.69
C HIS A 129 -10.73 1.13 3.71
N GLU A 130 -9.79 0.27 3.37
CA GLU A 130 -8.38 0.59 3.35
C GLU A 130 -8.03 1.22 2.01
N PHE A 131 -7.14 2.19 2.01
CA PHE A 131 -6.69 2.81 0.77
C PHE A 131 -5.21 2.60 0.57
N GLY A 132 -4.83 2.24 -0.64
CA GLY A 132 -3.45 1.94 -0.94
C GLY A 132 -2.67 3.16 -1.33
N ILE A 133 -1.37 3.15 -1.05
CA ILE A 133 -0.50 4.27 -1.38
C ILE A 133 -0.53 4.57 -2.89
N THR A 134 -0.80 3.52 -3.67
CA THR A 134 -0.88 3.65 -5.11
C THR A 134 -2.18 4.29 -5.53
N SER A 135 -3.25 3.93 -4.86
CA SER A 135 -4.57 4.46 -5.17
C SER A 135 -4.77 5.82 -4.52
N LEU A 136 -3.91 6.16 -3.56
CA LEU A 136 -3.95 7.46 -2.91
C LEU A 136 -3.28 8.51 -3.80
N VAL A 137 -3.78 8.66 -5.01
CA VAL A 137 -3.25 9.62 -5.98
C VAL A 137 -3.14 11.02 -5.35
N ASN A 138 -4.09 11.32 -4.49
CA ASN A 138 -4.16 12.65 -3.85
C ASN A 138 -3.34 12.69 -2.56
N LYS A 139 -2.38 11.76 -2.44
CA LYS A 139 -1.57 11.61 -1.22
C LYS A 139 -0.88 12.93 -0.80
N ARG A 140 -0.70 13.83 -1.76
CA ARG A 140 0.06 15.06 -1.50
C ARG A 140 -0.86 16.21 -1.09
N ASP A 141 -2.14 15.94 -1.06
CA ASP A 141 -3.12 16.96 -0.66
C ASP A 141 -3.14 17.09 0.86
N LEU A 142 -3.92 18.05 1.36
CA LEU A 142 -4.00 18.34 2.79
C LEU A 142 -5.13 17.52 3.42
N LEU A 143 -5.37 16.37 2.81
CA LEU A 143 -6.47 15.49 3.17
C LEU A 143 -6.51 15.19 4.67
N GLN A 144 -7.57 15.64 5.33
CA GLN A 144 -7.75 15.43 6.75
C GLN A 144 -9.06 14.71 7.02
N LYS A 145 -9.38 14.52 8.29
CA LYS A 145 -10.65 13.95 8.68
C LYS A 145 -11.77 14.94 8.39
N GLY A 146 -12.82 14.47 7.74
CA GLY A 146 -13.92 15.33 7.38
C GLY A 146 -13.92 15.69 5.92
N ASP A 147 -12.88 15.27 5.20
CA ASP A 147 -12.84 15.47 3.76
C ASP A 147 -13.42 14.25 3.06
N LEU A 148 -14.26 14.51 2.06
CA LEU A 148 -14.86 13.44 1.29
C LEU A 148 -13.88 12.94 0.23
N VAL A 149 -13.86 11.65 0.03
CA VAL A 149 -12.97 11.06 -0.96
C VAL A 149 -13.76 10.23 -1.96
N SER A 150 -13.32 10.28 -3.21
CA SER A 150 -13.94 9.49 -4.25
C SER A 150 -13.08 8.26 -4.51
N PHE A 151 -13.67 7.09 -4.36
CA PHE A 151 -12.95 5.83 -4.50
C PHE A 151 -13.84 4.79 -5.14
N ARG A 152 -13.25 3.72 -5.64
CA ARG A 152 -14.02 2.63 -6.19
C ARG A 152 -13.48 1.28 -5.77
N ILE A 153 -14.35 0.50 -5.16
CA ILE A 153 -14.05 -0.86 -4.74
C ILE A 153 -14.59 -1.87 -5.75
N ASP A 154 -13.77 -2.86 -6.10
CA ASP A 154 -14.21 -3.91 -7.02
C ASP A 154 -13.44 -5.22 -6.78
N GLU A 155 -12.41 -5.48 -7.57
CA GLU A 155 -11.69 -6.74 -7.51
C GLU A 155 -10.71 -6.76 -6.34
N SER A 156 -10.27 -5.59 -5.91
CA SER A 156 -9.37 -5.48 -4.78
C SER A 156 -10.15 -5.57 -3.47
N GLY A 157 -11.47 -5.38 -3.57
CA GLY A 157 -12.32 -5.44 -2.38
C GLY A 157 -12.04 -4.33 -1.39
N ARG A 158 -11.35 -3.29 -1.84
CA ARG A 158 -10.99 -2.16 -0.98
C ARG A 158 -11.02 -0.87 -1.79
N ALA A 159 -10.54 0.22 -1.20
CA ALA A 159 -10.64 1.53 -1.85
C ALA A 159 -9.48 1.77 -2.80
N ALA A 160 -9.82 2.07 -4.05
CA ALA A 160 -8.83 2.31 -5.08
C ALA A 160 -9.22 3.53 -5.90
N CYS A 161 -8.23 4.13 -6.56
CA CYS A 161 -8.41 5.41 -7.25
C CYS A 161 -9.09 6.40 -6.31
N VAL A 162 -8.40 6.70 -5.22
CA VAL A 162 -8.90 7.61 -4.21
C VAL A 162 -8.44 9.03 -4.51
N ASN A 163 -9.39 9.94 -4.67
CA ASN A 163 -9.07 11.34 -4.84
C ASN A 163 -10.00 12.20 -3.99
N ALA A 164 -9.42 13.15 -3.26
CA ALA A 164 -10.19 14.05 -2.42
C ALA A 164 -11.17 14.87 -3.23
N VAL A 165 -12.45 14.74 -2.90
CA VAL A 165 -13.50 15.43 -3.61
C VAL A 165 -14.40 16.21 -2.64
N ARG A 166 -14.56 17.49 -2.90
CA ARG A 166 -15.39 18.32 -2.06
C ARG A 166 -16.77 18.51 -2.69
N GLN A 167 -17.80 18.15 -1.95
CA GLN A 167 -19.16 18.20 -2.44
C GLN A 167 -20.03 19.01 -1.48
N LYS A 168 -21.21 19.38 -1.95
CA LYS A 168 -22.16 20.11 -1.12
C LYS A 168 -22.76 19.21 -0.05
N GLY A 1 23.39 -18.17 -0.04
CA GLY A 1 24.14 -19.34 0.39
C GLY A 1 24.84 -20.04 -0.77
N ALA A 2 24.63 -21.34 -0.86
CA ALA A 2 25.26 -22.13 -1.91
C ALA A 2 24.46 -22.04 -3.22
N GLY A 3 23.24 -22.57 -3.19
CA GLY A 3 22.39 -22.53 -4.37
C GLY A 3 20.92 -22.57 -4.03
N SER A 4 20.48 -21.64 -3.20
CA SER A 4 19.10 -21.59 -2.77
C SER A 4 18.69 -20.13 -2.57
N ASP A 5 17.40 -19.90 -2.55
CA ASP A 5 16.84 -18.57 -2.39
C ASP A 5 15.35 -18.67 -2.07
N ALA A 6 14.63 -17.56 -2.16
CA ALA A 6 13.21 -17.53 -1.84
C ALA A 6 12.40 -18.34 -2.85
N GLY A 7 12.89 -18.40 -4.08
CA GLY A 7 12.22 -19.16 -5.12
C GLY A 7 11.08 -18.41 -5.77
N GLN A 8 10.57 -17.39 -5.08
CA GLN A 8 9.46 -16.60 -5.58
C GLN A 8 9.82 -15.12 -5.65
N VAL A 9 9.55 -14.52 -6.79
CA VAL A 9 9.73 -13.09 -6.97
C VAL A 9 8.46 -12.37 -6.52
N TYR A 10 8.63 -11.46 -5.58
CA TYR A 10 7.51 -10.76 -4.99
C TYR A 10 7.41 -9.37 -5.57
N ARG A 11 6.19 -8.93 -5.83
CA ARG A 11 5.95 -7.64 -6.43
C ARG A 11 5.31 -6.72 -5.41
N GLY A 12 5.58 -5.43 -5.50
CA GLY A 12 5.05 -4.50 -4.53
C GLY A 12 5.54 -3.08 -4.78
N PHE A 13 5.08 -2.17 -3.96
CA PHE A 13 5.38 -0.76 -4.17
C PHE A 13 5.78 -0.09 -2.86
N ILE A 14 6.69 0.85 -2.96
CA ILE A 14 7.16 1.60 -1.80
C ILE A 14 6.04 2.45 -1.22
N ALA A 15 5.66 2.17 0.02
CA ALA A 15 4.60 2.93 0.68
C ALA A 15 5.19 4.00 1.59
N VAL A 16 6.24 3.64 2.32
CA VAL A 16 6.90 4.59 3.20
C VAL A 16 8.39 4.64 2.86
N MET A 17 9.00 5.81 3.06
CA MET A 17 10.43 5.96 2.88
C MET A 17 11.02 6.71 4.05
N LYS A 18 11.78 6.02 4.87
CA LYS A 18 12.50 6.68 5.95
C LYS A 18 13.89 7.03 5.44
N GLU A 19 14.64 7.78 6.21
CA GLU A 19 15.98 8.17 5.84
C GLU A 19 16.93 6.98 6.01
N ASN A 20 16.49 5.98 6.76
CA ASN A 20 17.30 4.81 7.03
C ASN A 20 16.84 3.61 6.21
N PHE A 21 15.54 3.33 6.23
CA PHE A 21 15.00 2.14 5.56
C PHE A 21 13.60 2.42 5.04
N GLY A 22 12.99 1.42 4.42
CA GLY A 22 11.66 1.60 3.88
C GLY A 22 10.83 0.35 3.96
N PHE A 23 9.53 0.50 3.78
CA PHE A 23 8.63 -0.64 3.80
C PHE A 23 7.93 -0.76 2.44
N ILE A 24 7.98 -1.95 1.87
CA ILE A 24 7.32 -2.23 0.61
C ILE A 24 5.98 -2.87 0.87
N GLU A 25 4.93 -2.29 0.32
CA GLU A 25 3.60 -2.85 0.47
C GLU A 25 3.42 -3.98 -0.53
N THR A 26 2.79 -5.05 -0.10
CA THR A 26 2.55 -6.20 -0.96
C THR A 26 1.59 -5.86 -2.07
N LEU A 27 1.66 -6.62 -3.14
CA LEU A 27 0.83 -6.39 -4.31
C LEU A 27 -0.65 -6.57 -3.97
N SER A 28 -0.94 -7.61 -3.21
CA SER A 28 -2.31 -7.95 -2.86
C SER A 28 -2.75 -7.41 -1.50
N HIS A 29 -1.95 -6.51 -0.92
CA HIS A 29 -2.28 -5.90 0.38
C HIS A 29 -2.41 -6.96 1.48
N ASP A 30 -1.36 -7.74 1.70
CA ASP A 30 -1.43 -8.81 2.69
C ASP A 30 -0.41 -8.60 3.81
N GLU A 31 0.71 -7.94 3.55
CA GLU A 31 1.69 -7.62 4.60
C GLU A 31 2.73 -6.64 4.09
N GLU A 32 3.56 -6.13 4.98
CA GLU A 32 4.61 -5.20 4.59
C GLU A 32 5.96 -5.91 4.58
N VAL A 33 6.78 -5.59 3.58
CA VAL A 33 8.11 -6.18 3.49
C VAL A 33 9.18 -5.16 3.79
N PHE A 34 10.07 -5.50 4.70
CA PHE A 34 11.14 -4.61 5.11
C PHE A 34 12.33 -4.73 4.15
N PHE A 35 12.70 -3.62 3.54
CA PHE A 35 13.88 -3.57 2.73
C PHE A 35 14.75 -2.40 3.18
N HIS A 36 16.05 -2.54 3.09
CA HIS A 36 16.93 -1.46 3.49
C HIS A 36 17.56 -0.83 2.25
N PHE A 37 17.62 0.49 2.22
CA PHE A 37 18.15 1.21 1.06
C PHE A 37 19.63 0.91 0.86
N SER A 38 20.26 0.43 1.91
CA SER A 38 21.67 0.07 1.87
C SER A 38 21.92 -1.07 0.87
N ASN A 39 20.98 -2.01 0.79
CA ASN A 39 21.14 -3.16 -0.08
C ASN A 39 20.25 -3.04 -1.30
N TYR A 40 19.76 -1.84 -1.56
CA TYR A 40 18.96 -1.60 -2.75
C TYR A 40 19.88 -1.53 -3.97
N MET A 41 19.47 -2.18 -5.05
CA MET A 41 20.29 -2.25 -6.25
C MET A 41 19.85 -1.21 -7.26
N GLY A 42 20.66 -0.17 -7.38
CA GLY A 42 20.38 0.89 -8.32
C GLY A 42 20.51 2.27 -7.68
N ASN A 43 19.53 3.13 -7.95
CA ASN A 43 19.55 4.48 -7.40
C ASN A 43 18.34 4.69 -6.50
N PRO A 44 18.52 4.61 -5.17
CA PRO A 44 17.44 4.74 -4.20
C PRO A 44 16.96 6.18 -4.01
N ASN A 45 17.73 7.12 -4.52
CA ASN A 45 17.38 8.53 -4.39
C ASN A 45 16.27 8.90 -5.37
N TRP A 46 16.03 8.02 -6.33
CA TRP A 46 14.98 8.24 -7.32
C TRP A 46 13.74 7.41 -7.01
N LEU A 47 13.67 6.89 -5.80
CA LEU A 47 12.51 6.13 -5.37
C LEU A 47 11.48 7.08 -4.75
N GLU A 48 10.22 6.80 -5.02
CA GLU A 48 9.12 7.61 -4.51
C GLU A 48 8.00 6.70 -4.00
N LEU A 49 7.03 7.30 -3.35
CA LEU A 49 5.91 6.56 -2.79
C LEU A 49 4.95 6.12 -3.88
N GLY A 50 4.86 4.82 -4.09
CA GLY A 50 4.00 4.29 -5.14
C GLY A 50 4.80 3.65 -6.27
N GLN A 51 6.11 3.57 -6.10
CA GLN A 51 6.97 3.00 -7.13
C GLN A 51 6.98 1.48 -7.08
N GLU A 52 6.49 0.87 -8.16
CA GLU A 52 6.47 -0.57 -8.34
C GLU A 52 7.90 -1.14 -8.42
N VAL A 53 8.14 -2.24 -7.70
CA VAL A 53 9.43 -2.92 -7.69
C VAL A 53 9.22 -4.42 -7.50
N GLU A 54 10.01 -5.25 -8.17
CA GLU A 54 9.98 -6.69 -7.92
C GLU A 54 11.30 -7.15 -7.34
N TYR A 55 11.23 -8.12 -6.44
CA TYR A 55 12.38 -8.50 -5.64
C TYR A 55 12.17 -9.82 -4.93
N THR A 56 13.19 -10.25 -4.19
CA THR A 56 13.13 -11.51 -3.45
C THR A 56 13.58 -11.32 -2.00
N LEU A 57 13.39 -12.33 -1.17
CA LEU A 57 13.74 -12.24 0.24
C LEU A 57 15.01 -13.03 0.54
N ALA A 58 15.83 -12.48 1.43
CA ALA A 58 17.06 -13.15 1.86
C ALA A 58 16.78 -14.10 3.00
N ARG A 59 16.10 -15.20 2.69
CA ARG A 59 15.72 -16.20 3.69
C ARG A 59 16.83 -17.24 3.85
N ASN A 60 18.01 -16.88 3.38
CA ASN A 60 19.17 -17.75 3.52
C ASN A 60 19.97 -17.35 4.75
N GLY A 61 20.33 -18.33 5.56
CA GLY A 61 21.14 -18.05 6.73
C GLY A 61 20.52 -18.56 8.01
N ASN A 62 21.32 -18.59 9.07
CA ASN A 62 20.88 -19.07 10.38
C ASN A 62 20.66 -17.90 11.33
N THR A 63 20.35 -16.74 10.76
CA THR A 63 20.13 -15.52 11.51
C THR A 63 18.68 -15.40 11.97
N SER A 64 17.94 -16.49 11.86
CA SER A 64 16.51 -16.51 12.18
C SER A 64 16.30 -16.84 13.66
N VAL A 65 17.05 -16.16 14.53
CA VAL A 65 16.93 -16.39 15.96
C VAL A 65 15.56 -15.95 16.46
N SER A 66 15.06 -14.85 15.92
CA SER A 66 13.70 -14.43 16.18
C SER A 66 12.89 -14.50 14.88
N GLY A 67 13.59 -14.28 13.76
CA GLY A 67 13.01 -14.50 12.44
C GLY A 67 11.68 -13.82 12.22
N ASN A 68 11.56 -12.55 12.62
CA ASN A 68 10.31 -11.82 12.39
C ASN A 68 10.27 -11.30 10.96
N CYS A 69 11.22 -10.44 10.64
CA CYS A 69 11.32 -9.87 9.32
C CYS A 69 12.77 -9.59 8.95
N LEU A 70 13.23 -10.27 7.92
CA LEU A 70 14.58 -10.07 7.42
C LEU A 70 14.57 -9.15 6.19
N PRO A 71 15.67 -8.45 5.93
CA PRO A 71 15.77 -7.53 4.80
C PRO A 71 15.60 -8.24 3.45
N ALA A 72 15.00 -7.53 2.51
CA ALA A 72 14.77 -8.07 1.17
C ALA A 72 15.90 -7.69 0.23
N GLU A 73 16.21 -8.58 -0.71
CA GLU A 73 17.33 -8.38 -1.63
C GLU A 73 16.85 -8.42 -3.08
N ASN A 74 17.79 -8.17 -4.00
CA ASN A 74 17.53 -8.27 -5.44
C ASN A 74 16.41 -7.33 -5.85
N VAL A 75 16.32 -6.20 -5.17
CA VAL A 75 15.29 -5.21 -5.41
C VAL A 75 15.53 -4.44 -6.71
N ARG A 76 14.60 -4.60 -7.65
CA ARG A 76 14.70 -3.95 -8.95
C ARG A 76 13.46 -3.10 -9.21
N MET A 77 13.65 -1.95 -9.88
CA MET A 77 12.53 -1.07 -10.21
C MET A 77 11.69 -1.64 -11.34
N LEU A 78 10.39 -1.36 -11.29
CA LEU A 78 9.48 -1.74 -12.36
C LEU A 78 8.81 -0.50 -12.96
N PRO A 79 8.32 -0.62 -14.20
CA PRO A 79 7.57 0.45 -14.86
C PRO A 79 6.16 0.59 -14.28
N LYS A 80 5.48 1.66 -14.66
CA LYS A 80 4.12 1.90 -14.19
C LYS A 80 3.12 1.04 -14.94
N ASN A 81 1.86 1.13 -14.50
CA ASN A 81 0.74 0.42 -15.12
C ASN A 81 0.79 -1.08 -14.87
N SER A 82 1.78 -1.51 -14.10
CA SER A 82 1.89 -2.92 -13.74
C SER A 82 0.80 -3.31 -12.74
N ILE A 83 0.30 -2.33 -11.99
CA ILE A 83 -0.71 -2.57 -10.98
C ILE A 83 -2.06 -2.05 -11.46
N PRO A 84 -3.07 -2.94 -11.55
CA PRO A 84 -4.40 -2.58 -12.05
C PRO A 84 -5.29 -1.94 -10.97
N GLN A 85 -6.30 -1.22 -11.43
CA GLN A 85 -7.28 -0.59 -10.54
C GLN A 85 -8.70 -1.02 -10.95
N PRO A 86 -9.70 -0.78 -10.08
CA PRO A 86 -11.08 -1.20 -10.33
C PRO A 86 -11.72 -0.38 -11.44
N ALA A 87 -12.74 -0.94 -12.09
CA ALA A 87 -13.36 -0.27 -13.21
C ALA A 87 -14.79 0.13 -12.89
N VAL A 88 -14.97 1.37 -12.43
CA VAL A 88 -16.30 1.90 -12.14
C VAL A 88 -16.35 3.37 -12.55
N LEU A 89 -16.79 3.63 -13.77
CA LEU A 89 -16.88 5.00 -14.27
C LEU A 89 -18.02 5.75 -13.57
N GLU A 90 -19.11 5.04 -13.30
CA GLU A 90 -20.27 5.62 -12.65
C GLU A 90 -19.93 6.06 -11.23
N THR A 91 -18.92 5.41 -10.65
CA THR A 91 -18.52 5.62 -9.26
C THR A 91 -19.55 5.07 -8.28
N THR A 92 -19.17 4.02 -7.55
CA THR A 92 -20.13 3.27 -6.74
C THR A 92 -20.21 3.76 -5.31
N HIS A 93 -19.16 4.40 -4.80
CA HIS A 93 -19.14 4.78 -3.39
C HIS A 93 -18.56 6.16 -3.18
N ASN A 94 -18.89 6.69 -2.01
CA ASN A 94 -18.26 7.89 -1.49
C ASN A 94 -18.06 7.68 0.01
N GLY A 95 -17.12 8.36 0.61
CA GLY A 95 -16.89 8.17 2.02
C GLY A 95 -16.05 9.25 2.62
N VAL A 96 -15.56 8.98 3.83
CA VAL A 96 -14.74 9.93 4.54
C VAL A 96 -13.60 9.22 5.24
N VAL A 97 -12.46 9.88 5.34
CA VAL A 97 -11.29 9.30 5.97
C VAL A 97 -11.59 8.92 7.42
N ALA A 98 -11.40 7.64 7.73
CA ALA A 98 -11.74 7.12 9.05
C ALA A 98 -10.63 7.38 10.06
N ARG A 99 -9.49 6.71 9.88
CA ARG A 99 -8.38 6.85 10.82
C ARG A 99 -7.05 6.50 10.18
N PRO A 100 -6.08 7.42 10.24
CA PRO A 100 -4.70 7.14 9.87
C PRO A 100 -4.01 6.32 10.96
N LEU A 101 -2.94 5.63 10.61
CA LEU A 101 -2.29 4.73 11.54
C LEU A 101 -1.39 5.48 12.53
N ARG A 102 -2.00 5.91 13.63
CA ARG A 102 -1.24 6.43 14.76
C ARG A 102 -1.07 5.34 15.81
N CYS A 103 -2.19 4.90 16.37
CA CYS A 103 -2.20 3.87 17.39
C CYS A 103 -2.35 2.47 16.78
N ILE A 104 -2.63 2.43 15.48
CA ILE A 104 -2.83 1.18 14.78
C ILE A 104 -1.55 0.35 14.70
N ASN A 105 -0.43 1.04 14.41
CA ASN A 105 0.89 0.40 14.23
C ASN A 105 0.94 -0.39 12.91
N PRO A 106 2.15 -0.52 12.32
CA PRO A 106 2.36 -1.31 11.10
C PRO A 106 2.22 -2.81 11.37
N ASP A 107 2.21 -3.16 12.65
CA ASP A 107 2.08 -4.56 13.07
C ASP A 107 0.65 -5.04 12.88
N GLN A 108 -0.27 -4.09 12.82
CA GLN A 108 -1.68 -4.39 12.58
C GLN A 108 -1.93 -4.49 11.08
N GLN A 109 -2.94 -5.27 10.69
CA GLN A 109 -3.25 -5.47 9.28
C GLN A 109 -3.81 -4.21 8.64
N GLU A 110 -4.15 -3.23 9.47
CA GLU A 110 -4.77 -1.98 9.03
C GLU A 110 -3.70 -0.95 8.65
N TYR A 111 -2.48 -1.46 8.45
CA TYR A 111 -1.28 -0.66 8.16
C TYR A 111 -1.48 0.36 7.03
N ALA A 112 -2.24 0.00 6.01
CA ALA A 112 -2.37 0.86 4.83
C ALA A 112 -3.22 2.10 5.11
N GLY A 113 -4.16 1.98 6.04
CA GLY A 113 -5.07 3.08 6.32
C GLY A 113 -6.48 2.76 5.87
N LEU A 114 -7.48 3.42 6.43
CA LEU A 114 -8.87 3.00 6.19
C LEU A 114 -9.84 4.17 6.07
N ILE A 115 -10.85 3.96 5.24
CA ILE A 115 -11.90 4.93 4.99
C ILE A 115 -13.25 4.41 5.53
N GLU A 116 -14.04 5.32 6.08
CA GLU A 116 -15.34 4.99 6.64
C GLU A 116 -16.39 5.03 5.54
N ILE A 117 -17.02 3.89 5.29
CA ILE A 117 -17.96 3.75 4.19
C ILE A 117 -19.39 3.73 4.72
N LEU A 118 -20.20 4.64 4.22
CA LEU A 118 -21.61 4.66 4.58
C LEU A 118 -22.42 3.96 3.50
N ASP A 119 -23.57 3.41 3.87
CA ASP A 119 -24.40 2.69 2.93
C ASP A 119 -25.16 3.64 2.00
N GLU A 120 -25.91 3.07 1.06
CA GLU A 120 -26.62 3.83 0.04
C GLU A 120 -27.72 4.71 0.64
N LEU A 121 -28.23 4.31 1.80
CA LEU A 121 -29.28 5.07 2.47
C LEU A 121 -28.65 6.02 3.47
N ARG A 122 -27.32 5.92 3.58
CA ARG A 122 -26.54 6.76 4.49
C ARG A 122 -26.96 6.52 5.94
N THR A 123 -27.44 5.32 6.23
CA THR A 123 -27.98 5.02 7.55
C THR A 123 -26.87 4.58 8.51
N THR A 124 -25.91 3.81 8.02
CA THR A 124 -24.88 3.25 8.88
C THR A 124 -23.52 3.21 8.19
N VAL A 125 -22.49 2.98 8.98
CA VAL A 125 -21.16 2.69 8.47
C VAL A 125 -21.04 1.20 8.24
N ILE A 126 -20.55 0.79 7.09
CA ILE A 126 -20.53 -0.63 6.76
C ILE A 126 -19.42 -1.36 7.51
N SER A 127 -18.17 -1.11 7.14
CA SER A 127 -17.06 -1.60 7.96
C SER A 127 -15.93 -0.58 7.96
N GLN A 128 -15.07 -0.71 6.95
CA GLN A 128 -13.96 0.19 6.69
C GLN A 128 -13.26 -0.28 5.42
N HIS A 129 -12.95 0.62 4.49
CA HIS A 129 -12.26 0.22 3.28
C HIS A 129 -10.83 0.73 3.28
N GLU A 130 -9.91 -0.16 2.95
CA GLU A 130 -8.50 0.16 2.93
C GLU A 130 -8.10 0.83 1.62
N PHE A 131 -7.13 1.73 1.67
CA PHE A 131 -6.64 2.39 0.47
C PHE A 131 -5.16 2.10 0.26
N GLY A 132 -4.73 2.11 -1.00
CA GLY A 132 -3.35 1.82 -1.32
C GLY A 132 -2.58 3.06 -1.73
N ILE A 133 -1.28 3.08 -1.47
CA ILE A 133 -0.42 4.21 -1.84
C ILE A 133 -0.49 4.50 -3.33
N THR A 134 -0.79 3.47 -4.10
CA THR A 134 -0.90 3.59 -5.54
C THR A 134 -2.20 4.31 -5.91
N SER A 135 -3.21 4.10 -5.09
CA SER A 135 -4.53 4.68 -5.32
C SER A 135 -4.62 6.06 -4.70
N LEU A 136 -3.65 6.37 -3.85
CA LEU A 136 -3.57 7.66 -3.18
C LEU A 136 -3.13 8.76 -4.14
N VAL A 137 -3.90 8.96 -5.21
CA VAL A 137 -3.62 10.04 -6.15
C VAL A 137 -3.42 11.36 -5.41
N ASN A 138 -4.26 11.61 -4.42
CA ASN A 138 -4.15 12.82 -3.60
C ASN A 138 -3.20 12.62 -2.41
N LYS A 139 -2.15 11.83 -2.60
CA LYS A 139 -1.14 11.61 -1.56
C LYS A 139 -0.43 12.93 -1.21
N ARG A 140 -0.53 13.89 -2.12
CA ARG A 140 0.07 15.21 -1.93
C ARG A 140 -0.81 16.12 -1.06
N ASP A 141 -2.10 15.78 -1.01
CA ASP A 141 -3.09 16.64 -0.36
C ASP A 141 -3.03 16.56 1.16
N LEU A 142 -3.75 17.47 1.79
CA LEU A 142 -3.83 17.56 3.23
C LEU A 142 -4.93 16.63 3.76
N LEU A 143 -5.18 15.56 3.02
CA LEU A 143 -6.25 14.63 3.31
C LEU A 143 -6.14 14.08 4.74
N GLN A 144 -7.10 14.43 5.57
CA GLN A 144 -7.11 14.05 6.97
C GLN A 144 -8.44 13.41 7.35
N LYS A 145 -8.63 13.10 8.62
CA LYS A 145 -9.88 12.51 9.08
C LYS A 145 -11.00 13.54 9.02
N GLY A 146 -12.15 13.10 8.53
CA GLY A 146 -13.30 13.97 8.48
C GLY A 146 -13.44 14.68 7.15
N ASP A 147 -12.44 14.54 6.28
CA ASP A 147 -12.53 15.13 4.96
C ASP A 147 -13.11 14.13 3.98
N LEU A 148 -13.95 14.62 3.08
CA LEU A 148 -14.71 13.76 2.20
C LEU A 148 -13.87 13.31 1.02
N VAL A 149 -14.09 12.08 0.60
CA VAL A 149 -13.31 11.50 -0.46
C VAL A 149 -14.17 10.60 -1.36
N SER A 150 -13.82 10.55 -2.63
CA SER A 150 -14.53 9.73 -3.60
C SER A 150 -13.64 8.57 -4.03
N PHE A 151 -14.26 7.43 -4.31
CA PHE A 151 -13.54 6.21 -4.68
C PHE A 151 -14.52 5.19 -5.25
N ARG A 152 -13.99 4.08 -5.73
CA ARG A 152 -14.85 3.00 -6.20
C ARG A 152 -14.19 1.66 -6.01
N ILE A 153 -14.90 0.74 -5.36
CA ILE A 153 -14.45 -0.62 -5.21
C ILE A 153 -15.06 -1.48 -6.31
N ASP A 154 -14.31 -2.46 -6.79
CA ASP A 154 -14.79 -3.33 -7.87
C ASP A 154 -13.89 -4.57 -8.01
N GLU A 155 -12.78 -4.45 -8.74
CA GLU A 155 -11.88 -5.59 -8.92
C GLU A 155 -10.94 -5.74 -7.73
N SER A 156 -10.60 -4.65 -7.08
CA SER A 156 -9.65 -4.69 -5.97
C SER A 156 -10.34 -5.05 -4.66
N GLY A 157 -11.67 -4.92 -4.63
CA GLY A 157 -12.42 -5.15 -3.41
C GLY A 157 -11.99 -4.22 -2.29
N ARG A 158 -11.45 -3.06 -2.66
CA ARG A 158 -10.95 -2.09 -1.71
C ARG A 158 -11.03 -0.69 -2.32
N ALA A 159 -10.65 0.32 -1.56
CA ALA A 159 -10.85 1.70 -1.98
C ALA A 159 -9.70 2.19 -2.84
N ALA A 160 -10.00 2.39 -4.11
CA ALA A 160 -9.00 2.86 -5.06
C ALA A 160 -9.51 4.09 -5.81
N CYS A 161 -8.58 4.80 -6.46
CA CYS A 161 -8.90 6.04 -7.17
C CYS A 161 -9.45 7.10 -6.23
N VAL A 162 -8.99 7.08 -4.97
CA VAL A 162 -9.46 8.02 -3.97
C VAL A 162 -9.08 9.44 -4.34
N ASN A 163 -10.09 10.29 -4.44
CA ASN A 163 -9.88 11.70 -4.73
C ASN A 163 -10.67 12.54 -3.73
N ALA A 164 -9.98 13.44 -3.06
CA ALA A 164 -10.59 14.29 -2.04
C ALA A 164 -11.67 15.17 -2.64
N VAL A 165 -12.82 15.21 -1.99
CA VAL A 165 -13.96 15.95 -2.49
C VAL A 165 -14.38 17.07 -1.54
N ARG A 166 -14.36 18.29 -2.03
CA ARG A 166 -14.93 19.42 -1.30
C ARG A 166 -16.38 19.59 -1.71
N GLN A 167 -17.25 19.86 -0.74
CA GLN A 167 -18.67 19.91 -0.99
C GLN A 167 -19.26 21.27 -0.68
N LYS A 168 -20.29 21.62 -1.40
CA LYS A 168 -21.05 22.84 -1.10
C LYS A 168 -22.26 22.50 -0.25
N GLY A 1 25.13 -12.90 -0.71
CA GLY A 1 25.24 -12.96 -2.15
C GLY A 1 25.14 -14.38 -2.67
N ALA A 2 25.53 -15.33 -1.84
CA ALA A 2 25.51 -16.74 -2.23
C ALA A 2 24.86 -17.58 -1.15
N GLY A 3 23.86 -18.37 -1.54
CA GLY A 3 23.20 -19.26 -0.61
C GLY A 3 22.00 -19.94 -1.23
N SER A 4 20.90 -19.20 -1.33
CA SER A 4 19.69 -19.70 -1.96
C SER A 4 18.78 -18.53 -2.32
N ASP A 5 18.20 -18.59 -3.51
CA ASP A 5 17.24 -17.56 -3.91
C ASP A 5 15.85 -17.91 -3.41
N ALA A 6 14.93 -16.98 -3.58
CA ALA A 6 13.58 -17.15 -3.06
C ALA A 6 12.73 -18.01 -3.98
N GLY A 7 13.17 -18.16 -5.22
CA GLY A 7 12.42 -18.93 -6.20
C GLY A 7 11.23 -18.17 -6.76
N GLN A 8 10.66 -17.29 -5.96
CA GLN A 8 9.54 -16.48 -6.39
C GLN A 8 9.82 -15.00 -6.15
N VAL A 9 9.67 -14.22 -7.20
CA VAL A 9 9.85 -12.78 -7.12
C VAL A 9 8.55 -12.13 -6.72
N TYR A 10 8.58 -11.43 -5.59
CA TYR A 10 7.37 -10.84 -5.05
C TYR A 10 7.22 -9.44 -5.59
N ARG A 11 6.00 -8.92 -5.54
CA ARG A 11 5.70 -7.65 -6.14
C ARG A 11 4.99 -6.75 -5.15
N GLY A 12 5.29 -5.46 -5.20
CA GLY A 12 4.67 -4.51 -4.31
C GLY A 12 4.97 -3.09 -4.74
N PHE A 13 4.73 -2.14 -3.85
CA PHE A 13 4.95 -0.75 -4.18
C PHE A 13 5.33 0.06 -2.94
N ILE A 14 6.05 1.15 -3.17
CA ILE A 14 6.56 1.98 -2.09
C ILE A 14 5.44 2.79 -1.43
N ALA A 15 5.12 2.43 -0.19
CA ALA A 15 4.12 3.17 0.57
C ALA A 15 4.78 4.17 1.50
N VAL A 16 5.75 3.69 2.26
CA VAL A 16 6.47 4.54 3.20
C VAL A 16 7.93 4.68 2.78
N MET A 17 8.35 5.91 2.60
CA MET A 17 9.75 6.20 2.32
C MET A 17 10.33 7.09 3.41
N LYS A 18 11.19 6.50 4.22
CA LYS A 18 11.87 7.24 5.27
C LYS A 18 13.25 7.63 4.76
N GLU A 19 14.15 8.02 5.65
CA GLU A 19 15.49 8.47 5.25
C GLU A 19 16.41 7.29 4.94
N ASN A 20 16.33 6.22 5.71
CA ASN A 20 17.20 5.06 5.51
C ASN A 20 16.43 3.84 5.01
N PHE A 21 15.21 3.68 5.51
CA PHE A 21 14.41 2.51 5.20
C PHE A 21 12.99 2.89 4.82
N GLY A 22 12.19 1.89 4.48
CA GLY A 22 10.81 2.13 4.14
C GLY A 22 9.97 0.87 4.25
N PHE A 23 8.67 1.02 4.12
CA PHE A 23 7.77 -0.11 4.21
C PHE A 23 7.06 -0.31 2.88
N ILE A 24 7.13 -1.53 2.37
CA ILE A 24 6.58 -1.84 1.07
C ILE A 24 5.20 -2.47 1.20
N GLU A 25 4.25 -1.90 0.48
CA GLU A 25 2.89 -2.42 0.45
C GLU A 25 2.83 -3.58 -0.55
N THR A 26 2.50 -4.76 -0.04
CA THR A 26 2.51 -5.96 -0.87
C THR A 26 1.41 -5.94 -1.92
N LEU A 27 1.62 -6.70 -2.98
CA LEU A 27 0.68 -6.77 -4.10
C LEU A 27 -0.71 -7.21 -3.61
N SER A 28 -0.74 -8.24 -2.79
CA SER A 28 -1.99 -8.76 -2.26
C SER A 28 -2.36 -8.08 -0.93
N HIS A 29 -1.62 -7.02 -0.58
CA HIS A 29 -1.81 -6.23 0.66
C HIS A 29 -2.15 -7.12 1.87
N ASP A 30 -1.52 -8.28 1.91
CA ASP A 30 -1.72 -9.26 2.99
C ASP A 30 -0.61 -9.15 4.01
N GLU A 31 0.47 -8.50 3.62
CA GLU A 31 1.71 -8.56 4.35
C GLU A 31 2.47 -7.23 4.23
N GLU A 32 3.31 -6.95 5.21
CA GLU A 32 4.17 -5.79 5.15
C GLU A 32 5.61 -6.24 5.02
N VAL A 33 6.31 -5.72 4.02
CA VAL A 33 7.71 -6.05 3.85
C VAL A 33 8.58 -4.86 4.20
N PHE A 34 9.27 -4.95 5.32
CA PHE A 34 10.24 -3.94 5.70
C PHE A 34 11.43 -3.99 4.75
N PHE A 35 11.68 -2.89 4.09
CA PHE A 35 12.79 -2.80 3.18
C PHE A 35 13.75 -1.70 3.58
N HIS A 36 15.02 -2.05 3.68
CA HIS A 36 16.05 -1.07 3.95
C HIS A 36 16.70 -0.66 2.62
N PHE A 37 16.68 0.63 2.32
CA PHE A 37 17.14 1.13 1.02
C PHE A 37 18.61 0.83 0.77
N SER A 38 19.32 0.50 1.83
CA SER A 38 20.72 0.10 1.75
C SER A 38 20.90 -1.10 0.82
N ASN A 39 19.88 -1.96 0.72
CA ASN A 39 19.96 -3.15 -0.12
C ASN A 39 19.19 -2.98 -1.43
N TYR A 40 19.02 -1.74 -1.84
CA TYR A 40 18.28 -1.44 -3.07
C TYR A 40 19.19 -1.50 -4.28
N MET A 41 18.69 -2.06 -5.37
CA MET A 41 19.47 -2.14 -6.60
C MET A 41 19.09 -1.00 -7.53
N GLY A 42 19.89 0.05 -7.50
CA GLY A 42 19.64 1.18 -8.37
C GLY A 42 19.73 2.50 -7.62
N ASN A 43 18.80 3.39 -7.88
CA ASN A 43 18.79 4.71 -7.24
C ASN A 43 17.47 4.94 -6.52
N PRO A 44 17.47 4.85 -5.17
CA PRO A 44 16.26 4.99 -4.36
C PRO A 44 15.77 6.44 -4.32
N ASN A 45 16.65 7.36 -4.67
CA ASN A 45 16.32 8.79 -4.68
C ASN A 45 15.43 9.11 -5.87
N TRP A 46 15.27 8.13 -6.76
CA TRP A 46 14.40 8.28 -7.92
C TRP A 46 13.12 7.48 -7.74
N LEU A 47 12.91 6.98 -6.53
CA LEU A 47 11.70 6.25 -6.20
C LEU A 47 10.61 7.20 -5.75
N GLU A 48 9.39 6.90 -6.15
CA GLU A 48 8.23 7.71 -5.81
C GLU A 48 7.28 6.90 -4.94
N LEU A 49 6.38 7.60 -4.26
CA LEU A 49 5.38 6.94 -3.45
C LEU A 49 4.32 6.32 -4.36
N GLY A 50 4.17 5.01 -4.26
CA GLY A 50 3.24 4.31 -5.12
C GLY A 50 3.92 3.70 -6.33
N GLN A 51 5.25 3.84 -6.37
CA GLN A 51 6.03 3.29 -7.47
C GLN A 51 6.03 1.76 -7.42
N GLU A 52 5.71 1.16 -8.54
CA GLU A 52 5.69 -0.29 -8.67
C GLU A 52 7.11 -0.85 -8.67
N VAL A 53 7.35 -1.81 -7.78
CA VAL A 53 8.67 -2.45 -7.67
C VAL A 53 8.50 -3.95 -7.42
N GLU A 54 9.53 -4.72 -7.75
CA GLU A 54 9.51 -6.15 -7.48
C GLU A 54 10.79 -6.53 -6.74
N TYR A 55 10.71 -7.58 -5.92
CA TYR A 55 11.76 -7.85 -4.95
C TYR A 55 11.69 -9.27 -4.39
N THR A 56 12.68 -9.60 -3.57
CA THR A 56 12.75 -10.88 -2.90
C THR A 56 13.16 -10.69 -1.44
N LEU A 57 13.01 -11.73 -0.62
CA LEU A 57 13.30 -11.62 0.79
C LEU A 57 14.73 -12.09 1.10
N ALA A 58 15.33 -11.48 2.10
CA ALA A 58 16.68 -11.83 2.53
C ALA A 58 16.65 -12.94 3.58
N ARG A 59 15.59 -13.75 3.54
CA ARG A 59 15.40 -14.79 4.52
C ARG A 59 16.11 -16.07 4.07
N ASN A 60 17.41 -15.97 3.92
CA ASN A 60 18.25 -17.10 3.58
C ASN A 60 18.35 -18.07 4.76
N GLY A 61 18.27 -17.51 5.96
CA GLY A 61 18.32 -18.31 7.17
C GLY A 61 17.84 -17.54 8.38
N ASN A 62 17.99 -18.12 9.56
CA ASN A 62 17.62 -17.47 10.80
C ASN A 62 18.59 -16.34 11.11
N THR A 63 18.10 -15.11 11.07
CA THR A 63 18.92 -13.96 11.42
C THR A 63 18.10 -12.92 12.18
N SER A 64 17.36 -12.08 11.46
CA SER A 64 16.60 -11.02 12.08
C SER A 64 15.17 -11.50 12.40
N VAL A 65 14.98 -12.81 12.32
CA VAL A 65 13.66 -13.40 12.57
C VAL A 65 13.38 -13.46 14.07
N SER A 66 14.44 -13.39 14.86
CA SER A 66 14.32 -13.42 16.32
C SER A 66 13.97 -12.03 16.86
N GLY A 67 14.01 -11.04 15.98
CA GLY A 67 13.69 -9.68 16.37
C GLY A 67 12.26 -9.32 16.05
N ASN A 68 11.95 -9.25 14.76
CA ASN A 68 10.59 -8.93 14.30
C ASN A 68 10.45 -9.24 12.83
N CYS A 69 11.32 -8.64 12.02
CA CYS A 69 11.30 -8.83 10.58
C CYS A 69 12.69 -8.65 10.00
N LEU A 70 12.85 -8.97 8.74
CA LEU A 70 14.11 -8.79 8.04
C LEU A 70 13.92 -7.95 6.78
N PRO A 71 14.97 -7.27 6.32
CA PRO A 71 14.90 -6.41 5.14
C PRO A 71 14.77 -7.20 3.84
N ALA A 72 14.26 -6.53 2.80
CA ALA A 72 14.16 -7.12 1.49
C ALA A 72 15.44 -6.87 0.68
N GLU A 73 15.70 -7.73 -0.30
CA GLU A 73 16.88 -7.59 -1.14
C GLU A 73 16.53 -7.80 -2.61
N ASN A 74 17.45 -7.38 -3.49
CA ASN A 74 17.30 -7.53 -4.94
C ASN A 74 16.09 -6.75 -5.45
N VAL A 75 15.76 -5.68 -4.75
CA VAL A 75 14.61 -4.84 -5.11
C VAL A 75 14.91 -4.01 -6.36
N ARG A 76 14.08 -4.19 -7.38
CA ARG A 76 14.23 -3.44 -8.62
C ARG A 76 12.93 -2.75 -8.99
N MET A 77 13.03 -1.71 -9.78
CA MET A 77 11.85 -0.98 -10.23
C MET A 77 11.08 -1.80 -11.26
N LEU A 78 9.76 -1.70 -11.18
CA LEU A 78 8.89 -2.41 -12.08
C LEU A 78 8.24 -1.41 -13.03
N PRO A 79 8.04 -1.79 -14.30
CA PRO A 79 7.31 -0.94 -15.24
C PRO A 79 5.91 -0.61 -14.74
N LYS A 80 5.54 0.65 -14.87
CA LYS A 80 4.24 1.13 -14.44
C LYS A 80 3.10 0.41 -15.18
N ASN A 81 1.97 0.27 -14.49
CA ASN A 81 0.75 -0.34 -15.04
C ASN A 81 0.87 -1.86 -15.07
N SER A 82 1.69 -2.39 -14.17
CA SER A 82 1.72 -3.82 -13.93
C SER A 82 0.68 -4.15 -12.86
N ILE A 83 0.48 -3.18 -11.98
CA ILE A 83 -0.58 -3.22 -11.00
C ILE A 83 -1.87 -2.68 -11.64
N PRO A 84 -2.95 -3.48 -11.63
CA PRO A 84 -4.19 -3.15 -12.33
C PRO A 84 -5.00 -2.05 -11.65
N GLN A 85 -5.87 -1.40 -12.43
CA GLN A 85 -6.75 -0.38 -11.91
C GLN A 85 -8.21 -0.80 -12.04
N PRO A 86 -9.11 -0.24 -11.21
CA PRO A 86 -10.53 -0.61 -11.20
C PRO A 86 -11.26 -0.15 -12.47
N ALA A 87 -12.06 -1.05 -13.04
CA ALA A 87 -12.85 -0.71 -14.21
C ALA A 87 -14.25 -0.25 -13.78
N VAL A 88 -14.40 1.06 -13.67
CA VAL A 88 -15.67 1.67 -13.28
C VAL A 88 -15.90 2.88 -14.16
N LEU A 89 -17.14 3.31 -14.33
CA LEU A 89 -17.42 4.44 -15.21
C LEU A 89 -17.47 5.75 -14.41
N GLU A 90 -18.46 5.87 -13.52
CA GLU A 90 -18.61 7.12 -12.76
C GLU A 90 -17.92 7.04 -11.40
N THR A 91 -18.31 6.05 -10.61
CA THR A 91 -17.90 5.91 -9.21
C THR A 91 -18.53 4.67 -8.59
N THR A 92 -17.92 4.15 -7.55
CA THR A 92 -18.51 3.07 -6.80
C THR A 92 -19.05 3.57 -5.46
N HIS A 93 -18.19 4.22 -4.69
CA HIS A 93 -18.58 4.74 -3.38
C HIS A 93 -17.89 6.07 -3.09
N ASN A 94 -18.22 6.63 -1.94
CA ASN A 94 -17.56 7.82 -1.42
C ASN A 94 -17.52 7.68 0.10
N GLY A 95 -16.76 8.53 0.78
CA GLY A 95 -16.72 8.45 2.22
C GLY A 95 -15.73 9.41 2.82
N VAL A 96 -15.50 9.26 4.11
CA VAL A 96 -14.58 10.11 4.83
C VAL A 96 -13.48 9.26 5.46
N VAL A 97 -12.27 9.80 5.56
CA VAL A 97 -11.15 9.08 6.15
C VAL A 97 -11.48 8.71 7.60
N ALA A 98 -11.48 7.40 7.88
CA ALA A 98 -11.94 6.90 9.17
C ALA A 98 -10.92 7.18 10.27
N ARG A 99 -9.74 6.56 10.17
CA ARG A 99 -8.70 6.73 11.17
C ARG A 99 -7.39 6.13 10.67
N PRO A 100 -6.41 6.98 10.34
CA PRO A 100 -5.07 6.52 9.99
C PRO A 100 -4.29 6.09 11.23
N LEU A 101 -3.83 4.85 11.23
CA LEU A 101 -3.15 4.31 12.39
C LEU A 101 -1.63 4.29 12.16
N ARG A 102 -0.91 5.07 12.96
CA ARG A 102 0.53 5.11 12.88
C ARG A 102 1.16 4.22 13.94
N CYS A 103 0.96 4.59 15.20
CA CYS A 103 1.60 3.92 16.33
C CYS A 103 0.71 2.83 16.94
N ILE A 104 -0.53 2.74 16.49
CA ILE A 104 -1.52 1.89 17.15
C ILE A 104 -1.19 0.40 17.02
N ASN A 105 -0.76 -0.03 15.84
CA ASN A 105 -0.37 -1.43 15.64
C ASN A 105 0.29 -1.60 14.27
N PRO A 106 1.63 -1.74 14.26
CA PRO A 106 2.39 -1.94 13.03
C PRO A 106 2.56 -3.42 12.67
N ASP A 107 2.14 -4.29 13.57
CA ASP A 107 2.29 -5.73 13.36
C ASP A 107 0.97 -6.34 12.90
N GLN A 108 0.12 -5.53 12.30
CA GLN A 108 -1.17 -6.00 11.82
C GLN A 108 -1.36 -5.61 10.36
N GLN A 109 -2.32 -6.24 9.68
CA GLN A 109 -2.48 -6.06 8.24
C GLN A 109 -3.08 -4.70 7.89
N GLU A 110 -3.88 -4.17 8.81
CA GLU A 110 -4.60 -2.91 8.57
C GLU A 110 -3.69 -1.69 8.71
N TYR A 111 -2.38 -1.96 8.69
CA TYR A 111 -1.34 -0.94 8.84
C TYR A 111 -1.56 0.26 7.91
N ALA A 112 -2.13 0.03 6.74
CA ALA A 112 -2.19 1.06 5.71
C ALA A 112 -3.19 2.17 6.04
N GLY A 113 -4.25 1.84 6.77
CA GLY A 113 -5.27 2.80 7.07
C GLY A 113 -6.59 2.44 6.43
N LEU A 114 -7.68 3.03 6.90
CA LEU A 114 -9.00 2.62 6.48
C LEU A 114 -9.96 3.80 6.35
N ILE A 115 -10.87 3.68 5.40
CA ILE A 115 -11.92 4.68 5.17
C ILE A 115 -13.26 4.13 5.64
N GLU A 116 -14.08 4.97 6.25
CA GLU A 116 -15.39 4.55 6.71
C GLU A 116 -16.42 4.73 5.60
N ILE A 117 -16.93 3.61 5.12
CA ILE A 117 -17.83 3.59 3.98
C ILE A 117 -19.26 3.60 4.46
N LEU A 118 -20.06 4.53 3.95
CA LEU A 118 -21.46 4.61 4.35
C LEU A 118 -22.30 3.67 3.50
N ASP A 119 -23.48 3.33 4.00
CA ASP A 119 -24.41 2.47 3.29
C ASP A 119 -24.85 3.12 1.99
N GLU A 120 -25.43 2.34 1.09
CA GLU A 120 -25.97 2.89 -0.14
C GLU A 120 -27.20 3.74 0.18
N LEU A 121 -27.74 3.54 1.38
CA LEU A 121 -28.89 4.30 1.85
C LEU A 121 -28.44 5.48 2.70
N ARG A 122 -27.18 5.41 3.18
CA ARG A 122 -26.60 6.43 4.06
C ARG A 122 -27.22 6.39 5.46
N THR A 123 -26.51 5.77 6.40
CA THR A 123 -26.91 5.84 7.81
C THR A 123 -25.71 5.61 8.73
N THR A 124 -24.85 4.66 8.40
CA THR A 124 -23.70 4.32 9.22
C THR A 124 -22.52 3.86 8.38
N VAL A 125 -21.48 3.39 9.05
CA VAL A 125 -20.32 2.80 8.37
C VAL A 125 -20.52 1.29 8.23
N ILE A 126 -20.20 0.74 7.07
CA ILE A 126 -20.42 -0.68 6.83
C ILE A 126 -19.38 -1.52 7.59
N SER A 127 -18.13 -1.45 7.15
CA SER A 127 -17.04 -2.04 7.92
C SER A 127 -15.82 -1.14 7.92
N GLN A 128 -15.01 -1.26 6.88
CA GLN A 128 -13.85 -0.42 6.64
C GLN A 128 -13.25 -0.78 5.28
N HIS A 129 -12.78 0.21 4.53
CA HIS A 129 -12.07 -0.08 3.28
C HIS A 129 -10.64 0.41 3.38
N GLU A 130 -9.73 -0.43 2.97
CA GLU A 130 -8.32 -0.11 3.02
C GLU A 130 -7.91 0.63 1.75
N PHE A 131 -6.98 1.56 1.87
CA PHE A 131 -6.51 2.30 0.72
C PHE A 131 -5.04 2.02 0.48
N GLY A 132 -4.65 2.03 -0.78
CA GLY A 132 -3.29 1.73 -1.14
C GLY A 132 -2.56 2.97 -1.61
N ILE A 133 -1.25 3.00 -1.39
CA ILE A 133 -0.42 4.13 -1.81
C ILE A 133 -0.51 4.34 -3.33
N THR A 134 -0.87 3.30 -4.04
CA THR A 134 -1.00 3.39 -5.49
C THR A 134 -2.25 4.18 -5.86
N SER A 135 -3.31 4.00 -5.10
CA SER A 135 -4.57 4.67 -5.37
C SER A 135 -4.67 6.02 -4.65
N LEU A 136 -3.72 6.28 -3.77
CA LEU A 136 -3.62 7.57 -3.09
C LEU A 136 -3.12 8.67 -4.02
N VAL A 137 -3.86 8.91 -5.09
CA VAL A 137 -3.49 9.90 -6.10
C VAL A 137 -2.97 11.21 -5.48
N ASN A 138 -3.68 11.72 -4.48
CA ASN A 138 -3.32 12.98 -3.84
C ASN A 138 -2.44 12.77 -2.60
N LYS A 139 -1.58 11.75 -2.66
CA LYS A 139 -0.74 11.38 -1.52
C LYS A 139 0.19 12.52 -1.08
N ARG A 140 0.32 13.53 -1.92
CA ARG A 140 1.20 14.67 -1.62
C ARG A 140 0.51 15.64 -0.67
N ASP A 141 -0.80 15.51 -0.57
CA ASP A 141 -1.60 16.40 0.27
C ASP A 141 -1.75 15.82 1.67
N LEU A 142 -1.89 16.71 2.64
CA LEU A 142 -2.10 16.29 4.02
C LEU A 142 -3.53 15.81 4.20
N LEU A 143 -3.70 14.51 4.04
CA LEU A 143 -5.02 13.91 4.16
C LEU A 143 -5.16 13.27 5.53
N GLN A 144 -6.09 13.77 6.32
CA GLN A 144 -6.23 13.33 7.70
C GLN A 144 -7.62 12.78 7.97
N LYS A 145 -7.83 12.42 9.24
CA LYS A 145 -9.12 11.93 9.69
C LYS A 145 -10.17 13.02 9.58
N GLY A 146 -11.27 12.73 8.91
CA GLY A 146 -12.35 13.68 8.81
C GLY A 146 -12.42 14.38 7.46
N ASP A 147 -11.49 14.06 6.57
CA ASP A 147 -11.51 14.62 5.22
C ASP A 147 -12.27 13.69 4.27
N LEU A 148 -13.04 14.29 3.37
CA LEU A 148 -13.85 13.53 2.43
C LEU A 148 -13.03 13.07 1.23
N VAL A 149 -13.26 11.85 0.79
CA VAL A 149 -12.53 11.29 -0.33
C VAL A 149 -13.46 10.53 -1.26
N SER A 150 -13.09 10.46 -2.52
CA SER A 150 -13.80 9.65 -3.49
C SER A 150 -12.93 8.48 -3.92
N PHE A 151 -13.55 7.33 -4.12
CA PHE A 151 -12.80 6.12 -4.43
C PHE A 151 -13.71 5.11 -5.11
N ARG A 152 -13.12 4.18 -5.85
CA ARG A 152 -13.89 3.14 -6.50
C ARG A 152 -13.38 1.76 -6.09
N ILE A 153 -14.25 0.97 -5.50
CA ILE A 153 -13.95 -0.43 -5.20
C ILE A 153 -14.62 -1.34 -6.22
N ASP A 154 -13.82 -2.13 -6.93
CA ASP A 154 -14.35 -3.09 -7.90
C ASP A 154 -13.33 -4.18 -8.19
N GLU A 155 -12.46 -3.91 -9.15
CA GLU A 155 -11.41 -4.87 -9.53
C GLU A 155 -10.32 -4.86 -8.47
N SER A 156 -10.26 -3.77 -7.73
CA SER A 156 -9.27 -3.60 -6.68
C SER A 156 -9.71 -4.28 -5.38
N GLY A 157 -11.01 -4.56 -5.28
CA GLY A 157 -11.57 -5.17 -4.09
C GLY A 157 -11.41 -4.31 -2.83
N ARG A 158 -10.90 -3.10 -3.00
CA ARG A 158 -10.74 -2.15 -1.92
C ARG A 158 -10.78 -0.74 -2.50
N ALA A 159 -10.33 0.24 -1.75
CA ALA A 159 -10.50 1.63 -2.17
C ALA A 159 -9.37 2.05 -3.11
N ALA A 160 -9.73 2.22 -4.37
CA ALA A 160 -8.79 2.66 -5.39
C ALA A 160 -9.28 3.98 -6.01
N CYS A 161 -8.39 4.67 -6.73
CA CYS A 161 -8.70 5.99 -7.30
C CYS A 161 -9.09 6.97 -6.19
N VAL A 162 -8.42 6.85 -5.05
CA VAL A 162 -8.73 7.68 -3.89
C VAL A 162 -8.22 9.10 -4.10
N ASN A 163 -9.16 10.02 -4.25
CA ASN A 163 -8.83 11.42 -4.43
C ASN A 163 -9.63 12.28 -3.46
N ALA A 164 -8.93 13.15 -2.73
CA ALA A 164 -9.57 14.05 -1.79
C ALA A 164 -10.44 15.08 -2.52
N VAL A 165 -11.74 14.86 -2.49
CA VAL A 165 -12.67 15.78 -3.10
C VAL A 165 -13.89 15.98 -2.20
N ARG A 166 -14.33 17.22 -2.07
CA ARG A 166 -15.50 17.53 -1.26
C ARG A 166 -16.66 17.97 -2.15
N GLN A 167 -17.86 17.52 -1.80
CA GLN A 167 -19.06 17.91 -2.53
C GLN A 167 -19.37 19.38 -2.22
N LYS A 168 -19.02 20.25 -3.16
CA LYS A 168 -19.18 21.69 -2.97
C LYS A 168 -20.63 22.06 -2.71
N GLY A 1 18.45 -18.06 -8.18
CA GLY A 1 19.86 -18.14 -8.49
C GLY A 1 20.30 -19.55 -8.82
N ALA A 2 20.27 -20.42 -7.82
CA ALA A 2 20.67 -21.81 -8.00
C ALA A 2 19.97 -22.69 -6.97
N GLY A 3 19.92 -23.99 -7.24
CA GLY A 3 19.29 -24.93 -6.32
C GLY A 3 17.80 -25.05 -6.54
N SER A 4 17.03 -24.19 -5.88
CA SER A 4 15.59 -24.16 -6.02
C SER A 4 15.05 -22.78 -5.66
N ASP A 5 14.62 -22.03 -6.67
CA ASP A 5 14.04 -20.72 -6.46
C ASP A 5 12.52 -20.80 -6.63
N ALA A 6 11.83 -19.72 -6.31
CA ALA A 6 10.37 -19.71 -6.37
C ALA A 6 9.87 -19.45 -7.79
N GLY A 7 10.76 -18.93 -8.64
CA GLY A 7 10.39 -18.61 -10.01
C GLY A 7 9.39 -17.47 -10.07
N GLN A 8 9.30 -16.72 -8.98
CA GLN A 8 8.38 -15.60 -8.91
C GLN A 8 9.07 -14.36 -8.41
N VAL A 9 9.06 -13.34 -9.25
CA VAL A 9 9.57 -12.03 -8.88
C VAL A 9 8.43 -11.19 -8.34
N TYR A 10 8.51 -10.85 -7.08
CA TYR A 10 7.42 -10.19 -6.40
C TYR A 10 7.55 -8.69 -6.61
N ARG A 11 6.46 -8.03 -6.87
CA ARG A 11 6.50 -6.60 -7.10
C ARG A 11 5.47 -5.90 -6.23
N GLY A 12 5.78 -4.67 -5.90
CA GLY A 12 4.94 -3.90 -5.05
C GLY A 12 5.22 -2.42 -5.22
N PHE A 13 4.84 -1.63 -4.24
CA PHE A 13 4.98 -0.20 -4.34
C PHE A 13 5.57 0.37 -3.06
N ILE A 14 6.47 1.33 -3.21
CA ILE A 14 7.13 1.98 -2.08
C ILE A 14 6.12 2.75 -1.23
N ALA A 15 5.93 2.31 0.00
CA ALA A 15 5.02 2.99 0.92
C ALA A 15 5.77 3.61 2.09
N VAL A 16 6.76 2.89 2.60
CA VAL A 16 7.52 3.37 3.74
C VAL A 16 8.98 3.58 3.37
N MET A 17 9.47 4.80 3.58
CA MET A 17 10.88 5.12 3.37
C MET A 17 11.45 5.67 4.65
N LYS A 18 12.28 4.89 5.31
CA LYS A 18 12.86 5.30 6.58
C LYS A 18 14.34 5.65 6.38
N GLU A 19 15.08 5.75 7.48
CA GLU A 19 16.49 6.12 7.42
C GLU A 19 17.36 4.97 6.94
N ASN A 20 17.14 3.78 7.51
CA ASN A 20 17.97 2.62 7.20
C ASN A 20 17.28 1.69 6.22
N PHE A 21 15.97 1.61 6.30
CA PHE A 21 15.21 0.64 5.53
C PHE A 21 13.83 1.17 5.17
N GLY A 22 12.98 0.29 4.66
CA GLY A 22 11.62 0.69 4.32
C GLY A 22 10.70 -0.50 4.26
N PHE A 23 9.45 -0.26 3.89
CA PHE A 23 8.47 -1.32 3.77
C PHE A 23 7.73 -1.21 2.45
N ILE A 24 7.48 -2.36 1.85
CA ILE A 24 6.77 -2.43 0.58
C ILE A 24 5.42 -3.12 0.77
N GLU A 25 4.36 -2.51 0.25
CA GLU A 25 3.05 -3.13 0.30
C GLU A 25 3.03 -4.31 -0.66
N THR A 26 2.57 -5.46 -0.18
CA THR A 26 2.42 -6.62 -1.04
C THR A 26 1.41 -6.32 -2.13
N LEU A 27 1.69 -6.77 -3.34
CA LEU A 27 0.84 -6.50 -4.49
C LEU A 27 -0.62 -6.87 -4.22
N SER A 28 -0.81 -7.95 -3.48
CA SER A 28 -2.14 -8.44 -3.17
C SER A 28 -2.49 -8.19 -1.70
N HIS A 29 -1.79 -7.22 -1.08
CA HIS A 29 -2.00 -6.82 0.33
C HIS A 29 -2.16 -8.03 1.24
N ASP A 30 -1.20 -8.95 1.13
CA ASP A 30 -1.19 -10.19 1.89
C ASP A 30 -0.52 -9.99 3.24
N GLU A 31 0.68 -9.41 3.22
CA GLU A 31 1.43 -9.14 4.44
C GLU A 31 2.50 -8.09 4.19
N GLU A 32 3.35 -7.84 5.18
CA GLU A 32 4.28 -6.72 5.13
C GLU A 32 5.67 -7.18 4.75
N VAL A 33 6.25 -6.50 3.76
CA VAL A 33 7.58 -6.82 3.30
C VAL A 33 8.60 -5.80 3.79
N PHE A 34 9.59 -6.27 4.51
CA PHE A 34 10.69 -5.42 4.95
C PHE A 34 11.83 -5.48 3.93
N PHE A 35 12.18 -4.33 3.38
CA PHE A 35 13.31 -4.26 2.47
C PHE A 35 14.34 -3.27 3.01
N HIS A 36 15.60 -3.47 2.67
CA HIS A 36 16.64 -2.60 3.16
C HIS A 36 17.21 -1.78 1.99
N PHE A 37 17.39 -0.48 2.19
CA PHE A 37 17.83 0.42 1.12
C PHE A 37 19.23 0.08 0.63
N SER A 38 20.05 -0.51 1.49
CA SER A 38 21.41 -0.88 1.11
C SER A 38 21.41 -2.00 0.08
N ASN A 39 20.46 -2.93 0.21
CA ASN A 39 20.37 -4.06 -0.72
C ASN A 39 19.51 -3.69 -1.92
N TYR A 40 19.15 -2.42 -2.02
CA TYR A 40 18.37 -1.91 -3.14
C TYR A 40 19.30 -1.55 -4.30
N MET A 41 18.90 -1.91 -5.51
CA MET A 41 19.69 -1.62 -6.69
C MET A 41 19.10 -0.45 -7.48
N GLY A 42 19.81 0.67 -7.47
CA GLY A 42 19.36 1.84 -8.20
C GLY A 42 19.79 3.11 -7.53
N ASN A 43 18.90 4.09 -7.49
CA ASN A 43 19.18 5.36 -6.85
C ASN A 43 18.03 5.75 -5.92
N PRO A 44 18.19 5.55 -4.61
CA PRO A 44 17.12 5.78 -3.63
C PRO A 44 16.83 7.25 -3.44
N ASN A 45 17.75 8.09 -3.91
CA ASN A 45 17.62 9.53 -3.77
C ASN A 45 16.49 10.05 -4.65
N TRP A 46 16.09 9.24 -5.62
CA TRP A 46 15.06 9.63 -6.57
C TRP A 46 13.78 8.83 -6.34
N LEU A 47 13.74 8.09 -5.24
CA LEU A 47 12.57 7.29 -4.89
C LEU A 47 11.53 8.13 -4.17
N GLU A 48 10.27 7.81 -4.42
CA GLU A 48 9.16 8.45 -3.75
C GLU A 48 8.08 7.41 -3.44
N LEU A 49 7.21 7.75 -2.51
CA LEU A 49 6.13 6.87 -2.12
C LEU A 49 5.15 6.65 -3.27
N GLY A 50 5.08 5.42 -3.75
CA GLY A 50 4.23 5.11 -4.88
C GLY A 50 5.00 4.56 -6.08
N GLN A 51 6.31 4.46 -5.94
CA GLN A 51 7.15 3.91 -7.01
C GLN A 51 7.01 2.40 -7.08
N GLU A 52 6.55 1.92 -8.22
CA GLU A 52 6.45 0.49 -8.48
C GLU A 52 7.83 -0.14 -8.54
N VAL A 53 8.03 -1.20 -7.78
CA VAL A 53 9.32 -1.89 -7.75
C VAL A 53 9.13 -3.41 -7.70
N GLU A 54 10.01 -4.14 -8.37
CA GLU A 54 9.97 -5.61 -8.37
C GLU A 54 11.25 -6.16 -7.74
N TYR A 55 11.14 -7.31 -7.10
CA TYR A 55 12.25 -7.87 -6.35
C TYR A 55 11.99 -9.33 -5.95
N THR A 56 12.95 -9.92 -5.25
CA THR A 56 12.82 -11.30 -4.77
C THR A 56 13.27 -11.40 -3.31
N LEU A 57 12.57 -12.21 -2.54
CA LEU A 57 12.89 -12.39 -1.12
C LEU A 57 14.17 -13.20 -0.95
N ALA A 58 14.82 -13.03 0.19
CA ALA A 58 16.02 -13.78 0.51
C ALA A 58 15.66 -15.12 1.13
N ARG A 59 15.62 -15.14 2.46
CA ARG A 59 15.27 -16.33 3.23
C ARG A 59 16.17 -17.50 2.85
N ASN A 60 17.47 -17.30 3.06
CA ASN A 60 18.48 -18.28 2.68
C ASN A 60 18.54 -19.40 3.71
N GLY A 61 17.89 -20.52 3.39
CA GLY A 61 17.92 -21.67 4.26
C GLY A 61 16.60 -21.88 4.97
N ASN A 62 16.60 -22.79 5.94
CA ASN A 62 15.37 -23.10 6.68
C ASN A 62 15.31 -22.25 7.95
N THR A 63 15.80 -21.03 7.84
CA THR A 63 15.91 -20.13 8.98
C THR A 63 14.58 -19.44 9.29
N SER A 64 13.52 -19.92 8.66
CA SER A 64 12.19 -19.31 8.78
C SER A 64 11.57 -19.58 10.15
N VAL A 65 12.29 -20.33 10.97
CA VAL A 65 11.86 -20.63 12.33
C VAL A 65 12.28 -19.52 13.29
N SER A 66 13.32 -18.78 12.91
CA SER A 66 13.85 -17.72 13.75
C SER A 66 13.70 -16.37 13.07
N GLY A 67 13.33 -16.39 11.80
CA GLY A 67 13.16 -15.17 11.06
C GLY A 67 11.74 -14.97 10.61
N ASN A 68 10.93 -14.37 11.48
CA ASN A 68 9.54 -14.09 11.18
C ASN A 68 9.43 -13.13 10.01
N CYS A 69 10.24 -12.08 10.06
CA CYS A 69 10.32 -11.12 8.97
C CYS A 69 11.77 -10.95 8.55
N LEU A 70 12.04 -11.15 7.27
CA LEU A 70 13.40 -11.12 6.77
C LEU A 70 13.52 -10.13 5.61
N PRO A 71 14.76 -9.72 5.26
CA PRO A 71 15.00 -8.68 4.25
C PRO A 71 14.61 -9.10 2.84
N ALA A 72 14.26 -8.11 2.04
CA ALA A 72 13.96 -8.32 0.63
C ALA A 72 15.09 -7.77 -0.23
N GLU A 73 15.65 -8.63 -1.07
CA GLU A 73 16.85 -8.29 -1.82
C GLU A 73 16.53 -8.08 -3.29
N ASN A 74 17.53 -7.63 -4.05
CA ASN A 74 17.41 -7.47 -5.50
C ASN A 74 16.32 -6.48 -5.87
N VAL A 75 16.14 -5.46 -5.04
CA VAL A 75 15.09 -4.47 -5.26
C VAL A 75 15.37 -3.63 -6.50
N ARG A 76 14.51 -3.77 -7.50
CA ARG A 76 14.64 -3.07 -8.77
C ARG A 76 13.44 -2.17 -9.04
N MET A 77 13.67 -1.05 -9.70
CA MET A 77 12.57 -0.25 -10.23
C MET A 77 12.07 -0.88 -11.52
N LEU A 78 10.77 -0.91 -11.71
CA LEU A 78 10.21 -1.44 -12.95
C LEU A 78 9.17 -0.47 -13.50
N PRO A 79 8.83 -0.58 -14.80
CA PRO A 79 7.83 0.28 -15.43
C PRO A 79 6.50 0.28 -14.68
N LYS A 80 5.98 1.48 -14.44
CA LYS A 80 4.80 1.68 -13.64
C LYS A 80 3.55 1.15 -14.37
N ASN A 81 2.47 1.00 -13.60
CA ASN A 81 1.16 0.61 -14.11
C ASN A 81 1.09 -0.88 -14.42
N SER A 82 1.78 -1.67 -13.63
CA SER A 82 1.64 -3.11 -13.68
C SER A 82 0.61 -3.56 -12.64
N ILE A 83 0.35 -2.67 -11.71
CA ILE A 83 -0.63 -2.93 -10.65
C ILE A 83 -2.05 -2.86 -11.23
N PRO A 84 -2.92 -3.82 -10.88
CA PRO A 84 -4.32 -3.81 -11.34
C PRO A 84 -5.15 -2.71 -10.67
N GLN A 85 -6.26 -2.37 -11.29
CA GLN A 85 -7.17 -1.39 -10.71
C GLN A 85 -8.57 -2.00 -10.61
N PRO A 86 -9.37 -1.56 -9.62
CA PRO A 86 -10.76 -1.98 -9.48
C PRO A 86 -11.57 -1.67 -10.73
N ALA A 87 -12.29 -2.65 -11.23
CA ALA A 87 -13.06 -2.46 -12.44
C ALA A 87 -14.37 -1.75 -12.14
N VAL A 88 -14.34 -0.43 -12.20
CA VAL A 88 -15.52 0.40 -11.99
C VAL A 88 -15.45 1.59 -12.93
N LEU A 89 -16.56 1.94 -13.55
CA LEU A 89 -16.54 2.99 -14.57
C LEU A 89 -16.74 4.38 -13.97
N GLU A 90 -17.87 4.58 -13.32
CA GLU A 90 -18.20 5.90 -12.81
C GLU A 90 -17.71 6.07 -11.38
N THR A 91 -18.11 5.14 -10.52
CA THR A 91 -17.75 5.19 -9.11
C THR A 91 -18.57 4.16 -8.35
N THR A 92 -18.07 3.71 -7.20
CA THR A 92 -18.80 2.73 -6.41
C THR A 92 -19.42 3.38 -5.17
N HIS A 93 -18.58 3.99 -4.33
CA HIS A 93 -19.05 4.61 -3.10
C HIS A 93 -18.34 5.93 -2.87
N ASN A 94 -19.05 6.86 -2.24
CA ASN A 94 -18.45 8.12 -1.83
C ASN A 94 -18.31 8.11 -0.32
N GLY A 95 -17.12 8.36 0.16
CA GLY A 95 -16.85 8.21 1.58
C GLY A 95 -16.11 9.38 2.14
N VAL A 96 -15.75 9.28 3.40
CA VAL A 96 -15.05 10.35 4.09
C VAL A 96 -13.91 9.76 4.91
N VAL A 97 -12.83 10.51 5.01
CA VAL A 97 -11.67 10.11 5.79
C VAL A 97 -12.05 9.98 7.26
N ALA A 98 -11.85 8.78 7.82
CA ALA A 98 -12.25 8.49 9.19
C ALA A 98 -11.37 9.21 10.20
N ARG A 99 -10.05 9.04 10.07
CA ARG A 99 -9.10 9.68 10.99
C ARG A 99 -7.66 9.47 10.52
N PRO A 100 -6.73 10.37 10.90
CA PRO A 100 -5.30 10.26 10.57
C PRO A 100 -4.61 9.18 11.40
N LEU A 101 -3.36 8.89 11.06
CA LEU A 101 -2.62 7.84 11.73
C LEU A 101 -1.55 8.41 12.67
N ARG A 102 -1.91 8.69 13.91
CA ARG A 102 -0.94 9.14 14.90
C ARG A 102 -0.49 8.01 15.82
N CYS A 103 -1.45 7.47 16.59
CA CYS A 103 -1.16 6.48 17.63
C CYS A 103 -1.27 5.06 17.07
N ILE A 104 -1.42 4.94 15.77
CA ILE A 104 -1.69 3.65 15.14
C ILE A 104 -0.41 2.83 14.95
N ASN A 105 0.72 3.52 14.81
CA ASN A 105 2.02 2.90 14.50
C ASN A 105 2.07 2.50 13.01
N PRO A 106 3.28 2.38 12.42
CA PRO A 106 3.42 2.04 11.01
C PRO A 106 3.54 0.53 10.77
N ASP A 107 3.51 -0.27 11.82
CA ASP A 107 3.71 -1.71 11.68
C ASP A 107 2.37 -2.46 11.67
N GLN A 108 1.29 -1.74 11.90
CA GLN A 108 -0.05 -2.32 11.80
C GLN A 108 -0.63 -2.07 10.41
N GLN A 109 -1.71 -2.79 10.08
CA GLN A 109 -2.35 -2.61 8.78
C GLN A 109 -3.14 -1.31 8.78
N GLU A 110 -3.63 -0.93 9.95
CA GLU A 110 -4.39 0.30 10.11
C GLU A 110 -3.51 1.53 9.92
N TYR A 111 -2.21 1.30 9.74
CA TYR A 111 -1.25 2.35 9.46
C TYR A 111 -1.56 3.05 8.14
N ALA A 112 -2.12 2.30 7.20
CA ALA A 112 -2.34 2.82 5.86
C ALA A 112 -3.34 3.97 5.88
N GLY A 113 -4.28 3.90 6.81
CA GLY A 113 -5.34 4.88 6.88
C GLY A 113 -6.65 4.27 6.45
N LEU A 114 -7.74 4.71 7.06
CA LEU A 114 -9.01 4.07 6.80
C LEU A 114 -10.09 5.08 6.46
N ILE A 115 -10.90 4.72 5.47
CA ILE A 115 -12.01 5.53 5.03
C ILE A 115 -13.31 4.88 5.48
N GLU A 116 -14.23 5.67 6.00
CA GLU A 116 -15.50 5.16 6.46
C GLU A 116 -16.53 5.20 5.33
N ILE A 117 -17.13 4.04 5.06
CA ILE A 117 -18.02 3.90 3.93
C ILE A 117 -19.47 3.94 4.41
N LEU A 118 -20.31 4.63 3.66
CA LEU A 118 -21.71 4.74 3.98
C LEU A 118 -22.47 3.55 3.40
N ASP A 119 -23.60 3.21 4.01
CA ASP A 119 -24.45 2.14 3.48
C ASP A 119 -25.31 2.67 2.32
N GLU A 120 -26.18 1.82 1.82
CA GLU A 120 -26.95 2.13 0.62
C GLU A 120 -27.98 3.25 0.84
N LEU A 121 -28.31 3.53 2.10
CA LEU A 121 -29.25 4.61 2.40
C LEU A 121 -28.54 5.78 3.05
N ARG A 122 -27.24 5.64 3.22
CA ARG A 122 -26.43 6.60 3.98
C ARG A 122 -27.01 6.75 5.39
N THR A 123 -26.85 5.71 6.19
CA THR A 123 -27.34 5.72 7.55
C THR A 123 -26.18 5.56 8.53
N THR A 124 -25.34 4.58 8.26
CA THR A 124 -24.23 4.24 9.13
C THR A 124 -23.00 3.85 8.32
N VAL A 125 -21.86 3.72 9.00
CA VAL A 125 -20.64 3.23 8.38
C VAL A 125 -20.68 1.70 8.32
N ILE A 126 -20.31 1.13 7.17
CA ILE A 126 -20.38 -0.32 7.01
C ILE A 126 -19.32 -1.02 7.85
N SER A 127 -18.05 -0.88 7.45
CA SER A 127 -16.96 -1.32 8.29
C SER A 127 -15.81 -0.31 8.28
N GLN A 128 -14.94 -0.45 7.26
CA GLN A 128 -13.82 0.45 7.04
C GLN A 128 -13.08 0.03 5.77
N HIS A 129 -12.60 0.99 4.99
CA HIS A 129 -11.80 0.67 3.80
C HIS A 129 -10.40 1.24 3.90
N GLU A 130 -9.44 0.40 3.59
CA GLU A 130 -8.03 0.77 3.67
C GLU A 130 -7.55 1.21 2.29
N PHE A 131 -6.66 2.20 2.25
CA PHE A 131 -6.16 2.71 0.98
C PHE A 131 -4.65 2.50 0.84
N GLY A 132 -4.23 2.05 -0.35
CA GLY A 132 -2.82 1.80 -0.63
C GLY A 132 -2.11 3.02 -1.16
N ILE A 133 -0.80 3.11 -0.93
CA ILE A 133 -0.01 4.30 -1.30
C ILE A 133 -0.14 4.65 -2.79
N THR A 134 -0.25 3.62 -3.62
CA THR A 134 -0.37 3.81 -5.06
C THR A 134 -1.79 4.23 -5.44
N SER A 135 -2.73 3.92 -4.57
CA SER A 135 -4.11 4.28 -4.78
C SER A 135 -4.40 5.66 -4.19
N LEU A 136 -3.53 6.09 -3.29
CA LEU A 136 -3.64 7.37 -2.60
C LEU A 136 -3.16 8.51 -3.48
N VAL A 137 -3.80 8.68 -4.63
CA VAL A 137 -3.50 9.78 -5.55
C VAL A 137 -3.32 11.11 -4.79
N ASN A 138 -4.19 11.35 -3.81
CA ASN A 138 -4.16 12.57 -3.03
C ASN A 138 -3.23 12.44 -1.82
N LYS A 139 -2.16 11.66 -1.99
CA LYS A 139 -1.13 11.49 -0.96
C LYS A 139 -0.49 12.83 -0.61
N ARG A 140 -0.51 13.73 -1.58
CA ARG A 140 0.13 15.03 -1.47
C ARG A 140 -0.83 16.06 -0.88
N ASP A 141 -2.10 15.70 -0.84
CA ASP A 141 -3.15 16.63 -0.47
C ASP A 141 -3.17 16.88 1.03
N LEU A 142 -4.04 17.78 1.45
CA LEU A 142 -4.22 18.09 2.86
C LEU A 142 -5.41 17.29 3.40
N LEU A 143 -5.76 16.27 2.62
CA LEU A 143 -6.88 15.37 2.90
C LEU A 143 -6.92 14.96 4.37
N GLN A 144 -7.88 15.50 5.10
CA GLN A 144 -7.97 15.29 6.53
C GLN A 144 -9.28 14.60 6.90
N LYS A 145 -9.48 14.38 8.19
CA LYS A 145 -10.73 13.79 8.67
C LYS A 145 -11.90 14.71 8.37
N GLY A 146 -12.98 14.12 7.88
CA GLY A 146 -14.17 14.89 7.61
C GLY A 146 -14.27 15.35 6.17
N ASP A 147 -13.22 15.13 5.39
CA ASP A 147 -13.25 15.54 3.99
C ASP A 147 -13.75 14.38 3.14
N LEU A 148 -14.46 14.73 2.09
CA LEU A 148 -15.13 13.74 1.25
C LEU A 148 -14.22 13.24 0.16
N VAL A 149 -14.31 11.95 -0.11
CA VAL A 149 -13.41 11.32 -1.04
C VAL A 149 -14.18 10.33 -1.92
N SER A 150 -13.77 10.22 -3.17
CA SER A 150 -14.36 9.26 -4.08
C SER A 150 -13.34 8.19 -4.42
N PHE A 151 -13.81 6.96 -4.56
CA PHE A 151 -12.93 5.81 -4.74
C PHE A 151 -13.67 4.68 -5.43
N ARG A 152 -12.95 3.68 -5.90
CA ARG A 152 -13.60 2.55 -6.52
C ARG A 152 -13.27 1.29 -5.75
N ILE A 153 -14.29 0.65 -5.24
CA ILE A 153 -14.16 -0.70 -4.72
C ILE A 153 -14.75 -1.69 -5.71
N ASP A 154 -14.10 -2.82 -5.91
CA ASP A 154 -14.67 -3.88 -6.74
C ASP A 154 -13.97 -5.22 -6.48
N GLU A 155 -12.81 -5.42 -7.07
CA GLU A 155 -12.12 -6.70 -7.00
C GLU A 155 -11.30 -6.87 -5.71
N SER A 156 -10.66 -5.81 -5.26
CA SER A 156 -9.82 -5.86 -4.07
C SER A 156 -10.64 -5.76 -2.78
N GLY A 157 -11.89 -5.30 -2.89
CA GLY A 157 -12.71 -5.09 -1.71
C GLY A 157 -12.15 -3.99 -0.81
N ARG A 158 -11.43 -3.06 -1.41
CA ARG A 158 -10.80 -1.96 -0.68
C ARG A 158 -11.06 -0.64 -1.39
N ALA A 159 -10.52 0.44 -0.84
CA ALA A 159 -10.69 1.75 -1.44
C ALA A 159 -9.46 2.14 -2.26
N ALA A 160 -9.61 2.12 -3.56
CA ALA A 160 -8.52 2.50 -4.44
C ALA A 160 -8.96 3.61 -5.38
N CYS A 161 -7.98 4.30 -5.97
CA CYS A 161 -8.23 5.43 -6.86
C CYS A 161 -8.94 6.55 -6.10
N VAL A 162 -8.52 6.76 -4.86
CA VAL A 162 -9.13 7.77 -4.01
C VAL A 162 -8.82 9.18 -4.51
N ASN A 163 -9.87 9.95 -4.74
CA ASN A 163 -9.74 11.32 -5.19
C ASN A 163 -10.50 12.24 -4.25
N ALA A 164 -9.78 13.12 -3.59
CA ALA A 164 -10.38 14.08 -2.68
C ALA A 164 -11.22 15.10 -3.43
N VAL A 165 -12.53 14.91 -3.39
CA VAL A 165 -13.44 15.76 -4.12
C VAL A 165 -14.63 16.14 -3.24
N ARG A 166 -14.92 17.44 -3.20
CA ARG A 166 -16.00 17.95 -2.40
C ARG A 166 -17.25 18.13 -3.25
N GLN A 167 -18.28 17.35 -2.92
CA GLN A 167 -19.55 17.41 -3.64
C GLN A 167 -20.69 17.36 -2.63
N LYS A 168 -21.89 17.66 -3.09
CA LYS A 168 -23.06 17.66 -2.22
C LYS A 168 -23.36 16.26 -1.70
N GLY A 1 26.06 -24.89 -7.29
CA GLY A 1 26.72 -24.14 -6.23
C GLY A 1 25.72 -23.57 -5.24
N ALA A 2 24.99 -22.54 -5.66
CA ALA A 2 24.01 -21.89 -4.80
C ALA A 2 22.63 -21.96 -5.43
N GLY A 3 21.82 -22.92 -4.98
CA GLY A 3 20.52 -23.11 -5.55
C GLY A 3 19.45 -22.31 -4.85
N SER A 4 19.43 -21.01 -5.10
CA SER A 4 18.42 -20.14 -4.53
C SER A 4 17.50 -19.60 -5.62
N ASP A 5 16.34 -20.21 -5.76
CA ASP A 5 15.35 -19.76 -6.74
C ASP A 5 14.02 -19.51 -6.03
N ALA A 6 13.51 -18.30 -6.17
CA ALA A 6 12.28 -17.91 -5.48
C ALA A 6 11.06 -18.40 -6.22
N GLY A 7 11.09 -18.32 -7.55
CA GLY A 7 9.97 -18.74 -8.37
C GLY A 7 8.85 -17.71 -8.40
N GLN A 8 8.72 -16.97 -7.32
CA GLN A 8 7.70 -15.93 -7.24
C GLN A 8 8.32 -14.57 -7.02
N VAL A 9 8.13 -13.70 -8.00
CA VAL A 9 8.56 -12.33 -7.87
C VAL A 9 7.40 -11.47 -7.42
N TYR A 10 7.54 -10.90 -6.23
CA TYR A 10 6.46 -10.15 -5.62
C TYR A 10 6.54 -8.71 -6.06
N ARG A 11 5.39 -8.15 -6.35
CA ARG A 11 5.32 -6.80 -6.86
C ARG A 11 4.59 -5.92 -5.86
N GLY A 12 5.16 -4.77 -5.57
CA GLY A 12 4.54 -3.85 -4.64
C GLY A 12 4.92 -2.43 -4.94
N PHE A 13 4.83 -1.57 -3.94
CA PHE A 13 5.18 -0.18 -4.13
C PHE A 13 5.79 0.40 -2.86
N ILE A 14 6.63 1.42 -3.04
CA ILE A 14 7.28 2.09 -1.91
C ILE A 14 6.26 2.93 -1.13
N ALA A 15 6.00 2.56 0.11
CA ALA A 15 5.06 3.32 0.93
C ALA A 15 5.77 4.07 2.06
N VAL A 16 6.73 3.40 2.70
CA VAL A 16 7.46 4.01 3.80
C VAL A 16 8.93 4.21 3.43
N MET A 17 9.38 5.44 3.52
CA MET A 17 10.77 5.78 3.32
C MET A 17 11.37 6.28 4.63
N LYS A 18 12.33 5.53 5.16
CA LYS A 18 13.04 5.98 6.34
C LYS A 18 14.48 6.29 5.94
N GLU A 19 15.31 6.68 6.90
CA GLU A 19 16.66 7.13 6.61
C GLU A 19 17.54 5.98 6.11
N ASN A 20 17.47 4.83 6.78
CA ASN A 20 18.37 3.72 6.46
C ASN A 20 17.62 2.55 5.82
N PHE A 21 16.32 2.52 5.96
CA PHE A 21 15.53 1.40 5.47
C PHE A 21 14.10 1.85 5.18
N GLY A 22 13.25 0.91 4.84
CA GLY A 22 11.86 1.23 4.61
C GLY A 22 11.00 -0.02 4.59
N PHE A 23 9.75 0.13 4.17
CA PHE A 23 8.84 -1.00 4.07
C PHE A 23 8.17 -1.01 2.71
N ILE A 24 8.19 -2.16 2.06
CA ILE A 24 7.53 -2.31 0.77
C ILE A 24 6.11 -2.77 0.99
N GLU A 25 5.18 -2.02 0.46
CA GLU A 25 3.77 -2.34 0.58
C GLU A 25 3.43 -3.48 -0.37
N THR A 26 2.87 -4.55 0.18
CA THR A 26 2.45 -5.68 -0.63
C THR A 26 1.33 -5.26 -1.57
N LEU A 27 1.32 -5.81 -2.78
CA LEU A 27 0.37 -5.41 -3.82
C LEU A 27 -1.07 -5.49 -3.29
N SER A 28 -1.39 -6.59 -2.63
CA SER A 28 -2.74 -6.80 -2.13
C SER A 28 -2.88 -6.32 -0.69
N HIS A 29 -1.83 -5.67 -0.15
CA HIS A 29 -1.80 -5.27 1.25
C HIS A 29 -2.04 -6.48 2.14
N ASP A 30 -1.20 -7.47 1.95
CA ASP A 30 -1.38 -8.77 2.58
C ASP A 30 -0.35 -8.98 3.68
N GLU A 31 0.85 -8.43 3.47
CA GLU A 31 1.95 -8.63 4.42
C GLU A 31 2.78 -7.37 4.55
N GLU A 32 3.64 -7.33 5.57
CA GLU A 32 4.58 -6.25 5.76
C GLU A 32 5.96 -6.74 5.33
N VAL A 33 6.62 -6.00 4.45
CA VAL A 33 7.93 -6.41 3.97
C VAL A 33 8.99 -5.38 4.32
N PHE A 34 9.93 -5.80 5.16
CA PHE A 34 11.07 -4.98 5.51
C PHE A 34 12.13 -5.06 4.42
N PHE A 35 12.46 -3.93 3.83
CA PHE A 35 13.56 -3.87 2.88
C PHE A 35 14.57 -2.85 3.36
N HIS A 36 15.83 -3.05 2.99
CA HIS A 36 16.87 -2.15 3.44
C HIS A 36 17.55 -1.53 2.21
N PHE A 37 17.72 -0.22 2.20
CA PHE A 37 18.27 0.48 1.04
C PHE A 37 19.68 0.00 0.67
N SER A 38 20.41 -0.53 1.65
CA SER A 38 21.75 -1.07 1.40
C SER A 38 21.68 -2.37 0.60
N ASN A 39 20.47 -2.94 0.47
CA ASN A 39 20.28 -4.16 -0.32
C ASN A 39 19.49 -3.85 -1.59
N TYR A 40 19.15 -2.58 -1.77
CA TYR A 40 18.41 -2.15 -2.94
C TYR A 40 19.38 -1.85 -4.09
N MET A 41 19.14 -2.46 -5.23
CA MET A 41 20.02 -2.27 -6.38
C MET A 41 19.42 -1.27 -7.37
N GLY A 42 19.87 -0.03 -7.27
CA GLY A 42 19.37 1.03 -8.13
C GLY A 42 19.56 2.39 -7.49
N ASN A 43 18.81 3.38 -7.96
CA ASN A 43 18.90 4.72 -7.41
C ASN A 43 17.71 5.00 -6.50
N PRO A 44 17.93 4.95 -5.18
CA PRO A 44 16.85 5.08 -4.20
C PRO A 44 16.38 6.53 -4.00
N ASN A 45 17.23 7.48 -4.29
CA ASN A 45 16.92 8.89 -4.06
C ASN A 45 16.03 9.45 -5.17
N TRP A 46 15.75 8.63 -6.18
CA TRP A 46 14.85 9.03 -7.26
C TRP A 46 13.58 8.18 -7.23
N LEU A 47 13.33 7.57 -6.09
CA LEU A 47 12.09 6.86 -5.85
C LEU A 47 11.12 7.78 -5.14
N GLU A 48 9.85 7.46 -5.20
CA GLU A 48 8.84 8.24 -4.50
C GLU A 48 7.81 7.30 -3.90
N LEU A 49 7.01 7.82 -2.99
CA LEU A 49 5.99 7.02 -2.35
C LEU A 49 4.88 6.71 -3.34
N GLY A 50 4.76 5.43 -3.68
CA GLY A 50 3.79 5.02 -4.66
C GLY A 50 4.44 4.54 -5.94
N GLN A 51 5.76 4.47 -5.96
CA GLN A 51 6.49 3.96 -7.12
C GLN A 51 6.43 2.44 -7.15
N GLU A 52 5.95 1.91 -8.26
CA GLU A 52 5.84 0.47 -8.48
C GLU A 52 7.22 -0.17 -8.58
N VAL A 53 7.44 -1.21 -7.77
CA VAL A 53 8.69 -1.98 -7.79
C VAL A 53 8.39 -3.46 -7.55
N GLU A 54 9.20 -4.35 -8.10
CA GLU A 54 9.04 -5.77 -7.86
C GLU A 54 10.36 -6.38 -7.41
N TYR A 55 10.28 -7.50 -6.71
CA TYR A 55 11.45 -8.06 -6.04
C TYR A 55 11.17 -9.45 -5.50
N THR A 56 12.18 -10.05 -4.88
CA THR A 56 12.03 -11.38 -4.29
C THR A 56 12.32 -11.35 -2.79
N LEU A 57 12.07 -12.46 -2.11
CA LEU A 57 12.26 -12.52 -0.66
C LEU A 57 13.19 -13.65 -0.27
N ALA A 58 13.96 -13.42 0.78
CA ALA A 58 14.81 -14.46 1.33
C ALA A 58 14.02 -15.31 2.33
N ARG A 59 13.25 -16.25 1.81
CA ARG A 59 12.41 -17.10 2.65
C ARG A 59 12.60 -18.57 2.29
N ASN A 60 13.71 -18.86 1.62
CA ASN A 60 13.96 -20.19 1.10
C ASN A 60 14.77 -21.04 2.07
N GLY A 61 15.82 -20.47 2.62
CA GLY A 61 16.68 -21.20 3.52
C GLY A 61 16.14 -21.20 4.94
N ASN A 62 16.30 -22.31 5.64
CA ASN A 62 15.82 -22.41 7.02
C ASN A 62 16.75 -21.62 7.95
N THR A 63 16.53 -20.32 7.99
CA THR A 63 17.26 -19.45 8.89
C THR A 63 16.27 -18.61 9.70
N SER A 64 15.00 -18.75 9.36
CA SER A 64 13.94 -17.95 9.98
C SER A 64 13.48 -18.56 11.31
N VAL A 65 14.39 -19.27 11.97
CA VAL A 65 14.11 -19.85 13.28
C VAL A 65 14.38 -18.83 14.37
N SER A 66 15.33 -17.95 14.11
CA SER A 66 15.69 -16.88 15.03
C SER A 66 15.51 -15.52 14.38
N GLY A 67 15.21 -15.52 13.08
CA GLY A 67 15.05 -14.30 12.35
C GLY A 67 13.60 -14.00 12.08
N ASN A 68 13.02 -13.17 12.95
CA ASN A 68 11.62 -12.76 12.84
C ASN A 68 11.27 -12.27 11.44
N CYS A 69 11.89 -11.17 11.04
CA CYS A 69 11.64 -10.60 9.73
C CYS A 69 12.89 -10.67 8.87
N LEU A 70 12.78 -11.35 7.75
CA LEU A 70 13.87 -11.46 6.81
C LEU A 70 13.89 -10.26 5.87
N PRO A 71 15.07 -9.85 5.39
CA PRO A 71 15.22 -8.72 4.48
C PRO A 71 14.74 -9.05 3.07
N ALA A 72 14.27 -8.03 2.36
CA ALA A 72 13.89 -8.18 0.97
C ALA A 72 15.13 -8.09 0.09
N GLU A 73 15.30 -9.06 -0.80
CA GLU A 73 16.50 -9.13 -1.63
C GLU A 73 16.16 -8.95 -3.10
N ASN A 74 17.05 -8.25 -3.81
CA ASN A 74 16.90 -8.01 -5.24
C ASN A 74 15.63 -7.21 -5.53
N VAL A 75 15.65 -5.94 -5.15
CA VAL A 75 14.53 -5.06 -5.42
C VAL A 75 14.77 -4.26 -6.70
N ARG A 76 13.84 -4.35 -7.63
CA ARG A 76 14.01 -3.71 -8.94
C ARG A 76 12.81 -2.83 -9.27
N MET A 77 13.07 -1.77 -10.05
CA MET A 77 12.00 -0.90 -10.53
C MET A 77 11.31 -1.53 -11.71
N LEU A 78 10.05 -1.17 -11.93
CA LEU A 78 9.38 -1.54 -13.17
C LEU A 78 8.41 -0.44 -13.56
N PRO A 79 8.20 -0.24 -14.88
CA PRO A 79 7.36 0.85 -15.39
C PRO A 79 5.90 0.71 -14.99
N LYS A 80 5.17 1.82 -15.10
CA LYS A 80 3.77 1.86 -14.70
C LYS A 80 2.91 1.00 -15.62
N ASN A 81 1.62 0.87 -15.24
CA ASN A 81 0.65 0.04 -15.96
C ASN A 81 0.91 -1.44 -15.73
N SER A 82 1.89 -1.73 -14.88
CA SER A 82 2.20 -3.11 -14.51
C SER A 82 1.39 -3.52 -13.29
N ILE A 83 0.61 -2.60 -12.76
CA ILE A 83 -0.27 -2.89 -11.64
C ILE A 83 -1.72 -2.83 -12.11
N PRO A 84 -2.48 -3.92 -11.92
CA PRO A 84 -3.89 -3.97 -12.33
C PRO A 84 -4.73 -3.08 -11.44
N GLN A 85 -5.67 -2.37 -12.03
CA GLN A 85 -6.52 -1.47 -11.28
C GLN A 85 -7.98 -1.91 -11.37
N PRO A 86 -8.76 -1.66 -10.30
CA PRO A 86 -10.19 -2.01 -10.25
C PRO A 86 -10.96 -1.43 -11.43
N ALA A 87 -11.74 -2.26 -12.09
CA ALA A 87 -12.43 -1.85 -13.29
C ALA A 87 -13.79 -1.28 -12.96
N VAL A 88 -13.84 0.04 -12.79
CA VAL A 88 -15.07 0.76 -12.53
C VAL A 88 -15.05 2.07 -13.29
N LEU A 89 -16.07 2.33 -14.09
CA LEU A 89 -16.06 3.48 -15.00
C LEU A 89 -16.36 4.78 -14.25
N GLU A 90 -17.52 4.87 -13.62
CA GLU A 90 -17.91 6.11 -12.95
C GLU A 90 -17.48 6.11 -11.48
N THR A 91 -17.89 5.07 -10.75
CA THR A 91 -17.58 4.96 -9.34
C THR A 91 -18.37 3.80 -8.73
N THR A 92 -17.92 3.30 -7.59
CA THR A 92 -18.64 2.25 -6.90
C THR A 92 -19.40 2.84 -5.71
N HIS A 93 -18.67 3.53 -4.85
CA HIS A 93 -19.27 4.19 -3.70
C HIS A 93 -18.30 5.24 -3.15
N ASN A 94 -18.77 6.08 -2.25
CA ASN A 94 -17.92 7.11 -1.65
C ASN A 94 -17.76 6.84 -0.16
N GLY A 95 -17.05 7.73 0.53
CA GLY A 95 -16.86 7.57 1.95
C GLY A 95 -16.09 8.74 2.53
N VAL A 96 -15.87 8.71 3.83
CA VAL A 96 -15.13 9.76 4.51
C VAL A 96 -13.96 9.16 5.28
N VAL A 97 -12.85 9.88 5.34
CA VAL A 97 -11.66 9.39 6.03
C VAL A 97 -11.98 9.11 7.50
N ALA A 98 -11.73 7.87 7.93
CA ALA A 98 -12.13 7.43 9.26
C ALA A 98 -11.23 8.00 10.35
N ARG A 99 -9.97 7.59 10.35
CA ARG A 99 -9.01 8.09 11.32
C ARG A 99 -7.59 7.93 10.81
N PRO A 100 -6.68 8.86 11.18
CA PRO A 100 -5.27 8.76 10.85
C PRO A 100 -4.55 7.72 11.70
N LEU A 101 -3.45 7.18 11.18
CA LEU A 101 -2.73 6.12 11.87
C LEU A 101 -1.40 6.63 12.45
N ARG A 102 -1.40 6.86 13.76
CA ARG A 102 -0.20 7.30 14.46
C ARG A 102 0.52 6.12 15.12
N CYS A 103 -0.14 5.50 16.09
CA CYS A 103 0.46 4.44 16.89
C CYS A 103 0.17 3.06 16.32
N ILE A 104 -0.39 3.01 15.12
CA ILE A 104 -0.86 1.76 14.55
C ILE A 104 0.29 0.81 14.19
N ASN A 105 1.35 1.34 13.58
CA ASN A 105 2.52 0.54 13.17
C ASN A 105 2.15 -0.46 12.07
N PRO A 106 3.01 -0.62 11.04
CA PRO A 106 2.74 -1.48 9.86
C PRO A 106 2.40 -2.94 10.17
N ASP A 107 2.62 -3.37 11.41
CA ASP A 107 2.24 -4.72 11.84
C ASP A 107 0.71 -4.83 11.89
N GLN A 108 0.07 -3.71 12.16
CA GLN A 108 -1.37 -3.58 12.02
C GLN A 108 -1.65 -3.04 10.63
N GLN A 109 -2.37 -3.80 9.82
CA GLN A 109 -2.55 -3.46 8.40
C GLN A 109 -3.29 -2.13 8.23
N GLU A 110 -3.91 -1.66 9.33
CA GLU A 110 -4.58 -0.38 9.37
C GLU A 110 -3.58 0.76 9.13
N TYR A 111 -2.30 0.43 9.17
CA TYR A 111 -1.23 1.36 8.84
C TYR A 111 -1.42 1.94 7.44
N ALA A 112 -2.07 1.17 6.58
CA ALA A 112 -2.34 1.62 5.22
C ALA A 112 -3.41 2.72 5.21
N GLY A 113 -4.12 2.86 6.31
CA GLY A 113 -5.14 3.89 6.44
C GLY A 113 -6.53 3.38 6.11
N LEU A 114 -7.53 3.88 6.82
CA LEU A 114 -8.89 3.36 6.65
C LEU A 114 -9.90 4.48 6.40
N ILE A 115 -10.88 4.15 5.58
CA ILE A 115 -11.97 5.04 5.24
C ILE A 115 -13.28 4.38 5.66
N GLU A 116 -14.18 5.16 6.24
CA GLU A 116 -15.46 4.61 6.67
C GLU A 116 -16.48 4.74 5.55
N ILE A 117 -17.06 3.61 5.20
CA ILE A 117 -17.98 3.51 4.07
C ILE A 117 -19.41 3.65 4.54
N LEU A 118 -20.21 4.42 3.81
CA LEU A 118 -21.63 4.52 4.10
C LEU A 118 -22.40 3.63 3.13
N ASP A 119 -23.48 3.03 3.60
CA ASP A 119 -24.32 2.16 2.78
C ASP A 119 -25.01 2.97 1.67
N GLU A 120 -25.59 2.27 0.70
CA GLU A 120 -26.24 2.90 -0.44
C GLU A 120 -27.39 3.80 -0.01
N LEU A 121 -28.04 3.47 1.11
CA LEU A 121 -29.12 4.29 1.62
C LEU A 121 -28.58 5.37 2.57
N ARG A 122 -27.25 5.44 2.64
CA ARG A 122 -26.54 6.44 3.43
C ARG A 122 -26.70 6.20 4.93
N THR A 123 -25.82 5.36 5.46
CA THR A 123 -25.79 5.05 6.88
C THR A 123 -24.50 5.55 7.49
N THR A 124 -24.13 4.98 8.64
CA THR A 124 -22.83 5.21 9.21
C THR A 124 -21.80 4.25 8.62
N VAL A 125 -20.68 4.09 9.30
CA VAL A 125 -19.61 3.20 8.84
C VAL A 125 -20.09 1.74 8.82
N ILE A 126 -20.04 1.13 7.64
CA ILE A 126 -20.40 -0.28 7.50
C ILE A 126 -19.37 -1.16 8.17
N SER A 127 -18.16 -1.20 7.63
CA SER A 127 -17.08 -1.93 8.26
C SER A 127 -15.80 -1.09 8.32
N GLN A 128 -15.02 -1.15 7.24
CA GLN A 128 -13.80 -0.37 7.09
C GLN A 128 -13.18 -0.65 5.72
N HIS A 129 -12.86 0.41 4.97
CA HIS A 129 -12.19 0.21 3.70
C HIS A 129 -10.81 0.84 3.73
N GLU A 130 -9.84 0.05 3.33
CA GLU A 130 -8.45 0.43 3.42
C GLU A 130 -7.98 1.01 2.09
N PHE A 131 -7.03 1.93 2.13
CA PHE A 131 -6.51 2.51 0.91
C PHE A 131 -5.02 2.20 0.76
N GLY A 132 -4.45 2.64 -0.36
CA GLY A 132 -3.08 2.34 -0.65
C GLY A 132 -2.34 3.55 -1.16
N ILE A 133 -1.03 3.59 -0.94
CA ILE A 133 -0.19 4.71 -1.40
C ILE A 133 -0.38 4.99 -2.90
N THR A 134 -0.73 3.96 -3.65
CA THR A 134 -1.01 4.10 -5.08
C THR A 134 -2.39 4.71 -5.30
N SER A 135 -3.30 4.37 -4.39
CA SER A 135 -4.65 4.89 -4.42
C SER A 135 -4.65 6.35 -3.99
N LEU A 136 -3.66 6.73 -3.19
CA LEU A 136 -3.54 8.08 -2.64
C LEU A 136 -3.13 9.10 -3.70
N VAL A 137 -3.94 9.24 -4.74
CA VAL A 137 -3.72 10.29 -5.74
C VAL A 137 -3.52 11.64 -5.05
N ASN A 138 -4.32 11.89 -4.02
CA ASN A 138 -4.22 13.12 -3.24
C ASN A 138 -3.21 12.97 -2.10
N LYS A 139 -2.17 12.18 -2.31
CA LYS A 139 -1.12 11.97 -1.29
C LYS A 139 -0.43 13.29 -0.92
N ARG A 140 -0.52 14.26 -1.82
CA ARG A 140 0.11 15.56 -1.63
C ARG A 140 -0.85 16.55 -1.00
N ASP A 141 -2.09 16.14 -0.85
CA ASP A 141 -3.15 17.03 -0.39
C ASP A 141 -3.25 17.04 1.14
N LEU A 142 -3.83 18.11 1.68
CA LEU A 142 -4.04 18.23 3.11
C LEU A 142 -5.30 17.47 3.53
N LEU A 143 -5.39 16.23 3.09
CA LEU A 143 -6.56 15.39 3.33
C LEU A 143 -6.56 14.90 4.77
N GLN A 144 -7.62 15.18 5.51
CA GLN A 144 -7.66 14.82 6.92
C GLN A 144 -8.87 13.96 7.25
N LYS A 145 -8.99 13.62 8.52
CA LYS A 145 -10.15 12.91 9.05
C LYS A 145 -11.40 13.78 8.92
N GLY A 146 -12.39 13.28 8.21
CA GLY A 146 -13.62 14.02 8.05
C GLY A 146 -13.74 14.65 6.68
N ASP A 147 -12.76 14.41 5.82
CA ASP A 147 -12.85 14.83 4.42
C ASP A 147 -13.47 13.75 3.57
N LEU A 148 -14.31 14.15 2.63
CA LEU A 148 -14.98 13.20 1.75
C LEU A 148 -14.10 12.87 0.55
N VAL A 149 -14.08 11.60 0.18
CA VAL A 149 -13.29 11.14 -0.96
C VAL A 149 -14.10 10.18 -1.83
N SER A 150 -13.84 10.24 -3.13
CA SER A 150 -14.46 9.31 -4.06
C SER A 150 -13.44 8.26 -4.49
N PHE A 151 -13.84 7.01 -4.48
CA PHE A 151 -12.93 5.90 -4.80
C PHE A 151 -13.68 4.78 -5.49
N ARG A 152 -12.94 3.88 -6.14
CA ARG A 152 -13.56 2.75 -6.79
C ARG A 152 -13.08 1.45 -6.18
N ILE A 153 -14.01 0.67 -5.67
CA ILE A 153 -13.73 -0.68 -5.22
C ILE A 153 -14.15 -1.69 -6.28
N ASP A 154 -13.33 -2.68 -6.53
CA ASP A 154 -13.66 -3.75 -7.48
C ASP A 154 -12.66 -4.89 -7.38
N GLU A 155 -11.62 -4.87 -8.21
CA GLU A 155 -10.62 -5.94 -8.21
C GLU A 155 -9.59 -5.72 -7.11
N SER A 156 -9.49 -4.49 -6.63
CA SER A 156 -8.56 -4.17 -5.56
C SER A 156 -9.18 -4.55 -4.21
N GLY A 157 -10.50 -4.74 -4.21
CA GLY A 157 -11.22 -5.14 -3.00
C GLY A 157 -11.07 -4.15 -1.87
N ARG A 158 -10.76 -2.90 -2.22
CA ARG A 158 -10.62 -1.84 -1.24
C ARG A 158 -10.84 -0.49 -1.92
N ALA A 159 -10.52 0.59 -1.23
CA ALA A 159 -10.74 1.91 -1.79
C ALA A 159 -9.55 2.33 -2.64
N ALA A 160 -9.76 2.35 -3.95
CA ALA A 160 -8.70 2.67 -4.89
C ALA A 160 -9.01 3.94 -5.67
N CYS A 161 -7.97 4.72 -5.96
CA CYS A 161 -8.08 5.96 -6.69
C CYS A 161 -8.86 7.00 -5.87
N VAL A 162 -8.55 7.07 -4.57
CA VAL A 162 -9.21 8.00 -3.67
C VAL A 162 -8.93 9.45 -4.06
N ASN A 163 -9.98 10.16 -4.40
CA ASN A 163 -9.86 11.55 -4.79
C ASN A 163 -10.70 12.42 -3.85
N ALA A 164 -10.05 13.39 -3.23
CA ALA A 164 -10.72 14.33 -2.34
C ALA A 164 -11.75 15.16 -3.09
N VAL A 165 -13.02 14.95 -2.78
CA VAL A 165 -14.10 15.70 -3.39
C VAL A 165 -15.15 16.08 -2.34
N ARG A 166 -15.52 17.36 -2.32
CA ARG A 166 -16.59 17.82 -1.44
C ARG A 166 -17.88 17.93 -2.22
N GLN A 167 -18.87 17.15 -1.84
CA GLN A 167 -20.15 17.16 -2.52
C GLN A 167 -21.28 17.29 -1.52
N LYS A 168 -22.34 17.92 -1.94
CA LYS A 168 -23.49 18.17 -1.11
C LYS A 168 -24.42 16.95 -1.08
N GLY A 1 26.35 -15.08 -0.15
CA GLY A 1 26.84 -16.44 -0.36
C GLY A 1 26.18 -17.09 -1.56
N ALA A 2 24.95 -16.71 -1.81
CA ALA A 2 24.18 -17.24 -2.94
C ALA A 2 23.37 -16.13 -3.58
N GLY A 3 22.60 -16.46 -4.60
CA GLY A 3 21.76 -15.48 -5.26
C GLY A 3 20.38 -15.42 -4.66
N SER A 4 19.62 -14.38 -5.01
CA SER A 4 18.26 -14.24 -4.52
C SER A 4 17.30 -15.06 -5.37
N ASP A 5 17.60 -16.35 -5.48
CA ASP A 5 16.78 -17.27 -6.25
C ASP A 5 15.48 -17.59 -5.53
N ALA A 6 14.53 -16.68 -5.60
CA ALA A 6 13.24 -16.87 -4.98
C ALA A 6 12.29 -17.61 -5.92
N GLY A 7 12.68 -17.68 -7.19
CA GLY A 7 11.87 -18.37 -8.18
C GLY A 7 10.76 -17.50 -8.74
N GLN A 8 10.27 -16.58 -7.93
CA GLN A 8 9.24 -15.65 -8.34
C GLN A 8 9.64 -14.23 -8.01
N VAL A 9 9.56 -13.36 -9.00
CA VAL A 9 9.84 -11.94 -8.80
C VAL A 9 8.59 -11.26 -8.29
N TYR A 10 8.66 -10.78 -7.08
CA TYR A 10 7.52 -10.16 -6.43
C TYR A 10 7.54 -8.67 -6.68
N ARG A 11 6.40 -8.03 -6.55
CA ARG A 11 6.33 -6.61 -6.79
C ARG A 11 5.41 -5.96 -5.77
N GLY A 12 5.73 -4.74 -5.43
CA GLY A 12 4.96 -4.03 -4.44
C GLY A 12 5.14 -2.54 -4.57
N PHE A 13 4.66 -1.80 -3.60
CA PHE A 13 4.70 -0.36 -3.66
C PHE A 13 5.37 0.20 -2.40
N ILE A 14 6.19 1.23 -2.60
CA ILE A 14 6.90 1.88 -1.51
C ILE A 14 5.91 2.49 -0.52
N ALA A 15 5.92 1.99 0.71
CA ALA A 15 5.00 2.49 1.73
C ALA A 15 5.77 3.12 2.89
N VAL A 16 6.78 2.43 3.40
CA VAL A 16 7.58 2.95 4.48
C VAL A 16 9.02 3.21 4.02
N MET A 17 9.48 4.43 4.19
CA MET A 17 10.84 4.79 3.81
C MET A 17 11.55 5.44 4.99
N LYS A 18 12.45 4.70 5.61
CA LYS A 18 13.25 5.23 6.72
C LYS A 18 14.62 5.67 6.22
N GLU A 19 15.56 5.81 7.13
CA GLU A 19 16.89 6.30 6.79
C GLU A 19 17.68 5.27 5.99
N ASN A 20 17.73 4.04 6.48
CA ASN A 20 18.51 3.00 5.83
C ASN A 20 17.63 1.92 5.23
N PHE A 21 16.51 1.65 5.89
CA PHE A 21 15.64 0.56 5.49
C PHE A 21 14.23 1.06 5.27
N GLY A 22 13.37 0.20 4.77
CA GLY A 22 11.97 0.54 4.58
C GLY A 22 11.13 -0.69 4.44
N PHE A 23 9.82 -0.53 4.56
CA PHE A 23 8.92 -1.65 4.40
C PHE A 23 8.12 -1.49 3.13
N ILE A 24 8.16 -2.52 2.31
CA ILE A 24 7.42 -2.54 1.07
C ILE A 24 6.11 -3.25 1.29
N GLU A 25 5.01 -2.64 0.87
CA GLU A 25 3.72 -3.25 1.02
C GLU A 25 3.53 -4.26 -0.09
N THR A 26 3.14 -5.47 0.30
CA THR A 26 2.95 -6.55 -0.65
C THR A 26 1.83 -6.23 -1.62
N LEU A 27 1.93 -6.76 -2.83
CA LEU A 27 0.96 -6.49 -3.89
C LEU A 27 -0.46 -6.82 -3.44
N SER A 28 -0.58 -7.85 -2.62
CA SER A 28 -1.88 -8.33 -2.19
C SER A 28 -2.12 -8.04 -0.71
N HIS A 29 -1.39 -7.05 -0.18
CA HIS A 29 -1.47 -6.64 1.24
C HIS A 29 -1.51 -7.86 2.17
N ASP A 30 -0.61 -8.79 1.89
CA ASP A 30 -0.62 -10.09 2.55
C ASP A 30 0.25 -10.08 3.80
N GLU A 31 1.44 -9.51 3.70
CA GLU A 31 2.39 -9.54 4.81
C GLU A 31 3.36 -8.36 4.78
N GLU A 32 4.31 -8.38 5.70
CA GLU A 32 5.22 -7.25 5.92
C GLU A 32 6.63 -7.61 5.45
N VAL A 33 7.16 -6.81 4.52
CA VAL A 33 8.47 -7.10 3.96
C VAL A 33 9.51 -6.09 4.44
N PHE A 34 10.62 -6.61 4.97
CA PHE A 34 11.75 -5.77 5.35
C PHE A 34 12.73 -5.68 4.19
N PHE A 35 12.97 -4.46 3.74
CA PHE A 35 13.96 -4.22 2.70
C PHE A 35 14.93 -3.13 3.15
N HIS A 36 16.21 -3.32 2.87
CA HIS A 36 17.22 -2.35 3.23
C HIS A 36 17.72 -1.66 1.97
N PHE A 37 17.64 -0.33 1.95
CA PHE A 37 17.92 0.46 0.74
C PHE A 37 19.36 0.32 0.26
N SER A 38 20.23 -0.16 1.13
CA SER A 38 21.62 -0.38 0.78
C SER A 38 21.73 -1.38 -0.39
N ASN A 39 20.80 -2.32 -0.46
CA ASN A 39 20.80 -3.34 -1.52
C ASN A 39 20.01 -2.90 -2.73
N TYR A 40 19.54 -1.65 -2.70
CA TYR A 40 18.74 -1.11 -3.80
C TYR A 40 19.64 -0.79 -4.99
N MET A 41 19.23 -1.22 -6.17
CA MET A 41 20.01 -0.97 -7.37
C MET A 41 19.24 -0.05 -8.32
N GLY A 42 19.46 1.25 -8.16
CA GLY A 42 18.76 2.23 -8.95
C GLY A 42 18.93 3.61 -8.36
N ASN A 43 17.84 4.38 -8.32
CA ASN A 43 17.89 5.71 -7.72
C ASN A 43 16.90 5.82 -6.57
N PRO A 44 17.38 5.63 -5.32
CA PRO A 44 16.53 5.67 -4.13
C PRO A 44 16.15 7.08 -3.71
N ASN A 45 16.94 8.06 -4.13
CA ASN A 45 16.70 9.45 -3.75
C ASN A 45 15.64 10.08 -4.66
N TRP A 46 15.23 9.33 -5.67
CA TRP A 46 14.17 9.75 -6.57
C TRP A 46 12.94 8.89 -6.40
N LEU A 47 12.88 8.18 -5.27
CA LEU A 47 11.72 7.36 -4.95
C LEU A 47 10.72 8.15 -4.12
N GLU A 48 9.45 7.89 -4.37
CA GLU A 48 8.39 8.49 -3.58
C GLU A 48 7.40 7.41 -3.17
N LEU A 49 6.66 7.65 -2.12
CA LEU A 49 5.71 6.68 -1.61
C LEU A 49 4.66 6.36 -2.68
N GLY A 50 4.38 5.07 -2.84
CA GLY A 50 3.39 4.65 -3.80
C GLY A 50 4.00 4.07 -5.07
N GLN A 51 5.29 4.30 -5.27
CA GLN A 51 5.98 3.81 -6.46
C GLN A 51 6.05 2.29 -6.48
N GLU A 52 5.72 1.72 -7.62
CA GLU A 52 5.78 0.29 -7.82
C GLU A 52 7.20 -0.16 -8.14
N VAL A 53 7.62 -1.27 -7.54
CA VAL A 53 8.93 -1.86 -7.80
C VAL A 53 8.83 -3.38 -7.75
N GLU A 54 9.69 -4.07 -8.50
CA GLU A 54 9.74 -5.52 -8.43
C GLU A 54 11.06 -5.96 -7.80
N TYR A 55 11.01 -7.04 -7.04
CA TYR A 55 12.17 -7.49 -6.30
C TYR A 55 12.04 -8.95 -5.88
N THR A 56 13.14 -9.49 -5.37
CA THR A 56 13.18 -10.88 -4.93
C THR A 56 13.55 -10.98 -3.46
N LEU A 57 12.95 -11.94 -2.77
CA LEU A 57 13.23 -12.15 -1.35
C LEU A 57 14.48 -13.00 -1.15
N ALA A 58 15.25 -12.69 -0.13
CA ALA A 58 16.43 -13.48 0.19
C ALA A 58 16.04 -14.62 1.11
N ARG A 59 15.44 -15.66 0.54
CA ARG A 59 14.99 -16.80 1.30
C ARG A 59 16.09 -17.85 1.35
N ASN A 60 17.25 -17.45 1.85
CA ASN A 60 18.39 -18.35 1.96
C ASN A 60 18.08 -19.49 2.93
N GLY A 61 18.39 -20.71 2.51
CA GLY A 61 18.04 -21.88 3.29
C GLY A 61 18.95 -22.10 4.49
N ASN A 62 18.74 -21.31 5.54
CA ASN A 62 19.41 -21.53 6.80
C ASN A 62 18.56 -22.46 7.68
N THR A 63 18.84 -22.50 8.97
CA THR A 63 18.05 -23.32 9.89
C THR A 63 16.62 -22.78 10.02
N SER A 64 16.46 -21.48 9.72
CA SER A 64 15.13 -20.86 9.59
C SER A 64 14.36 -20.83 10.91
N VAL A 65 15.03 -21.04 12.02
CA VAL A 65 14.36 -21.02 13.32
C VAL A 65 14.56 -19.68 14.02
N SER A 66 15.64 -18.99 13.70
CA SER A 66 15.92 -17.70 14.32
C SER A 66 15.70 -16.58 13.30
N GLY A 67 15.40 -16.95 12.07
CA GLY A 67 15.21 -15.96 11.02
C GLY A 67 13.78 -15.46 10.95
N ASN A 68 13.44 -14.54 11.84
CA ASN A 68 12.10 -13.98 11.92
C ASN A 68 11.77 -13.17 10.67
N CYS A 69 12.72 -12.34 10.24
CA CYS A 69 12.54 -11.52 9.05
C CYS A 69 13.78 -11.57 8.18
N LEU A 70 13.57 -11.69 6.88
CA LEU A 70 14.67 -11.76 5.93
C LEU A 70 14.70 -10.49 5.09
N PRO A 71 15.90 -10.04 4.71
CA PRO A 71 16.06 -8.85 3.86
C PRO A 71 15.66 -9.13 2.41
N ALA A 72 15.47 -8.08 1.64
CA ALA A 72 15.13 -8.22 0.23
C ALA A 72 16.32 -7.84 -0.64
N GLU A 73 16.51 -8.59 -1.72
CA GLU A 73 17.65 -8.37 -2.61
C GLU A 73 17.16 -8.15 -4.04
N ASN A 74 17.95 -7.41 -4.81
CA ASN A 74 17.66 -7.11 -6.21
C ASN A 74 16.29 -6.45 -6.37
N VAL A 75 16.26 -5.14 -6.20
CA VAL A 75 15.03 -4.39 -6.36
C VAL A 75 15.10 -3.53 -7.60
N ARG A 76 14.12 -3.69 -8.48
CA ARG A 76 14.07 -2.97 -9.74
C ARG A 76 12.83 -2.11 -9.79
N MET A 77 12.88 -1.03 -10.54
CA MET A 77 11.78 -0.06 -10.58
C MET A 77 10.89 -0.31 -11.77
N LEU A 78 9.61 -0.60 -11.52
CA LEU A 78 8.67 -0.77 -12.61
C LEU A 78 7.49 0.20 -12.47
N PRO A 79 7.48 1.26 -13.28
CA PRO A 79 6.43 2.25 -13.24
C PRO A 79 5.26 1.91 -14.17
N LYS A 80 4.05 1.97 -13.60
CA LYS A 80 2.80 1.93 -14.35
C LYS A 80 2.40 0.54 -14.83
N ASN A 81 1.11 0.24 -14.60
CA ASN A 81 0.43 -0.93 -15.19
C ASN A 81 0.94 -2.26 -14.64
N SER A 82 1.84 -2.23 -13.68
CA SER A 82 2.28 -3.45 -13.03
C SER A 82 1.22 -3.89 -12.02
N ILE A 83 0.47 -2.92 -11.52
CA ILE A 83 -0.62 -3.19 -10.60
C ILE A 83 -1.94 -2.98 -11.33
N PRO A 84 -2.87 -3.94 -11.30
CA PRO A 84 -4.15 -3.82 -12.00
C PRO A 84 -5.10 -2.86 -11.32
N GLN A 85 -5.98 -2.26 -12.10
CA GLN A 85 -7.00 -1.38 -11.53
C GLN A 85 -8.33 -2.11 -11.53
N PRO A 86 -9.14 -1.90 -10.48
CA PRO A 86 -10.46 -2.53 -10.37
C PRO A 86 -11.40 -2.08 -11.49
N ALA A 87 -12.00 -3.05 -12.17
CA ALA A 87 -12.90 -2.77 -13.28
C ALA A 87 -14.19 -2.12 -12.79
N VAL A 88 -14.23 -0.79 -12.83
CA VAL A 88 -15.40 -0.03 -12.45
C VAL A 88 -15.62 1.10 -13.45
N LEU A 89 -16.86 1.29 -13.88
CA LEU A 89 -17.14 2.25 -14.93
C LEU A 89 -17.32 3.66 -14.35
N GLU A 90 -18.32 3.83 -13.51
CA GLU A 90 -18.64 5.17 -13.00
C GLU A 90 -17.95 5.46 -11.66
N THR A 91 -18.20 4.60 -10.69
CA THR A 91 -17.78 4.80 -9.29
C THR A 91 -18.48 3.75 -8.44
N THR A 92 -17.79 3.17 -7.47
CA THR A 92 -18.42 2.20 -6.61
C THR A 92 -18.98 2.86 -5.36
N HIS A 93 -18.13 3.59 -4.62
CA HIS A 93 -18.55 4.23 -3.38
C HIS A 93 -17.81 5.55 -3.19
N ASN A 94 -18.49 6.50 -2.56
CA ASN A 94 -17.85 7.71 -2.09
C ASN A 94 -17.83 7.67 -0.56
N GLY A 95 -16.98 8.47 0.07
CA GLY A 95 -16.93 8.44 1.51
C GLY A 95 -16.06 9.53 2.08
N VAL A 96 -15.93 9.52 3.40
CA VAL A 96 -15.12 10.51 4.09
C VAL A 96 -13.98 9.81 4.83
N VAL A 97 -12.86 10.49 4.93
CA VAL A 97 -11.72 9.97 5.68
C VAL A 97 -12.10 9.74 7.14
N ALA A 98 -11.99 8.49 7.59
CA ALA A 98 -12.40 8.13 8.94
C ALA A 98 -11.38 8.63 9.96
N ARG A 99 -10.10 8.57 9.60
CA ARG A 99 -9.03 9.15 10.40
C ARG A 99 -7.69 8.98 9.71
N PRO A 100 -6.89 10.05 9.60
CA PRO A 100 -5.49 9.96 9.16
C PRO A 100 -4.61 9.31 10.23
N LEU A 101 -3.39 8.98 9.86
CA LEU A 101 -2.51 8.27 10.77
C LEU A 101 -1.41 9.18 11.30
N ARG A 102 -1.68 9.82 12.43
CA ARG A 102 -0.66 10.57 13.15
C ARG A 102 -0.10 9.73 14.30
N CYS A 103 -0.97 9.40 15.24
CA CYS A 103 -0.57 8.69 16.44
C CYS A 103 -0.70 7.18 16.26
N ILE A 104 -1.04 6.76 15.04
CA ILE A 104 -1.23 5.35 14.76
C ILE A 104 0.11 4.67 14.50
N ASN A 105 0.96 5.33 13.71
CA ASN A 105 2.31 4.84 13.38
C ASN A 105 2.26 3.58 12.50
N PRO A 106 3.30 3.33 11.69
CA PRO A 106 3.40 2.11 10.88
C PRO A 106 3.53 0.84 11.71
N ASP A 107 3.79 1.02 13.02
CA ASP A 107 3.94 -0.11 13.93
C ASP A 107 2.57 -0.67 14.36
N GLN A 108 1.51 -0.10 13.83
CA GLN A 108 0.16 -0.54 14.16
C GLN A 108 -0.54 -1.06 12.90
N GLN A 109 -1.43 -2.02 13.10
CA GLN A 109 -2.17 -2.65 12.00
C GLN A 109 -3.20 -1.70 11.39
N GLU A 110 -3.28 -0.50 11.94
CA GLU A 110 -4.20 0.52 11.44
C GLU A 110 -3.45 1.56 10.63
N TYR A 111 -2.20 1.23 10.30
CA TYR A 111 -1.30 2.09 9.54
C TYR A 111 -1.89 2.49 8.19
N ALA A 112 -2.62 1.58 7.57
CA ALA A 112 -3.12 1.80 6.21
C ALA A 112 -4.19 2.88 6.17
N GLY A 113 -4.83 3.14 7.30
CA GLY A 113 -5.88 4.12 7.34
C GLY A 113 -7.20 3.57 6.84
N LEU A 114 -8.30 4.26 7.15
CA LEU A 114 -9.62 3.76 6.79
C LEU A 114 -10.56 4.89 6.39
N ILE A 115 -11.50 4.56 5.51
CA ILE A 115 -12.49 5.50 5.03
C ILE A 115 -13.89 5.03 5.46
N GLU A 116 -14.71 5.95 5.94
CA GLU A 116 -16.07 5.61 6.34
C GLU A 116 -17.00 5.71 5.14
N ILE A 117 -17.54 4.56 4.75
CA ILE A 117 -18.40 4.46 3.58
C ILE A 117 -19.84 4.66 4.02
N LEU A 118 -20.58 5.51 3.31
CA LEU A 118 -21.95 5.80 3.69
C LEU A 118 -22.89 4.75 3.12
N ASP A 119 -23.95 4.45 3.86
CA ASP A 119 -24.95 3.47 3.44
C ASP A 119 -25.78 4.04 2.29
N GLU A 120 -26.75 3.26 1.81
CA GLU A 120 -27.53 3.65 0.65
C GLU A 120 -28.42 4.85 0.94
N LEU A 121 -28.78 5.06 2.20
CA LEU A 121 -29.61 6.19 2.57
C LEU A 121 -28.75 7.38 2.99
N ARG A 122 -27.43 7.18 2.93
CA ARG A 122 -26.46 8.24 3.24
C ARG A 122 -26.59 8.69 4.69
N THR A 123 -26.80 7.74 5.58
CA THR A 123 -27.07 8.04 6.98
C THR A 123 -25.86 7.77 7.86
N THR A 124 -25.29 6.58 7.73
CA THR A 124 -24.20 6.16 8.61
C THR A 124 -23.18 5.33 7.84
N VAL A 125 -22.01 5.12 8.45
CA VAL A 125 -20.96 4.30 7.86
C VAL A 125 -21.37 2.82 7.83
N ILE A 126 -21.10 2.15 6.72
CA ILE A 126 -21.44 0.75 6.57
C ILE A 126 -20.52 -0.12 7.44
N SER A 127 -19.25 -0.18 7.07
CA SER A 127 -18.26 -0.83 7.92
C SER A 127 -16.97 -0.02 7.99
N GLN A 128 -16.09 -0.25 7.02
CA GLN A 128 -14.83 0.47 6.89
C GLN A 128 -14.11 -0.02 5.63
N HIS A 129 -13.54 0.90 4.85
CA HIS A 129 -12.73 0.50 3.70
C HIS A 129 -11.32 1.00 3.84
N GLU A 130 -10.37 0.11 3.59
CA GLU A 130 -8.96 0.43 3.70
C GLU A 130 -8.44 0.90 2.35
N PHE A 131 -7.48 1.82 2.36
CA PHE A 131 -6.92 2.34 1.12
C PHE A 131 -5.43 2.04 1.02
N GLY A 132 -4.99 1.72 -0.19
CA GLY A 132 -3.59 1.39 -0.41
C GLY A 132 -2.73 2.61 -0.63
N ILE A 133 -1.46 2.51 -0.24
CA ILE A 133 -0.51 3.60 -0.40
C ILE A 133 -0.43 4.09 -1.85
N THR A 134 -0.40 3.14 -2.78
CA THR A 134 -0.35 3.45 -4.19
C THR A 134 -1.69 4.00 -4.66
N SER A 135 -2.76 3.55 -4.01
CA SER A 135 -4.10 4.02 -4.31
C SER A 135 -4.30 5.45 -3.82
N LEU A 136 -3.50 5.83 -2.81
CA LEU A 136 -3.54 7.18 -2.25
C LEU A 136 -2.82 8.17 -3.17
N VAL A 137 -3.32 8.28 -4.39
CA VAL A 137 -2.77 9.21 -5.39
C VAL A 137 -2.40 10.54 -4.76
N ASN A 138 -3.30 11.08 -3.95
CA ASN A 138 -3.16 12.40 -3.37
C ASN A 138 -2.53 12.34 -1.99
N LYS A 139 -1.63 11.39 -1.78
CA LYS A 139 -0.92 11.22 -0.51
C LYS A 139 -0.11 12.47 -0.14
N ARG A 140 0.17 13.30 -1.13
CA ARG A 140 0.91 14.55 -0.92
C ARG A 140 0.03 15.60 -0.27
N ASP A 141 -1.27 15.45 -0.43
CA ASP A 141 -2.22 16.47 -0.01
C ASP A 141 -2.73 16.18 1.40
N LEU A 142 -2.89 17.24 2.18
CA LEU A 142 -3.30 17.10 3.56
C LEU A 142 -4.78 16.79 3.66
N LEU A 143 -5.07 15.52 3.90
CA LEU A 143 -6.43 15.03 3.93
C LEU A 143 -6.77 14.50 5.32
N GLN A 144 -7.75 15.11 5.97
CA GLN A 144 -8.08 14.75 7.34
C GLN A 144 -9.52 14.25 7.45
N LYS A 145 -9.95 13.91 8.67
CA LYS A 145 -11.32 13.45 8.86
C LYS A 145 -12.29 14.56 8.56
N GLY A 146 -13.23 14.27 7.68
CA GLY A 146 -14.19 15.26 7.25
C GLY A 146 -14.05 15.53 5.78
N ASP A 147 -12.94 15.12 5.20
CA ASP A 147 -12.72 15.30 3.77
C ASP A 147 -13.35 14.16 3.00
N LEU A 148 -14.13 14.51 1.99
CA LEU A 148 -14.76 13.52 1.12
C LEU A 148 -13.80 13.02 0.06
N VAL A 149 -13.90 11.75 -0.26
CA VAL A 149 -13.09 11.16 -1.31
C VAL A 149 -13.96 10.31 -2.23
N SER A 150 -13.63 10.30 -3.51
CA SER A 150 -14.29 9.43 -4.46
C SER A 150 -13.34 8.30 -4.85
N PHE A 151 -13.82 7.08 -4.74
CA PHE A 151 -12.99 5.91 -4.97
C PHE A 151 -13.83 4.81 -5.62
N ARG A 152 -13.21 3.66 -5.87
CA ARG A 152 -13.95 2.55 -6.41
C ARG A 152 -13.37 1.21 -5.93
N ILE A 153 -14.21 0.40 -5.32
CA ILE A 153 -13.85 -0.96 -4.96
C ILE A 153 -14.41 -1.94 -5.98
N ASP A 154 -13.76 -3.08 -6.14
CA ASP A 154 -14.27 -4.15 -7.00
C ASP A 154 -13.35 -5.37 -6.93
N GLU A 155 -12.34 -5.40 -7.79
CA GLU A 155 -11.38 -6.50 -7.81
C GLU A 155 -10.43 -6.40 -6.62
N SER A 156 -10.21 -5.17 -6.17
CA SER A 156 -9.31 -4.93 -5.04
C SER A 156 -10.01 -5.24 -3.73
N GLY A 157 -11.34 -5.31 -3.78
CA GLY A 157 -12.13 -5.55 -2.57
C GLY A 157 -12.17 -4.35 -1.63
N ARG A 158 -11.12 -3.55 -1.66
CA ARG A 158 -10.99 -2.40 -0.78
C ARG A 158 -10.87 -1.11 -1.62
N ALA A 159 -10.55 0.00 -0.97
CA ALA A 159 -10.66 1.30 -1.62
C ALA A 159 -9.42 1.63 -2.45
N ALA A 160 -9.62 1.74 -3.75
CA ALA A 160 -8.55 2.05 -4.67
C ALA A 160 -8.94 3.26 -5.53
N CYS A 161 -7.93 3.95 -6.04
CA CYS A 161 -8.14 5.15 -6.85
C CYS A 161 -8.94 6.21 -6.09
N VAL A 162 -8.49 6.51 -4.86
CA VAL A 162 -9.11 7.55 -4.07
C VAL A 162 -8.65 8.93 -4.53
N ASN A 163 -9.54 9.89 -4.45
CA ASN A 163 -9.23 11.26 -4.84
C ASN A 163 -10.05 12.22 -3.99
N ALA A 164 -9.37 13.20 -3.39
CA ALA A 164 -10.04 14.22 -2.57
C ALA A 164 -11.05 15.01 -3.39
N VAL A 165 -12.29 15.03 -2.92
CA VAL A 165 -13.37 15.73 -3.63
C VAL A 165 -14.17 16.59 -2.64
N ARG A 166 -14.59 17.76 -3.09
CA ARG A 166 -15.39 18.65 -2.26
C ARG A 166 -16.85 18.56 -2.65
N GLN A 167 -17.74 18.69 -1.67
CA GLN A 167 -19.16 18.58 -1.91
C GLN A 167 -19.78 19.96 -2.06
N LYS A 168 -20.40 20.19 -3.21
CA LYS A 168 -21.09 21.45 -3.47
C LYS A 168 -22.23 21.67 -2.48
N GLY A 1 18.47 -16.93 4.14
CA GLY A 1 18.53 -17.12 2.70
C GLY A 1 18.58 -15.81 1.95
N ALA A 2 18.80 -15.89 0.65
CA ALA A 2 18.87 -14.71 -0.19
C ALA A 2 17.93 -14.85 -1.38
N GLY A 3 17.79 -13.79 -2.16
CA GLY A 3 16.90 -13.81 -3.31
C GLY A 3 17.43 -14.66 -4.44
N SER A 4 17.21 -15.95 -4.36
CA SER A 4 17.71 -16.89 -5.35
C SER A 4 16.64 -17.89 -5.78
N ASP A 5 16.18 -17.75 -7.02
CA ASP A 5 15.19 -18.66 -7.62
C ASP A 5 13.93 -18.76 -6.77
N ALA A 6 13.40 -17.60 -6.37
CA ALA A 6 12.14 -17.57 -5.62
C ALA A 6 10.98 -18.07 -6.48
N GLY A 7 11.16 -18.00 -7.80
CA GLY A 7 10.16 -18.49 -8.74
C GLY A 7 9.21 -17.42 -9.20
N GLN A 8 8.99 -16.44 -8.34
CA GLN A 8 8.13 -15.32 -8.67
C GLN A 8 8.75 -14.02 -8.20
N VAL A 9 8.79 -13.04 -9.07
CA VAL A 9 9.21 -11.70 -8.71
C VAL A 9 7.98 -10.94 -8.24
N TYR A 10 7.98 -10.58 -6.98
CA TYR A 10 6.82 -10.01 -6.36
C TYR A 10 6.79 -8.50 -6.56
N ARG A 11 5.62 -7.97 -6.79
CA ARG A 11 5.45 -6.56 -7.06
C ARG A 11 4.97 -5.84 -5.81
N GLY A 12 5.42 -4.61 -5.67
CA GLY A 12 4.98 -3.76 -4.59
C GLY A 12 5.34 -2.33 -4.87
N PHE A 13 5.12 -1.46 -3.90
CA PHE A 13 5.44 -0.06 -4.08
C PHE A 13 6.04 0.54 -2.82
N ILE A 14 6.97 1.46 -3.01
CA ILE A 14 7.64 2.13 -1.89
C ILE A 14 6.67 3.02 -1.15
N ALA A 15 6.18 2.55 -0.01
CA ALA A 15 5.24 3.33 0.79
C ALA A 15 5.98 4.15 1.84
N VAL A 16 6.96 3.53 2.49
CA VAL A 16 7.72 4.20 3.51
C VAL A 16 9.17 4.35 3.09
N MET A 17 9.64 5.58 3.06
CA MET A 17 11.05 5.86 2.80
C MET A 17 11.66 6.54 4.01
N LYS A 18 12.48 5.81 4.74
CA LYS A 18 13.18 6.38 5.88
C LYS A 18 14.66 6.46 5.56
N GLU A 19 15.41 7.14 6.41
CA GLU A 19 16.84 7.35 6.19
C GLU A 19 17.61 6.02 6.22
N ASN A 20 17.15 5.08 7.03
CA ASN A 20 17.90 3.83 7.21
C ASN A 20 17.26 2.68 6.43
N PHE A 21 15.95 2.68 6.31
CA PHE A 21 15.24 1.60 5.62
C PHE A 21 13.89 2.06 5.12
N GLY A 22 13.11 1.13 4.60
CA GLY A 22 11.80 1.45 4.10
C GLY A 22 10.87 0.27 4.15
N PHE A 23 9.61 0.50 3.84
CA PHE A 23 8.61 -0.56 3.84
C PHE A 23 7.87 -0.60 2.52
N ILE A 24 7.63 -1.81 2.03
CA ILE A 24 6.95 -1.99 0.76
C ILE A 24 5.55 -2.48 0.99
N GLU A 25 4.58 -1.83 0.36
CA GLU A 25 3.21 -2.30 0.41
C GLU A 25 3.03 -3.37 -0.66
N THR A 26 2.46 -4.49 -0.26
CA THR A 26 2.28 -5.61 -1.16
C THR A 26 1.31 -5.27 -2.28
N LEU A 27 1.55 -5.83 -3.45
CA LEU A 27 0.75 -5.56 -4.64
C LEU A 27 -0.74 -5.79 -4.35
N SER A 28 -1.04 -6.91 -3.70
CA SER A 28 -2.41 -7.26 -3.39
C SER A 28 -2.67 -7.16 -1.88
N HIS A 29 -1.98 -6.22 -1.23
CA HIS A 29 -2.12 -5.97 0.23
C HIS A 29 -2.17 -7.28 1.02
N ASP A 30 -1.27 -8.17 0.68
CA ASP A 30 -1.18 -9.49 1.29
C ASP A 30 -0.73 -9.38 2.73
N GLU A 31 0.35 -8.62 2.95
CA GLU A 31 0.94 -8.48 4.27
C GLU A 31 2.03 -7.40 4.26
N GLU A 32 2.75 -7.30 5.37
CA GLU A 32 3.64 -6.17 5.61
C GLU A 32 5.09 -6.56 5.33
N VAL A 33 5.73 -5.83 4.40
CA VAL A 33 7.09 -6.17 3.97
C VAL A 33 8.09 -5.09 4.34
N PHE A 34 9.24 -5.52 4.84
CA PHE A 34 10.35 -4.63 5.14
C PHE A 34 11.50 -4.89 4.17
N PHE A 35 12.03 -3.84 3.57
CA PHE A 35 13.18 -3.96 2.69
C PHE A 35 14.26 -3.01 3.18
N HIS A 36 15.51 -3.30 2.84
CA HIS A 36 16.61 -2.47 3.29
C HIS A 36 17.33 -1.87 2.08
N PHE A 37 17.60 -0.56 2.14
CA PHE A 37 18.19 0.16 1.01
C PHE A 37 19.57 -0.37 0.61
N SER A 38 20.26 -1.00 1.55
CA SER A 38 21.57 -1.58 1.26
C SER A 38 21.44 -2.73 0.27
N ASN A 39 20.34 -3.47 0.35
CA ASN A 39 20.11 -4.63 -0.53
C ASN A 39 19.29 -4.21 -1.75
N TYR A 40 19.27 -2.91 -2.02
CA TYR A 40 18.51 -2.35 -3.12
C TYR A 40 19.36 -2.26 -4.38
N MET A 41 18.77 -2.58 -5.52
CA MET A 41 19.52 -2.54 -6.77
C MET A 41 18.87 -1.56 -7.73
N GLY A 42 19.46 -0.37 -7.82
CA GLY A 42 18.93 0.68 -8.66
C GLY A 42 19.27 2.05 -8.12
N ASN A 43 18.35 2.99 -8.25
CA ASN A 43 18.56 4.33 -7.75
C ASN A 43 17.58 4.65 -6.63
N PRO A 44 18.01 4.54 -5.37
CA PRO A 44 17.16 4.82 -4.23
C PRO A 44 17.07 6.30 -3.91
N ASN A 45 18.10 7.03 -4.32
CA ASN A 45 18.17 8.46 -4.08
C ASN A 45 17.22 9.20 -5.02
N TRP A 46 16.74 8.50 -6.04
CA TRP A 46 15.86 9.09 -7.03
C TRP A 46 14.48 8.44 -6.97
N LEU A 47 14.18 7.80 -5.85
CA LEU A 47 12.89 7.12 -5.69
C LEU A 47 11.77 8.08 -5.27
N GLU A 48 10.55 7.56 -5.32
CA GLU A 48 9.37 8.34 -4.98
C GLU A 48 8.50 7.56 -4.00
N LEU A 49 7.58 8.26 -3.37
CA LEU A 49 6.62 7.61 -2.49
C LEU A 49 5.44 7.08 -3.30
N GLY A 50 5.31 5.77 -3.32
CA GLY A 50 4.32 5.13 -4.16
C GLY A 50 4.93 4.50 -5.40
N GLN A 51 6.26 4.57 -5.50
CA GLN A 51 6.97 4.04 -6.67
C GLN A 51 6.89 2.52 -6.73
N GLU A 52 6.36 2.03 -7.84
CA GLU A 52 6.31 0.61 -8.13
C GLU A 52 7.71 0.02 -8.21
N VAL A 53 7.93 -1.04 -7.45
CA VAL A 53 9.18 -1.77 -7.48
C VAL A 53 8.91 -3.28 -7.46
N GLU A 54 9.79 -4.05 -8.07
CA GLU A 54 9.63 -5.49 -8.11
C GLU A 54 10.82 -6.17 -7.47
N TYR A 55 10.59 -7.18 -6.67
CA TYR A 55 11.65 -7.79 -5.89
C TYR A 55 11.33 -9.23 -5.54
N THR A 56 12.26 -9.89 -4.86
CA THR A 56 12.09 -11.28 -4.50
C THR A 56 12.24 -11.48 -3.00
N LEU A 57 11.41 -12.35 -2.43
CA LEU A 57 11.50 -12.68 -1.02
C LEU A 57 12.71 -13.54 -0.76
N ALA A 58 13.60 -13.02 0.06
CA ALA A 58 14.89 -13.64 0.30
C ALA A 58 14.77 -14.82 1.23
N ARG A 59 13.93 -14.68 2.23
CA ARG A 59 13.72 -15.72 3.21
C ARG A 59 12.44 -16.47 2.88
N ASN A 60 12.21 -16.66 1.58
CA ASN A 60 10.98 -17.31 1.09
C ASN A 60 10.89 -18.76 1.58
N GLY A 61 12.04 -19.35 1.91
CA GLY A 61 12.06 -20.71 2.41
C GLY A 61 12.38 -20.79 3.89
N ASN A 62 12.25 -19.67 4.59
CA ASN A 62 12.53 -19.62 6.02
C ASN A 62 11.26 -19.30 6.79
N THR A 63 10.88 -20.19 7.69
CA THR A 63 9.62 -20.09 8.39
C THR A 63 9.73 -19.26 9.66
N SER A 64 9.56 -17.95 9.48
CA SER A 64 9.48 -16.98 10.59
C SER A 64 10.68 -17.07 11.52
N VAL A 65 11.83 -17.42 10.97
CA VAL A 65 13.06 -17.51 11.74
C VAL A 65 13.53 -16.10 12.15
N SER A 66 13.24 -15.13 11.30
CA SER A 66 13.63 -13.75 11.55
C SER A 66 12.67 -13.07 12.53
N GLY A 67 11.68 -13.82 13.01
CA GLY A 67 10.76 -13.31 14.00
C GLY A 67 9.51 -12.72 13.37
N ASN A 68 9.57 -11.43 13.09
CA ASN A 68 8.40 -10.71 12.59
C ASN A 68 8.54 -10.40 11.11
N CYS A 69 9.64 -9.76 10.76
CA CYS A 69 9.86 -9.32 9.39
C CYS A 69 11.27 -9.66 8.94
N LEU A 70 11.42 -9.86 7.65
CA LEU A 70 12.70 -10.19 7.06
C LEU A 70 13.03 -9.22 5.94
N PRO A 71 14.32 -8.92 5.72
CA PRO A 71 14.73 -8.02 4.65
C PRO A 71 14.57 -8.64 3.27
N ALA A 72 14.26 -7.81 2.29
CA ALA A 72 14.13 -8.24 0.91
C ALA A 72 15.43 -8.05 0.17
N GLU A 73 15.76 -9.00 -0.71
CA GLU A 73 16.99 -8.90 -1.50
C GLU A 73 16.60 -8.71 -2.96
N ASN A 74 17.53 -8.15 -3.74
CA ASN A 74 17.32 -7.94 -5.18
C ASN A 74 16.08 -7.08 -5.42
N VAL A 75 16.01 -5.95 -4.73
CA VAL A 75 14.91 -5.04 -4.89
C VAL A 75 15.12 -4.17 -6.13
N ARG A 76 14.31 -4.41 -7.15
CA ARG A 76 14.45 -3.73 -8.42
C ARG A 76 13.35 -2.71 -8.65
N MET A 77 13.49 -1.97 -9.74
CA MET A 77 12.55 -0.93 -10.10
C MET A 77 11.91 -1.28 -11.44
N LEU A 78 10.64 -0.96 -11.60
CA LEU A 78 9.98 -1.18 -12.87
C LEU A 78 9.22 0.08 -13.28
N PRO A 79 8.88 0.23 -14.59
CA PRO A 79 8.08 1.34 -15.05
C PRO A 79 6.62 1.21 -14.65
N LYS A 80 5.91 2.32 -14.69
CA LYS A 80 4.52 2.35 -14.27
C LYS A 80 3.60 1.71 -15.30
N ASN A 81 2.33 1.59 -14.91
CA ASN A 81 1.28 1.00 -15.73
C ASN A 81 1.47 -0.51 -15.84
N SER A 82 2.03 -1.10 -14.79
CA SER A 82 2.18 -2.54 -14.71
C SER A 82 1.51 -3.05 -13.42
N ILE A 83 0.76 -2.17 -12.79
CA ILE A 83 0.04 -2.49 -11.57
C ILE A 83 -1.45 -2.44 -11.85
N PRO A 84 -2.18 -3.53 -11.55
CA PRO A 84 -3.60 -3.66 -11.89
C PRO A 84 -4.49 -2.71 -11.10
N GLN A 85 -5.68 -2.45 -11.64
CA GLN A 85 -6.66 -1.59 -10.99
C GLN A 85 -8.05 -2.22 -11.12
N PRO A 86 -8.95 -1.93 -10.17
CA PRO A 86 -10.32 -2.49 -10.18
C PRO A 86 -11.17 -1.93 -11.32
N ALA A 87 -12.12 -2.73 -11.79
CA ALA A 87 -12.96 -2.32 -12.89
C ALA A 87 -14.29 -1.76 -12.38
N VAL A 88 -14.31 -0.44 -12.20
CA VAL A 88 -15.52 0.29 -11.84
C VAL A 88 -15.49 1.62 -12.57
N LEU A 89 -16.49 1.87 -13.41
CA LEU A 89 -16.42 3.01 -14.32
C LEU A 89 -16.51 4.36 -13.62
N GLU A 90 -17.63 4.65 -12.97
CA GLU A 90 -17.81 5.98 -12.38
C GLU A 90 -17.43 6.01 -10.90
N THR A 91 -18.11 5.19 -10.10
CA THR A 91 -18.00 5.22 -8.63
C THR A 91 -18.91 4.15 -8.04
N THR A 92 -18.42 3.43 -7.04
CA THR A 92 -19.25 2.46 -6.33
C THR A 92 -19.62 2.99 -4.93
N HIS A 93 -18.65 3.59 -4.23
CA HIS A 93 -18.91 4.15 -2.91
C HIS A 93 -18.16 5.46 -2.73
N ASN A 94 -18.81 6.42 -2.10
CA ASN A 94 -18.16 7.68 -1.75
C ASN A 94 -18.13 7.82 -0.23
N GLY A 95 -16.95 7.73 0.35
CA GLY A 95 -16.84 7.68 1.79
C GLY A 95 -16.13 8.89 2.36
N VAL A 96 -15.84 8.83 3.66
CA VAL A 96 -15.17 9.92 4.34
C VAL A 96 -14.04 9.39 5.22
N VAL A 97 -12.94 10.14 5.28
CA VAL A 97 -11.78 9.73 6.07
C VAL A 97 -12.15 9.56 7.54
N ALA A 98 -11.88 8.36 8.07
CA ALA A 98 -12.25 8.04 9.45
C ALA A 98 -11.23 8.58 10.43
N ARG A 99 -9.98 8.13 10.30
CA ARG A 99 -8.93 8.60 11.19
C ARG A 99 -7.57 8.58 10.47
N PRO A 100 -6.84 9.70 10.52
CA PRO A 100 -5.47 9.77 10.01
C PRO A 100 -4.48 9.14 10.98
N LEU A 101 -3.49 8.44 10.45
CA LEU A 101 -2.55 7.71 11.28
C LEU A 101 -1.42 8.61 11.80
N ARG A 102 -1.57 9.08 13.03
CA ARG A 102 -0.50 9.82 13.67
C ARG A 102 0.35 8.91 14.56
N CYS A 103 -0.26 8.36 15.60
CA CYS A 103 0.44 7.55 16.58
C CYS A 103 0.37 6.05 16.24
N ILE A 104 -0.11 5.73 15.04
CA ILE A 104 -0.30 4.34 14.64
C ILE A 104 1.03 3.60 14.50
N ASN A 105 2.04 4.30 13.96
CA ASN A 105 3.38 3.73 13.75
C ASN A 105 3.37 2.68 12.63
N PRO A 106 4.23 2.87 11.60
CA PRO A 106 4.30 1.99 10.42
C PRO A 106 4.76 0.56 10.74
N ASP A 107 5.03 0.29 12.02
CA ASP A 107 5.44 -1.05 12.45
C ASP A 107 4.20 -1.90 12.78
N GLN A 108 3.02 -1.31 12.55
CA GLN A 108 1.76 -2.02 12.75
C GLN A 108 0.91 -1.91 11.49
N GLN A 109 0.19 -2.99 11.17
CA GLN A 109 -0.53 -3.12 9.89
C GLN A 109 -1.73 -2.18 9.77
N GLU A 110 -1.97 -1.34 10.76
CA GLU A 110 -2.99 -0.31 10.65
C GLU A 110 -2.41 0.94 9.98
N TYR A 111 -1.17 0.80 9.52
CA TYR A 111 -0.44 1.86 8.83
C TYR A 111 -1.19 2.38 7.60
N ALA A 112 -1.93 1.50 6.96
CA ALA A 112 -2.57 1.84 5.70
C ALA A 112 -3.62 2.94 5.87
N GLY A 113 -4.23 3.00 7.05
CA GLY A 113 -5.27 3.97 7.28
C GLY A 113 -6.62 3.45 6.83
N LEU A 114 -7.71 4.09 7.25
CA LEU A 114 -9.02 3.53 6.98
C LEU A 114 -10.07 4.63 6.79
N ILE A 115 -10.95 4.36 5.84
CA ILE A 115 -12.05 5.23 5.51
C ILE A 115 -13.36 4.60 5.97
N GLU A 116 -14.20 5.36 6.65
CA GLU A 116 -15.47 4.81 7.10
C GLU A 116 -16.50 4.93 5.99
N ILE A 117 -16.90 3.78 5.47
CA ILE A 117 -17.73 3.70 4.28
C ILE A 117 -19.19 3.76 4.65
N LEU A 118 -19.95 4.56 3.93
CA LEU A 118 -21.35 4.75 4.26
C LEU A 118 -22.20 3.66 3.63
N ASP A 119 -23.27 3.31 4.31
CA ASP A 119 -24.30 2.44 3.78
C ASP A 119 -24.83 3.03 2.48
N GLU A 120 -25.30 2.20 1.56
CA GLU A 120 -25.67 2.68 0.24
C GLU A 120 -26.90 3.59 0.30
N LEU A 121 -27.62 3.54 1.40
CA LEU A 121 -28.75 4.42 1.61
C LEU A 121 -28.33 5.62 2.45
N ARG A 122 -27.01 5.74 2.65
CA ARG A 122 -26.41 6.86 3.38
C ARG A 122 -26.85 6.86 4.84
N THR A 123 -27.13 5.68 5.36
CA THR A 123 -27.54 5.54 6.76
C THR A 123 -26.35 5.75 7.70
N THR A 124 -25.48 4.74 7.81
CA THR A 124 -24.33 4.83 8.69
C THR A 124 -23.13 4.12 8.06
N VAL A 125 -22.10 3.87 8.86
CA VAL A 125 -20.88 3.23 8.38
C VAL A 125 -21.07 1.72 8.29
N ILE A 126 -20.57 1.11 7.22
CA ILE A 126 -20.65 -0.33 7.06
C ILE A 126 -19.60 -1.01 7.95
N SER A 127 -18.33 -0.87 7.58
CA SER A 127 -17.24 -1.23 8.47
C SER A 127 -16.12 -0.19 8.38
N GLN A 128 -15.23 -0.39 7.41
CA GLN A 128 -14.14 0.54 7.10
C GLN A 128 -13.37 -0.01 5.90
N HIS A 129 -12.88 0.85 5.03
CA HIS A 129 -12.06 0.39 3.91
C HIS A 129 -10.64 0.90 4.01
N GLU A 130 -9.73 0.04 3.64
CA GLU A 130 -8.30 0.31 3.70
C GLU A 130 -7.86 0.94 2.38
N PHE A 131 -6.97 1.91 2.46
CA PHE A 131 -6.48 2.57 1.24
C PHE A 131 -4.98 2.37 1.08
N GLY A 132 -4.52 2.45 -0.16
CA GLY A 132 -3.14 2.14 -0.48
C GLY A 132 -2.37 3.35 -0.99
N ILE A 133 -1.07 3.36 -0.77
CA ILE A 133 -0.20 4.46 -1.19
C ILE A 133 -0.36 4.80 -2.66
N THR A 134 -0.65 3.79 -3.46
CA THR A 134 -0.81 3.98 -4.89
C THR A 134 -2.16 4.58 -5.21
N SER A 135 -3.19 4.16 -4.49
CA SER A 135 -4.52 4.68 -4.71
C SER A 135 -4.69 6.03 -4.02
N LEU A 136 -3.72 6.38 -3.18
CA LEU A 136 -3.68 7.69 -2.55
C LEU A 136 -3.25 8.78 -3.52
N VAL A 137 -4.01 8.93 -4.59
CA VAL A 137 -3.76 9.98 -5.60
C VAL A 137 -3.49 11.32 -4.93
N ASN A 138 -4.25 11.62 -3.88
CA ASN A 138 -4.12 12.88 -3.17
C ASN A 138 -3.14 12.78 -2.00
N LYS A 139 -2.09 11.97 -2.16
CA LYS A 139 -1.05 11.82 -1.13
C LYS A 139 -0.31 13.13 -0.91
N ARG A 140 -0.53 14.07 -1.81
CA ARG A 140 0.08 15.40 -1.74
C ARG A 140 -0.77 16.34 -0.90
N ASP A 141 -2.05 16.00 -0.78
CA ASP A 141 -3.04 16.93 -0.23
C ASP A 141 -3.22 16.74 1.26
N LEU A 142 -3.82 17.75 1.89
CA LEU A 142 -4.19 17.65 3.29
C LEU A 142 -5.57 17.03 3.40
N LEU A 143 -5.58 15.73 3.61
CA LEU A 143 -6.80 14.96 3.67
C LEU A 143 -6.98 14.41 5.08
N GLN A 144 -7.92 14.96 5.82
CA GLN A 144 -8.09 14.60 7.22
C GLN A 144 -9.50 14.07 7.49
N LYS A 145 -9.75 13.76 8.75
CA LYS A 145 -11.04 13.22 9.17
C LYS A 145 -12.16 14.19 8.84
N GLY A 146 -13.09 13.73 8.02
CA GLY A 146 -14.21 14.56 7.63
C GLY A 146 -14.14 15.03 6.19
N ASP A 147 -13.06 14.68 5.51
CA ASP A 147 -12.93 15.01 4.09
C ASP A 147 -13.51 13.90 3.23
N LEU A 148 -14.25 14.29 2.20
CA LEU A 148 -14.96 13.34 1.35
C LEU A 148 -14.05 12.82 0.25
N VAL A 149 -14.15 11.52 -0.03
CA VAL A 149 -13.34 10.90 -1.06
C VAL A 149 -14.18 10.02 -1.97
N SER A 150 -13.84 10.04 -3.26
CA SER A 150 -14.44 9.13 -4.21
C SER A 150 -13.43 8.06 -4.58
N PHE A 151 -13.81 6.81 -4.39
CA PHE A 151 -12.91 5.69 -4.64
C PHE A 151 -13.68 4.56 -5.29
N ARG A 152 -12.96 3.60 -5.87
CA ARG A 152 -13.63 2.46 -6.44
C ARG A 152 -13.09 1.18 -5.83
N ILE A 153 -13.96 0.44 -5.19
CA ILE A 153 -13.65 -0.91 -4.73
C ILE A 153 -14.27 -1.93 -5.68
N ASP A 154 -13.52 -2.97 -6.02
CA ASP A 154 -14.08 -4.04 -6.84
C ASP A 154 -13.23 -5.30 -6.72
N GLU A 155 -12.36 -5.55 -7.69
CA GLU A 155 -11.57 -6.76 -7.72
C GLU A 155 -10.34 -6.65 -6.83
N SER A 156 -10.11 -5.45 -6.33
CA SER A 156 -9.01 -5.23 -5.40
C SER A 156 -9.50 -5.39 -3.96
N GLY A 157 -10.82 -5.33 -3.79
CA GLY A 157 -11.41 -5.50 -2.46
C GLY A 157 -11.04 -4.42 -1.46
N ARG A 158 -10.50 -3.31 -1.97
CA ARG A 158 -10.08 -2.19 -1.12
C ARG A 158 -10.45 -0.88 -1.79
N ALA A 159 -10.07 0.22 -1.16
CA ALA A 159 -10.35 1.54 -1.72
C ALA A 159 -9.23 1.95 -2.68
N ALA A 160 -9.53 1.94 -3.96
CA ALA A 160 -8.56 2.29 -4.98
C ALA A 160 -9.01 3.51 -5.75
N CYS A 161 -8.04 4.22 -6.33
CA CYS A 161 -8.30 5.46 -7.06
C CYS A 161 -9.01 6.44 -6.14
N VAL A 162 -8.44 6.62 -4.95
CA VAL A 162 -8.99 7.52 -3.94
C VAL A 162 -8.75 8.97 -4.35
N ASN A 163 -9.82 9.67 -4.69
CA ASN A 163 -9.71 11.08 -5.06
C ASN A 163 -10.50 11.93 -4.08
N ALA A 164 -9.83 12.91 -3.49
CA ALA A 164 -10.48 13.87 -2.60
C ALA A 164 -11.48 14.71 -3.38
N VAL A 165 -12.75 14.67 -2.99
CA VAL A 165 -13.80 15.37 -3.72
C VAL A 165 -14.62 16.25 -2.78
N ARG A 166 -14.99 17.43 -3.26
CA ARG A 166 -15.84 18.33 -2.50
C ARG A 166 -17.22 18.41 -3.15
N GLN A 167 -18.24 18.08 -2.38
CA GLN A 167 -19.60 18.19 -2.88
C GLN A 167 -20.23 19.47 -2.35
N LYS A 168 -21.26 19.91 -3.02
CA LYS A 168 -21.92 21.16 -2.68
C LYS A 168 -23.32 20.90 -2.17
N GLY A 1 8.98 -34.94 -9.16
CA GLY A 1 8.65 -34.35 -10.44
C GLY A 1 7.66 -33.22 -10.31
N ALA A 2 7.19 -32.99 -9.10
CA ALA A 2 6.21 -31.94 -8.82
C ALA A 2 6.01 -31.81 -7.32
N GLY A 3 5.95 -30.57 -6.85
CA GLY A 3 5.79 -30.35 -5.42
C GLY A 3 6.79 -29.35 -4.90
N SER A 4 6.88 -28.22 -5.57
CA SER A 4 7.76 -27.14 -5.17
C SER A 4 7.16 -25.80 -5.58
N ASP A 5 6.93 -24.95 -4.61
CA ASP A 5 6.36 -23.63 -4.88
C ASP A 5 7.39 -22.55 -4.56
N ALA A 6 8.04 -22.06 -5.60
CA ALA A 6 9.10 -21.08 -5.44
C ALA A 6 9.32 -20.34 -6.75
N GLY A 7 10.40 -19.56 -6.83
CA GLY A 7 10.67 -18.78 -8.02
C GLY A 7 9.74 -17.60 -8.13
N GLN A 8 9.20 -17.17 -6.99
CA GLN A 8 8.24 -16.09 -6.95
C GLN A 8 8.91 -14.76 -6.67
N VAL A 9 8.83 -13.87 -7.64
CA VAL A 9 9.24 -12.49 -7.45
C VAL A 9 8.00 -11.65 -7.27
N TYR A 10 7.94 -10.97 -6.15
CA TYR A 10 6.75 -10.21 -5.78
C TYR A 10 6.94 -8.75 -6.13
N ARG A 11 5.86 -8.05 -6.33
CA ARG A 11 5.94 -6.65 -6.65
C ARG A 11 5.04 -5.84 -5.73
N GLY A 12 5.51 -4.67 -5.37
CA GLY A 12 4.78 -3.82 -4.47
C GLY A 12 5.13 -2.38 -4.70
N PHE A 13 4.66 -1.51 -3.83
CA PHE A 13 4.88 -0.09 -4.02
C PHE A 13 5.38 0.56 -2.73
N ILE A 14 6.31 1.48 -2.89
CA ILE A 14 6.96 2.13 -1.77
C ILE A 14 5.99 2.98 -0.97
N ALA A 15 5.88 2.68 0.33
CA ALA A 15 5.03 3.45 1.22
C ALA A 15 5.86 4.14 2.31
N VAL A 16 7.08 3.66 2.53
CA VAL A 16 7.98 4.26 3.52
C VAL A 16 9.40 4.43 2.96
N MET A 17 9.91 5.66 2.97
CA MET A 17 11.25 5.93 2.45
C MET A 17 12.19 6.46 3.53
N LYS A 18 13.17 5.65 3.89
CA LYS A 18 14.31 6.13 4.67
C LYS A 18 15.55 6.06 3.81
N GLU A 19 16.65 6.60 4.30
CA GLU A 19 17.92 6.49 3.58
C GLU A 19 18.59 5.14 3.87
N ASN A 20 18.28 4.56 5.02
CA ASN A 20 18.87 3.27 5.39
C ASN A 20 17.96 2.10 4.96
N PHE A 21 16.68 2.18 5.31
CA PHE A 21 15.77 1.07 5.05
C PHE A 21 14.34 1.56 4.89
N GLY A 22 13.55 0.84 4.12
CA GLY A 22 12.19 1.23 3.86
C GLY A 22 11.23 0.09 4.05
N PHE A 23 9.96 0.37 3.82
CA PHE A 23 8.92 -0.63 3.97
C PHE A 23 8.03 -0.62 2.74
N ILE A 24 7.59 -1.79 2.31
CA ILE A 24 6.91 -1.93 1.03
C ILE A 24 5.55 -2.59 1.20
N GLU A 25 4.52 -1.87 0.80
CA GLU A 25 3.17 -2.39 0.74
C GLU A 25 3.08 -3.40 -0.40
N THR A 26 2.57 -4.59 -0.10
CA THR A 26 2.53 -5.67 -1.07
C THR A 26 1.35 -5.52 -2.00
N LEU A 27 1.49 -6.05 -3.22
CA LEU A 27 0.47 -5.94 -4.26
C LEU A 27 -0.91 -6.33 -3.74
N SER A 28 -0.96 -7.46 -3.06
CA SER A 28 -2.22 -8.02 -2.61
C SER A 28 -2.40 -7.81 -1.11
N HIS A 29 -1.67 -6.82 -0.56
CA HIS A 29 -1.67 -6.51 0.89
C HIS A 29 -1.67 -7.77 1.75
N ASP A 30 -0.79 -8.69 1.40
CA ASP A 30 -0.69 -9.96 2.11
C ASP A 30 0.11 -9.80 3.39
N GLU A 31 1.19 -9.03 3.28
CA GLU A 31 2.05 -8.74 4.42
C GLU A 31 2.87 -7.48 4.13
N GLU A 32 3.70 -7.10 5.09
CA GLU A 32 4.53 -5.91 4.95
C GLU A 32 6.00 -6.35 4.92
N VAL A 33 6.76 -5.83 3.96
CA VAL A 33 8.10 -6.33 3.73
C VAL A 33 9.17 -5.29 4.06
N PHE A 34 9.93 -5.57 5.11
CA PHE A 34 11.07 -4.76 5.48
C PHE A 34 12.21 -4.96 4.48
N PHE A 35 12.61 -3.87 3.83
CA PHE A 35 13.73 -3.91 2.92
C PHE A 35 14.78 -2.87 3.30
N HIS A 36 16.05 -3.28 3.28
CA HIS A 36 17.14 -2.38 3.60
C HIS A 36 17.75 -1.86 2.29
N PHE A 37 17.68 -0.55 2.08
CA PHE A 37 18.10 0.07 0.81
C PHE A 37 19.56 -0.21 0.48
N SER A 38 20.32 -0.62 1.50
CA SER A 38 21.71 -1.02 1.31
C SER A 38 21.82 -2.14 0.27
N ASN A 39 20.75 -2.91 0.10
CA ASN A 39 20.76 -4.02 -0.86
C ASN A 39 19.91 -3.69 -2.09
N TYR A 40 19.75 -2.40 -2.36
CA TYR A 40 18.92 -1.95 -3.47
C TYR A 40 19.72 -1.87 -4.77
N MET A 41 19.03 -2.03 -5.89
CA MET A 41 19.65 -1.93 -7.19
C MET A 41 19.03 -0.75 -7.96
N GLY A 42 19.81 0.29 -8.16
CA GLY A 42 19.33 1.44 -8.88
C GLY A 42 19.68 2.74 -8.19
N ASN A 43 18.74 3.68 -8.19
CA ASN A 43 18.95 4.98 -7.55
C ASN A 43 17.90 5.23 -6.49
N PRO A 44 18.23 5.01 -5.22
CA PRO A 44 17.29 5.21 -4.11
C PRO A 44 16.99 6.69 -3.86
N ASN A 45 17.89 7.55 -4.31
CA ASN A 45 17.76 8.98 -4.10
C ASN A 45 16.70 9.58 -5.02
N TRP A 46 16.25 8.78 -6.00
CA TRP A 46 15.22 9.24 -6.92
C TRP A 46 13.91 8.50 -6.67
N LEU A 47 13.82 7.85 -5.51
CA LEU A 47 12.62 7.15 -5.12
C LEU A 47 11.71 8.03 -4.27
N GLU A 48 10.44 7.68 -4.23
CA GLU A 48 9.47 8.38 -3.39
C GLU A 48 8.24 7.50 -3.22
N LEU A 49 7.30 7.95 -2.40
CA LEU A 49 6.14 7.14 -2.04
C LEU A 49 5.17 7.03 -3.21
N GLY A 50 4.89 5.79 -3.61
CA GLY A 50 3.96 5.58 -4.71
C GLY A 50 4.61 4.89 -5.90
N GLN A 51 5.92 4.67 -5.83
CA GLN A 51 6.63 4.01 -6.91
C GLN A 51 6.59 2.48 -6.75
N GLU A 52 6.27 1.80 -7.83
CA GLU A 52 6.26 0.34 -7.86
C GLU A 52 7.65 -0.23 -8.06
N VAL A 53 7.92 -1.36 -7.40
CA VAL A 53 9.20 -2.06 -7.53
C VAL A 53 8.97 -3.57 -7.53
N GLU A 54 9.87 -4.32 -8.16
CA GLU A 54 9.79 -5.77 -8.18
C GLU A 54 10.95 -6.35 -7.40
N TYR A 55 10.69 -7.38 -6.60
CA TYR A 55 11.73 -7.93 -5.75
C TYR A 55 11.36 -9.31 -5.20
N THR A 56 12.37 -10.03 -4.71
CA THR A 56 12.16 -11.36 -4.18
C THR A 56 12.43 -11.37 -2.68
N LEU A 57 11.72 -12.21 -1.94
CA LEU A 57 11.94 -12.30 -0.50
C LEU A 57 13.25 -13.00 -0.21
N ALA A 58 14.00 -12.44 0.73
CA ALA A 58 15.31 -12.97 1.08
C ALA A 58 15.16 -14.28 1.82
N ARG A 59 14.41 -14.23 2.91
CA ARG A 59 14.24 -15.38 3.81
C ARG A 59 15.58 -15.76 4.45
N ASN A 60 16.55 -14.86 4.32
CA ASN A 60 17.87 -15.05 4.90
C ASN A 60 17.73 -15.13 6.42
N GLY A 61 18.51 -16.01 7.03
CA GLY A 61 18.36 -16.27 8.44
C GLY A 61 17.56 -17.53 8.68
N ASN A 62 16.56 -17.74 7.81
CA ASN A 62 15.73 -18.96 7.82
C ASN A 62 14.95 -19.11 9.12
N THR A 63 14.91 -18.06 9.90
CA THR A 63 14.30 -18.07 11.22
C THR A 63 14.15 -16.65 11.74
N SER A 64 12.94 -16.30 12.14
CA SER A 64 12.65 -14.99 12.72
C SER A 64 13.19 -14.86 14.15
N VAL A 65 14.22 -15.63 14.47
CA VAL A 65 14.82 -15.61 15.80
C VAL A 65 15.73 -14.39 15.96
N SER A 66 16.17 -13.82 14.85
CA SER A 66 17.01 -12.65 14.85
C SER A 66 16.18 -11.40 14.53
N GLY A 67 14.87 -11.58 14.47
CA GLY A 67 13.97 -10.50 14.11
C GLY A 67 12.70 -11.03 13.50
N ASN A 68 11.57 -10.49 13.93
CA ASN A 68 10.26 -10.94 13.46
C ASN A 68 10.17 -10.95 11.93
N CYS A 69 10.48 -9.81 11.32
CA CYS A 69 10.41 -9.70 9.87
C CYS A 69 11.78 -9.88 9.24
N LEU A 70 11.81 -10.39 8.01
CA LEU A 70 13.05 -10.62 7.30
C LEU A 70 13.25 -9.56 6.22
N PRO A 71 14.52 -9.27 5.86
CA PRO A 71 14.85 -8.32 4.80
C PRO A 71 14.46 -8.86 3.42
N ALA A 72 14.62 -8.03 2.39
CA ALA A 72 14.33 -8.44 1.02
C ALA A 72 15.59 -8.39 0.16
N GLU A 73 15.58 -9.12 -0.95
CA GLU A 73 16.76 -9.21 -1.83
C GLU A 73 16.40 -8.92 -3.28
N ASN A 74 17.34 -8.29 -3.97
CA ASN A 74 17.21 -7.95 -5.40
C ASN A 74 15.95 -7.14 -5.67
N VAL A 75 16.05 -5.84 -5.50
CA VAL A 75 14.91 -4.95 -5.73
C VAL A 75 15.18 -4.01 -6.89
N ARG A 76 14.35 -4.08 -7.92
CA ARG A 76 14.46 -3.21 -9.07
C ARG A 76 13.18 -2.41 -9.22
N MET A 77 13.21 -1.36 -10.02
CA MET A 77 12.04 -0.52 -10.22
C MET A 77 11.11 -1.15 -11.26
N LEU A 78 9.82 -0.99 -11.04
CA LEU A 78 8.83 -1.62 -11.89
C LEU A 78 7.91 -0.55 -12.50
N PRO A 79 7.73 -0.59 -13.84
CA PRO A 79 6.82 0.34 -14.52
C PRO A 79 5.37 0.17 -14.10
N LYS A 80 4.58 1.24 -14.23
CA LYS A 80 3.16 1.22 -13.88
C LYS A 80 2.38 0.24 -14.76
N ASN A 81 1.13 -0.01 -14.36
CA ASN A 81 0.23 -0.92 -15.08
C ASN A 81 0.59 -2.38 -14.80
N SER A 82 1.59 -2.58 -13.95
CA SER A 82 1.96 -3.91 -13.48
C SER A 82 1.12 -4.26 -12.26
N ILE A 83 0.43 -3.25 -11.76
CA ILE A 83 -0.46 -3.39 -10.63
C ILE A 83 -1.89 -3.47 -11.14
N PRO A 84 -2.68 -4.44 -10.66
CA PRO A 84 -4.09 -4.59 -11.09
C PRO A 84 -4.93 -3.40 -10.64
N GLN A 85 -5.85 -2.97 -11.49
CA GLN A 85 -6.69 -1.84 -11.16
C GLN A 85 -8.17 -2.19 -11.35
N PRO A 86 -9.03 -1.66 -10.47
CA PRO A 86 -10.46 -1.96 -10.47
C PRO A 86 -11.16 -1.49 -11.73
N ALA A 87 -12.10 -2.29 -12.21
CA ALA A 87 -12.86 -1.93 -13.39
C ALA A 87 -14.22 -1.39 -12.98
N VAL A 88 -14.30 -0.08 -12.86
CA VAL A 88 -15.51 0.61 -12.48
C VAL A 88 -15.64 1.90 -13.29
N LEU A 89 -16.82 2.19 -13.79
CA LEU A 89 -16.99 3.32 -14.69
C LEU A 89 -17.13 4.64 -13.94
N GLU A 90 -18.15 4.76 -13.10
CA GLU A 90 -18.41 6.01 -12.42
C GLU A 90 -17.71 6.06 -11.07
N THR A 91 -18.00 5.05 -10.25
CA THR A 91 -17.47 4.97 -8.89
C THR A 91 -18.25 3.90 -8.13
N THR A 92 -17.70 3.41 -7.03
CA THR A 92 -18.38 2.40 -6.26
C THR A 92 -18.96 3.00 -4.97
N HIS A 93 -18.12 3.72 -4.23
CA HIS A 93 -18.54 4.28 -2.94
C HIS A 93 -17.89 5.63 -2.70
N ASN A 94 -18.62 6.51 -2.04
CA ASN A 94 -18.06 7.78 -1.58
C ASN A 94 -18.05 7.75 -0.06
N GLY A 95 -17.09 8.41 0.56
CA GLY A 95 -17.02 8.33 2.01
C GLY A 95 -16.16 9.40 2.62
N VAL A 96 -15.79 9.19 3.87
CA VAL A 96 -14.99 10.14 4.61
C VAL A 96 -13.87 9.40 5.33
N VAL A 97 -12.72 10.05 5.47
CA VAL A 97 -11.61 9.49 6.23
C VAL A 97 -12.05 9.22 7.67
N ALA A 98 -12.02 7.95 8.08
CA ALA A 98 -12.57 7.55 9.37
C ALA A 98 -11.54 7.69 10.49
N ARG A 99 -10.40 7.03 10.34
CA ARG A 99 -9.38 7.03 11.38
C ARG A 99 -7.98 7.17 10.80
N PRO A 100 -7.35 8.33 11.00
CA PRO A 100 -5.97 8.57 10.59
C PRO A 100 -4.96 7.92 11.53
N LEU A 101 -3.71 7.91 11.13
CA LEU A 101 -2.66 7.26 11.93
C LEU A 101 -2.08 8.24 12.94
N ARG A 102 -2.67 8.33 14.12
CA ARG A 102 -2.07 9.13 15.18
C ARG A 102 -1.30 8.22 16.12
N CYS A 103 -2.02 7.34 16.80
CA CYS A 103 -1.42 6.38 17.73
C CYS A 103 -1.19 5.03 17.05
N ILE A 104 -1.41 4.97 15.74
CA ILE A 104 -1.42 3.70 15.04
C ILE A 104 -0.01 3.15 14.86
N ASN A 105 0.92 4.01 14.41
CA ASN A 105 2.32 3.62 14.23
C ASN A 105 2.47 2.49 13.20
N PRO A 106 3.72 2.18 12.78
CA PRO A 106 4.01 0.95 12.03
C PRO A 106 3.90 -0.28 12.92
N ASP A 107 3.55 -0.06 14.18
CA ASP A 107 3.42 -1.13 15.16
C ASP A 107 2.10 -1.88 14.97
N GLN A 108 1.06 -1.16 14.56
CA GLN A 108 -0.25 -1.75 14.37
C GLN A 108 -0.58 -1.90 12.88
N GLN A 109 -1.40 -2.91 12.57
CA GLN A 109 -1.74 -3.25 11.18
C GLN A 109 -2.62 -2.18 10.52
N GLU A 110 -3.17 -1.27 11.31
CA GLU A 110 -4.06 -0.24 10.79
C GLU A 110 -3.28 0.87 10.06
N TYR A 111 -2.01 0.58 9.77
CA TYR A 111 -1.13 1.53 9.11
C TYR A 111 -1.68 1.99 7.75
N ALA A 112 -2.38 1.09 7.06
CA ALA A 112 -2.86 1.39 5.72
C ALA A 112 -3.95 2.48 5.76
N GLY A 113 -4.61 2.61 6.90
CA GLY A 113 -5.66 3.62 7.03
C GLY A 113 -7.00 3.12 6.56
N LEU A 114 -8.07 3.69 7.10
CA LEU A 114 -9.41 3.19 6.80
C LEU A 114 -10.41 4.32 6.60
N ILE A 115 -11.30 4.10 5.65
CA ILE A 115 -12.36 5.06 5.29
C ILE A 115 -13.72 4.52 5.72
N GLU A 116 -14.60 5.41 6.18
CA GLU A 116 -15.95 5.00 6.56
C GLU A 116 -16.84 4.96 5.32
N ILE A 117 -17.48 3.82 5.12
CA ILE A 117 -18.26 3.57 3.92
C ILE A 117 -19.73 3.66 4.25
N LEU A 118 -20.46 4.46 3.47
CA LEU A 118 -21.86 4.71 3.74
C LEU A 118 -22.73 3.62 3.12
N ASP A 119 -23.92 3.44 3.64
CA ASP A 119 -24.91 2.57 3.02
C ASP A 119 -25.16 3.03 1.59
N GLU A 120 -25.59 2.12 0.74
CA GLU A 120 -25.89 2.48 -0.64
C GLU A 120 -27.05 3.47 -0.70
N LEU A 121 -27.85 3.49 0.36
CA LEU A 121 -28.95 4.43 0.46
C LEU A 121 -28.53 5.67 1.26
N ARG A 122 -27.30 5.63 1.76
CA ARG A 122 -26.74 6.65 2.65
C ARG A 122 -27.51 6.71 3.96
N THR A 123 -27.06 5.93 4.92
CA THR A 123 -27.68 5.91 6.24
C THR A 123 -26.62 5.99 7.33
N THR A 124 -25.78 4.96 7.39
CA THR A 124 -24.74 4.85 8.39
C THR A 124 -23.45 4.34 7.75
N VAL A 125 -22.48 3.98 8.59
CA VAL A 125 -21.24 3.38 8.12
C VAL A 125 -21.38 1.86 8.13
N ILE A 126 -20.94 1.21 7.05
CA ILE A 126 -21.06 -0.23 6.95
C ILE A 126 -19.99 -0.93 7.78
N SER A 127 -18.74 -0.86 7.34
CA SER A 127 -17.63 -1.33 8.14
C SER A 127 -16.43 -0.40 8.03
N GLN A 128 -15.65 -0.63 6.98
CA GLN A 128 -14.39 0.07 6.75
C GLN A 128 -13.81 -0.33 5.40
N HIS A 129 -13.27 0.61 4.65
CA HIS A 129 -12.48 0.26 3.48
C HIS A 129 -11.07 0.76 3.64
N GLU A 130 -10.13 -0.05 3.22
CA GLU A 130 -8.73 0.24 3.37
C GLU A 130 -8.19 0.91 2.10
N PHE A 131 -7.26 1.84 2.25
CA PHE A 131 -6.71 2.52 1.09
C PHE A 131 -5.22 2.24 0.95
N GLY A 132 -4.65 2.65 -0.17
CA GLY A 132 -3.26 2.35 -0.46
C GLY A 132 -2.54 3.56 -1.02
N ILE A 133 -1.23 3.62 -0.78
CA ILE A 133 -0.40 4.72 -1.29
C ILE A 133 -0.61 4.95 -2.78
N THR A 134 -0.96 3.88 -3.50
CA THR A 134 -1.20 3.96 -4.93
C THR A 134 -2.53 4.63 -5.23
N SER A 135 -3.52 4.37 -4.41
CA SER A 135 -4.85 4.94 -4.62
C SER A 135 -4.94 6.31 -3.96
N LEU A 136 -3.95 6.64 -3.14
CA LEU A 136 -3.86 7.96 -2.54
C LEU A 136 -3.41 9.01 -3.57
N VAL A 137 -4.19 9.15 -4.64
CA VAL A 137 -3.91 10.11 -5.69
C VAL A 137 -3.61 11.50 -5.10
N ASN A 138 -4.44 11.91 -4.14
CA ASN A 138 -4.29 13.21 -3.50
C ASN A 138 -3.31 13.16 -2.34
N LYS A 139 -2.30 12.30 -2.43
CA LYS A 139 -1.28 12.17 -1.38
C LYS A 139 -0.54 13.49 -1.16
N ARG A 140 -0.59 14.35 -2.17
CA ARG A 140 0.04 15.66 -2.10
C ARG A 140 -0.77 16.63 -1.27
N ASP A 141 -2.06 16.34 -1.10
CA ASP A 141 -2.96 17.22 -0.37
C ASP A 141 -2.98 16.87 1.10
N LEU A 142 -3.70 17.66 1.88
CA LEU A 142 -3.88 17.41 3.30
C LEU A 142 -5.25 16.78 3.54
N LEU A 143 -5.25 15.47 3.73
CA LEU A 143 -6.50 14.74 3.91
C LEU A 143 -6.55 14.14 5.31
N GLN A 144 -7.49 14.62 6.12
CA GLN A 144 -7.63 14.15 7.48
C GLN A 144 -9.04 13.65 7.74
N LYS A 145 -9.35 13.31 8.98
CA LYS A 145 -10.67 12.81 9.32
C LYS A 145 -11.71 13.90 9.11
N GLY A 146 -12.83 13.54 8.52
CA GLY A 146 -13.87 14.50 8.24
C GLY A 146 -13.87 14.94 6.80
N ASP A 147 -12.82 14.55 6.07
CA ASP A 147 -12.73 14.90 4.65
C ASP A 147 -13.39 13.86 3.79
N LEU A 148 -13.93 14.35 2.71
CA LEU A 148 -14.82 13.61 1.85
C LEU A 148 -14.04 13.06 0.66
N VAL A 149 -14.15 11.76 0.41
CA VAL A 149 -13.43 11.14 -0.69
C VAL A 149 -14.35 10.31 -1.58
N SER A 150 -13.97 10.18 -2.84
CA SER A 150 -14.66 9.30 -3.76
C SER A 150 -13.69 8.24 -4.25
N PHE A 151 -14.14 6.98 -4.28
CA PHE A 151 -13.27 5.87 -4.63
C PHE A 151 -14.07 4.72 -5.21
N ARG A 152 -13.39 3.80 -5.90
CA ARG A 152 -14.06 2.63 -6.41
C ARG A 152 -13.33 1.35 -6.06
N ILE A 153 -14.05 0.46 -5.41
CA ILE A 153 -13.55 -0.84 -5.01
C ILE A 153 -14.03 -1.92 -5.99
N ASP A 154 -13.09 -2.73 -6.48
CA ASP A 154 -13.44 -3.82 -7.41
C ASP A 154 -12.32 -4.87 -7.46
N GLU A 155 -11.33 -4.69 -8.33
CA GLU A 155 -10.22 -5.63 -8.45
C GLU A 155 -9.17 -5.39 -7.38
N SER A 156 -9.19 -4.19 -6.82
CA SER A 156 -8.24 -3.84 -5.78
C SER A 156 -8.71 -4.37 -4.43
N GLY A 157 -10.00 -4.71 -4.35
CA GLY A 157 -10.60 -5.18 -3.11
C GLY A 157 -10.43 -4.20 -1.96
N ARG A 158 -10.11 -2.96 -2.31
CA ARG A 158 -9.91 -1.89 -1.34
C ARG A 158 -10.36 -0.60 -1.97
N ALA A 159 -10.15 0.51 -1.29
CA ALA A 159 -10.56 1.80 -1.83
C ALA A 159 -9.48 2.33 -2.78
N ALA A 160 -9.80 2.30 -4.07
CA ALA A 160 -8.85 2.73 -5.09
C ALA A 160 -9.36 3.95 -5.82
N CYS A 161 -8.45 4.68 -6.46
CA CYS A 161 -8.77 5.92 -7.15
C CYS A 161 -9.36 6.92 -6.16
N VAL A 162 -8.75 6.97 -4.97
CA VAL A 162 -9.21 7.85 -3.91
C VAL A 162 -9.04 9.31 -4.31
N ASN A 163 -10.15 9.96 -4.57
CA ASN A 163 -10.15 11.36 -4.95
C ASN A 163 -10.86 12.18 -3.88
N ALA A 164 -10.09 13.00 -3.17
CA ALA A 164 -10.65 13.95 -2.21
C ALA A 164 -11.60 14.91 -2.91
N VAL A 165 -12.84 14.92 -2.46
CA VAL A 165 -13.86 15.75 -3.08
C VAL A 165 -14.15 16.97 -2.21
N ARG A 166 -13.75 18.12 -2.70
CA ARG A 166 -14.04 19.36 -2.00
C ARG A 166 -15.46 19.79 -2.31
N GLN A 167 -16.28 19.82 -1.28
CA GLN A 167 -17.68 20.16 -1.45
C GLN A 167 -17.88 21.65 -1.27
N LYS A 168 -18.57 22.25 -2.21
CA LYS A 168 -18.83 23.68 -2.21
C LYS A 168 -19.69 24.09 -1.02
N GLY A 1 -0.42 -32.16 -4.37
CA GLY A 1 0.85 -32.47 -4.98
C GLY A 1 2.01 -31.78 -4.29
N ALA A 2 2.13 -30.48 -4.52
CA ALA A 2 3.18 -29.69 -3.90
C ALA A 2 2.66 -28.33 -3.48
N GLY A 3 2.97 -27.95 -2.25
CA GLY A 3 2.57 -26.66 -1.75
C GLY A 3 3.73 -25.92 -1.12
N SER A 4 4.55 -25.30 -1.95
CA SER A 4 5.71 -24.60 -1.47
C SER A 4 6.03 -23.42 -2.38
N ASP A 5 5.95 -22.21 -1.83
CA ASP A 5 6.22 -21.00 -2.60
C ASP A 5 7.72 -20.74 -2.63
N ALA A 6 8.32 -20.91 -3.80
CA ALA A 6 9.76 -20.75 -3.94
C ALA A 6 10.11 -20.06 -5.25
N GLY A 7 10.98 -19.06 -5.18
CA GLY A 7 11.41 -18.37 -6.37
C GLY A 7 10.33 -17.46 -6.92
N GLN A 8 9.41 -17.05 -6.07
CA GLN A 8 8.32 -16.19 -6.49
C GLN A 8 8.66 -14.73 -6.28
N VAL A 9 8.72 -14.01 -7.38
CA VAL A 9 9.03 -12.59 -7.34
C VAL A 9 7.77 -11.79 -7.04
N TYR A 10 7.81 -11.03 -5.97
CA TYR A 10 6.64 -10.32 -5.50
C TYR A 10 6.66 -8.89 -5.99
N ARG A 11 5.50 -8.40 -6.37
CA ARG A 11 5.37 -7.05 -6.89
C ARG A 11 4.82 -6.13 -5.81
N GLY A 12 5.15 -4.85 -5.91
CA GLY A 12 4.63 -3.87 -4.97
C GLY A 12 5.01 -2.47 -5.38
N PHE A 13 4.79 -1.53 -4.50
CA PHE A 13 5.11 -0.13 -4.78
C PHE A 13 5.55 0.59 -3.52
N ILE A 14 6.48 1.52 -3.69
CA ILE A 14 7.03 2.27 -2.56
C ILE A 14 5.95 3.14 -1.92
N ALA A 15 5.57 2.80 -0.69
CA ALA A 15 4.55 3.58 0.01
C ALA A 15 5.19 4.57 0.98
N VAL A 16 6.40 4.27 1.42
CA VAL A 16 7.08 5.10 2.39
C VAL A 16 8.60 4.93 2.32
N MET A 17 9.32 6.03 2.33
CA MET A 17 10.77 6.00 2.35
C MET A 17 11.28 6.68 3.60
N LYS A 18 11.94 5.93 4.46
CA LYS A 18 12.49 6.47 5.69
C LYS A 18 13.96 6.82 5.49
N GLU A 19 14.67 6.96 6.60
CA GLU A 19 16.08 7.34 6.56
C GLU A 19 16.96 6.16 6.15
N ASN A 20 16.71 5.01 6.76
CA ASN A 20 17.53 3.83 6.49
C ASN A 20 16.74 2.75 5.74
N PHE A 21 15.43 2.77 5.88
CA PHE A 21 14.60 1.71 5.33
C PHE A 21 13.28 2.26 4.81
N GLY A 22 12.40 1.37 4.41
CA GLY A 22 11.07 1.76 4.00
C GLY A 22 10.12 0.58 4.03
N PHE A 23 8.89 0.81 3.63
CA PHE A 23 7.91 -0.26 3.59
C PHE A 23 7.31 -0.37 2.20
N ILE A 24 7.28 -1.57 1.66
CA ILE A 24 6.66 -1.81 0.37
C ILE A 24 5.28 -2.39 0.57
N GLU A 25 4.29 -1.76 -0.03
CA GLU A 25 2.95 -2.30 0.02
C GLU A 25 2.86 -3.44 -0.98
N THR A 26 2.39 -4.58 -0.50
CA THR A 26 2.27 -5.77 -1.30
C THR A 26 1.26 -5.54 -2.43
N LEU A 27 1.58 -6.06 -3.61
CA LEU A 27 0.66 -5.99 -4.74
C LEU A 27 -0.66 -6.66 -4.36
N SER A 28 -0.54 -7.72 -3.59
CA SER A 28 -1.68 -8.48 -3.13
C SER A 28 -2.34 -7.85 -1.89
N HIS A 29 -1.89 -6.65 -1.50
CA HIS A 29 -2.46 -5.88 -0.38
C HIS A 29 -2.77 -6.77 0.82
N ASP A 30 -1.77 -7.51 1.25
CA ASP A 30 -1.96 -8.48 2.31
C ASP A 30 -1.24 -8.06 3.59
N GLU A 31 -0.03 -7.57 3.46
CA GLU A 31 0.79 -7.26 4.62
C GLU A 31 1.79 -6.16 4.31
N GLU A 32 2.50 -5.73 5.35
CA GLU A 32 3.46 -4.65 5.24
C GLU A 32 4.87 -5.22 5.20
N VAL A 33 5.63 -4.86 4.19
CA VAL A 33 6.96 -5.41 4.01
C VAL A 33 8.04 -4.40 4.38
N PHE A 34 8.88 -4.78 5.34
CA PHE A 34 10.04 -3.99 5.69
C PHE A 34 11.17 -4.29 4.72
N PHE A 35 11.56 -3.30 3.94
CA PHE A 35 12.70 -3.47 3.07
C PHE A 35 13.78 -2.47 3.46
N HIS A 36 15.02 -2.93 3.48
CA HIS A 36 16.14 -2.09 3.86
C HIS A 36 16.86 -1.61 2.59
N PHE A 37 17.06 -0.30 2.48
CA PHE A 37 17.69 0.29 1.29
C PHE A 37 19.08 -0.30 1.03
N SER A 38 19.71 -0.85 2.06
CA SER A 38 21.02 -1.46 1.93
C SER A 38 20.97 -2.77 1.14
N ASN A 39 19.76 -3.25 0.86
CA ASN A 39 19.57 -4.49 0.11
C ASN A 39 18.86 -4.19 -1.20
N TYR A 40 18.93 -2.93 -1.62
CA TYR A 40 18.28 -2.47 -2.84
C TYR A 40 19.32 -2.31 -3.95
N MET A 41 18.98 -2.71 -5.17
CA MET A 41 19.88 -2.53 -6.29
C MET A 41 19.34 -1.47 -7.24
N GLY A 42 20.24 -0.60 -7.69
CA GLY A 42 19.84 0.52 -8.51
C GLY A 42 20.19 1.83 -7.84
N ASN A 43 19.29 2.81 -7.92
CA ASN A 43 19.50 4.09 -7.26
C ASN A 43 18.28 4.44 -6.41
N PRO A 44 18.40 4.32 -5.08
CA PRO A 44 17.27 4.55 -4.15
C PRO A 44 16.83 6.00 -4.13
N ASN A 45 17.78 6.90 -4.36
CA ASN A 45 17.50 8.33 -4.34
C ASN A 45 16.58 8.75 -5.47
N TRP A 46 16.46 7.91 -6.49
CA TRP A 46 15.62 8.21 -7.63
C TRP A 46 14.26 7.53 -7.51
N LEU A 47 13.99 7.00 -6.32
CA LEU A 47 12.70 6.40 -6.03
C LEU A 47 11.73 7.44 -5.51
N GLU A 48 10.45 7.24 -5.78
CA GLU A 48 9.41 8.13 -5.31
C GLU A 48 8.27 7.32 -4.70
N LEU A 49 7.37 7.98 -3.97
CA LEU A 49 6.25 7.29 -3.35
C LEU A 49 5.20 6.97 -4.40
N GLY A 50 4.98 5.68 -4.62
CA GLY A 50 4.04 5.25 -5.64
C GLY A 50 4.73 4.51 -6.76
N GLN A 51 6.06 4.50 -6.73
CA GLN A 51 6.85 3.84 -7.77
C GLN A 51 6.74 2.33 -7.65
N GLU A 52 6.25 1.71 -8.72
CA GLU A 52 6.16 0.26 -8.82
C GLU A 52 7.54 -0.39 -8.83
N VAL A 53 7.68 -1.45 -8.03
CA VAL A 53 8.92 -2.22 -7.95
C VAL A 53 8.61 -3.71 -7.73
N GLU A 54 9.60 -4.56 -7.91
CA GLU A 54 9.44 -5.99 -7.63
C GLU A 54 10.67 -6.52 -6.88
N TYR A 55 10.46 -7.54 -6.06
CA TYR A 55 11.53 -8.02 -5.18
C TYR A 55 11.20 -9.40 -4.62
N THR A 56 12.12 -9.91 -3.80
CA THR A 56 11.94 -11.22 -3.17
C THR A 56 12.13 -11.12 -1.67
N LEU A 57 11.44 -11.99 -0.93
CA LEU A 57 11.49 -11.97 0.53
C LEU A 57 12.63 -12.84 1.05
N ALA A 58 13.27 -12.37 2.11
CA ALA A 58 14.36 -13.12 2.71
C ALA A 58 13.81 -14.13 3.73
N ARG A 59 13.29 -15.23 3.21
CA ARG A 59 12.74 -16.30 4.05
C ARG A 59 13.75 -17.43 4.13
N ASN A 60 14.94 -17.18 3.62
CA ASN A 60 15.98 -18.19 3.50
C ASN A 60 16.59 -18.52 4.86
N GLY A 61 16.47 -19.77 5.26
CA GLY A 61 17.09 -20.23 6.48
C GLY A 61 16.28 -19.90 7.71
N ASN A 62 16.94 -19.35 8.72
CA ASN A 62 16.30 -19.01 9.98
C ASN A 62 16.35 -17.50 10.20
N THR A 63 16.41 -16.77 9.09
CA THR A 63 16.59 -15.32 9.12
C THR A 63 15.32 -14.60 9.54
N SER A 64 15.09 -14.58 10.85
CA SER A 64 14.00 -13.82 11.46
C SER A 64 12.63 -14.37 11.04
N VAL A 65 12.63 -15.61 10.54
CA VAL A 65 11.40 -16.25 10.09
C VAL A 65 10.43 -16.45 11.26
N SER A 66 10.99 -16.56 12.46
CA SER A 66 10.19 -16.75 13.66
C SER A 66 10.18 -15.47 14.51
N GLY A 67 10.50 -14.35 13.87
CA GLY A 67 10.52 -13.08 14.57
C GLY A 67 9.30 -12.24 14.28
N ASN A 68 9.52 -10.97 13.98
CA ASN A 68 8.42 -10.07 13.65
C ASN A 68 8.48 -9.67 12.19
N CYS A 69 9.53 -8.98 11.83
CA CYS A 69 9.71 -8.52 10.46
C CYS A 69 11.08 -8.90 9.94
N LEU A 70 11.14 -9.24 8.67
CA LEU A 70 12.39 -9.59 8.01
C LEU A 70 12.58 -8.73 6.77
N PRO A 71 13.84 -8.41 6.44
CA PRO A 71 14.16 -7.57 5.30
C PRO A 71 13.88 -8.24 3.96
N ALA A 72 13.89 -7.44 2.91
CA ALA A 72 13.69 -7.94 1.55
C ALA A 72 15.00 -7.93 0.78
N GLU A 73 15.15 -8.91 -0.11
CA GLU A 73 16.34 -9.00 -0.94
C GLU A 73 16.00 -8.78 -2.41
N ASN A 74 16.99 -8.34 -3.18
CA ASN A 74 16.90 -8.26 -4.64
C ASN A 74 15.78 -7.33 -5.08
N VAL A 75 15.66 -6.20 -4.40
CA VAL A 75 14.66 -5.21 -4.75
C VAL A 75 15.03 -4.53 -6.07
N ARG A 76 14.16 -4.69 -7.06
CA ARG A 76 14.41 -4.15 -8.40
C ARG A 76 13.33 -3.14 -8.76
N MET A 77 13.67 -2.21 -9.65
CA MET A 77 12.67 -1.28 -10.17
C MET A 77 11.80 -1.96 -11.22
N LEU A 78 10.56 -1.54 -11.30
CA LEU A 78 9.63 -2.14 -12.21
C LEU A 78 9.01 -1.04 -13.08
N PRO A 79 8.77 -1.31 -14.37
CA PRO A 79 8.05 -0.38 -15.24
C PRO A 79 6.65 -0.10 -14.71
N LYS A 80 6.25 1.16 -14.77
CA LYS A 80 4.99 1.61 -14.19
C LYS A 80 3.80 1.02 -14.94
N ASN A 81 2.63 1.11 -14.29
CA ASN A 81 1.36 0.64 -14.84
C ASN A 81 1.33 -0.89 -14.89
N SER A 82 2.17 -1.51 -14.07
CA SER A 82 2.20 -2.97 -13.96
C SER A 82 1.21 -3.41 -12.87
N ILE A 83 0.48 -2.45 -12.32
CA ILE A 83 -0.44 -2.71 -11.22
C ILE A 83 -1.88 -2.78 -11.76
N PRO A 84 -2.65 -3.81 -11.38
CA PRO A 84 -4.02 -3.98 -11.86
C PRO A 84 -4.95 -2.92 -11.27
N GLN A 85 -5.92 -2.49 -12.05
CA GLN A 85 -6.82 -1.44 -11.60
C GLN A 85 -8.27 -1.93 -11.59
N PRO A 86 -9.10 -1.40 -10.69
CA PRO A 86 -10.52 -1.73 -10.63
C PRO A 86 -11.29 -1.20 -11.83
N ALA A 87 -12.30 -1.94 -12.26
CA ALA A 87 -13.12 -1.52 -13.38
C ALA A 87 -14.45 -0.99 -12.90
N VAL A 88 -14.54 0.33 -12.75
CA VAL A 88 -15.77 0.97 -12.28
C VAL A 88 -15.98 2.26 -13.06
N LEU A 89 -17.22 2.52 -13.49
CA LEU A 89 -17.45 3.63 -14.40
C LEU A 89 -17.50 4.97 -13.67
N GLU A 90 -18.47 5.15 -12.78
CA GLU A 90 -18.61 6.42 -12.08
C GLU A 90 -17.89 6.38 -10.74
N THR A 91 -18.25 5.40 -9.93
CA THR A 91 -17.68 5.25 -8.59
C THR A 91 -18.34 4.05 -7.91
N THR A 92 -17.75 3.55 -6.84
CA THR A 92 -18.35 2.45 -6.10
C THR A 92 -18.94 2.94 -4.79
N HIS A 93 -18.13 3.63 -4.01
CA HIS A 93 -18.56 4.14 -2.72
C HIS A 93 -18.04 5.55 -2.49
N ASN A 94 -18.76 6.32 -1.71
CA ASN A 94 -18.31 7.65 -1.31
C ASN A 94 -18.47 7.78 0.21
N GLY A 95 -17.41 8.18 0.89
CA GLY A 95 -17.45 8.22 2.33
C GLY A 95 -16.53 9.27 2.91
N VAL A 96 -15.98 8.98 4.07
CA VAL A 96 -15.12 9.92 4.76
C VAL A 96 -13.98 9.17 5.43
N VAL A 97 -12.82 9.83 5.55
CA VAL A 97 -11.67 9.22 6.19
C VAL A 97 -11.99 8.87 7.65
N ALA A 98 -11.73 7.61 8.01
CA ALA A 98 -12.10 7.11 9.33
C ALA A 98 -11.23 7.74 10.40
N ARG A 99 -9.91 7.65 10.21
CA ARG A 99 -8.95 8.23 11.14
C ARG A 99 -7.55 8.19 10.56
N PRO A 100 -6.78 9.28 10.70
CA PRO A 100 -5.38 9.31 10.29
C PRO A 100 -4.51 8.56 11.29
N LEU A 101 -3.66 7.68 10.78
CA LEU A 101 -2.83 6.84 11.64
C LEU A 101 -1.71 7.65 12.31
N ARG A 102 -2.01 8.18 13.49
CA ARG A 102 -0.99 8.90 14.27
C ARG A 102 -0.39 7.99 15.34
N CYS A 103 -1.21 7.57 16.29
CA CYS A 103 -0.74 6.74 17.39
C CYS A 103 -0.90 5.25 17.08
N ILE A 104 -1.20 4.94 15.83
CA ILE A 104 -1.46 3.57 15.41
C ILE A 104 -0.17 2.75 15.36
N ASN A 105 0.97 3.44 15.49
CA ASN A 105 2.30 2.80 15.49
C ASN A 105 2.70 2.35 14.08
N PRO A 106 3.90 2.74 13.64
CA PRO A 106 4.32 2.62 12.23
C PRO A 106 4.77 1.22 11.80
N ASP A 107 4.86 0.28 12.71
CA ASP A 107 5.22 -1.10 12.34
C ASP A 107 4.03 -2.04 12.56
N GLN A 108 2.83 -1.49 12.42
CA GLN A 108 1.60 -2.26 12.57
C GLN A 108 0.85 -2.27 11.24
N GLN A 109 0.13 -3.35 10.94
CA GLN A 109 -0.60 -3.49 9.68
C GLN A 109 -1.63 -2.37 9.45
N GLU A 110 -2.00 -1.67 10.52
CA GLU A 110 -2.98 -0.60 10.43
C GLU A 110 -2.32 0.71 10.02
N TYR A 111 -1.06 0.62 9.64
CA TYR A 111 -0.27 1.79 9.23
C TYR A 111 -0.77 2.40 7.93
N ALA A 112 -1.38 1.60 7.08
CA ALA A 112 -1.82 2.09 5.77
C ALA A 112 -2.96 3.10 5.90
N GLY A 113 -3.72 3.00 6.99
CA GLY A 113 -4.83 3.91 7.20
C GLY A 113 -6.12 3.38 6.58
N LEU A 114 -7.26 3.84 7.06
CA LEU A 114 -8.54 3.29 6.65
C LEU A 114 -9.61 4.36 6.49
N ILE A 115 -10.51 4.12 5.55
CA ILE A 115 -11.63 5.00 5.28
C ILE A 115 -12.92 4.31 5.72
N GLU A 116 -13.85 5.07 6.32
CA GLU A 116 -15.12 4.49 6.74
C GLU A 116 -16.11 4.56 5.58
N ILE A 117 -16.73 3.42 5.28
CA ILE A 117 -17.54 3.29 4.08
C ILE A 117 -19.01 3.32 4.43
N LEU A 118 -19.81 3.98 3.60
CA LEU A 118 -21.23 4.09 3.85
C LEU A 118 -21.95 2.86 3.32
N ASP A 119 -23.00 2.46 4.00
CA ASP A 119 -23.84 1.38 3.50
C ASP A 119 -24.56 1.86 2.24
N GLU A 120 -25.13 0.95 1.49
CA GLU A 120 -25.79 1.28 0.23
C GLU A 120 -27.02 2.15 0.47
N LEU A 121 -27.51 2.13 1.70
CA LEU A 121 -28.65 2.96 2.08
C LEU A 121 -28.17 4.20 2.84
N ARG A 122 -26.86 4.37 2.90
CA ARG A 122 -26.22 5.47 3.60
C ARG A 122 -26.65 5.51 5.07
N THR A 123 -26.08 4.64 5.88
CA THR A 123 -26.35 4.60 7.30
C THR A 123 -25.09 4.89 8.11
N THR A 124 -24.24 3.88 8.26
CA THR A 124 -23.00 4.01 9.01
C THR A 124 -21.86 3.33 8.28
N VAL A 125 -20.70 3.30 8.91
CA VAL A 125 -19.54 2.61 8.38
C VAL A 125 -19.80 1.10 8.29
N ILE A 126 -19.53 0.52 7.11
CA ILE A 126 -19.74 -0.91 6.92
C ILE A 126 -18.65 -1.71 7.64
N SER A 127 -17.44 -1.64 7.11
CA SER A 127 -16.31 -2.29 7.73
C SER A 127 -15.09 -1.37 7.76
N GLN A 128 -14.33 -1.39 6.66
CA GLN A 128 -13.14 -0.58 6.52
C GLN A 128 -12.55 -0.76 5.11
N HIS A 129 -12.12 0.32 4.46
CA HIS A 129 -11.39 0.20 3.21
C HIS A 129 -10.03 0.85 3.34
N GLU A 130 -9.00 0.09 3.01
CA GLU A 130 -7.63 0.57 3.06
C GLU A 130 -7.26 1.22 1.73
N PHE A 131 -6.36 2.21 1.78
CA PHE A 131 -5.99 2.94 0.59
C PHE A 131 -4.50 2.77 0.27
N GLY A 132 -4.18 2.75 -1.01
CA GLY A 132 -2.81 2.55 -1.44
C GLY A 132 -2.13 3.84 -1.85
N ILE A 133 -0.81 3.89 -1.67
CA ILE A 133 -0.02 5.09 -1.99
C ILE A 133 -0.21 5.55 -3.43
N THR A 134 -0.23 4.60 -4.36
CA THR A 134 -0.42 4.91 -5.77
C THR A 134 -1.88 5.21 -6.06
N SER A 135 -2.75 4.71 -5.20
CA SER A 135 -4.19 4.95 -5.30
C SER A 135 -4.53 6.31 -4.71
N LEU A 136 -3.63 6.83 -3.91
CA LEU A 136 -3.77 8.14 -3.27
C LEU A 136 -3.49 9.26 -4.25
N VAL A 137 -4.28 9.32 -5.32
CA VAL A 137 -4.21 10.41 -6.30
C VAL A 137 -4.01 11.77 -5.62
N ASN A 138 -4.73 11.99 -4.53
CA ASN A 138 -4.69 13.26 -3.80
C ASN A 138 -3.65 13.25 -2.68
N LYS A 139 -2.59 12.44 -2.84
CA LYS A 139 -1.54 12.31 -1.83
C LYS A 139 -0.83 13.63 -1.55
N ARG A 140 -0.98 14.58 -2.46
CA ARG A 140 -0.37 15.90 -2.30
C ARG A 140 -1.22 16.79 -1.40
N ASP A 141 -2.48 16.42 -1.25
CA ASP A 141 -3.41 17.17 -0.40
C ASP A 141 -3.29 16.74 1.05
N LEU A 142 -4.01 17.41 1.92
CA LEU A 142 -4.10 17.00 3.31
C LEU A 142 -5.46 16.35 3.53
N LEU A 143 -5.46 15.18 4.14
CA LEU A 143 -6.68 14.40 4.29
C LEU A 143 -6.69 13.77 5.68
N GLN A 144 -7.58 14.24 6.53
CA GLN A 144 -7.63 13.78 7.91
C GLN A 144 -9.02 13.22 8.25
N LYS A 145 -9.22 12.92 9.52
CA LYS A 145 -10.48 12.39 10.00
C LYS A 145 -11.59 13.41 9.81
N GLY A 146 -12.57 13.07 8.99
CA GLY A 146 -13.69 13.95 8.78
C GLY A 146 -13.68 14.62 7.42
N ASP A 147 -12.67 14.31 6.60
CA ASP A 147 -12.63 14.81 5.23
C ASP A 147 -13.31 13.84 4.28
N LEU A 148 -14.25 14.33 3.50
CA LEU A 148 -15.02 13.49 2.59
C LEU A 148 -14.18 13.08 1.40
N VAL A 149 -14.41 11.85 0.95
CA VAL A 149 -13.60 11.28 -0.09
C VAL A 149 -14.40 10.30 -0.94
N SER A 150 -14.09 10.26 -2.23
CA SER A 150 -14.69 9.31 -3.14
C SER A 150 -13.62 8.40 -3.72
N PHE A 151 -14.01 7.16 -4.02
CA PHE A 151 -13.07 6.14 -4.45
C PHE A 151 -13.83 4.99 -5.09
N ARG A 152 -13.13 4.15 -5.84
CA ARG A 152 -13.78 3.00 -6.44
C ARG A 152 -13.06 1.71 -6.07
N ILE A 153 -13.81 0.81 -5.45
CA ILE A 153 -13.33 -0.52 -5.11
C ILE A 153 -13.85 -1.54 -6.12
N ASP A 154 -13.02 -2.51 -6.50
CA ASP A 154 -13.44 -3.58 -7.41
C ASP A 154 -12.37 -4.66 -7.50
N GLU A 155 -11.49 -4.55 -8.48
CA GLU A 155 -10.44 -5.55 -8.69
C GLU A 155 -9.33 -5.43 -7.65
N SER A 156 -9.08 -4.20 -7.20
CA SER A 156 -8.04 -3.95 -6.22
C SER A 156 -8.50 -4.37 -4.83
N GLY A 157 -9.81 -4.57 -4.66
CA GLY A 157 -10.36 -4.96 -3.37
C GLY A 157 -10.04 -3.95 -2.26
N ARG A 158 -9.71 -2.74 -2.67
CA ARG A 158 -9.32 -1.67 -1.76
C ARG A 158 -9.95 -0.36 -2.24
N ALA A 159 -9.62 0.74 -1.59
CA ALA A 159 -10.06 2.04 -2.05
C ALA A 159 -9.08 2.58 -3.08
N ALA A 160 -9.49 2.59 -4.33
CA ALA A 160 -8.62 3.04 -5.41
C ALA A 160 -9.17 4.29 -6.08
N CYS A 161 -8.28 5.03 -6.75
CA CYS A 161 -8.65 6.28 -7.39
C CYS A 161 -9.19 7.25 -6.34
N VAL A 162 -8.55 7.23 -5.18
CA VAL A 162 -9.00 8.02 -4.03
C VAL A 162 -8.94 9.51 -4.35
N ASN A 163 -10.07 10.17 -4.20
CA ASN A 163 -10.18 11.58 -4.53
C ASN A 163 -10.87 12.34 -3.40
N ALA A 164 -10.11 13.19 -2.72
CA ALA A 164 -10.67 14.05 -1.69
C ALA A 164 -11.69 15.01 -2.29
N VAL A 165 -12.96 14.79 -1.97
CA VAL A 165 -14.02 15.58 -2.57
C VAL A 165 -14.32 16.83 -1.75
N ARG A 166 -14.01 17.98 -2.32
CA ARG A 166 -14.38 19.25 -1.74
C ARG A 166 -15.76 19.65 -2.23
N GLN A 167 -16.68 19.86 -1.31
CA GLN A 167 -18.05 20.17 -1.66
C GLN A 167 -18.17 21.59 -2.21
N LYS A 168 -18.99 21.72 -3.22
CA LYS A 168 -19.24 22.99 -3.87
C LYS A 168 -20.27 23.80 -3.08
#